data_1C2Y
#
_entry.id   1C2Y
#
_cell.length_a   218.240
_cell.length_b   218.240
_cell.length_c   218.240
_cell.angle_alpha   90.00
_cell.angle_beta   90.00
_cell.angle_gamma   90.00
#
_symmetry.space_group_name_H-M   'P 21 3'
#
loop_
_entity.id
_entity.type
_entity.pdbx_description
1 polymer 'PROTEIN (LUMAZINE SYNTHASE)'
2 non-polymer 5-NITROSO-6-RIBITYL-AMINO-2,4(1H,3H)-PYRIMIDINEDIONE
#
_entity_poly.entity_id   1
_entity_poly.type   'polypeptide(L)'
_entity_poly.pdbx_seq_one_letter_code
;MNELEGYVTKAQSFRFAIVVARFNEFVTRRLMEGALDTFKKYSVNEDIDVVWVPGAYELGVTAQALGKSGKYHAIVCLGA
VVKGDTSHYDAVVNSASSGVLSAGLNSGVPCVFGVLTCDNMDQAINRAGGKAGNKGAESALTAIEMASLFEHHLKA
;
_entity_poly.pdbx_strand_id   A,B,C,D,E,F,G,H,I,J,K,L,M,N,O,P,Q,R,S,T
#
# COMPACT_ATOMS: atom_id res chain seq x y z
N MET A 1 -23.17 33.11 33.53
CA MET A 1 -24.59 32.82 33.17
C MET A 1 -25.48 34.07 33.13
N ASN A 2 -25.54 34.66 31.94
CA ASN A 2 -26.37 35.84 31.68
C ASN A 2 -26.72 35.67 30.21
N GLU A 3 -27.89 35.09 29.98
CA GLU A 3 -28.32 34.80 28.65
C GLU A 3 -28.52 36.02 27.77
N LEU A 4 -27.52 36.32 26.98
CA LEU A 4 -27.62 37.43 26.07
C LEU A 4 -28.24 36.90 24.79
N GLU A 5 -29.56 37.02 24.70
CA GLU A 5 -30.29 36.55 23.53
C GLU A 5 -30.87 37.76 22.81
N GLY A 6 -31.12 37.63 21.51
CA GLY A 6 -31.70 38.72 20.76
C GLY A 6 -33.19 38.85 21.09
N TYR A 7 -33.83 39.86 20.54
CA TYR A 7 -35.25 40.09 20.78
C TYR A 7 -36.00 40.11 19.47
N VAL A 8 -37.02 39.29 19.39
CA VAL A 8 -37.81 39.25 18.16
C VAL A 8 -38.94 40.30 18.21
N THR A 9 -39.25 40.76 19.42
CA THR A 9 -40.33 41.72 19.61
C THR A 9 -39.98 43.15 19.23
N LYS A 10 -38.74 43.56 19.50
CA LYS A 10 -38.34 44.94 19.19
C LYS A 10 -37.88 45.18 17.74
N ALA A 11 -38.67 44.68 16.79
CA ALA A 11 -38.35 44.83 15.37
C ALA A 11 -38.41 46.24 14.77
N GLN A 12 -39.63 46.65 14.39
CA GLN A 12 -39.97 47.94 13.76
C GLN A 12 -38.90 49.04 13.60
N SER A 13 -38.18 49.29 14.67
CA SER A 13 -37.15 50.30 14.71
C SER A 13 -35.99 50.02 13.76
N PHE A 14 -35.78 48.76 13.41
CA PHE A 14 -34.66 48.39 12.57
C PHE A 14 -34.83 48.50 11.08
N ARG A 15 -33.70 48.48 10.38
CA ARG A 15 -33.63 48.59 8.91
C ARG A 15 -32.96 47.35 8.36
N PHE A 16 -33.65 46.64 7.45
CA PHE A 16 -33.14 45.41 6.86
C PHE A 16 -33.14 45.45 5.36
N ALA A 17 -32.43 44.51 4.77
CA ALA A 17 -32.36 44.42 3.33
C ALA A 17 -32.32 42.95 2.97
N ILE A 18 -33.08 42.64 1.93
CA ILE A 18 -33.16 41.28 1.41
C ILE A 18 -32.45 41.33 0.07
N VAL A 19 -31.69 40.29 -0.23
CA VAL A 19 -30.99 40.23 -1.50
C VAL A 19 -31.40 38.89 -2.04
N VAL A 20 -32.02 38.86 -3.20
CA VAL A 20 -32.46 37.59 -3.78
C VAL A 20 -31.96 37.36 -5.18
N ALA A 21 -31.61 36.12 -5.46
CA ALA A 21 -31.15 35.77 -6.79
C ALA A 21 -32.38 35.39 -7.62
N ARG A 22 -32.39 35.82 -8.86
CA ARG A 22 -33.51 35.54 -9.76
C ARG A 22 -33.56 34.07 -10.18
N PHE A 23 -32.40 33.44 -10.21
CA PHE A 23 -32.30 32.04 -10.59
C PHE A 23 -33.24 31.21 -9.74
N ASN A 24 -33.97 30.29 -10.38
CA ASN A 24 -34.92 29.43 -9.67
C ASN A 24 -35.98 30.29 -9.01
N GLU A 25 -36.27 31.37 -9.71
CA GLU A 25 -37.25 32.35 -9.30
C GLU A 25 -38.49 31.69 -8.74
N PHE A 26 -38.95 30.63 -9.39
CA PHE A 26 -40.13 29.92 -8.97
C PHE A 26 -40.15 29.70 -7.47
N VAL A 27 -38.97 29.49 -6.94
CA VAL A 27 -38.85 29.26 -5.53
C VAL A 27 -38.42 30.52 -4.82
N THR A 28 -37.36 31.12 -5.31
CA THR A 28 -36.85 32.33 -4.69
C THR A 28 -37.92 33.39 -4.45
N ARG A 29 -38.75 33.67 -5.46
CA ARG A 29 -39.82 34.67 -5.33
C ARG A 29 -40.53 34.38 -4.03
N ARG A 30 -41.03 33.15 -3.92
CA ARG A 30 -41.74 32.68 -2.74
C ARG A 30 -40.92 32.92 -1.49
N LEU A 31 -39.69 32.43 -1.54
CA LEU A 31 -38.76 32.54 -0.45
C LEU A 31 -38.76 33.97 0.07
N MET A 32 -38.56 34.88 -0.87
CA MET A 32 -38.51 36.29 -0.58
C MET A 32 -39.82 36.76 0.01
N GLU A 33 -40.91 36.52 -0.71
CA GLU A 33 -42.22 36.90 -0.25
C GLU A 33 -42.35 36.48 1.20
N GLY A 34 -41.84 35.31 1.51
CA GLY A 34 -41.92 34.81 2.86
C GLY A 34 -41.19 35.70 3.84
N ALA A 35 -39.92 35.96 3.56
CA ALA A 35 -39.10 36.79 4.42
C ALA A 35 -39.80 38.10 4.65
N LEU A 36 -40.20 38.72 3.54
CA LEU A 36 -40.88 39.99 3.55
C LEU A 36 -42.02 39.94 4.54
N ASP A 37 -42.98 39.07 4.26
CA ASP A 37 -44.13 38.89 5.10
C ASP A 37 -43.72 38.81 6.56
N THR A 38 -42.82 37.90 6.88
CA THR A 38 -42.38 37.75 8.25
C THR A 38 -42.01 39.07 8.90
N PHE A 39 -41.29 39.90 8.14
CA PHE A 39 -40.87 41.20 8.65
C PHE A 39 -42.08 41.98 9.13
N LYS A 40 -42.99 42.22 8.21
CA LYS A 40 -44.20 42.93 8.55
C LYS A 40 -44.91 42.24 9.71
N LYS A 41 -45.06 40.93 9.60
CA LYS A 41 -45.71 40.12 10.63
C LYS A 41 -45.06 40.47 11.98
N TYR A 42 -43.78 40.74 11.96
CA TYR A 42 -43.10 41.10 13.19
C TYR A 42 -42.99 42.58 13.39
N SER A 43 -44.09 43.26 13.05
CA SER A 43 -44.24 44.70 13.21
C SER A 43 -43.16 45.64 12.64
N VAL A 44 -42.16 45.10 11.97
CA VAL A 44 -41.11 45.96 11.45
C VAL A 44 -41.59 46.85 10.31
N ASN A 45 -41.13 48.09 10.36
CA ASN A 45 -41.44 49.01 9.30
C ASN A 45 -40.49 50.16 9.03
N GLU A 46 -39.83 50.02 7.88
CA GLU A 46 -38.89 50.96 7.29
C GLU A 46 -38.84 50.45 5.85
N ASP A 47 -39.96 49.85 5.44
CA ASP A 47 -40.15 49.29 4.12
C ASP A 47 -38.94 48.59 3.45
N ILE A 48 -38.32 47.65 4.15
CA ILE A 48 -37.15 46.87 3.68
C ILE A 48 -36.80 46.84 2.18
N ASP A 49 -35.53 47.08 1.88
CA ASP A 49 -35.04 47.09 0.51
C ASP A 49 -34.81 45.67 0.03
N VAL A 50 -35.29 45.36 -1.16
CA VAL A 50 -35.09 44.03 -1.70
C VAL A 50 -34.25 44.25 -2.93
N VAL A 51 -33.07 43.64 -2.94
CA VAL A 51 -32.16 43.77 -4.05
C VAL A 51 -32.09 42.49 -4.86
N TRP A 52 -32.42 42.60 -6.13
CA TRP A 52 -32.41 41.47 -7.02
C TRP A 52 -31.07 41.32 -7.71
N VAL A 53 -30.53 40.11 -7.66
CA VAL A 53 -29.28 39.81 -8.35
C VAL A 53 -29.64 38.58 -9.17
N PRO A 54 -29.05 38.44 -10.36
CA PRO A 54 -29.39 37.27 -11.18
C PRO A 54 -29.08 35.91 -10.55
N GLY A 55 -27.88 35.73 -10.02
CA GLY A 55 -27.55 34.44 -9.45
C GLY A 55 -26.95 34.47 -8.05
N ALA A 56 -27.07 33.35 -7.36
CA ALA A 56 -26.58 33.21 -6.00
C ALA A 56 -25.13 33.63 -5.83
N TYR A 57 -24.34 33.43 -6.87
CA TYR A 57 -22.94 33.80 -6.82
C TYR A 57 -22.85 35.25 -6.40
N GLU A 58 -23.67 36.05 -7.04
CA GLU A 58 -23.72 37.47 -6.82
C GLU A 58 -23.93 37.89 -5.37
N LEU A 59 -24.71 37.13 -4.63
CA LEU A 59 -25.01 37.45 -3.25
C LEU A 59 -23.83 38.05 -2.52
N GLY A 60 -22.69 37.38 -2.61
CA GLY A 60 -21.50 37.86 -1.94
C GLY A 60 -21.27 39.37 -1.98
N VAL A 61 -20.82 39.88 -3.12
CA VAL A 61 -20.54 41.29 -3.24
C VAL A 61 -21.73 42.15 -2.95
N THR A 62 -22.87 41.78 -3.48
CA THR A 62 -24.05 42.59 -3.25
C THR A 62 -24.26 42.81 -1.78
N ALA A 63 -24.21 41.74 -1.02
CA ALA A 63 -24.39 41.86 0.41
C ALA A 63 -23.27 42.75 0.87
N GLN A 64 -22.05 42.34 0.56
CA GLN A 64 -20.83 43.08 0.91
C GLN A 64 -21.12 44.57 0.90
N ALA A 65 -21.60 45.05 -0.24
CA ALA A 65 -21.93 46.44 -0.41
C ALA A 65 -22.95 46.88 0.63
N LEU A 66 -24.17 46.40 0.48
CA LEU A 66 -25.24 46.76 1.38
C LEU A 66 -24.81 46.79 2.82
N GLY A 67 -23.98 45.82 3.18
CA GLY A 67 -23.50 45.75 4.55
C GLY A 67 -22.63 46.93 4.90
N LYS A 68 -21.64 47.17 4.07
CA LYS A 68 -20.74 48.29 4.31
C LYS A 68 -21.43 49.65 4.22
N SER A 69 -22.59 49.72 3.57
CA SER A 69 -23.30 50.99 3.48
C SER A 69 -23.78 51.42 4.88
N GLY A 70 -23.63 50.52 5.86
CA GLY A 70 -24.03 50.79 7.22
C GLY A 70 -25.49 51.20 7.36
N LYS A 71 -26.24 51.13 6.27
CA LYS A 71 -27.62 51.53 6.29
C LYS A 71 -28.53 50.50 6.96
N TYR A 72 -28.18 49.22 6.85
CA TYR A 72 -29.02 48.16 7.41
C TYR A 72 -28.39 47.51 8.62
N HIS A 73 -29.21 46.87 9.45
CA HIS A 73 -28.72 46.20 10.65
C HIS A 73 -28.48 44.73 10.39
N ALA A 74 -29.16 44.22 9.37
CA ALA A 74 -29.01 42.82 8.99
C ALA A 74 -29.53 42.71 7.57
N ILE A 75 -28.83 41.92 6.77
CA ILE A 75 -29.22 41.67 5.40
C ILE A 75 -29.41 40.19 5.30
N VAL A 76 -30.51 39.81 4.67
CA VAL A 76 -30.82 38.42 4.50
C VAL A 76 -30.68 38.12 3.02
N CYS A 77 -29.91 37.07 2.72
CA CYS A 77 -29.68 36.70 1.34
C CYS A 77 -30.43 35.44 1.05
N LEU A 78 -31.20 35.49 -0.02
CA LEU A 78 -32.00 34.38 -0.43
C LEU A 78 -31.59 33.92 -1.78
N GLY A 79 -31.67 32.62 -1.97
CA GLY A 79 -31.35 32.03 -3.24
C GLY A 79 -31.60 30.55 -3.12
N ALA A 80 -31.55 29.86 -4.24
CA ALA A 80 -31.76 28.42 -4.23
C ALA A 80 -30.98 27.82 -5.36
N VAL A 81 -30.10 26.89 -5.02
CA VAL A 81 -29.31 26.24 -6.03
C VAL A 81 -29.56 24.74 -5.88
N VAL A 82 -30.38 24.22 -6.77
CA VAL A 82 -30.74 22.80 -6.80
C VAL A 82 -29.67 22.01 -7.53
N LYS A 83 -29.31 20.88 -6.95
CA LYS A 83 -28.31 20.02 -7.56
C LYS A 83 -28.91 19.49 -8.86
N GLY A 84 -28.80 20.29 -9.92
CA GLY A 84 -29.32 19.91 -11.22
C GLY A 84 -28.49 18.80 -11.89
N ASP A 85 -27.20 19.08 -12.14
CA ASP A 85 -26.32 18.10 -12.81
C ASP A 85 -24.87 18.01 -12.27
N THR A 86 -23.98 18.81 -12.86
CA THR A 86 -22.55 18.85 -12.55
C THR A 86 -22.09 19.43 -11.20
N SER A 87 -20.77 19.40 -10.98
CA SER A 87 -20.18 19.96 -9.76
C SER A 87 -20.42 21.50 -9.73
N HIS A 88 -20.87 22.05 -10.88
CA HIS A 88 -21.20 23.47 -11.02
C HIS A 88 -22.01 23.85 -9.77
N TYR A 89 -22.90 22.92 -9.40
CA TYR A 89 -23.70 23.04 -8.21
C TYR A 89 -22.73 23.46 -7.10
N ASP A 90 -21.77 22.57 -6.80
CA ASP A 90 -20.79 22.84 -5.75
C ASP A 90 -20.21 24.21 -5.89
N ALA A 91 -19.59 24.46 -7.04
CA ALA A 91 -18.96 25.73 -7.35
C ALA A 91 -19.79 26.88 -6.81
N VAL A 92 -20.98 27.00 -7.36
CA VAL A 92 -21.90 28.04 -6.96
C VAL A 92 -22.13 27.97 -5.47
N VAL A 93 -22.69 26.85 -5.01
CA VAL A 93 -22.98 26.66 -3.61
C VAL A 93 -21.87 27.14 -2.69
N ASN A 94 -20.64 26.80 -3.02
CA ASN A 94 -19.54 27.23 -2.18
C ASN A 94 -19.44 28.71 -2.24
N SER A 95 -19.24 29.23 -3.44
CA SER A 95 -19.12 30.66 -3.60
C SER A 95 -20.25 31.38 -2.91
N ALA A 96 -21.47 30.94 -3.14
CA ALA A 96 -22.62 31.56 -2.51
C ALA A 96 -22.37 31.57 -1.02
N SER A 97 -22.29 30.39 -0.42
CA SER A 97 -22.05 30.29 1.01
C SER A 97 -20.89 31.18 1.47
N SER A 98 -19.72 30.93 0.91
CA SER A 98 -18.53 31.67 1.27
C SER A 98 -18.77 33.17 1.20
N GLY A 99 -19.34 33.61 0.10
CA GLY A 99 -19.62 35.01 -0.09
C GLY A 99 -20.37 35.59 1.08
N VAL A 100 -21.55 35.04 1.34
CA VAL A 100 -22.38 35.50 2.43
C VAL A 100 -21.60 35.50 3.72
N LEU A 101 -20.79 34.48 3.91
CA LEU A 101 -20.01 34.42 5.12
C LEU A 101 -19.12 35.66 5.14
N SER A 102 -18.19 35.71 4.21
CA SER A 102 -17.27 36.82 4.10
C SER A 102 -17.96 38.15 4.30
N ALA A 103 -19.09 38.36 3.61
CA ALA A 103 -19.83 39.62 3.74
C ALA A 103 -20.08 39.91 5.22
N GLY A 104 -20.79 39.01 5.86
CA GLY A 104 -21.09 39.18 7.26
C GLY A 104 -19.87 39.54 8.06
N LEU A 105 -18.81 38.76 7.91
CA LEU A 105 -17.60 39.00 8.66
C LEU A 105 -17.01 40.36 8.40
N ASN A 106 -16.74 40.63 7.13
CA ASN A 106 -16.14 41.88 6.73
C ASN A 106 -16.96 43.09 7.08
N SER A 107 -18.27 42.98 6.88
CA SER A 107 -19.13 44.09 7.15
C SER A 107 -19.40 44.18 8.61
N GLY A 108 -19.22 43.07 9.32
CA GLY A 108 -19.53 43.08 10.74
C GLY A 108 -21.04 43.17 10.90
N VAL A 109 -21.74 42.94 9.80
CA VAL A 109 -23.19 42.99 9.80
C VAL A 109 -23.72 41.62 9.50
N PRO A 110 -24.69 41.15 10.29
CA PRO A 110 -25.28 39.83 10.08
C PRO A 110 -25.90 39.72 8.71
N CYS A 111 -25.39 38.75 7.97
CA CYS A 111 -25.89 38.45 6.62
C CYS A 111 -26.41 37.03 6.74
N VAL A 112 -27.72 36.91 6.59
CA VAL A 112 -28.39 35.63 6.70
C VAL A 112 -28.29 34.80 5.43
N PHE A 113 -27.80 33.56 5.62
CA PHE A 113 -27.65 32.60 4.54
C PHE A 113 -28.97 31.90 4.34
N GLY A 114 -29.87 32.53 3.61
CA GLY A 114 -31.16 31.96 3.37
C GLY A 114 -31.20 31.42 1.98
N VAL A 115 -30.28 30.52 1.68
CA VAL A 115 -30.27 29.96 0.35
C VAL A 115 -30.35 28.46 0.42
N LEU A 116 -31.27 27.93 -0.36
CA LEU A 116 -31.50 26.51 -0.43
C LEU A 116 -30.46 25.82 -1.24
N THR A 117 -30.04 24.67 -0.76
CA THR A 117 -29.04 23.89 -1.46
C THR A 117 -29.47 22.43 -1.45
N CYS A 118 -30.72 22.21 -1.80
CA CYS A 118 -31.24 20.86 -1.84
C CYS A 118 -30.87 20.26 -3.20
N ASP A 119 -31.11 18.96 -3.37
CA ASP A 119 -30.80 18.32 -4.65
C ASP A 119 -31.86 18.59 -5.69
N ASN A 120 -33.03 17.97 -5.50
CA ASN A 120 -34.14 18.14 -6.43
C ASN A 120 -35.04 19.30 -6.09
N MET A 121 -35.66 19.82 -7.13
CA MET A 121 -36.57 20.94 -7.05
C MET A 121 -37.60 20.74 -5.95
N ASP A 122 -38.21 19.57 -5.95
CA ASP A 122 -39.23 19.26 -4.98
C ASP A 122 -38.85 19.56 -3.53
N GLN A 123 -37.67 19.09 -3.11
CA GLN A 123 -37.22 19.33 -1.74
C GLN A 123 -37.29 20.82 -1.46
N ALA A 124 -36.82 21.59 -2.44
CA ALA A 124 -36.81 23.04 -2.34
C ALA A 124 -38.20 23.51 -2.11
N ILE A 125 -39.09 23.15 -3.00
CA ILE A 125 -40.48 23.56 -2.88
C ILE A 125 -40.93 23.45 -1.44
N ASN A 126 -40.47 22.40 -0.78
CA ASN A 126 -40.85 22.19 0.60
C ASN A 126 -40.23 23.14 1.58
N ARG A 127 -39.04 23.58 1.30
CA ARG A 127 -38.39 24.52 2.18
C ARG A 127 -38.99 25.90 1.93
N ALA A 128 -39.62 26.06 0.80
CA ALA A 128 -40.21 27.35 0.47
C ALA A 128 -41.67 27.38 0.83
N GLY A 129 -42.01 27.04 2.07
CA GLY A 129 -43.41 27.05 2.46
C GLY A 129 -44.15 25.73 2.29
N GLY A 130 -43.39 24.64 2.25
CA GLY A 130 -43.99 23.32 2.12
C GLY A 130 -43.97 22.69 3.50
N LYS A 131 -44.02 21.37 3.58
CA LYS A 131 -44.01 20.70 4.88
C LYS A 131 -42.66 20.84 5.58
N ALA A 132 -41.73 21.53 4.92
CA ALA A 132 -40.40 21.74 5.50
C ALA A 132 -40.27 23.16 6.02
N GLY A 133 -41.39 23.88 6.01
CA GLY A 133 -41.38 25.23 6.50
C GLY A 133 -41.00 26.17 5.38
N ASN A 134 -40.49 27.34 5.76
CA ASN A 134 -40.11 28.33 4.78
C ASN A 134 -38.78 28.98 5.16
N LYS A 135 -37.71 28.62 4.48
CA LYS A 135 -36.42 29.19 4.83
C LYS A 135 -36.49 30.69 4.78
N GLY A 136 -37.11 31.22 3.74
CA GLY A 136 -37.21 32.67 3.61
C GLY A 136 -37.63 33.30 4.92
N ALA A 137 -38.82 32.94 5.37
CA ALA A 137 -39.35 33.45 6.61
C ALA A 137 -38.37 33.26 7.75
N GLU A 138 -37.90 32.03 7.92
CA GLU A 138 -36.96 31.73 8.98
C GLU A 138 -35.80 32.71 8.95
N SER A 139 -35.25 32.90 7.77
CA SER A 139 -34.13 33.79 7.58
C SER A 139 -34.46 35.18 8.09
N ALA A 140 -35.63 35.68 7.70
CA ALA A 140 -36.06 37.02 8.12
C ALA A 140 -36.03 37.07 9.63
N LEU A 141 -36.76 36.15 10.25
CA LEU A 141 -36.85 36.06 11.70
C LEU A 141 -35.44 36.13 12.28
N THR A 142 -34.55 35.34 11.71
CA THR A 142 -33.20 35.32 12.18
C THR A 142 -32.54 36.68 12.06
N ALA A 143 -32.73 37.32 10.91
CA ALA A 143 -32.17 38.64 10.67
C ALA A 143 -32.52 39.50 11.87
N ILE A 144 -33.81 39.52 12.20
CA ILE A 144 -34.31 40.27 13.31
C ILE A 144 -33.51 39.96 14.54
N GLU A 145 -33.60 38.71 14.99
CA GLU A 145 -32.89 38.30 16.19
C GLU A 145 -31.42 38.72 16.22
N MET A 146 -30.74 38.54 15.10
CA MET A 146 -29.34 38.91 15.05
C MET A 146 -29.12 40.39 15.25
N ALA A 147 -29.88 41.17 14.50
CA ALA A 147 -29.81 42.62 14.58
C ALA A 147 -29.99 42.98 16.05
N SER A 148 -31.16 42.65 16.57
CA SER A 148 -31.48 42.91 17.95
C SER A 148 -30.33 42.48 18.88
N LEU A 149 -29.82 41.27 18.70
CA LEU A 149 -28.74 40.78 19.53
C LEU A 149 -27.62 41.79 19.56
N PHE A 150 -27.27 42.28 18.38
CA PHE A 150 -26.20 43.23 18.29
C PHE A 150 -26.38 44.50 19.10
N GLU A 151 -27.62 44.95 19.27
CA GLU A 151 -27.93 46.15 20.06
C GLU A 151 -28.66 45.74 21.34
N HIS A 152 -27.90 45.14 22.25
CA HIS A 152 -28.43 44.62 23.49
C HIS A 152 -27.20 43.96 24.06
N HIS A 153 -26.46 43.33 23.16
CA HIS A 153 -25.25 42.69 23.59
C HIS A 153 -24.18 43.67 23.22
N LEU A 154 -24.18 44.09 21.94
CA LEU A 154 -23.18 45.00 21.38
C LEU A 154 -21.74 44.52 21.62
N LYS A 155 -21.34 44.48 22.91
CA LYS A 155 -20.01 44.04 23.40
C LYS A 155 -20.04 42.68 24.16
N MET B 1 13.37 22.55 24.29
CA MET B 1 12.52 21.75 25.22
C MET B 1 12.13 22.52 26.50
N ASN B 2 11.00 23.22 26.43
CA ASN B 2 10.44 23.97 27.55
C ASN B 2 8.94 23.87 27.25
N GLU B 3 8.30 22.92 27.91
CA GLU B 3 6.90 22.72 27.65
C GLU B 3 5.99 23.84 28.05
N LEU B 4 5.63 24.66 27.07
CA LEU B 4 4.74 25.77 27.34
C LEU B 4 3.31 25.25 27.19
N GLU B 5 2.76 24.80 28.30
CA GLU B 5 1.40 24.28 28.30
C GLU B 5 0.51 25.25 29.06
N GLY B 6 -0.79 25.26 28.74
CA GLY B 6 -1.71 26.13 29.46
C GLY B 6 -1.99 25.57 30.86
N TYR B 7 -2.73 26.30 31.68
CA TYR B 7 -3.06 25.87 33.04
C TYR B 7 -4.56 25.78 33.22
N VAL B 8 -5.02 24.62 33.66
CA VAL B 8 -6.44 24.47 33.85
C VAL B 8 -6.83 24.92 35.27
N THR B 9 -5.83 25.01 36.15
CA THR B 9 -6.05 25.40 37.54
C THR B 9 -6.28 26.88 37.77
N LYS B 10 -5.59 27.73 37.03
CA LYS B 10 -5.74 29.17 37.20
C LYS B 10 -6.91 29.80 36.42
N ALA B 11 -8.09 29.20 36.53
CA ALA B 11 -9.28 29.70 35.83
C ALA B 11 -9.90 31.04 36.29
N GLN B 12 -10.68 30.95 37.36
CA GLN B 12 -11.41 32.07 38.02
C GLN B 12 -11.17 33.49 37.56
N SER B 13 -9.90 33.85 37.46
CA SER B 13 -9.47 35.19 37.07
C SER B 13 -9.88 35.58 35.63
N PHE B 14 -10.16 34.59 34.79
CA PHE B 14 -10.50 34.85 33.41
C PHE B 14 -11.95 35.12 33.08
N ARG B 15 -12.16 35.67 31.90
CA ARG B 15 -13.49 36.03 31.39
C ARG B 15 -13.73 35.28 30.08
N PHE B 16 -14.82 34.53 30.04
CA PHE B 16 -15.18 33.75 28.86
C PHE B 16 -16.57 34.04 28.39
N ALA B 17 -16.84 33.60 27.17
CA ALA B 17 -18.15 33.78 26.56
C ALA B 17 -18.46 32.53 25.76
N ILE B 18 -19.70 32.07 25.89
CA ILE B 18 -20.20 30.91 25.18
C ILE B 18 -21.17 31.46 24.15
N VAL B 19 -21.14 30.91 22.95
CA VAL B 19 -22.05 31.33 21.92
C VAL B 19 -22.69 30.06 21.47
N VAL B 20 -24.01 29.96 21.58
CA VAL B 20 -24.69 28.75 21.17
C VAL B 20 -25.82 28.99 20.19
N ALA B 21 -25.95 28.06 19.25
CA ALA B 21 -27.01 28.16 18.25
C ALA B 21 -28.21 27.43 18.80
N ARG B 22 -29.38 28.02 18.58
CA ARG B 22 -30.60 27.45 19.08
C ARG B 22 -31.00 26.19 18.32
N PHE B 23 -30.58 26.09 17.07
CA PHE B 23 -30.89 24.93 16.23
C PHE B 23 -30.46 23.64 16.91
N ASN B 24 -31.32 22.63 16.88
CA ASN B 24 -31.03 21.35 17.53
C ASN B 24 -30.84 21.57 19.01
N GLU B 25 -31.59 22.53 19.50
CA GLU B 25 -31.60 22.94 20.87
C GLU B 25 -31.53 21.76 21.80
N PHE B 26 -32.29 20.72 21.49
CA PHE B 26 -32.36 19.53 22.31
C PHE B 26 -30.97 19.09 22.74
N VAL B 27 -30.00 19.31 21.87
CA VAL B 27 -28.64 18.93 22.13
C VAL B 27 -27.83 20.11 22.58
N THR B 28 -27.89 21.18 21.81
CA THR B 28 -27.13 22.38 22.14
C THR B 28 -27.33 22.83 23.59
N ARG B 29 -28.58 22.91 24.05
CA ARG B 29 -28.90 23.34 25.42
C ARG B 29 -27.96 22.56 26.33
N ARG B 30 -28.05 21.25 26.22
CA ARG B 30 -27.22 20.34 27.00
C ARG B 30 -25.75 20.70 26.87
N LEU B 31 -25.33 20.78 25.62
CA LEU B 31 -23.98 21.07 25.27
C LEU B 31 -23.52 22.26 26.08
N MET B 32 -24.31 23.32 26.01
CA MET B 32 -24.02 24.55 26.70
C MET B 32 -23.98 24.35 28.19
N GLU B 33 -25.05 23.78 28.73
CA GLU B 33 -25.11 23.51 30.16
C GLU B 33 -23.82 22.84 30.58
N GLY B 34 -23.34 21.96 29.72
CA GLY B 34 -22.12 21.26 30.02
C GLY B 34 -20.95 22.20 30.17
N ALA B 35 -20.73 23.00 29.13
CA ALA B 35 -19.62 23.96 29.12
C ALA B 35 -19.69 24.80 30.37
N LEU B 36 -20.88 25.35 30.60
CA LEU B 36 -21.14 26.20 31.75
C LEU B 36 -20.65 25.51 33.00
N ASP B 37 -21.27 24.39 33.28
CA ASP B 37 -20.93 23.62 34.46
C ASP B 37 -19.41 23.51 34.59
N THR B 38 -18.76 23.01 33.56
CA THR B 38 -17.31 22.84 33.60
C THR B 38 -16.60 24.07 34.06
N PHE B 39 -17.03 25.22 33.59
CA PHE B 39 -16.42 26.47 33.99
C PHE B 39 -16.43 26.58 35.51
N LYS B 40 -17.65 26.55 36.05
CA LYS B 40 -17.82 26.64 37.49
C LYS B 40 -17.00 25.55 38.16
N LYS B 41 -17.13 24.32 37.67
CA LYS B 41 -16.41 23.18 38.21
C LYS B 41 -14.93 23.55 38.30
N TYR B 42 -14.47 24.35 37.34
CA TYR B 42 -13.08 24.75 37.34
C TYR B 42 -12.89 26.10 37.97
N SER B 43 -13.57 26.28 39.09
CA SER B 43 -13.48 27.49 39.91
C SER B 43 -13.60 28.86 39.24
N VAL B 44 -13.85 28.89 37.93
CA VAL B 44 -13.96 30.19 37.28
C VAL B 44 -15.20 30.99 37.68
N ASN B 45 -14.98 32.29 37.86
CA ASN B 45 -16.09 33.13 38.18
C ASN B 45 -16.00 34.60 37.83
N GLU B 46 -16.82 34.91 36.84
CA GLU B 46 -17.04 36.24 36.25
C GLU B 46 -18.35 36.05 35.47
N ASP B 47 -19.14 35.11 35.98
CA ASP B 47 -20.43 34.74 35.44
C ASP B 47 -20.60 34.72 33.90
N ILE B 48 -19.68 34.04 33.21
CA ILE B 48 -19.68 33.90 31.74
C ILE B 48 -20.93 34.27 30.94
N ASP B 49 -20.72 35.06 29.89
CA ASP B 49 -21.80 35.50 29.03
C ASP B 49 -22.15 34.40 28.05
N VAL B 50 -23.43 34.11 27.89
CA VAL B 50 -23.83 33.08 26.93
C VAL B 50 -24.66 33.81 25.88
N VAL B 51 -24.21 33.75 24.64
CA VAL B 51 -24.91 34.43 23.57
C VAL B 51 -25.64 33.45 22.69
N TRP B 52 -26.93 33.65 22.57
CA TRP B 52 -27.73 32.77 21.74
C TRP B 52 -27.85 33.29 20.34
N VAL B 53 -27.57 32.44 19.35
CA VAL B 53 -27.74 32.80 17.95
C VAL B 53 -28.62 31.68 17.43
N PRO B 54 -29.50 31.99 16.48
CA PRO B 54 -30.36 30.94 15.97
C PRO B 54 -29.66 29.75 15.34
N GLY B 55 -28.73 30.00 14.41
CA GLY B 55 -28.05 28.91 13.74
C GLY B 55 -26.53 28.92 13.76
N ALA B 56 -25.93 27.75 13.56
CA ALA B 56 -24.48 27.61 13.57
C ALA B 56 -23.77 28.56 12.63
N TYR B 57 -24.41 28.88 11.54
CA TYR B 57 -23.86 29.78 10.55
C TYR B 57 -23.44 31.07 11.28
N GLU B 58 -24.36 31.55 12.11
CA GLU B 58 -24.19 32.77 12.86
C GLU B 58 -22.94 32.82 13.70
N LEU B 59 -22.55 31.68 14.27
CA LEU B 59 -21.38 31.63 15.14
C LEU B 59 -20.27 32.52 14.68
N GLY B 60 -19.92 32.43 13.40
CA GLY B 60 -18.84 33.25 12.88
C GLY B 60 -18.79 34.72 13.34
N VAL B 61 -19.68 35.54 12.79
CA VAL B 61 -19.69 36.95 13.14
C VAL B 61 -19.89 37.17 14.61
N THR B 62 -20.81 36.44 15.21
CA THR B 62 -21.06 36.62 16.62
C THR B 62 -19.77 36.49 17.41
N ALA B 63 -19.05 35.42 17.18
CA ALA B 63 -17.80 35.23 17.89
C ALA B 63 -16.95 36.42 17.49
N GLN B 64 -16.79 36.62 16.18
CA GLN B 64 -16.02 37.72 15.63
C GLN B 64 -16.14 38.94 16.53
N ALA B 65 -17.38 39.35 16.75
CA ALA B 65 -17.66 40.49 17.58
C ALA B 65 -17.08 40.30 18.96
N LEU B 66 -17.68 39.39 19.71
CA LEU B 66 -17.26 39.11 21.06
C LEU B 66 -15.76 39.08 21.21
N GLY B 67 -15.10 38.49 20.23
CA GLY B 67 -13.66 38.40 20.27
C GLY B 67 -13.04 39.76 20.21
N LYS B 68 -13.43 40.55 19.20
CA LYS B 68 -12.89 41.89 19.03
C LYS B 68 -13.24 42.84 20.18
N SER B 69 -14.28 42.51 20.94
CA SER B 69 -14.63 43.37 22.06
C SER B 69 -13.51 43.33 23.11
N GLY B 70 -12.54 42.45 22.93
CA GLY B 70 -11.43 42.33 23.87
C GLY B 70 -11.86 42.06 25.31
N LYS B 71 -13.15 41.83 25.51
CA LYS B 71 -13.68 41.59 26.83
C LYS B 71 -13.42 40.18 27.35
N TYR B 72 -13.37 39.20 26.46
CA TYR B 72 -13.15 37.82 26.90
C TYR B 72 -11.78 37.31 26.50
N HIS B 73 -11.30 36.27 27.18
CA HIS B 73 -9.99 35.68 26.87
C HIS B 73 -10.11 34.52 25.92
N ALA B 74 -11.30 33.91 25.92
CA ALA B 74 -11.62 32.79 25.05
C ALA B 74 -13.13 32.69 24.93
N ILE B 75 -13.59 32.42 23.72
CA ILE B 75 -15.02 32.27 23.46
C ILE B 75 -15.16 30.87 22.94
N VAL B 76 -16.15 30.17 23.46
CA VAL B 76 -16.41 28.84 23.05
C VAL B 76 -17.73 28.86 22.28
N CYS B 77 -17.71 28.29 21.09
CA CYS B 77 -18.89 28.27 20.25
C CYS B 77 -19.44 26.87 20.20
N LEU B 78 -20.73 26.78 20.49
CA LEU B 78 -21.41 25.51 20.52
C LEU B 78 -22.50 25.50 19.52
N GLY B 79 -22.71 24.33 18.94
CA GLY B 79 -23.76 24.15 17.96
C GLY B 79 -23.72 22.69 17.57
N ALA B 80 -24.72 22.28 16.82
CA ALA B 80 -24.79 20.91 16.36
C ALA B 80 -25.52 20.89 15.04
N VAL B 81 -24.87 20.34 14.03
CA VAL B 81 -25.49 20.25 12.74
C VAL B 81 -25.44 18.79 12.34
N VAL B 82 -26.59 18.13 12.45
CA VAL B 82 -26.71 16.72 12.12
C VAL B 82 -26.97 16.57 10.66
N LYS B 83 -26.30 15.61 10.04
CA LYS B 83 -26.46 15.35 8.63
C LYS B 83 -27.90 14.81 8.46
N GLY B 84 -28.83 15.76 8.33
CA GLY B 84 -30.23 15.41 8.13
C GLY B 84 -30.53 14.88 6.74
N ASP B 85 -30.30 15.72 5.71
CA ASP B 85 -30.57 15.32 4.32
C ASP B 85 -29.50 15.75 3.26
N THR B 86 -29.72 16.94 2.68
CA THR B 86 -28.90 17.53 1.61
C THR B 86 -27.48 18.03 1.96
N SER B 87 -26.75 18.48 0.93
CA SER B 87 -25.40 19.03 1.13
C SER B 87 -25.51 20.30 2.03
N HIS B 88 -26.74 20.78 2.23
CA HIS B 88 -27.00 21.94 3.08
C HIS B 88 -26.14 21.73 4.33
N TYR B 89 -26.13 20.49 4.78
CA TYR B 89 -25.33 20.06 5.92
C TYR B 89 -23.96 20.65 5.70
N ASP B 90 -23.31 20.22 4.63
CA ASP B 90 -21.96 20.70 4.29
C ASP B 90 -21.90 22.20 4.35
N ALA B 91 -22.73 22.85 3.55
CA ALA B 91 -22.78 24.30 3.49
C ALA B 91 -22.61 24.89 4.88
N VAL B 92 -23.56 24.60 5.75
CA VAL B 92 -23.54 25.08 7.12
C VAL B 92 -22.24 24.69 7.79
N VAL B 93 -22.02 23.39 7.90
CA VAL B 93 -20.83 22.86 8.53
C VAL B 93 -19.58 23.61 8.15
N ASN B 94 -19.42 23.87 6.88
CA ASN B 94 -18.24 24.58 6.44
C ASN B 94 -18.26 25.96 7.01
N SER B 95 -19.29 26.70 6.66
CA SER B 95 -19.41 28.06 7.12
C SER B 95 -19.20 28.13 8.61
N ALA B 96 -19.87 27.25 9.33
CA ALA B 96 -19.73 27.21 10.76
C ALA B 96 -18.24 27.10 11.06
N SER B 97 -17.65 25.97 10.71
CA SER B 97 -16.24 25.76 10.96
C SER B 97 -15.38 26.94 10.55
N SER B 98 -15.44 27.29 9.28
CA SER B 98 -14.68 28.39 8.76
C SER B 98 -14.85 29.64 9.60
N GLY B 99 -16.09 29.99 9.88
CA GLY B 99 -16.39 31.17 10.67
C GLY B 99 -15.59 31.20 11.96
N VAL B 100 -15.79 30.18 12.77
CA VAL B 100 -15.10 30.07 14.05
C VAL B 100 -13.61 30.19 13.85
N LEU B 101 -13.12 29.59 12.78
CA LEU B 101 -11.70 29.66 12.53
C LEU B 101 -11.37 31.14 12.37
N SER B 102 -11.88 31.71 11.29
CA SER B 102 -11.64 33.11 10.99
C SER B 102 -11.72 33.97 12.23
N ALA B 103 -12.79 33.79 12.98
CA ALA B 103 -12.96 34.57 14.19
C ALA B 103 -11.69 34.48 15.02
N GLY B 104 -11.36 33.28 15.44
CA GLY B 104 -10.18 33.08 16.25
C GLY B 104 -8.98 33.78 15.68
N LEU B 105 -8.73 33.57 14.40
CA LEU B 105 -7.58 34.17 13.77
C LEU B 105 -7.63 35.68 13.79
N ASN B 106 -8.69 36.23 13.25
CA ASN B 106 -8.84 37.66 13.18
C ASN B 106 -8.82 38.34 14.53
N SER B 107 -9.51 37.75 15.49
CA SER B 107 -9.58 38.34 16.81
C SER B 107 -8.31 38.07 17.59
N GLY B 108 -7.58 37.05 17.19
CA GLY B 108 -6.39 36.71 17.94
C GLY B 108 -6.84 36.13 19.28
N VAL B 109 -8.12 35.81 19.36
CA VAL B 109 -8.68 35.24 20.58
C VAL B 109 -9.15 33.83 20.30
N PRO B 110 -8.76 32.89 21.16
CA PRO B 110 -9.16 31.50 20.97
C PRO B 110 -10.67 31.37 20.96
N CYS B 111 -11.18 30.81 19.86
CA CYS B 111 -12.59 30.55 19.68
C CYS B 111 -12.68 29.06 19.54
N VAL B 112 -13.31 28.42 20.51
CA VAL B 112 -13.42 26.99 20.51
C VAL B 112 -14.53 26.49 19.63
N PHE B 113 -14.18 25.57 18.74
CA PHE B 113 -15.13 24.96 17.83
C PHE B 113 -15.80 23.80 18.56
N GLY B 114 -16.82 24.11 19.35
CA GLY B 114 -17.52 23.07 20.07
C GLY B 114 -18.83 22.81 19.37
N VAL B 115 -18.77 22.45 18.10
CA VAL B 115 -19.98 22.17 17.36
C VAL B 115 -19.93 20.77 16.80
N LEU B 116 -21.00 20.04 17.06
CA LEU B 116 -21.11 18.68 16.61
C LEU B 116 -21.46 18.64 15.16
N THR B 117 -20.86 17.69 14.45
CA THR B 117 -21.13 17.52 13.04
C THR B 117 -21.29 16.05 12.77
N CYS B 118 -22.07 15.38 13.60
CA CYS B 118 -22.30 13.97 13.40
C CYS B 118 -23.42 13.80 12.35
N ASP B 119 -23.67 12.58 11.91
CA ASP B 119 -24.71 12.34 10.90
C ASP B 119 -26.08 12.30 11.55
N ASN B 120 -26.33 11.23 12.31
CA ASN B 120 -27.60 11.07 12.98
C ASN B 120 -27.63 11.68 14.37
N MET B 121 -28.84 12.07 14.75
CA MET B 121 -29.11 12.68 16.03
C MET B 121 -28.49 11.89 17.18
N ASP B 122 -28.73 10.58 17.17
CA ASP B 122 -28.21 9.73 18.20
C ASP B 122 -26.73 9.93 18.49
N GLN B 123 -25.90 9.94 17.46
CA GLN B 123 -24.46 10.12 17.67
C GLN B 123 -24.25 11.38 18.48
N ALA B 124 -24.96 12.42 18.08
CA ALA B 124 -24.89 13.69 18.75
C ALA B 124 -25.20 13.51 20.23
N ILE B 125 -26.37 12.95 20.51
CA ILE B 125 -26.79 12.74 21.88
C ILE B 125 -25.63 12.20 22.69
N ASN B 126 -24.84 11.33 22.08
CA ASN B 126 -23.70 10.76 22.77
C ASN B 126 -22.56 11.69 23.02
N ARG B 127 -22.38 12.62 22.11
CA ARG B 127 -21.32 13.61 22.30
C ARG B 127 -21.77 14.63 23.35
N ALA B 128 -23.08 14.73 23.55
CA ALA B 128 -23.62 15.67 24.50
C ALA B 128 -23.86 15.02 25.84
N GLY B 129 -22.83 14.39 26.39
CA GLY B 129 -23.00 13.76 27.68
C GLY B 129 -23.40 12.30 27.64
N GLY B 130 -23.14 11.65 26.51
CA GLY B 130 -23.47 10.24 26.35
C GLY B 130 -22.19 9.44 26.54
N LYS B 131 -22.13 8.25 25.98
CA LYS B 131 -20.93 7.44 26.15
C LYS B 131 -19.76 8.01 25.34
N ALA B 132 -20.01 9.12 24.65
CA ALA B 132 -18.98 9.75 23.86
C ALA B 132 -18.46 10.96 24.57
N GLY B 133 -18.88 11.15 25.81
CA GLY B 133 -18.46 12.30 26.58
C GLY B 133 -19.35 13.49 26.32
N ASN B 134 -18.83 14.69 26.54
CA ASN B 134 -19.60 15.90 26.32
C ASN B 134 -18.74 16.97 25.65
N LYS B 135 -18.95 17.20 24.36
CA LYS B 135 -18.15 18.19 23.67
C LYS B 135 -18.24 19.53 24.37
N GLY B 136 -19.45 19.92 24.75
CA GLY B 136 -19.61 21.19 25.43
C GLY B 136 -18.58 21.36 26.53
N ALA B 137 -18.60 20.47 27.50
CA ALA B 137 -17.66 20.52 28.60
C ALA B 137 -16.24 20.57 28.09
N GLU B 138 -15.89 19.64 27.21
CA GLU B 138 -14.54 19.59 26.65
C GLU B 138 -14.15 20.94 26.14
N SER B 139 -15.03 21.53 25.35
CA SER B 139 -14.79 22.82 24.76
C SER B 139 -14.45 23.86 25.83
N ALA B 140 -15.24 23.89 26.90
CA ALA B 140 -15.03 24.83 28.00
C ALA B 140 -13.62 24.65 28.52
N LEU B 141 -13.32 23.42 28.92
CA LEU B 141 -12.01 23.06 29.44
C LEU B 141 -10.95 23.58 28.50
N THR B 142 -11.14 23.33 27.22
CA THR B 142 -10.18 23.82 26.25
C THR B 142 -10.06 25.34 26.27
N ALA B 143 -11.20 26.02 26.33
CA ALA B 143 -11.23 27.47 26.37
C ALA B 143 -10.26 27.91 27.46
N ILE B 144 -10.45 27.33 28.63
CA ILE B 144 -9.62 27.64 29.77
C ILE B 144 -8.17 27.47 29.38
N GLU B 145 -7.78 26.25 29.06
CA GLU B 145 -6.40 25.97 28.70
C GLU B 145 -5.82 26.96 27.70
N MET B 146 -6.59 27.28 26.67
CA MET B 146 -6.10 28.18 25.65
C MET B 146 -5.86 29.55 26.21
N ALA B 147 -6.85 30.06 26.93
CA ALA B 147 -6.74 31.37 27.53
C ALA B 147 -5.47 31.38 28.33
N SER B 148 -5.42 30.49 29.32
CA SER B 148 -4.26 30.38 30.18
C SER B 148 -2.95 30.33 29.37
N LEU B 149 -2.91 29.49 28.35
CA LEU B 149 -1.72 29.35 27.52
C LEU B 149 -1.28 30.72 27.06
N PHE B 150 -2.23 31.49 26.57
CA PHE B 150 -1.95 32.82 26.09
C PHE B 150 -1.29 33.76 27.09
N GLU B 151 -1.59 33.61 28.37
CA GLU B 151 -0.98 34.43 29.42
C GLU B 151 -0.10 33.52 30.26
N HIS B 152 1.04 33.17 29.68
CA HIS B 152 2.00 32.29 30.33
C HIS B 152 2.99 32.12 29.21
N HIS B 153 2.46 32.00 28.01
CA HIS B 153 3.31 31.87 26.88
C HIS B 153 3.37 33.27 26.31
N LEU B 154 2.20 33.84 26.03
CA LEU B 154 2.06 35.16 25.44
C LEU B 154 2.83 35.28 24.12
N LYS B 155 4.16 35.21 24.21
CA LYS B 155 5.10 35.29 23.08
C LYS B 155 5.79 33.94 22.78
N MET C 1 18.80 29.86 -13.90
CA MET C 1 19.31 28.64 -13.24
C MET C 1 20.35 28.94 -12.15
N ASN C 2 19.84 29.11 -10.93
CA ASN C 2 20.65 29.34 -9.73
C ASN C 2 19.81 28.68 -8.62
N GLU C 3 20.17 27.46 -8.31
CA GLU C 3 19.42 26.71 -7.34
C GLU C 3 19.45 27.27 -5.94
N LEU C 4 18.41 28.03 -5.62
CA LEU C 4 18.31 28.60 -4.30
C LEU C 4 17.65 27.56 -3.41
N GLU C 5 18.46 26.74 -2.77
CA GLU C 5 17.93 25.70 -1.88
C GLU C 5 18.29 26.06 -0.44
N GLY C 6 17.50 25.55 0.51
CA GLY C 6 17.80 25.82 1.91
C GLY C 6 18.98 24.99 2.35
N TYR C 7 19.44 25.18 3.59
CA TYR C 7 20.57 24.43 4.14
C TYR C 7 20.18 23.71 5.38
N VAL C 8 20.43 22.42 5.39
CA VAL C 8 20.07 21.65 6.56
C VAL C 8 21.24 21.65 7.56
N THR C 9 22.43 22.00 7.08
CA THR C 9 23.62 22.00 7.93
C THR C 9 23.75 23.18 8.88
N LYS C 10 23.32 24.36 8.43
CA LYS C 10 23.42 25.57 9.26
C LYS C 10 22.25 25.78 10.27
N ALA C 11 21.90 24.73 10.98
CA ALA C 11 20.81 24.77 11.94
C ALA C 11 21.00 25.64 13.20
N GLN C 12 21.67 25.04 14.19
CA GLN C 12 21.98 25.62 15.52
C GLN C 12 21.66 27.06 15.81
N SER C 13 22.06 27.95 14.90
CA SER C 13 21.84 29.38 15.03
C SER C 13 20.38 29.82 15.03
N PHE C 14 19.50 28.95 14.52
CA PHE C 14 18.08 29.29 14.45
C PHE C 14 17.24 28.96 15.67
N ARG C 15 16.05 29.58 15.69
CA ARG C 15 15.08 29.43 16.75
C ARG C 15 13.78 28.87 16.16
N PHE C 16 13.33 27.75 16.71
CA PHE C 16 12.11 27.11 16.25
C PHE C 16 11.11 26.87 17.37
N ALA C 17 9.88 26.58 16.96
CA ALA C 17 8.82 26.29 17.90
C ALA C 17 7.96 25.19 17.33
N ILE C 18 7.62 24.24 18.20
CA ILE C 18 6.78 23.13 17.85
C ILE C 18 5.47 23.38 18.53
N VAL C 19 4.38 23.08 17.87
CA VAL C 19 3.09 23.25 18.45
C VAL C 19 2.43 21.92 18.25
N VAL C 20 2.03 21.25 19.33
CA VAL C 20 1.39 19.94 19.21
C VAL C 20 0.05 19.86 19.89
N ALA C 21 -0.89 19.14 19.27
CA ALA C 21 -2.21 18.95 19.84
C ALA C 21 -2.15 17.72 20.71
N ARG C 22 -2.80 17.79 21.85
CA ARG C 22 -2.80 16.69 22.79
C ARG C 22 -3.65 15.52 22.30
N PHE C 23 -4.65 15.83 21.48
CA PHE C 23 -5.54 14.81 20.94
C PHE C 23 -4.73 13.72 20.23
N ASN C 24 -5.08 12.46 20.47
CA ASN C 24 -4.36 11.35 19.86
C ASN C 24 -2.93 11.38 20.33
N GLU C 25 -2.78 11.84 21.55
CA GLU C 25 -1.51 11.95 22.20
C GLU C 25 -0.62 10.74 21.93
N PHE C 26 -1.20 9.55 21.97
CA PHE C 26 -0.45 8.33 21.75
C PHE C 26 0.48 8.43 20.57
N VAL C 27 0.02 9.17 19.57
CA VAL C 27 0.80 9.35 18.37
C VAL C 27 1.54 10.68 18.41
N THR C 28 0.81 11.76 18.65
CA THR C 28 1.39 13.10 18.70
C THR C 28 2.64 13.19 19.59
N ARG C 29 2.58 12.64 20.79
CA ARG C 29 3.72 12.66 21.70
C ARG C 29 4.92 12.21 20.89
N ARG C 30 4.80 11.01 20.33
CA ARG C 30 5.83 10.41 19.51
C ARG C 30 6.25 11.37 18.42
N LEU C 31 5.27 11.80 17.66
CA LEU C 31 5.46 12.71 16.57
C LEU C 31 6.39 13.83 17.03
N MET C 32 6.01 14.46 18.12
CA MET C 32 6.75 15.57 18.67
C MET C 32 8.15 15.14 19.05
N GLU C 33 8.24 14.11 19.86
CA GLU C 33 9.54 13.60 20.28
C GLU C 33 10.42 13.47 19.04
N GLY C 34 9.82 13.02 17.95
CA GLY C 34 10.59 12.85 16.73
C GLY C 34 11.14 14.16 16.24
N ALA C 35 10.27 15.16 16.08
CA ALA C 35 10.67 16.47 15.59
C ALA C 35 11.78 17.01 16.45
N LEU C 36 11.55 16.94 17.74
CA LEU C 36 12.51 17.40 18.72
C LEU C 36 13.85 16.77 18.45
N ASP C 37 13.90 15.44 18.56
CA ASP C 37 15.12 14.69 18.32
C ASP C 37 15.81 15.19 17.07
N THR C 38 15.11 15.18 15.96
CA THR C 38 15.69 15.64 14.70
C THR C 38 16.41 16.97 14.84
N PHE C 39 15.78 17.92 15.53
CA PHE C 39 16.39 19.22 15.73
C PHE C 39 17.79 19.07 16.33
N LYS C 40 17.84 18.43 17.49
CA LYS C 40 19.10 18.19 18.16
C LYS C 40 20.03 17.43 17.22
N LYS C 41 19.53 16.37 16.62
CA LYS C 41 20.29 15.56 15.68
C LYS C 41 20.94 16.50 14.64
N TYR C 42 20.24 17.57 14.30
CA TYR C 42 20.76 18.52 13.35
C TYR C 42 21.42 19.71 14.00
N SER C 43 22.19 19.41 15.04
CA SER C 43 22.98 20.37 15.81
C SER C 43 22.30 21.64 16.28
N VAL C 44 21.01 21.79 16.06
CA VAL C 44 20.38 23.02 16.50
C VAL C 44 20.28 23.13 18.01
N ASN C 45 20.52 24.34 18.49
CA ASN C 45 20.38 24.58 19.90
C ASN C 45 20.06 25.99 20.38
N GLU C 46 18.82 26.10 20.86
CA GLU C 46 18.22 27.30 21.43
C GLU C 46 17.01 26.70 22.14
N ASP C 47 17.19 25.45 22.55
CA ASP C 47 16.19 24.69 23.27
C ASP C 47 14.72 24.85 22.88
N ILE C 48 14.42 24.74 21.58
CA ILE C 48 13.06 24.87 21.00
C ILE C 48 11.83 24.80 21.92
N ASP C 49 10.95 25.77 21.73
CA ASP C 49 9.72 25.87 22.53
C ASP C 49 8.68 24.90 21.98
N VAL C 50 8.07 24.11 22.86
CA VAL C 50 7.03 23.19 22.44
C VAL C 50 5.76 23.66 23.09
N VAL C 51 4.78 24.04 22.28
CA VAL C 51 3.53 24.56 22.78
C VAL C 51 2.42 23.53 22.62
N TRP C 52 1.83 23.17 23.75
CA TRP C 52 0.75 22.19 23.75
C TRP C 52 -0.61 22.86 23.60
N VAL C 53 -1.40 22.36 22.66
CA VAL C 53 -2.76 22.85 22.48
C VAL C 53 -3.59 21.57 22.54
N PRO C 54 -4.81 21.66 23.06
CA PRO C 54 -5.61 20.44 23.13
C PRO C 54 -5.91 19.79 21.76
N GLY C 55 -6.42 20.57 20.80
CA GLY C 55 -6.77 20.00 19.51
C GLY C 55 -6.18 20.64 18.28
N ALA C 56 -6.10 19.87 17.21
CA ALA C 56 -5.54 20.35 15.97
C ALA C 56 -6.16 21.64 15.50
N TYR C 57 -7.43 21.82 15.78
CA TYR C 57 -8.11 23.02 15.39
C TYR C 57 -7.29 24.20 15.88
N GLU C 58 -6.85 24.09 17.13
CA GLU C 58 -6.09 25.13 17.80
C GLU C 58 -4.84 25.57 17.10
N LEU C 59 -4.16 24.62 16.45
CA LEU C 59 -2.94 24.93 15.76
C LEU C 59 -2.95 26.30 15.10
N GLY C 60 -4.00 26.56 14.33
CA GLY C 60 -4.10 27.83 13.63
C GLY C 60 -3.65 29.06 14.40
N VAL C 61 -4.48 29.53 15.31
CA VAL C 61 -4.16 30.73 16.08
C VAL C 61 -2.87 30.60 16.85
N THR C 62 -2.67 29.46 17.47
CA THR C 62 -1.47 29.29 18.24
C THR C 62 -0.27 29.59 17.39
N ALA C 63 -0.21 28.98 16.22
CA ALA C 63 0.92 29.22 15.35
C ALA C 63 0.90 30.69 15.04
N GLN C 64 -0.24 31.15 14.57
CA GLN C 64 -0.47 32.55 14.23
C GLN C 64 0.31 33.43 15.19
N ALA C 65 0.05 33.25 16.48
CA ALA C 65 0.71 34.01 17.52
C ALA C 65 2.22 33.85 17.44
N LEU C 66 2.68 32.65 17.76
CA LEU C 66 4.10 32.34 17.74
C LEU C 66 4.79 32.93 16.52
N GLY C 67 4.13 32.83 15.39
CA GLY C 67 4.72 33.35 14.19
C GLY C 67 4.89 34.84 14.28
N LYS C 68 3.81 35.55 14.59
CA LYS C 68 3.84 36.99 14.71
C LYS C 68 4.76 37.51 15.81
N SER C 69 5.09 36.65 16.78
CA SER C 69 5.99 37.08 17.83
C SER C 69 7.40 37.30 17.27
N GLY C 70 7.60 36.97 15.99
CA GLY C 70 8.88 37.16 15.35
C GLY C 70 10.05 36.50 16.06
N LYS C 71 9.74 35.74 17.11
CA LYS C 71 10.78 35.08 17.88
C LYS C 71 11.38 33.85 17.20
N TYR C 72 10.58 33.15 16.41
CA TYR C 72 11.05 31.93 15.75
C TYR C 72 11.19 32.12 14.24
N HIS C 73 11.99 31.27 13.62
CA HIS C 73 12.22 31.35 12.18
C HIS C 73 11.27 30.43 11.42
N ALA C 74 10.81 29.40 12.13
CA ALA C 74 9.90 28.39 11.58
C ALA C 74 9.23 27.70 12.76
N ILE C 75 7.93 27.46 12.61
CA ILE C 75 7.17 26.76 13.62
C ILE C 75 6.61 25.55 12.92
N VAL C 76 6.72 24.43 13.60
CA VAL C 76 6.24 23.19 13.05
C VAL C 76 5.04 22.81 13.89
N CYS C 77 3.95 22.50 13.23
CA CYS C 77 2.72 22.14 13.92
C CYS C 77 2.48 20.70 13.72
N LEU C 78 2.26 20.00 14.84
CA LEU C 78 2.03 18.58 14.83
C LEU C 78 0.68 18.27 15.38
N GLY C 79 0.09 17.24 14.81
CA GLY C 79 -1.22 16.80 15.25
C GLY C 79 -1.56 15.57 14.45
N ALA C 80 -2.63 14.92 14.82
CA ALA C 80 -3.07 13.74 14.10
C ALA C 80 -4.57 13.64 14.24
N VAL C 81 -5.26 13.60 13.11
CA VAL C 81 -6.69 13.48 13.16
C VAL C 81 -7.04 12.26 12.32
N VAL C 82 -7.35 11.18 13.02
CA VAL C 82 -7.72 9.91 12.38
C VAL C 82 -9.20 9.93 12.02
N LYS C 83 -9.50 9.47 10.81
CA LYS C 83 -10.86 9.40 10.34
C LYS C 83 -11.56 8.35 11.19
N GLY C 84 -12.03 8.81 12.36
CA GLY C 84 -12.75 7.95 13.29
C GLY C 84 -14.16 7.60 12.83
N ASP C 85 -15.01 8.62 12.66
CA ASP C 85 -16.41 8.39 12.24
C ASP C 85 -16.97 9.39 11.19
N THR C 86 -17.60 10.45 11.72
CA THR C 86 -18.27 11.52 10.94
C THR C 86 -17.41 12.50 10.12
N SER C 87 -18.09 13.39 9.39
CA SER C 87 -17.40 14.41 8.59
C SER C 87 -16.61 15.34 9.53
N HIS C 88 -16.86 15.20 10.84
CA HIS C 88 -16.18 15.99 11.88
C HIS C 88 -14.70 15.95 11.53
N TYR C 89 -14.27 14.77 11.11
CA TYR C 89 -12.94 14.53 10.64
C TYR C 89 -12.61 15.69 9.68
N ASP C 90 -13.35 15.75 8.58
CA ASP C 90 -13.17 16.80 7.58
C ASP C 90 -13.08 18.14 8.24
N ALA C 91 -14.14 18.53 8.92
CA ALA C 91 -14.21 19.80 9.62
C ALA C 91 -12.88 20.16 10.22
N VAL C 92 -12.44 19.34 11.17
CA VAL C 92 -11.19 19.56 11.84
C VAL C 92 -10.08 19.63 10.81
N VAL C 93 -9.90 18.55 10.09
CA VAL C 93 -8.84 18.47 9.09
C VAL C 93 -8.71 19.73 8.26
N ASN C 94 -9.82 20.25 7.80
CA ASN C 94 -9.78 21.45 7.00
C ASN C 94 -9.27 22.58 7.83
N SER C 95 -9.98 22.87 8.89
CA SER C 95 -9.59 23.96 9.76
C SER C 95 -8.14 23.86 10.13
N ALA C 96 -7.71 22.67 10.54
CA ALA C 96 -6.34 22.45 10.90
C ALA C 96 -5.49 22.92 9.73
N SER C 97 -5.60 22.23 8.61
CA SER C 97 -4.84 22.58 7.43
C SER C 97 -4.90 24.07 7.11
N SER C 98 -6.09 24.56 6.90
CA SER C 98 -6.29 25.96 6.58
C SER C 98 -5.58 26.86 7.56
N GLY C 99 -5.79 26.59 8.84
CA GLY C 99 -5.17 27.39 9.88
C GLY C 99 -3.68 27.50 9.66
N VAL C 100 -3.00 26.37 9.66
CA VAL C 100 -1.56 26.35 9.47
C VAL C 100 -1.17 27.11 8.23
N LEU C 101 -1.96 26.96 7.18
CA LEU C 101 -1.65 27.67 5.97
C LEU C 101 -1.69 29.14 6.30
N SER C 102 -2.88 29.65 6.61
CA SER C 102 -3.07 31.05 6.95
C SER C 102 -1.97 31.58 7.85
N ALA C 103 -1.65 30.84 8.90
CA ALA C 103 -0.62 31.25 9.81
C ALA C 103 0.64 31.57 9.02
N GLY C 104 1.17 30.57 8.36
CA GLY C 104 2.36 30.75 7.56
C GLY C 104 2.29 31.97 6.66
N LEU C 105 1.20 32.11 5.93
CA LEU C 105 1.04 33.23 5.02
C LEU C 105 1.03 34.56 5.74
N ASN C 106 0.14 34.70 6.70
CA ASN C 106 0.00 35.93 7.45
C ASN C 106 1.24 36.32 8.23
N SER C 107 1.86 35.34 8.85
CA SER C 107 3.06 35.59 9.63
C SER C 107 4.27 35.75 8.71
N GLY C 108 4.19 35.21 7.51
CA GLY C 108 5.35 35.29 6.63
C GLY C 108 6.40 34.35 7.20
N VAL C 109 5.99 33.51 8.14
CA VAL C 109 6.89 32.58 8.74
C VAL C 109 6.47 31.17 8.40
N PRO C 110 7.42 30.35 7.96
CA PRO C 110 7.11 28.98 7.60
C PRO C 110 6.52 28.21 8.80
N CYS C 111 5.33 27.68 8.57
CA CYS C 111 4.62 26.89 9.56
C CYS C 111 4.45 25.55 8.89
N VAL C 112 5.11 24.56 9.45
CA VAL C 112 5.08 23.24 8.90
C VAL C 112 3.84 22.46 9.29
N PHE C 113 3.15 21.94 8.28
CA PHE C 113 1.95 21.15 8.48
C PHE C 113 2.36 19.71 8.75
N GLY C 114 2.69 19.43 10.00
CA GLY C 114 3.10 18.08 10.34
C GLY C 114 1.96 17.41 11.06
N VAL C 115 0.82 17.35 10.41
CA VAL C 115 -0.32 16.71 11.04
C VAL C 115 -0.84 15.58 10.19
N LEU C 116 -0.98 14.44 10.84
CA LEU C 116 -1.46 13.26 10.18
C LEU C 116 -2.93 13.33 9.94
N THR C 117 -3.33 12.84 8.78
CA THR C 117 -4.73 12.83 8.42
C THR C 117 -5.06 11.49 7.79
N CYS C 118 -4.60 10.43 8.42
CA CYS C 118 -4.87 9.10 7.91
C CYS C 118 -6.25 8.65 8.40
N ASP C 119 -6.75 7.53 7.90
CA ASP C 119 -8.05 7.06 8.32
C ASP C 119 -7.98 6.36 9.64
N ASN C 120 -7.37 5.17 9.63
CA ASN C 120 -7.25 4.38 10.83
C ASN C 120 -5.98 4.67 11.60
N MET C 121 -6.08 4.42 12.91
CA MET C 121 -4.99 4.63 13.86
C MET C 121 -3.71 4.00 13.38
N ASP C 122 -3.81 2.75 12.97
CA ASP C 122 -2.64 2.03 12.50
C ASP C 122 -1.79 2.76 11.45
N GLN C 123 -2.42 3.27 10.41
CA GLN C 123 -1.69 4.00 9.38
C GLN C 123 -0.87 5.09 10.06
N ALA C 124 -1.51 5.79 10.99
CA ALA C 124 -0.86 6.84 11.73
C ALA C 124 0.36 6.30 12.42
N ILE C 125 0.18 5.27 13.21
CA ILE C 125 1.28 4.67 13.93
C ILE C 125 2.47 4.55 13.01
N ASN C 126 2.21 4.21 11.77
CA ASN C 126 3.28 4.05 10.81
C ASN C 126 3.95 5.34 10.39
N ARG C 127 3.19 6.41 10.33
CA ARG C 127 3.77 7.69 9.97
C ARG C 127 4.53 8.25 11.18
N ALA C 128 4.22 7.73 12.36
CA ALA C 128 4.87 8.19 13.55
C ALA C 128 6.04 7.28 13.90
N GLY C 129 6.93 7.06 12.95
CA GLY C 129 8.08 6.20 13.22
C GLY C 129 7.88 4.73 12.90
N GLY C 130 6.94 4.46 12.02
CA GLY C 130 6.68 3.09 11.61
C GLY C 130 7.36 2.91 10.27
N LYS C 131 6.89 1.93 9.49
CA LYS C 131 7.49 1.69 8.18
C LYS C 131 7.17 2.81 7.20
N ALA C 132 6.44 3.82 7.67
CA ALA C 132 6.09 4.96 6.83
C ALA C 132 6.95 6.16 7.20
N GLY C 133 7.92 5.92 8.08
CA GLY C 133 8.81 6.98 8.53
C GLY C 133 8.21 7.71 9.71
N ASN C 134 8.58 8.97 9.86
CA ASN C 134 8.08 9.76 10.97
C ASN C 134 7.80 11.19 10.53
N LYS C 135 6.53 11.53 10.36
CA LYS C 135 6.19 12.86 9.90
C LYS C 135 6.80 13.89 10.79
N GLY C 136 6.73 13.67 12.09
CA GLY C 136 7.29 14.61 13.05
C GLY C 136 8.69 15.02 12.65
N ALA C 137 9.58 14.05 12.61
CA ALA C 137 10.96 14.29 12.24
C ALA C 137 11.04 15.04 10.91
N GLU C 138 10.35 14.52 9.90
CA GLU C 138 10.34 15.12 8.58
C GLU C 138 10.01 16.58 8.70
N SER C 139 8.96 16.85 9.44
CA SER C 139 8.51 18.20 9.63
C SER C 139 9.61 19.08 10.18
N ALA C 140 10.29 18.60 11.22
CA ALA C 140 11.38 19.34 11.84
C ALA C 140 12.39 19.69 10.75
N LEU C 141 12.89 18.65 10.10
CA LEU C 141 13.87 18.80 9.04
C LEU C 141 13.40 19.88 8.08
N THR C 142 12.16 19.80 7.68
CA THR C 142 11.61 20.78 6.78
C THR C 142 11.68 22.18 7.36
N ALA C 143 11.32 22.29 8.63
CA ALA C 143 11.33 23.58 9.32
C ALA C 143 12.68 24.17 9.09
N ILE C 144 13.70 23.39 9.39
CA ILE C 144 15.07 23.81 9.21
C ILE C 144 15.26 24.35 7.80
N GLU C 145 15.14 23.48 6.82
CA GLU C 145 15.33 23.88 5.44
C GLU C 145 14.61 25.16 5.08
N MET C 146 13.36 25.29 5.48
CA MET C 146 12.59 26.48 5.15
C MET C 146 13.19 27.74 5.75
N ALA C 147 13.47 27.66 7.05
CA ALA C 147 14.07 28.77 7.77
C ALA C 147 15.31 29.19 6.98
N SER C 148 16.25 28.25 6.89
CA SER C 148 17.49 28.47 6.18
C SER C 148 17.24 29.10 4.81
N LEU C 149 16.32 28.53 4.06
CA LEU C 149 16.02 29.06 2.75
C LEU C 149 15.76 30.54 2.85
N PHE C 150 14.95 30.91 3.83
CA PHE C 150 14.59 32.30 3.99
C PHE C 150 15.76 33.24 4.21
N GLU C 151 16.83 32.75 4.84
CA GLU C 151 18.03 33.56 5.07
C GLU C 151 19.17 32.98 4.20
N HIS C 152 19.05 33.25 2.92
CA HIS C 152 20.01 32.75 1.94
C HIS C 152 19.35 33.21 0.65
N HIS C 153 18.03 33.09 0.63
CA HIS C 153 17.31 33.52 -0.52
C HIS C 153 16.81 34.88 -0.14
N LEU C 154 16.11 34.93 1.00
CA LEU C 154 15.51 36.17 1.50
C LEU C 154 14.57 36.81 0.48
N LYS C 155 15.16 37.30 -0.62
CA LYS C 155 14.49 37.97 -1.76
C LYS C 155 14.44 37.10 -3.04
N MET D 1 -14.10 45.31 -28.19
CA MET D 1 -13.29 44.33 -28.96
C MET D 1 -11.88 44.85 -29.30
N ASN D 2 -10.96 44.56 -28.40
CA ASN D 2 -9.55 44.91 -28.55
C ASN D 2 -8.86 43.79 -27.77
N GLU D 3 -8.44 42.79 -28.51
CA GLU D 3 -7.83 41.64 -27.89
C GLU D 3 -6.52 41.91 -27.19
N LEU D 4 -6.62 42.10 -25.88
CA LEU D 4 -5.44 42.33 -25.08
C LEU D 4 -4.88 40.98 -24.70
N GLU D 5 -3.96 40.48 -25.52
CA GLU D 5 -3.34 39.18 -25.26
C GLU D 5 -1.88 39.40 -24.89
N GLY D 6 -1.31 38.46 -24.15
CA GLY D 6 0.10 38.57 -23.79
C GLY D 6 0.96 38.24 -25.01
N TYR D 7 2.29 38.39 -24.87
CA TYR D 7 3.22 38.10 -25.96
C TYR D 7 4.22 37.06 -25.52
N VAL D 8 4.33 36.00 -26.31
CA VAL D 8 5.28 34.96 -25.97
C VAL D 8 6.65 35.27 -26.59
N THR D 9 6.66 36.16 -27.57
CA THR D 9 7.88 36.50 -28.24
C THR D 9 8.80 37.44 -27.49
N LYS D 10 8.22 38.40 -26.75
CA LYS D 10 9.02 39.37 -26.00
C LYS D 10 9.51 38.90 -24.61
N ALA D 11 10.06 37.69 -24.55
CA ALA D 11 10.52 37.10 -23.30
C ALA D 11 11.75 37.74 -22.63
N GLN D 12 12.92 37.33 -23.12
CA GLN D 12 14.27 37.76 -22.66
C GLN D 12 14.41 38.88 -21.64
N SER D 13 13.72 39.99 -21.88
CA SER D 13 13.75 41.15 -20.99
C SER D 13 13.19 40.89 -19.58
N PHE D 14 12.37 39.85 -19.42
CA PHE D 14 11.76 39.55 -18.13
C PHE D 14 12.56 38.68 -17.17
N ARG D 15 12.11 38.72 -15.92
CA ARG D 15 12.72 38.00 -14.82
C ARG D 15 11.69 37.08 -14.22
N PHE D 16 12.02 35.80 -14.13
CA PHE D 16 11.11 34.81 -13.57
C PHE D 16 11.77 33.99 -12.50
N ALA D 17 10.93 33.28 -11.77
CA ALA D 17 11.39 32.40 -10.70
C ALA D 17 10.54 31.15 -10.67
N ILE D 18 11.20 30.02 -10.53
CA ILE D 18 10.53 28.74 -10.48
C ILE D 18 10.66 28.32 -9.05
N VAL D 19 9.62 27.72 -8.52
CA VAL D 19 9.67 27.21 -7.15
C VAL D 19 9.24 25.78 -7.28
N VAL D 20 10.09 24.84 -6.89
CA VAL D 20 9.72 23.44 -6.99
C VAL D 20 9.83 22.67 -5.70
N ALA D 21 8.88 21.75 -5.49
CA ALA D 21 8.90 20.92 -4.30
C ALA D 21 9.73 19.69 -4.62
N ARG D 22 10.54 19.28 -3.66
CA ARG D 22 11.39 18.13 -3.83
C ARG D 22 10.60 16.83 -3.84
N PHE D 23 9.46 16.83 -3.16
CA PHE D 23 8.59 15.64 -3.07
C PHE D 23 8.25 15.13 -4.47
N ASN D 24 8.37 13.81 -4.67
CA ASN D 24 8.09 13.20 -5.97
C ASN D 24 9.07 13.74 -6.98
N GLU D 25 10.25 14.00 -6.48
CA GLU D 25 11.34 14.53 -7.24
C GLU D 25 11.43 13.91 -8.61
N PHE D 26 11.25 12.60 -8.66
CA PHE D 26 11.34 11.85 -9.90
C PHE D 26 10.59 12.54 -11.01
N VAL D 27 9.51 13.20 -10.64
CA VAL D 27 8.71 13.88 -11.62
C VAL D 27 9.02 15.36 -11.62
N THR D 28 8.98 15.96 -10.45
CA THR D 28 9.23 17.40 -10.31
C THR D 28 10.52 17.84 -10.99
N ARG D 29 11.63 17.11 -10.77
CA ARG D 29 12.91 17.46 -11.38
C ARG D 29 12.64 17.69 -12.86
N ARG D 30 12.06 16.68 -13.50
CA ARG D 30 11.68 16.73 -14.91
C ARG D 30 10.83 17.94 -15.21
N LEU D 31 9.77 18.06 -14.46
CA LEU D 31 8.84 19.14 -14.59
C LEU D 31 9.59 20.45 -14.69
N MET D 32 10.47 20.66 -13.70
CA MET D 32 11.28 21.87 -13.61
C MET D 32 12.16 22.02 -14.83
N GLU D 33 12.95 20.98 -15.10
CA GLU D 33 13.83 20.98 -16.25
C GLU D 33 13.05 21.46 -17.46
N GLY D 34 11.80 21.02 -17.53
CA GLY D 34 10.98 21.39 -18.64
C GLY D 34 10.73 22.87 -18.68
N ALA D 35 10.23 23.41 -17.58
CA ALA D 35 9.94 24.84 -17.48
C ALA D 35 11.19 25.63 -17.88
N LEU D 36 12.29 25.26 -17.25
CA LEU D 36 13.56 25.90 -17.50
C LEU D 36 13.81 25.94 -18.97
N ASP D 37 13.94 24.76 -19.56
CA ASP D 37 14.19 24.65 -20.97
C ASP D 37 13.31 25.60 -21.74
N THR D 38 12.01 25.50 -21.56
CA THR D 38 11.09 26.36 -22.26
C THR D 38 11.48 27.82 -22.20
N PHE D 39 11.89 28.28 -21.03
CA PHE D 39 12.30 29.66 -20.88
C PHE D 39 13.37 30.01 -21.90
N LYS D 40 14.46 29.26 -21.81
CA LYS D 40 15.56 29.47 -22.72
C LYS D 40 15.06 29.37 -24.15
N LYS D 41 14.32 28.31 -24.44
CA LYS D 41 13.76 28.08 -25.77
C LYS D 41 13.06 29.35 -26.23
N TYR D 42 12.48 30.06 -25.28
CA TYR D 42 11.80 31.28 -25.61
C TYR D 42 12.65 32.50 -25.39
N SER D 43 13.90 32.35 -25.79
CA SER D 43 14.91 33.43 -25.74
C SER D 43 15.09 34.22 -24.42
N VAL D 44 14.39 33.84 -23.37
CA VAL D 44 14.53 34.60 -22.14
C VAL D 44 15.89 34.38 -21.51
N ASN D 45 16.43 35.47 -20.99
CA ASN D 45 17.68 35.38 -20.27
C ASN D 45 18.01 36.42 -19.22
N GLU D 46 17.97 35.93 -17.99
CA GLU D 46 18.26 36.64 -16.74
C GLU D 46 18.46 35.48 -15.77
N ASP D 47 18.91 34.35 -16.35
CA ASP D 47 19.18 33.13 -15.63
C ASP D 47 18.24 32.70 -14.46
N ILE D 48 16.93 32.72 -14.71
CA ILE D 48 15.86 32.37 -13.74
C ILE D 48 16.23 31.63 -12.46
N ASP D 49 15.72 32.17 -11.37
CA ASP D 49 15.97 31.59 -10.05
C ASP D 49 15.06 30.38 -9.82
N VAL D 50 15.65 29.28 -9.36
CA VAL D 50 14.86 28.10 -9.07
C VAL D 50 14.99 27.88 -7.57
N VAL D 51 13.85 27.94 -6.89
CA VAL D 51 13.83 27.76 -5.45
C VAL D 51 13.24 26.43 -5.09
N TRP D 52 14.03 25.66 -4.35
CA TRP D 52 13.62 24.34 -3.91
C TRP D 52 12.98 24.38 -2.54
N VAL D 53 11.80 23.78 -2.43
CA VAL D 53 11.11 23.68 -1.15
C VAL D 53 10.83 22.21 -1.04
N PRO D 54 10.85 21.66 0.17
CA PRO D 54 10.61 20.23 0.30
C PRO D 54 9.24 19.74 -0.21
N GLY D 55 8.15 20.39 0.19
CA GLY D 55 6.86 19.93 -0.25
C GLY D 55 5.96 20.98 -0.83
N ALA D 56 4.97 20.52 -1.60
CA ALA D 56 4.04 21.41 -2.26
C ALA D 56 3.36 22.39 -1.34
N TYR D 57 3.15 21.98 -0.10
CA TYR D 57 2.52 22.84 0.88
C TYR D 57 3.28 24.16 0.94
N GLU D 58 4.60 24.03 0.95
CA GLU D 58 5.52 25.16 1.02
C GLU D 58 5.36 26.19 -0.07
N LEU D 59 5.02 25.74 -1.26
CA LEU D 59 4.85 26.65 -2.38
C LEU D 59 4.23 27.98 -1.97
N GLY D 60 3.11 27.91 -1.28
CA GLY D 60 2.42 29.12 -0.85
C GLY D 60 3.30 30.28 -0.38
N VAL D 61 3.82 30.17 0.83
CA VAL D 61 4.65 31.23 1.37
C VAL D 61 5.87 31.53 0.52
N THR D 62 6.52 30.49 0.04
CA THR D 62 7.69 30.70 -0.75
C THR D 62 7.39 31.63 -1.91
N ALA D 63 6.34 31.31 -2.64
CA ALA D 63 5.97 32.15 -3.76
C ALA D 63 5.67 33.50 -3.18
N GLN D 64 4.79 33.52 -2.19
CA GLN D 64 4.39 34.73 -1.49
C GLN D 64 5.58 35.68 -1.40
N ALA D 65 6.66 35.17 -0.81
CA ALA D 65 7.88 35.94 -0.65
C ALA D 65 8.38 36.46 -1.99
N LEU D 66 8.87 35.54 -2.80
CA LEU D 66 9.41 35.87 -4.11
C LEU D 66 8.56 36.89 -4.81
N GLY D 67 7.26 36.72 -4.71
CA GLY D 67 6.35 37.62 -5.37
C GLY D 67 6.49 39.01 -4.82
N LYS D 68 6.39 39.10 -3.50
CA LYS D 68 6.50 40.38 -2.84
C LYS D 68 7.88 41.04 -2.99
N SER D 69 8.90 40.25 -3.31
CA SER D 69 10.23 40.84 -3.49
C SER D 69 10.24 41.73 -4.73
N GLY D 70 9.15 41.74 -5.49
CA GLY D 70 9.06 42.57 -6.68
C GLY D 70 10.17 42.35 -7.70
N LYS D 71 11.00 41.35 -7.45
CA LYS D 71 12.12 41.06 -8.32
C LYS D 71 11.72 40.33 -9.61
N TYR D 72 10.68 39.51 -9.54
CA TYR D 72 10.25 38.75 -10.72
C TYR D 72 8.92 39.24 -11.26
N HIS D 73 8.65 38.93 -12.52
CA HIS D 73 7.40 39.33 -13.17
C HIS D 73 6.35 38.23 -13.08
N ALA D 74 6.83 37.01 -12.92
CA ALA D 74 5.96 35.85 -12.80
C ALA D 74 6.79 34.74 -12.16
N ILE D 75 6.15 34.01 -11.26
CA ILE D 75 6.81 32.90 -10.60
C ILE D 75 5.96 31.71 -10.94
N VAL D 76 6.62 30.63 -11.29
CA VAL D 76 5.95 29.42 -11.64
C VAL D 76 6.25 28.41 -10.55
N CYS D 77 5.20 27.80 -10.02
CA CYS D 77 5.35 26.84 -8.94
C CYS D 77 5.06 25.47 -9.46
N LEU D 78 6.00 24.59 -9.22
CA LEU D 78 5.92 23.23 -9.67
C LEU D 78 5.90 22.28 -8.51
N GLY D 79 5.14 21.22 -8.69
CA GLY D 79 5.07 20.22 -7.66
C GLY D 79 4.18 19.13 -8.21
N ALA D 80 4.13 18.02 -7.51
CA ALA D 80 3.29 16.92 -7.92
C ALA D 80 2.85 16.17 -6.69
N VAL D 81 1.54 16.03 -6.53
CA VAL D 81 1.01 15.31 -5.39
C VAL D 81 0.10 14.24 -5.95
N VAL D 82 0.60 13.02 -5.94
CA VAL D 82 -0.13 11.87 -6.45
C VAL D 82 -1.02 11.33 -5.36
N LYS D 83 -2.25 10.99 -5.75
CA LYS D 83 -3.20 10.43 -4.81
C LYS D 83 -2.68 9.05 -4.39
N GLY D 84 -1.78 9.07 -3.41
CA GLY D 84 -1.19 7.85 -2.89
C GLY D 84 -2.16 7.02 -2.06
N ASP D 85 -2.66 7.61 -0.96
CA ASP D 85 -3.59 6.90 -0.06
C ASP D 85 -4.77 7.73 0.51
N THR D 86 -4.52 8.31 1.68
CA THR D 86 -5.51 9.10 2.45
C THR D 86 -5.93 10.49 1.91
N SER D 87 -6.87 11.12 2.61
CA SER D 87 -7.34 12.45 2.22
C SER D 87 -6.16 13.45 2.34
N HIS D 88 -5.05 12.99 2.96
CA HIS D 88 -3.85 13.80 3.12
C HIS D 88 -3.62 14.45 1.76
N TYR D 89 -3.83 13.65 0.72
CA TYR D 89 -3.75 14.07 -0.65
C TYR D 89 -4.51 15.41 -0.71
N ASP D 90 -5.80 15.34 -0.46
CA ASP D 90 -6.65 16.52 -0.49
C ASP D 90 -6.00 17.66 0.25
N ALA D 91 -5.76 17.42 1.54
CA ALA D 91 -5.16 18.42 2.42
C ALA D 91 -4.11 19.21 1.67
N VAL D 92 -3.06 18.49 1.28
CA VAL D 92 -1.96 19.08 0.58
C VAL D 92 -2.47 19.80 -0.64
N VAL D 93 -3.08 19.04 -1.55
CA VAL D 93 -3.59 19.59 -2.78
C VAL D 93 -4.31 20.91 -2.61
N ASN D 94 -5.16 20.97 -1.60
CA ASN D 94 -5.88 22.20 -1.39
C ASN D 94 -4.90 23.27 -1.01
N SER D 95 -4.20 23.05 0.09
CA SER D 95 -3.25 24.03 0.57
C SER D 95 -2.35 24.48 -0.54
N ALA D 96 -1.83 23.53 -1.30
CA ALA D 96 -0.95 23.85 -2.40
C ALA D 96 -1.69 24.82 -3.29
N SER D 97 -2.79 24.35 -3.86
CA SER D 97 -3.56 25.20 -4.73
C SER D 97 -3.87 26.55 -4.15
N SER D 98 -4.54 26.53 -3.01
CA SER D 98 -4.91 27.75 -2.32
C SER D 98 -3.72 28.70 -2.14
N GLY D 99 -2.61 28.15 -1.66
CA GLY D 99 -1.42 28.94 -1.43
C GLY D 99 -1.04 29.72 -2.68
N VAL D 100 -0.81 28.99 -3.77
CA VAL D 100 -0.43 29.59 -5.05
C VAL D 100 -1.42 30.64 -5.46
N LEU D 101 -2.69 30.36 -5.22
CA LEU D 101 -3.69 31.32 -5.56
C LEU D 101 -3.39 32.57 -4.75
N SER D 102 -3.55 32.45 -3.42
CA SER D 102 -3.32 33.56 -2.51
C SER D 102 -2.09 34.36 -2.88
N ALA D 103 -0.99 33.65 -3.10
CA ALA D 103 0.27 34.29 -3.46
C ALA D 103 0.01 35.24 -4.62
N GLY D 104 -0.40 34.67 -5.75
CA GLY D 104 -0.66 35.49 -6.92
C GLY D 104 -1.50 36.70 -6.60
N LEU D 105 -2.61 36.50 -5.90
CA LEU D 105 -3.50 37.58 -5.57
C LEU D 105 -2.86 38.63 -4.72
N ASN D 106 -2.33 38.21 -3.59
CA ASN D 106 -1.68 39.11 -2.66
C ASN D 106 -0.49 39.85 -3.25
N SER D 107 0.33 39.13 -4.00
CA SER D 107 1.51 39.73 -4.59
C SER D 107 1.14 40.54 -5.82
N GLY D 108 0.00 40.24 -6.42
CA GLY D 108 -0.38 40.95 -7.62
C GLY D 108 0.55 40.46 -8.72
N VAL D 109 1.26 39.37 -8.44
CA VAL D 109 2.18 38.81 -9.41
C VAL D 109 1.69 37.42 -9.83
N PRO D 110 1.65 37.17 -11.14
CA PRO D 110 1.21 35.87 -11.62
C PRO D 110 2.06 34.76 -11.06
N CYS D 111 1.41 33.83 -10.38
CA CYS D 111 2.05 32.65 -9.81
C CYS D 111 1.37 31.49 -10.51
N VAL D 112 2.14 30.78 -11.32
CA VAL D 112 1.63 29.67 -12.09
C VAL D 112 1.51 28.39 -11.29
N PHE D 113 0.32 27.83 -11.33
CA PHE D 113 0.03 26.59 -10.64
C PHE D 113 0.44 25.45 -11.53
N GLY D 114 1.72 25.10 -11.50
CA GLY D 114 2.21 24.03 -12.31
C GLY D 114 2.42 22.82 -11.44
N VAL D 115 1.37 22.40 -10.77
CA VAL D 115 1.53 21.25 -9.91
C VAL D 115 0.54 20.18 -10.31
N LEU D 116 1.08 18.98 -10.46
CA LEU D 116 0.28 17.83 -10.84
C LEU D 116 -0.51 17.30 -9.69
N THR D 117 -1.73 16.92 -9.96
CA THR D 117 -2.59 16.38 -8.93
C THR D 117 -3.31 15.16 -9.48
N CYS D 118 -2.54 14.29 -10.13
CA CYS D 118 -3.09 13.08 -10.70
C CYS D 118 -3.18 12.04 -9.60
N ASP D 119 -3.85 10.92 -9.87
CA ASP D 119 -3.99 9.87 -8.87
C ASP D 119 -2.72 9.04 -8.79
N ASN D 120 -2.51 8.24 -9.82
CA ASN D 120 -1.35 7.37 -9.88
C ASN D 120 -0.14 8.04 -10.53
N MET D 121 1.03 7.56 -10.10
CA MET D 121 2.32 8.05 -10.56
C MET D 121 2.36 8.12 -12.07
N ASP D 122 1.95 7.02 -12.71
CA ASP D 122 1.98 6.95 -14.16
C ASP D 122 1.35 8.12 -14.87
N GLN D 123 0.15 8.51 -14.47
CA GLN D 123 -0.53 9.65 -15.10
C GLN D 123 0.41 10.84 -15.04
N ALA D 124 1.01 11.02 -13.86
CA ALA D 124 1.93 12.11 -13.67
C ALA D 124 3.04 12.02 -14.70
N ILE D 125 3.71 10.87 -14.74
CA ILE D 125 4.80 10.67 -15.69
C ILE D 125 4.41 11.23 -17.04
N ASN D 126 3.16 11.05 -17.41
CA ASN D 126 2.69 11.52 -18.69
C ASN D 126 2.55 12.99 -18.79
N ARG D 127 2.23 13.65 -17.68
CA ARG D 127 2.12 15.09 -17.70
C ARG D 127 3.50 15.70 -17.67
N ALA D 128 4.48 14.92 -17.23
CA ALA D 128 5.85 15.40 -17.15
C ALA D 128 6.64 15.03 -18.41
N GLY D 129 6.11 15.35 -19.58
CA GLY D 129 6.80 15.03 -20.82
C GLY D 129 6.42 13.69 -21.46
N GLY D 130 5.25 13.18 -21.10
CA GLY D 130 4.76 11.92 -21.65
C GLY D 130 3.78 12.25 -22.74
N LYS D 131 2.88 11.34 -23.06
CA LYS D 131 1.92 11.64 -24.13
C LYS D 131 0.91 12.70 -23.70
N ALA D 132 1.04 13.19 -22.48
CA ALA D 132 0.14 14.19 -21.96
C ALA D 132 0.79 15.54 -22.00
N GLY D 133 1.97 15.60 -22.61
CA GLY D 133 2.69 16.86 -22.68
C GLY D 133 3.55 17.06 -21.44
N ASN D 134 3.87 18.32 -21.15
CA ASN D 134 4.70 18.62 -20.00
C ASN D 134 4.18 19.85 -19.30
N LYS D 135 3.53 19.64 -18.16
CA LYS D 135 2.98 20.76 -17.42
C LYS D 135 4.06 21.78 -17.14
N GLY D 136 5.24 21.30 -16.72
CA GLY D 136 6.33 22.20 -16.41
C GLY D 136 6.50 23.24 -17.51
N ALA D 137 6.80 22.74 -18.70
CA ALA D 137 6.98 23.61 -19.85
C ALA D 137 5.76 24.52 -20.03
N GLU D 138 4.58 23.93 -20.05
CA GLU D 138 3.37 24.70 -20.22
C GLU D 138 3.33 25.84 -19.25
N SER D 139 3.61 25.52 -17.99
CA SER D 139 3.59 26.51 -16.96
C SER D 139 4.53 27.68 -17.28
N ALA D 140 5.75 27.35 -17.71
CA ALA D 140 6.74 28.35 -18.04
C ALA D 140 6.15 29.27 -19.09
N LEU D 141 5.74 28.68 -20.19
CA LEU D 141 5.16 29.41 -21.29
C LEU D 141 4.09 30.35 -20.74
N THR D 142 3.24 29.82 -19.89
CA THR D 142 2.19 30.63 -19.31
C THR D 142 2.76 31.80 -18.53
N ALA D 143 3.78 31.52 -17.72
CA ALA D 143 4.41 32.55 -16.93
C ALA D 143 4.73 33.71 -17.85
N ILE D 144 5.39 33.37 -18.94
CA ILE D 144 5.76 34.34 -19.95
C ILE D 144 4.54 35.15 -20.34
N GLU D 145 3.59 34.47 -20.96
CA GLU D 145 2.38 35.16 -21.41
C GLU D 145 1.77 36.09 -20.39
N MET D 146 1.66 35.60 -19.16
CA MET D 146 1.06 36.40 -18.11
C MET D 146 1.86 37.66 -17.83
N ALA D 147 3.16 37.48 -17.63
CA ALA D 147 4.07 38.58 -17.37
C ALA D 147 3.83 39.61 -18.47
N SER D 148 4.11 39.19 -19.70
CA SER D 148 3.93 40.03 -20.86
C SER D 148 2.58 40.74 -20.83
N LEU D 149 1.51 39.98 -20.60
CA LEU D 149 0.16 40.55 -20.57
C LEU D 149 0.13 41.75 -19.64
N PHE D 150 0.71 41.56 -18.47
CA PHE D 150 0.75 42.61 -17.50
C PHE D 150 1.41 43.92 -17.95
N GLU D 151 2.39 43.82 -18.84
CA GLU D 151 3.07 45.02 -19.38
C GLU D 151 2.72 45.11 -20.85
N HIS D 152 1.49 45.51 -21.10
CA HIS D 152 0.96 45.63 -22.44
C HIS D 152 -0.47 45.99 -22.14
N HIS D 153 -1.00 45.33 -21.13
CA HIS D 153 -2.34 45.63 -20.73
C HIS D 153 -2.18 46.56 -19.56
N LEU D 154 -1.41 46.12 -18.57
CA LEU D 154 -1.17 46.89 -17.34
C LEU D 154 -2.48 47.25 -16.63
N LYS D 155 -3.25 48.13 -17.28
CA LYS D 155 -4.57 48.63 -16.80
C LYS D 155 -5.78 48.07 -17.62
N MET E 1 -40.15 47.21 1.25
CA MET E 1 -40.52 46.81 -0.13
C MET E 1 -40.30 47.92 -1.16
N ASN E 2 -39.11 47.94 -1.74
CA ASN E 2 -38.70 48.88 -2.79
C ASN E 2 -37.72 48.04 -3.60
N GLU E 3 -38.23 47.46 -4.66
CA GLU E 3 -37.41 46.59 -5.46
C GLU E 3 -36.27 47.28 -6.16
N LEU E 4 -35.09 47.17 -5.55
CA LEU E 4 -33.92 47.77 -6.16
C LEU E 4 -33.33 46.75 -7.11
N GLU E 5 -33.73 46.82 -8.38
CA GLU E 5 -33.23 45.89 -9.37
C GLU E 5 -32.37 46.64 -10.36
N GLY E 6 -31.43 45.94 -10.99
CA GLY E 6 -30.58 46.59 -11.97
C GLY E 6 -31.37 46.85 -13.24
N TYR E 7 -30.74 47.51 -14.21
CA TYR E 7 -31.39 47.84 -15.49
C TYR E 7 -30.60 47.28 -16.64
N VAL E 8 -31.27 46.51 -17.47
CA VAL E 8 -30.59 45.94 -18.60
C VAL E 8 -30.63 46.91 -19.81
N THR E 9 -31.56 47.87 -19.76
CA THR E 9 -31.72 48.83 -20.85
C THR E 9 -30.67 49.93 -20.90
N LYS E 10 -30.24 50.42 -19.73
CA LYS E 10 -29.25 51.50 -19.69
C LYS E 10 -27.76 51.03 -19.82
N ALA E 11 -27.50 50.16 -20.78
CA ALA E 11 -26.14 49.64 -21.00
C ALA E 11 -25.07 50.63 -21.51
N GLN E 12 -25.07 50.85 -22.83
CA GLN E 12 -24.14 51.72 -23.59
C GLN E 12 -23.15 52.61 -22.84
N SER E 13 -23.65 53.34 -21.85
CA SER E 13 -22.84 54.24 -21.06
C SER E 13 -21.75 53.55 -20.26
N PHE E 14 -21.90 52.26 -19.99
CA PHE E 14 -20.93 51.55 -19.18
C PHE E 14 -19.72 50.99 -19.89
N ARG E 15 -18.74 50.61 -19.08
CA ARG E 15 -17.47 50.05 -19.54
C ARG E 15 -17.27 48.68 -18.91
N PHE E 16 -17.08 47.67 -19.74
CA PHE E 16 -16.90 46.32 -19.26
C PHE E 16 -15.64 45.69 -19.79
N ALA E 17 -15.28 44.58 -19.19
CA ALA E 17 -14.11 43.84 -19.59
C ALA E 17 -14.40 42.35 -19.45
N ILE E 18 -14.01 41.59 -20.47
CA ILE E 18 -14.18 40.15 -20.49
C ILE E 18 -12.79 39.59 -20.30
N VAL E 19 -12.68 38.52 -19.55
CA VAL E 19 -11.39 37.88 -19.34
C VAL E 19 -11.66 36.45 -19.69
N VAL E 20 -10.96 35.90 -20.67
CA VAL E 20 -11.19 34.50 -21.06
C VAL E 20 -9.94 33.66 -21.06
N ALA E 21 -10.10 32.42 -20.63
CA ALA E 21 -8.97 31.51 -20.61
C ALA E 21 -8.93 30.82 -21.95
N ARG E 22 -7.73 30.62 -22.46
CA ARG E 22 -7.54 29.99 -23.76
C ARG E 22 -7.85 28.50 -23.71
N PHE E 23 -7.63 27.91 -22.55
CA PHE E 23 -7.87 26.48 -22.37
C PHE E 23 -9.29 26.10 -22.80
N ASN E 24 -9.42 25.01 -23.55
CA ASN E 24 -10.72 24.58 -24.03
C ASN E 24 -11.31 25.63 -24.94
N GLU E 25 -10.40 26.28 -25.60
CA GLU E 25 -10.69 27.34 -26.53
C GLU E 25 -11.92 27.02 -27.36
N PHE E 26 -12.00 25.79 -27.83
CA PHE E 26 -13.10 25.37 -28.67
C PHE E 26 -14.42 25.86 -28.13
N VAL E 27 -14.50 25.92 -26.81
CA VAL E 27 -15.71 26.36 -26.17
C VAL E 27 -15.60 27.80 -25.74
N THR E 28 -14.53 28.12 -25.03
CA THR E 28 -14.34 29.47 -24.56
C THR E 28 -14.50 30.53 -25.63
N ARG E 29 -13.89 30.33 -26.80
CA ARG E 29 -13.97 31.29 -27.90
C ARG E 29 -15.43 31.62 -28.06
N ARG E 30 -16.22 30.58 -28.27
CA ARG E 30 -17.67 30.70 -28.44
C ARG E 30 -18.28 31.49 -27.29
N LEU E 31 -17.99 31.00 -26.10
CA LEU E 31 -18.48 31.58 -24.87
C LEU E 31 -18.29 33.08 -24.94
N MET E 32 -17.08 33.48 -25.24
CA MET E 32 -16.71 34.86 -25.33
C MET E 32 -17.49 35.56 -26.40
N GLU E 33 -17.41 35.02 -27.61
CA GLU E 33 -18.14 35.60 -28.71
C GLU E 33 -19.56 35.90 -28.26
N GLY E 34 -20.10 34.98 -27.49
CA GLY E 34 -21.45 35.12 -27.00
C GLY E 34 -21.62 36.35 -26.15
N ALA E 35 -20.80 36.44 -25.11
CA ALA E 35 -20.83 37.56 -24.20
C ALA E 35 -20.73 38.86 -25.00
N LEU E 36 -19.72 38.88 -25.86
CA LEU E 36 -19.48 40.03 -26.70
C LEU E 36 -20.74 40.43 -27.40
N ASP E 37 -21.24 39.52 -28.22
CA ASP E 37 -22.45 39.77 -28.96
C ASP E 37 -23.52 40.38 -28.07
N THR E 38 -23.84 39.70 -26.97
CA THR E 38 -24.86 40.19 -26.07
C THR E 38 -24.66 41.65 -25.72
N PHE E 39 -23.43 42.04 -25.43
CA PHE E 39 -23.14 43.43 -25.08
C PHE E 39 -23.66 44.34 -26.17
N LYS E 40 -23.17 44.12 -27.38
CA LYS E 40 -23.60 44.93 -28.48
C LYS E 40 -25.11 44.85 -28.61
N LYS E 41 -25.63 43.64 -28.54
CA LYS E 41 -27.06 43.40 -28.66
C LYS E 41 -27.78 44.31 -27.66
N TYR E 42 -27.14 44.55 -26.54
CA TYR E 42 -27.74 45.41 -25.53
C TYR E 42 -27.25 46.84 -25.60
N SER E 43 -27.14 47.31 -26.84
CA SER E 43 -26.73 48.68 -27.15
C SER E 43 -25.44 49.24 -26.52
N VAL E 44 -24.73 48.43 -25.74
CA VAL E 44 -23.54 48.95 -25.09
C VAL E 44 -22.42 49.24 -26.08
N ASN E 45 -21.75 50.36 -25.85
CA ASN E 45 -20.62 50.70 -26.67
C ASN E 45 -19.52 51.62 -26.10
N GLU E 46 -18.40 50.94 -25.87
CA GLU E 46 -17.16 51.51 -25.36
C GLU E 46 -16.16 50.40 -25.73
N ASP E 47 -16.52 49.68 -26.80
CA ASP E 47 -15.72 48.60 -27.35
C ASP E 47 -14.99 47.63 -26.36
N ILE E 48 -15.73 47.12 -25.35
CA ILE E 48 -15.23 46.19 -24.31
C ILE E 48 -13.87 45.49 -24.51
N ASP E 49 -13.04 45.56 -23.49
CA ASP E 49 -11.74 44.95 -23.52
C ASP E 49 -11.85 43.47 -23.24
N VAL E 50 -11.21 42.66 -24.04
CA VAL E 50 -11.22 41.21 -23.83
C VAL E 50 -9.79 40.83 -23.53
N VAL E 51 -9.58 40.30 -22.33
CA VAL E 51 -8.25 39.90 -21.91
C VAL E 51 -8.09 38.40 -21.94
N TRP E 52 -7.11 37.93 -22.69
CA TRP E 52 -6.85 36.49 -22.80
C TRP E 52 -5.86 36.03 -21.79
N VAL E 53 -6.18 34.98 -21.05
CA VAL E 53 -5.25 34.38 -20.11
C VAL E 53 -5.23 32.93 -20.52
N PRO E 54 -4.10 32.27 -20.39
CA PRO E 54 -4.06 30.86 -20.78
C PRO E 54 -5.03 29.93 -20.06
N GLY E 55 -5.06 30.00 -18.73
CA GLY E 55 -5.96 29.12 -18.00
C GLY E 55 -6.88 29.77 -16.98
N ALA E 56 -7.95 29.06 -16.65
CA ALA E 56 -8.92 29.55 -15.70
C ALA E 56 -8.33 29.98 -14.37
N TYR E 57 -7.27 29.31 -13.97
CA TYR E 57 -6.61 29.66 -12.72
C TYR E 57 -6.29 31.14 -12.74
N GLU E 58 -5.77 31.58 -13.86
CA GLU E 58 -5.38 32.95 -14.08
C GLU E 58 -6.46 33.97 -13.85
N LEU E 59 -7.68 33.63 -14.20
CA LEU E 59 -8.79 34.56 -14.03
C LEU E 59 -8.69 35.40 -12.77
N GLY E 60 -8.45 34.75 -11.64
CA GLY E 60 -8.32 35.47 -10.39
C GLY E 60 -7.60 36.81 -10.43
N VAL E 61 -6.27 36.74 -10.48
CA VAL E 61 -5.46 37.94 -10.50
C VAL E 61 -5.81 38.87 -11.64
N THR E 62 -5.98 38.30 -12.81
CA THR E 62 -6.29 39.11 -13.95
C THR E 62 -7.47 39.98 -13.66
N ALA E 63 -8.55 39.36 -13.20
CA ALA E 63 -9.74 40.14 -12.89
C ALA E 63 -9.32 41.14 -11.82
N GLN E 64 -8.72 40.61 -10.75
CA GLN E 64 -8.23 41.40 -9.63
C GLN E 64 -7.72 42.72 -10.15
N ALA E 65 -6.76 42.64 -11.06
CA ALA E 65 -6.17 43.81 -11.64
C ALA E 65 -7.23 44.69 -12.28
N LEU E 66 -7.79 44.21 -13.38
CA LEU E 66 -8.80 44.95 -14.12
C LEU E 66 -9.79 45.63 -13.21
N GLY E 67 -10.19 44.90 -12.18
CA GLY E 67 -11.15 45.42 -11.23
C GLY E 67 -10.59 46.63 -10.52
N LYS E 68 -9.41 46.47 -9.94
CA LYS E 68 -8.78 47.56 -9.22
C LYS E 68 -8.40 48.75 -10.11
N SER E 69 -8.30 48.55 -11.42
CA SER E 69 -7.98 49.65 -12.32
C SER E 69 -9.14 50.67 -12.35
N GLY E 70 -10.25 50.33 -11.69
CA GLY E 70 -11.40 51.22 -11.65
C GLY E 70 -11.93 51.67 -13.01
N LYS E 71 -11.36 51.09 -14.06
CA LYS E 71 -11.74 51.44 -15.42
C LYS E 71 -13.09 50.83 -15.85
N TYR E 72 -13.40 49.63 -15.36
CA TYR E 72 -14.63 48.96 -15.77
C TYR E 72 -15.65 48.93 -14.64
N HIS E 73 -16.91 48.73 -14.99
CA HIS E 73 -18.00 48.66 -14.01
C HIS E 73 -18.30 47.22 -13.60
N ALA E 74 -17.95 46.32 -14.50
CA ALA E 74 -18.15 44.90 -14.29
C ALA E 74 -17.23 44.16 -15.26
N ILE E 75 -16.62 43.10 -14.75
CA ILE E 75 -15.75 42.27 -15.55
C ILE E 75 -16.36 40.89 -15.51
N VAL E 76 -16.43 40.28 -16.67
CA VAL E 76 -17.00 38.97 -16.80
C VAL E 76 -15.85 38.04 -17.11
N CYS E 77 -15.75 36.97 -16.35
CA CYS E 77 -14.69 36.00 -16.55
C CYS E 77 -15.26 34.75 -17.15
N LEU E 78 -14.66 34.33 -18.26
CA LEU E 78 -15.10 33.15 -18.95
C LEU E 78 -14.01 32.12 -18.98
N GLY E 79 -14.45 30.87 -18.91
CA GLY E 79 -13.52 29.78 -18.94
C GLY E 79 -14.34 28.53 -18.89
N ALA E 80 -13.69 27.39 -19.09
CA ALA E 80 -14.39 26.13 -19.04
C ALA E 80 -13.40 25.09 -18.61
N VAL E 81 -13.73 24.37 -17.55
CA VAL E 81 -12.87 23.32 -17.06
C VAL E 81 -13.71 22.06 -17.00
N VAL E 82 -13.51 21.19 -18.00
CA VAL E 82 -14.23 19.93 -18.09
C VAL E 82 -13.56 18.89 -17.24
N LYS E 83 -14.36 18.13 -16.50
CA LYS E 83 -13.85 17.07 -15.64
C LYS E 83 -13.26 16.01 -16.56
N GLY E 84 -12.01 16.26 -16.96
CA GLY E 84 -11.28 15.35 -17.83
C GLY E 84 -10.87 14.05 -17.12
N ASP E 85 -10.06 14.18 -16.07
CA ASP E 85 -9.57 13.02 -15.33
C ASP E 85 -9.52 13.17 -13.79
N THR E 86 -8.34 13.60 -13.31
CA THR E 86 -8.00 13.76 -11.88
C THR E 86 -8.67 14.91 -11.08
N SER E 87 -8.40 14.93 -9.76
CA SER E 87 -8.94 15.99 -8.90
C SER E 87 -8.41 17.35 -9.37
N HIS E 88 -7.42 17.32 -10.29
CA HIS E 88 -6.84 18.54 -10.88
C HIS E 88 -8.00 19.44 -11.25
N TYR E 89 -9.03 18.78 -11.79
CA TYR E 89 -10.27 19.42 -12.13
C TYR E 89 -10.64 20.29 -10.92
N ASP E 90 -10.88 19.65 -9.79
CA ASP E 90 -11.25 20.34 -8.55
C ASP E 90 -10.32 21.51 -8.29
N ALA E 91 -9.04 21.19 -8.16
CA ALA E 91 -8.01 22.19 -7.90
C ALA E 91 -8.30 23.44 -8.68
N VAL E 92 -8.27 23.32 -9.98
CA VAL E 92 -8.53 24.43 -10.86
C VAL E 92 -9.85 25.04 -10.53
N VAL E 93 -10.90 24.27 -10.71
CA VAL E 93 -12.25 24.73 -10.46
C VAL E 93 -12.36 25.57 -9.21
N ASN E 94 -11.79 25.11 -8.12
CA ASN E 94 -11.86 25.86 -6.89
C ASN E 94 -11.16 27.18 -7.05
N SER E 95 -9.88 27.10 -7.37
CA SER E 95 -9.09 28.30 -7.54
C SER E 95 -9.79 29.26 -8.47
N ALA E 96 -10.27 28.77 -9.60
CA ALA E 96 -10.97 29.60 -10.54
C ALA E 96 -12.08 30.30 -9.78
N SER E 97 -13.04 29.52 -9.32
CA SER E 97 -14.17 30.07 -8.58
C SER E 97 -13.73 31.05 -7.50
N SER E 98 -12.95 30.56 -6.56
CA SER E 98 -12.45 31.36 -5.47
C SER E 98 -11.85 32.68 -5.95
N GLY E 99 -10.98 32.59 -6.96
CA GLY E 99 -10.33 33.75 -7.50
C GLY E 99 -11.34 34.78 -7.88
N VAL E 100 -12.25 34.42 -8.78
CA VAL E 100 -13.28 35.34 -9.25
C VAL E 100 -14.05 35.93 -8.09
N LEU E 101 -14.31 35.10 -7.09
CA LEU E 101 -15.03 35.58 -5.95
C LEU E 101 -14.17 36.68 -5.34
N SER E 102 -13.02 36.30 -4.80
CA SER E 102 -12.11 37.25 -4.18
C SER E 102 -11.98 38.53 -4.97
N ALA E 103 -11.77 38.39 -6.26
CA ALA E 103 -11.64 39.56 -7.13
C ALA E 103 -12.84 40.49 -6.89
N GLY E 104 -14.02 40.00 -7.20
CA GLY E 104 -15.21 40.79 -7.01
C GLY E 104 -15.26 41.46 -5.65
N LEU E 105 -15.04 40.69 -4.60
CA LEU E 105 -15.09 41.23 -3.25
C LEU E 105 -14.04 42.31 -3.02
N ASN E 106 -12.79 41.97 -3.25
CA ASN E 106 -11.69 42.90 -3.05
C ASN E 106 -11.81 44.16 -3.90
N SER E 107 -12.18 43.99 -5.15
CA SER E 107 -12.29 45.10 -6.05
C SER E 107 -13.57 45.86 -5.78
N GLY E 108 -14.55 45.19 -5.19
CA GLY E 108 -15.81 45.84 -4.98
C GLY E 108 -16.47 45.99 -6.34
N VAL E 109 -15.93 45.31 -7.33
CA VAL E 109 -16.48 45.36 -8.67
C VAL E 109 -17.03 44.00 -9.05
N PRO E 110 -18.25 43.96 -9.58
CA PRO E 110 -18.85 42.69 -9.96
C PRO E 110 -18.00 41.97 -10.99
N CYS E 111 -17.62 40.75 -10.65
CA CYS E 111 -16.85 39.90 -11.52
C CYS E 111 -17.74 38.70 -11.71
N VAL E 112 -18.18 38.53 -12.95
CA VAL E 112 -19.08 37.45 -13.31
C VAL E 112 -18.36 36.13 -13.52
N PHE E 113 -18.81 35.11 -12.81
CA PHE E 113 -18.25 33.80 -12.90
C PHE E 113 -18.91 33.10 -14.08
N GLY E 114 -18.40 33.35 -15.27
CA GLY E 114 -18.94 32.71 -16.45
C GLY E 114 -18.03 31.59 -16.87
N VAL E 115 -17.77 30.65 -15.98
CA VAL E 115 -16.92 29.55 -16.32
C VAL E 115 -17.64 28.22 -16.13
N LEU E 116 -17.60 27.41 -17.16
CA LEU E 116 -18.26 26.14 -17.16
C LEU E 116 -17.49 25.16 -16.38
N THR E 117 -18.21 24.33 -15.65
CA THR E 117 -17.56 23.32 -14.84
C THR E 117 -18.32 22.02 -15.00
N CYS E 118 -18.61 21.68 -16.24
CA CYS E 118 -19.32 20.45 -16.51
C CYS E 118 -18.33 19.30 -16.54
N ASP E 119 -18.81 18.06 -16.60
CA ASP E 119 -17.91 16.91 -16.63
C ASP E 119 -17.35 16.70 -18.03
N ASN E 120 -18.22 16.25 -18.93
CA ASN E 120 -17.82 15.98 -20.31
C ASN E 120 -17.96 17.20 -21.21
N MET E 121 -17.12 17.20 -22.24
CA MET E 121 -17.08 18.24 -23.25
C MET E 121 -18.47 18.56 -23.78
N ASP E 122 -19.19 17.52 -24.16
CA ASP E 122 -20.51 17.70 -24.69
C ASP E 122 -21.44 18.61 -23.87
N GLN E 123 -21.54 18.37 -22.58
CA GLN E 123 -22.39 19.19 -21.71
C GLN E 123 -22.00 20.64 -21.92
N ALA E 124 -20.70 20.87 -21.94
CA ALA E 124 -20.17 22.20 -22.14
C ALA E 124 -20.70 22.75 -23.44
N ILE E 125 -20.47 22.02 -24.52
CA ILE E 125 -20.92 22.46 -25.82
C ILE E 125 -22.32 23.00 -25.71
N ASN E 126 -23.12 22.37 -24.88
CA ASN E 126 -24.49 22.81 -24.72
C ASN E 126 -24.66 24.11 -23.98
N ARG E 127 -23.80 24.36 -23.02
CA ARG E 127 -23.89 25.60 -22.28
C ARG E 127 -23.34 26.74 -23.13
N ALA E 128 -22.57 26.39 -24.15
CA ALA E 128 -21.98 27.38 -25.02
C ALA E 128 -22.83 27.57 -26.26
N GLY E 129 -24.11 27.82 -26.07
CA GLY E 129 -24.96 28.02 -27.22
C GLY E 129 -25.68 26.79 -27.74
N GLY E 130 -25.80 25.80 -26.86
CA GLY E 130 -26.50 24.57 -27.23
C GLY E 130 -27.90 24.63 -26.64
N LYS E 131 -28.52 23.47 -26.43
CA LYS E 131 -29.85 23.47 -25.88
C LYS E 131 -29.84 23.89 -24.42
N ALA E 132 -28.67 24.20 -23.90
CA ALA E 132 -28.54 24.63 -22.52
C ALA E 132 -28.32 26.13 -22.46
N GLY E 133 -28.45 26.77 -23.60
CA GLY E 133 -28.27 28.21 -23.65
C GLY E 133 -26.80 28.54 -23.83
N ASN E 134 -26.42 29.73 -23.41
CA ASN E 134 -25.04 30.17 -23.56
C ASN E 134 -24.58 30.91 -22.34
N LYS E 135 -23.76 30.27 -21.52
CA LYS E 135 -23.32 30.93 -20.32
C LYS E 135 -22.66 32.25 -20.64
N GLY E 136 -21.84 32.26 -21.67
CA GLY E 136 -21.16 33.49 -22.05
C GLY E 136 -22.13 34.65 -22.10
N ALA E 137 -23.12 34.54 -22.97
CA ALA E 137 -24.12 35.58 -23.12
C ALA E 137 -24.77 35.93 -21.78
N GLU E 138 -25.23 34.91 -21.07
CA GLU E 138 -25.86 35.11 -19.78
C GLU E 138 -24.97 35.95 -18.90
N SER E 139 -23.71 35.58 -18.84
CA SER E 139 -22.75 36.27 -18.01
C SER E 139 -22.70 37.75 -18.37
N ALA E 140 -22.65 38.05 -19.67
CA ALA E 140 -22.61 39.42 -20.13
C ALA E 140 -23.82 40.15 -19.58
N LEU E 141 -24.99 39.63 -19.91
CA LEU E 141 -26.23 40.21 -19.46
C LEU E 141 -26.14 40.49 -17.98
N THR E 142 -25.68 39.51 -17.23
CA THR E 142 -25.57 39.69 -15.80
C THR E 142 -24.64 40.85 -15.46
N ALA E 143 -23.50 40.92 -16.15
CA ALA E 143 -22.52 41.96 -15.93
C ALA E 143 -23.27 43.27 -15.99
N ILE E 144 -24.03 43.44 -17.06
CA ILE E 144 -24.81 44.63 -17.25
C ILE E 144 -25.64 44.89 -16.03
N GLU E 145 -26.57 43.99 -15.75
CA GLU E 145 -27.46 44.16 -14.61
C GLU E 145 -26.73 44.54 -13.33
N MET E 146 -25.65 43.86 -13.04
CA MET E 146 -24.92 44.15 -11.83
C MET E 146 -24.37 45.58 -11.81
N ALA E 147 -23.72 45.95 -12.90
CA ALA E 147 -23.15 47.27 -13.04
C ALA E 147 -24.25 48.25 -12.75
N SER E 148 -25.28 48.20 -13.58
CA SER E 148 -26.43 49.07 -13.44
C SER E 148 -26.95 49.12 -12.00
N LEU E 149 -27.12 47.95 -11.40
CA LEU E 149 -27.60 47.87 -10.03
C LEU E 149 -26.76 48.77 -9.14
N PHE E 150 -25.45 48.65 -9.31
CA PHE E 150 -24.53 49.44 -8.52
C PHE E 150 -24.72 50.94 -8.64
N GLU E 151 -25.19 51.42 -9.79
CA GLU E 151 -25.45 52.85 -10.00
C GLU E 151 -26.96 53.04 -10.17
N HIS E 152 -27.65 52.91 -9.05
CA HIS E 152 -29.08 53.03 -9.00
C HIS E 152 -29.35 52.67 -7.56
N HIS E 153 -28.60 51.69 -7.09
CA HIS E 153 -28.75 51.31 -5.71
C HIS E 153 -27.61 52.02 -5.01
N LEU E 154 -26.38 51.81 -5.50
CA LEU E 154 -25.18 52.39 -4.92
C LEU E 154 -25.02 52.03 -3.45
N LYS E 155 -25.93 52.58 -2.63
CA LYS E 155 -26.01 52.39 -1.17
C LYS E 155 -27.22 51.51 -0.71
N MET F 1 32.10 -18.10 -48.07
CA MET F 1 32.28 -17.98 -46.61
C MET F 1 33.44 -17.05 -46.24
N ASN F 2 33.11 -15.78 -46.08
CA ASN F 2 34.06 -14.74 -45.67
C ASN F 2 33.16 -13.76 -44.91
N GLU F 3 33.15 -13.93 -43.60
CA GLU F 3 32.30 -13.11 -42.76
C GLU F 3 32.65 -11.63 -42.76
N LEU F 4 31.92 -10.89 -43.58
CA LEU F 4 32.12 -9.47 -43.64
C LEU F 4 31.25 -8.84 -42.57
N GLU F 5 31.82 -8.67 -41.40
CA GLU F 5 31.10 -8.09 -40.28
C GLU F 5 31.68 -6.70 -40.01
N GLY F 6 30.86 -5.80 -39.44
CA GLY F 6 31.35 -4.47 -39.10
C GLY F 6 32.28 -4.56 -37.88
N TYR F 7 32.87 -3.43 -37.49
CA TYR F 7 33.77 -3.40 -36.33
C TYR F 7 33.27 -2.40 -35.33
N VAL F 8 33.13 -2.84 -34.09
CA VAL F 8 32.64 -1.93 -33.08
C VAL F 8 33.84 -1.20 -32.43
N THR F 9 35.04 -1.75 -32.63
CA THR F 9 36.24 -1.18 -32.04
C THR F 9 36.79 0.05 -32.73
N LYS F 10 36.70 0.10 -34.05
CA LYS F 10 37.22 1.23 -34.79
C LYS F 10 36.27 2.44 -34.92
N ALA F 11 35.67 2.83 -33.80
CA ALA F 11 34.73 3.95 -33.79
C ALA F 11 35.29 5.37 -34.06
N GLN F 12 35.84 5.96 -33.01
CA GLN F 12 36.42 7.33 -32.98
C GLN F 12 36.53 8.12 -34.28
N SER F 13 37.08 7.47 -35.29
CA SER F 13 37.30 8.08 -36.59
C SER F 13 36.04 8.51 -37.32
N PHE F 14 34.91 7.91 -36.96
CA PHE F 14 33.68 8.22 -37.63
C PHE F 14 32.88 9.39 -37.13
N ARG F 15 31.94 9.83 -37.96
CA ARG F 15 31.07 10.96 -37.68
C ARG F 15 29.63 10.48 -37.71
N PHE F 16 28.90 10.71 -36.63
CA PHE F 16 27.51 10.30 -36.52
C PHE F 16 26.58 11.45 -36.15
N ALA F 17 25.29 11.20 -36.31
CA ALA F 17 24.29 12.18 -35.98
C ALA F 17 23.09 11.45 -35.41
N ILE F 18 22.56 12.01 -34.34
CA ILE F 18 21.40 11.47 -33.66
C ILE F 18 20.29 12.43 -33.98
N VAL F 19 19.10 11.91 -34.22
CA VAL F 19 17.96 12.76 -34.48
C VAL F 19 16.92 12.28 -33.52
N VAL F 20 16.44 13.15 -32.64
CA VAL F 20 15.44 12.73 -31.67
C VAL F 20 14.19 13.59 -31.68
N ALA F 21 13.04 12.94 -31.49
CA ALA F 21 11.78 13.66 -31.46
C ALA F 21 11.54 14.05 -30.02
N ARG F 22 11.04 15.25 -29.83
CA ARG F 22 10.79 15.78 -28.50
C ARG F 22 9.60 15.08 -27.83
N PHE F 23 8.65 14.61 -28.63
CA PHE F 23 7.47 13.93 -28.13
C PHE F 23 7.87 12.77 -27.21
N ASN F 24 7.19 12.66 -26.07
CA ASN F 24 7.48 11.61 -25.10
C ASN F 24 8.87 11.78 -24.59
N GLU F 25 9.26 13.04 -24.53
CA GLU F 25 10.55 13.48 -24.08
C GLU F 25 11.02 12.69 -22.89
N PHE F 26 10.12 12.44 -21.96
CA PHE F 26 10.46 11.73 -20.74
C PHE F 26 11.28 10.48 -21.03
N VAL F 27 10.98 9.88 -22.16
CA VAL F 27 11.68 8.68 -22.56
C VAL F 27 12.78 9.00 -23.56
N THR F 28 12.40 9.70 -24.63
CA THR F 28 13.35 10.06 -25.66
C THR F 28 14.65 10.67 -25.12
N ARG F 29 14.55 11.63 -24.21
CA ARG F 29 15.73 12.28 -23.62
C ARG F 29 16.66 11.17 -23.19
N ARG F 30 16.14 10.27 -22.36
CA ARG F 30 16.89 9.12 -21.85
C ARG F 30 17.50 8.33 -22.99
N LEU F 31 16.63 7.96 -23.91
CA LEU F 31 16.97 7.19 -25.07
C LEU F 31 18.21 7.78 -25.70
N MET F 32 18.13 9.08 -25.97
CA MET F 32 19.21 9.83 -26.59
C MET F 32 20.46 9.78 -25.73
N GLU F 33 20.31 10.18 -24.48
CA GLU F 33 21.41 10.18 -23.54
C GLU F 33 22.11 8.84 -23.64
N GLY F 34 21.31 7.79 -23.79
CA GLY F 34 21.88 6.47 -23.88
C GLY F 34 22.76 6.32 -25.09
N ALA F 35 22.20 6.66 -26.25
CA ALA F 35 22.93 6.56 -27.50
C ALA F 35 24.24 7.31 -27.37
N LEU F 36 24.10 8.55 -26.94
CA LEU F 36 25.23 9.43 -26.76
C LEU F 36 26.29 8.72 -25.97
N ASP F 37 25.94 8.40 -24.74
CA ASP F 37 26.87 7.72 -23.86
C ASP F 37 27.57 6.59 -24.59
N THR F 38 26.80 5.68 -25.17
CA THR F 38 27.39 4.56 -25.85
C THR F 38 28.49 4.98 -26.83
N PHE F 39 28.25 6.05 -27.56
CA PHE F 39 29.22 6.53 -28.52
C PHE F 39 30.54 6.77 -27.83
N LYS F 40 30.50 7.62 -26.84
CA LYS F 40 31.68 7.94 -26.08
C LYS F 40 32.26 6.68 -25.50
N LYS F 41 31.43 5.87 -24.87
CA LYS F 41 31.86 4.62 -24.28
C LYS F 41 32.66 3.83 -25.33
N TYR F 42 32.26 3.96 -26.59
CA TYR F 42 32.96 3.27 -27.66
C TYR F 42 33.99 4.14 -28.33
N SER F 43 34.71 4.87 -27.49
CA SER F 43 35.81 5.75 -27.90
C SER F 43 35.59 6.74 -29.05
N VAL F 44 34.38 6.79 -29.58
CA VAL F 44 34.18 7.71 -30.68
C VAL F 44 34.26 9.18 -30.27
N ASN F 45 34.89 9.98 -31.13
CA ASN F 45 34.96 11.40 -30.88
C ASN F 45 35.13 12.35 -32.07
N GLU F 46 34.03 13.06 -32.30
CA GLU F 46 33.84 14.07 -33.34
C GLU F 46 32.57 14.78 -32.84
N ASP F 47 32.41 14.72 -31.51
CA ASP F 47 31.28 15.32 -30.81
C ASP F 47 29.88 15.28 -31.49
N ILE F 48 29.45 14.08 -31.93
CA ILE F 48 28.14 13.83 -32.59
C ILE F 48 27.04 14.88 -32.49
N ASP F 49 26.47 15.20 -33.65
CA ASP F 49 25.41 16.20 -33.73
C ASP F 49 24.11 15.56 -33.32
N VAL F 50 23.36 16.25 -32.47
CA VAL F 50 22.06 15.75 -32.05
C VAL F 50 21.03 16.75 -32.57
N VAL F 51 20.14 16.28 -33.43
CA VAL F 51 19.13 17.14 -34.01
C VAL F 51 17.78 16.84 -33.40
N TRP F 52 17.18 17.87 -32.84
CA TRP F 52 15.88 17.76 -32.22
C TRP F 52 14.78 18.08 -33.19
N VAL F 53 13.80 17.20 -33.27
CA VAL F 53 12.62 17.42 -34.10
C VAL F 53 11.46 17.21 -33.15
N PRO F 54 10.37 17.96 -33.31
CA PRO F 54 9.25 17.77 -32.41
C PRO F 54 8.67 16.37 -32.39
N GLY F 55 8.34 15.81 -33.56
CA GLY F 55 7.74 14.49 -33.57
C GLY F 55 8.39 13.46 -34.47
N ALA F 56 8.15 12.20 -34.14
CA ALA F 56 8.70 11.07 -34.87
C ALA F 56 8.45 11.16 -36.36
N TYR F 57 7.33 11.74 -36.74
CA TYR F 57 6.99 11.88 -38.14
C TYR F 57 8.15 12.57 -38.85
N GLU F 58 8.63 13.61 -38.19
CA GLU F 58 9.71 14.43 -38.70
C GLU F 58 10.99 13.67 -39.04
N LEU F 59 11.30 12.66 -38.24
CA LEU F 59 12.50 11.89 -38.46
C LEU F 59 12.84 11.69 -39.94
N GLY F 60 11.85 11.26 -40.71
CA GLY F 60 12.08 11.03 -42.12
C GLY F 60 12.93 12.06 -42.84
N VAL F 61 12.35 13.20 -43.15
CA VAL F 61 13.06 14.23 -43.87
C VAL F 61 14.31 14.66 -43.16
N THR F 62 14.24 14.85 -41.86
CA THR F 62 15.39 15.29 -41.12
C THR F 62 16.56 14.38 -41.37
N ALA F 63 16.34 13.09 -41.23
CA ALA F 63 17.40 12.13 -41.47
C ALA F 63 17.79 12.34 -42.92
N GLN F 64 16.79 12.26 -43.80
CA GLN F 64 16.96 12.45 -45.25
C GLN F 64 18.04 13.47 -45.50
N ALA F 65 17.84 14.65 -44.94
CA ALA F 65 18.79 15.74 -45.08
C ALA F 65 20.17 15.34 -44.59
N LEU F 66 20.29 15.18 -43.29
CA LEU F 66 21.55 14.81 -42.67
C LEU F 66 22.29 13.76 -43.47
N GLY F 67 21.54 12.78 -43.94
CA GLY F 67 22.14 11.69 -44.70
C GLY F 67 22.75 12.21 -45.99
N LYS F 68 21.95 12.95 -46.75
CA LYS F 68 22.43 13.50 -48.01
C LYS F 68 23.55 14.51 -47.83
N SER F 69 23.69 15.09 -46.64
CA SER F 69 24.76 16.06 -46.42
C SER F 69 26.13 15.36 -46.50
N GLY F 70 26.11 14.03 -46.59
CA GLY F 70 27.34 13.26 -46.68
C GLY F 70 28.31 13.49 -45.55
N LYS F 71 27.88 14.27 -44.56
CA LYS F 71 28.74 14.59 -43.43
C LYS F 71 28.88 13.45 -42.43
N TYR F 72 27.83 12.64 -42.28
CA TYR F 72 27.88 11.54 -41.30
C TYR F 72 27.94 10.19 -41.96
N HIS F 73 28.41 9.19 -41.23
CA HIS F 73 28.52 7.81 -41.74
C HIS F 73 27.29 6.99 -41.40
N ALA F 74 26.60 7.41 -40.33
CA ALA F 74 25.40 6.74 -39.87
C ALA F 74 24.64 7.72 -38.99
N ILE F 75 23.34 7.77 -39.17
CA ILE F 75 22.48 8.63 -38.36
C ILE F 75 21.53 7.70 -37.64
N VAL F 76 21.36 7.97 -36.35
CA VAL F 76 20.49 7.16 -35.55
C VAL F 76 19.31 8.04 -35.20
N CYS F 77 18.12 7.52 -35.44
CA CYS F 77 16.91 8.26 -35.17
C CYS F 77 16.22 7.66 -33.99
N LEU F 78 15.91 8.51 -33.04
CA LEU F 78 15.28 8.08 -31.84
C LEU F 78 13.95 8.74 -31.69
N GLY F 79 13.05 8.00 -31.10
CA GLY F 79 11.72 8.51 -30.86
C GLY F 79 10.94 7.42 -30.16
N ALA F 80 9.75 7.76 -29.69
CA ALA F 80 8.93 6.79 -29.01
C ALA F 80 7.50 7.18 -29.23
N VAL F 81 6.73 6.26 -29.77
CA VAL F 81 5.34 6.51 -30.00
C VAL F 81 4.57 5.38 -29.31
N VAL F 82 4.00 5.73 -28.15
CA VAL F 82 3.22 4.80 -27.33
C VAL F 82 1.80 4.74 -27.85
N LYS F 83 1.28 3.53 -27.91
CA LYS F 83 -0.08 3.34 -28.35
C LYS F 83 -0.98 3.95 -27.29
N GLY F 84 -1.20 5.26 -27.40
CA GLY F 84 -2.05 6.00 -26.47
C GLY F 84 -3.53 5.72 -26.65
N ASP F 85 -4.05 6.00 -27.85
CA ASP F 85 -5.48 5.78 -28.14
C ASP F 85 -5.82 5.24 -29.55
N THR F 86 -6.05 6.18 -30.47
CA THR F 86 -6.45 5.92 -31.87
C THR F 86 -5.43 5.30 -32.85
N SER F 87 -5.87 5.03 -34.07
CA SER F 87 -4.97 4.48 -35.09
C SER F 87 -3.86 5.52 -35.40
N HIS F 88 -4.05 6.75 -34.89
CA HIS F 88 -3.09 7.84 -35.06
C HIS F 88 -1.72 7.22 -34.80
N TYR F 89 -1.70 6.38 -33.77
CA TYR F 89 -0.53 5.63 -33.38
C TYR F 89 0.02 5.05 -34.69
N ASP F 90 -0.76 4.18 -35.31
CA ASP F 90 -0.35 3.56 -36.55
C ASP F 90 0.20 4.58 -37.51
N ALA F 91 -0.64 5.53 -37.87
CA ALA F 91 -0.27 6.59 -38.81
C ALA F 91 1.17 7.01 -38.58
N VAL F 92 1.42 7.57 -37.42
CA VAL F 92 2.74 8.01 -37.05
C VAL F 92 3.73 6.88 -37.22
N VAL F 93 3.53 5.84 -36.45
CA VAL F 93 4.41 4.69 -36.47
C VAL F 93 4.84 4.31 -37.87
N ASN F 94 3.89 4.22 -38.77
CA ASN F 94 4.23 3.85 -40.12
C ASN F 94 5.12 4.90 -40.71
N SER F 95 4.62 6.11 -40.77
CA SER F 95 5.38 7.20 -41.34
C SER F 95 6.76 7.25 -40.76
N ALA F 96 6.84 7.15 -39.45
CA ALA F 96 8.12 7.17 -38.78
C ALA F 96 8.97 6.10 -39.40
N SER F 97 8.54 4.85 -39.22
CA SER F 97 9.29 3.74 -39.77
C SER F 97 9.64 3.93 -41.24
N SER F 98 8.63 4.09 -42.07
CA SER F 98 8.83 4.28 -43.49
C SER F 98 9.86 5.35 -43.77
N GLY F 99 9.69 6.49 -43.12
CA GLY F 99 10.61 7.61 -43.31
C GLY F 99 12.05 7.18 -43.13
N VAL F 100 12.35 6.67 -41.95
CA VAL F 100 13.70 6.23 -41.63
C VAL F 100 14.20 5.25 -42.66
N LEU F 101 13.31 4.37 -43.09
CA LEU F 101 13.70 3.41 -44.09
C LEU F 101 14.13 4.20 -45.31
N SER F 102 13.17 4.86 -45.96
CA SER F 102 13.42 5.65 -47.15
C SER F 102 14.72 6.44 -47.03
N ALA F 103 14.89 7.13 -45.91
CA ALA F 103 16.09 7.93 -45.68
C ALA F 103 17.30 7.08 -45.93
N GLY F 104 17.43 6.03 -45.14
CA GLY F 104 18.55 5.14 -45.30
C GLY F 104 18.77 4.73 -46.74
N LEU F 105 17.71 4.26 -47.39
CA LEU F 105 17.81 3.82 -48.77
C LEU F 105 18.26 4.91 -49.70
N ASN F 106 17.52 5.99 -49.71
CA ASN F 106 17.83 7.11 -50.58
C ASN F 106 19.20 7.72 -50.34
N SER F 107 19.57 7.87 -49.08
CA SER F 107 20.84 8.47 -48.74
C SER F 107 21.96 7.46 -48.92
N GLY F 108 21.63 6.18 -48.89
CA GLY F 108 22.67 5.18 -48.99
C GLY F 108 23.45 5.19 -47.69
N VAL F 109 22.90 5.90 -46.71
CA VAL F 109 23.52 6.00 -45.40
C VAL F 109 22.67 5.31 -44.37
N PRO F 110 23.27 4.45 -43.56
CA PRO F 110 22.55 3.74 -42.52
C PRO F 110 21.86 4.71 -41.57
N CYS F 111 20.54 4.57 -41.47
CA CYS F 111 19.74 5.38 -40.57
C CYS F 111 19.13 4.36 -39.65
N VAL F 112 19.52 4.43 -38.39
CA VAL F 112 19.05 3.50 -37.38
C VAL F 112 17.68 3.86 -36.85
N PHE F 113 16.77 2.87 -36.90
CA PHE F 113 15.41 3.02 -36.42
C PHE F 113 15.39 2.75 -34.93
N GLY F 114 15.73 3.76 -34.15
CA GLY F 114 15.76 3.59 -32.72
C GLY F 114 14.55 4.27 -32.15
N VAL F 115 13.38 3.84 -32.59
CA VAL F 115 12.17 4.43 -32.07
C VAL F 115 11.26 3.37 -31.50
N LEU F 116 10.82 3.64 -30.29
CA LEU F 116 9.97 2.72 -29.56
C LEU F 116 8.57 2.79 -30.06
N THR F 117 7.95 1.63 -30.15
CA THR F 117 6.59 1.56 -30.60
C THR F 117 5.84 0.60 -29.72
N CYS F 118 6.02 0.75 -28.41
CA CYS F 118 5.32 -0.10 -27.46
C CYS F 118 3.91 0.46 -27.22
N ASP F 119 3.06 -0.28 -26.52
CA ASP F 119 1.71 0.20 -26.27
C ASP F 119 1.69 1.19 -25.14
N ASN F 120 1.91 0.68 -23.93
CA ASN F 120 1.90 1.52 -22.76
C ASN F 120 3.27 2.11 -22.43
N MET F 121 3.22 3.27 -21.79
CA MET F 121 4.40 4.02 -21.36
C MET F 121 5.40 3.13 -20.65
N ASP F 122 4.90 2.37 -19.69
CA ASP F 122 5.76 1.50 -18.91
C ASP F 122 6.69 0.62 -19.73
N GLN F 123 6.14 -0.06 -20.73
CA GLN F 123 6.95 -0.94 -21.57
C GLN F 123 8.12 -0.10 -22.11
N ALA F 124 7.79 1.10 -22.55
CA ALA F 124 8.79 2.01 -23.08
C ALA F 124 9.86 2.24 -22.06
N ILE F 125 9.45 2.68 -20.87
CA ILE F 125 10.37 2.96 -19.80
C ILE F 125 11.39 1.83 -19.73
N ASN F 126 10.94 0.62 -19.93
CA ASN F 126 11.84 -0.51 -19.88
C ASN F 126 12.80 -0.60 -21.01
N ARG F 127 12.40 -0.17 -22.18
CA ARG F 127 13.29 -0.20 -23.32
C ARG F 127 14.27 0.94 -23.21
N ALA F 128 13.94 1.94 -22.40
CA ALA F 128 14.82 3.08 -22.22
C ALA F 128 15.68 2.91 -21.01
N GLY F 129 16.38 1.79 -20.91
CA GLY F 129 17.25 1.54 -19.77
C GLY F 129 16.61 0.80 -18.62
N GLY F 130 15.53 0.08 -18.91
CA GLY F 130 14.85 -0.69 -17.88
C GLY F 130 15.31 -2.13 -17.99
N LYS F 131 14.51 -3.07 -17.54
CA LYS F 131 14.90 -4.47 -17.64
C LYS F 131 14.87 -4.97 -19.07
N ALA F 132 14.50 -4.07 -19.98
CA ALA F 132 14.42 -4.41 -21.39
C ALA F 132 15.63 -3.84 -22.13
N GLY F 133 16.58 -3.29 -21.38
CA GLY F 133 17.75 -2.71 -21.99
C GLY F 133 17.50 -1.28 -22.37
N ASN F 134 18.24 -0.79 -23.35
CA ASN F 134 18.09 0.57 -23.78
C ASN F 134 18.22 0.67 -25.29
N LYS F 135 17.09 0.86 -25.97
CA LYS F 135 17.13 0.91 -27.41
C LYS F 135 18.08 1.99 -27.85
N GLY F 136 18.04 3.15 -27.19
CA GLY F 136 18.93 4.22 -27.57
C GLY F 136 20.34 3.72 -27.75
N ALA F 137 20.91 3.21 -26.67
CA ALA F 137 22.28 2.69 -26.70
C ALA F 137 22.45 1.66 -27.81
N GLU F 138 21.56 0.67 -27.86
CA GLU F 138 21.63 -0.36 -28.87
C GLU F 138 21.74 0.28 -30.25
N SER F 139 20.89 1.25 -30.49
CA SER F 139 20.87 1.93 -31.75
C SER F 139 22.22 2.53 -32.10
N ALA F 140 22.84 3.20 -31.12
CA ALA F 140 24.14 3.82 -31.30
C ALA F 140 25.13 2.76 -31.72
N LEU F 141 25.23 1.72 -30.91
CA LEU F 141 26.13 0.60 -31.17
C LEU F 141 25.93 0.15 -32.61
N THR F 142 24.68 -0.02 -32.99
CA THR F 142 24.35 -0.44 -34.34
C THR F 142 24.88 0.54 -35.36
N ALA F 143 24.65 1.82 -35.11
CA ALA F 143 25.10 2.85 -36.01
C ALA F 143 26.57 2.61 -36.29
N ILE F 144 27.33 2.44 -35.22
CA ILE F 144 28.75 2.16 -35.33
C ILE F 144 28.97 0.99 -36.27
N GLU F 145 28.51 -0.19 -35.85
CA GLU F 145 28.69 -1.38 -36.66
C GLU F 145 28.35 -1.17 -38.13
N MET F 146 27.23 -0.53 -38.40
CA MET F 146 26.87 -0.34 -39.78
C MET F 146 27.87 0.51 -40.51
N ALA F 147 28.21 1.64 -39.92
CA ALA F 147 29.16 2.56 -40.52
C ALA F 147 30.38 1.76 -40.86
N SER F 148 30.97 1.19 -39.83
CA SER F 148 32.17 0.39 -39.99
C SER F 148 32.00 -0.62 -41.11
N LEU F 149 30.89 -1.34 -41.10
CA LEU F 149 30.62 -2.35 -42.12
C LEU F 149 30.81 -1.74 -43.50
N PHE F 150 30.24 -0.57 -43.67
CA PHE F 150 30.34 0.09 -44.95
C PHE F 150 31.76 0.37 -45.43
N GLU F 151 32.69 0.60 -44.50
CA GLU F 151 34.10 0.85 -44.86
C GLU F 151 34.92 -0.33 -44.38
N HIS F 152 34.77 -1.43 -45.07
CA HIS F 152 35.46 -2.66 -44.74
C HIS F 152 34.88 -3.58 -45.76
N HIS F 153 33.59 -3.39 -45.99
CA HIS F 153 32.92 -4.19 -46.98
C HIS F 153 32.86 -3.31 -48.19
N LEU F 154 32.31 -2.11 -48.01
CA LEU F 154 32.14 -1.13 -49.09
C LEU F 154 31.36 -1.73 -50.28
N LYS F 155 31.97 -2.72 -50.95
CA LYS F 155 31.42 -3.44 -52.12
C LYS F 155 31.01 -4.92 -51.80
N MET G 1 3.53 -20.58 -74.88
CA MET G 1 3.96 -21.74 -74.05
C MET G 1 5.43 -22.14 -74.29
N ASN G 2 6.32 -21.54 -73.51
CA ASN G 2 7.74 -21.84 -73.56
C ASN G 2 8.14 -21.58 -72.10
N GLU G 3 8.21 -22.67 -71.36
CA GLU G 3 8.52 -22.55 -69.95
C GLU G 3 9.91 -22.04 -69.64
N LEU G 4 9.99 -20.75 -69.37
CA LEU G 4 11.26 -20.18 -69.03
C LEU G 4 11.44 -20.34 -67.54
N GLU G 5 12.09 -21.43 -67.15
CA GLU G 5 12.33 -21.70 -65.74
C GLU G 5 13.81 -21.57 -65.47
N GLY G 6 14.18 -21.27 -64.23
CA GLY G 6 15.59 -21.15 -63.87
C GLY G 6 16.22 -22.54 -63.77
N TYR G 7 17.53 -22.59 -63.55
CA TYR G 7 18.26 -23.86 -63.45
C TYR G 7 18.97 -23.97 -62.13
N VAL G 8 18.69 -25.05 -61.43
CA VAL G 8 19.32 -25.24 -60.14
C VAL G 8 20.66 -25.96 -60.32
N THR G 9 20.82 -26.60 -61.47
CA THR G 9 22.04 -27.35 -61.73
C THR G 9 23.26 -26.52 -62.11
N LYS G 10 23.04 -25.43 -62.85
CA LYS G 10 24.16 -24.57 -63.27
C LYS G 10 24.62 -23.50 -62.25
N ALA G 11 24.77 -23.93 -61.00
CA ALA G 11 25.16 -23.04 -59.92
C ALA G 11 26.60 -22.46 -59.97
N GLN G 12 27.56 -23.25 -59.49
CA GLN G 12 28.99 -22.93 -59.38
C GLN G 12 29.54 -21.65 -60.00
N SER G 13 29.15 -21.40 -61.24
CA SER G 13 29.60 -20.23 -61.99
C SER G 13 29.14 -18.90 -61.39
N PHE G 14 28.08 -18.93 -60.58
CA PHE G 14 27.54 -17.71 -60.00
C PHE G 14 28.15 -17.22 -58.70
N ARG G 15 27.87 -15.95 -58.43
CA ARG G 15 28.36 -15.26 -57.24
C ARG G 15 27.16 -14.77 -56.43
N PHE G 16 27.10 -15.19 -55.16
CA PHE G 16 26.00 -14.83 -54.28
C PHE G 16 26.49 -14.20 -53.00
N ALA G 17 25.54 -13.58 -52.30
CA ALA G 17 25.82 -12.95 -51.03
C ALA G 17 24.65 -13.15 -50.10
N ILE G 18 24.98 -13.50 -48.86
CA ILE G 18 23.99 -13.71 -47.83
C ILE G 18 24.12 -12.55 -46.90
N VAL G 19 23.02 -12.05 -46.41
CA VAL G 19 23.05 -10.94 -45.48
C VAL G 19 22.21 -11.45 -44.33
N VAL G 20 22.79 -11.52 -43.13
CA VAL G 20 22.02 -11.99 -41.98
C VAL G 20 22.04 -11.06 -40.82
N ALA G 21 20.90 -10.97 -40.14
CA ALA G 21 20.80 -10.11 -38.97
C ALA G 21 21.20 -10.96 -37.78
N ARG G 22 21.94 -10.33 -36.87
CA ARG G 22 22.43 -11.01 -35.67
C ARG G 22 21.29 -11.29 -34.68
N PHE G 23 20.26 -10.43 -34.70
CA PHE G 23 19.11 -10.58 -33.82
C PHE G 23 18.51 -11.97 -33.92
N ASN G 24 18.21 -12.59 -32.79
CA ASN G 24 17.66 -13.93 -32.78
C ASN G 24 18.65 -14.88 -33.40
N GLU G 25 19.90 -14.54 -33.18
CA GLU G 25 21.03 -15.30 -33.64
C GLU G 25 20.81 -16.79 -33.52
N PHE G 26 20.26 -17.21 -32.38
CA PHE G 26 20.01 -18.62 -32.12
C PHE G 26 19.40 -19.33 -33.31
N VAL G 27 18.59 -18.58 -34.03
CA VAL G 27 17.94 -19.12 -35.20
C VAL G 27 18.66 -18.71 -36.47
N THR G 28 18.88 -17.41 -36.61
CA THR G 28 19.54 -16.88 -37.78
C THR G 28 20.83 -17.62 -38.12
N ARG G 29 21.68 -17.84 -37.13
CA ARG G 29 22.95 -18.55 -37.35
C ARG G 29 22.61 -19.80 -38.14
N ARG G 30 21.71 -20.61 -37.57
CA ARG G 30 21.26 -21.83 -38.20
C ARG G 30 20.78 -21.57 -39.61
N LEU G 31 19.85 -20.63 -39.70
CA LEU G 31 19.26 -20.24 -40.96
C LEU G 31 20.36 -20.06 -42.01
N MET G 32 21.34 -19.23 -41.66
CA MET G 32 22.46 -18.92 -42.53
C MET G 32 23.24 -20.17 -42.87
N GLU G 33 23.69 -20.88 -41.85
CA GLU G 33 24.42 -22.11 -42.04
C GLU G 33 23.70 -22.95 -43.08
N GLY G 34 22.38 -22.94 -43.00
CA GLY G 34 21.58 -23.70 -43.92
C GLY G 34 21.76 -23.22 -45.34
N ALA G 35 21.56 -21.93 -45.55
CA ALA G 35 21.69 -21.35 -46.87
C ALA G 35 23.05 -21.70 -47.44
N LEU G 36 24.06 -21.44 -46.63
CA LEU G 36 25.44 -21.72 -46.97
C LEU G 36 25.56 -23.15 -47.47
N ASP G 37 25.30 -24.08 -46.58
CA ASP G 37 25.38 -25.47 -46.92
C ASP G 37 24.75 -25.73 -48.27
N THR G 38 23.49 -25.34 -48.43
CA THR G 38 22.78 -25.55 -49.67
C THR G 38 23.58 -25.11 -50.89
N PHE G 39 24.18 -23.94 -50.80
CA PHE G 39 24.99 -23.45 -51.90
C PHE G 39 26.02 -24.49 -52.29
N LYS G 40 26.85 -24.86 -51.33
CA LYS G 40 27.87 -25.84 -51.58
C LYS G 40 27.24 -27.11 -52.08
N LYS G 41 26.19 -27.56 -51.42
CA LYS G 41 25.47 -28.77 -51.80
C LYS G 41 25.11 -28.66 -53.29
N TYR G 42 24.85 -27.44 -53.75
CA TYR G 42 24.51 -27.27 -55.15
C TYR G 42 25.71 -26.84 -55.98
N SER G 43 26.84 -27.49 -55.69
CA SER G 43 28.09 -27.29 -56.40
C SER G 43 28.62 -25.87 -56.60
N VAL G 44 27.94 -24.87 -56.06
CA VAL G 44 28.41 -23.52 -56.26
C VAL G 44 29.71 -23.22 -55.53
N ASN G 45 30.58 -22.49 -56.21
CA ASN G 45 31.81 -22.09 -55.59
C ASN G 45 32.52 -20.84 -56.10
N GLU G 46 32.46 -19.84 -55.23
CA GLU G 46 33.05 -18.51 -55.37
C GLU G 46 33.00 -18.00 -53.92
N ASP G 47 33.06 -18.98 -53.00
CA ASP G 47 33.04 -18.74 -51.57
C ASP G 47 32.13 -17.59 -51.03
N ILE G 48 30.84 -17.60 -51.43
CA ILE G 48 29.82 -16.61 -51.01
C ILE G 48 30.09 -15.71 -49.80
N ASP G 49 29.87 -14.42 -50.01
CA ASP G 49 30.08 -13.43 -48.96
C ASP G 49 28.89 -13.42 -48.02
N VAL G 50 29.16 -13.44 -46.72
CA VAL G 50 28.08 -13.40 -45.75
C VAL G 50 28.27 -12.09 -45.00
N VAL G 51 27.26 -11.23 -45.08
CA VAL G 51 27.33 -9.95 -44.42
C VAL G 51 26.43 -9.92 -43.21
N TRP G 52 27.02 -9.63 -42.06
CA TRP G 52 26.30 -9.56 -40.82
C TRP G 52 25.82 -8.15 -40.53
N VAL G 53 24.54 -8.02 -40.23
CA VAL G 53 23.97 -6.74 -39.84
C VAL G 53 23.29 -7.05 -38.53
N PRO G 54 23.26 -6.08 -37.61
CA PRO G 54 22.62 -6.36 -36.32
C PRO G 54 21.14 -6.73 -36.38
N GLY G 55 20.34 -5.93 -37.07
CA GLY G 55 18.93 -6.23 -37.12
C GLY G 55 18.31 -6.31 -38.50
N ALA G 56 17.17 -6.99 -38.59
CA ALA G 56 16.47 -7.17 -39.84
C ALA G 56 16.20 -5.87 -40.58
N TYR G 57 16.00 -4.81 -39.82
CA TYR G 57 15.72 -3.52 -40.41
C TYR G 57 16.83 -3.21 -41.40
N GLU G 58 18.05 -3.47 -40.96
CA GLU G 58 19.24 -3.22 -41.74
C GLU G 58 19.29 -3.87 -43.11
N LEU G 59 18.72 -5.07 -43.19
CA LEU G 59 18.72 -5.80 -44.44
C LEU G 59 18.54 -4.88 -45.64
N GLY G 60 17.51 -4.05 -45.60
CA GLY G 60 17.26 -3.15 -46.72
C GLY G 60 18.46 -2.53 -47.38
N VAL G 61 19.04 -1.52 -46.75
CA VAL G 61 20.18 -0.83 -47.32
C VAL G 61 21.35 -1.76 -47.60
N THR G 62 21.64 -2.64 -46.67
CA THR G 62 22.75 -3.53 -46.87
C THR G 62 22.61 -4.27 -48.20
N ALA G 63 21.45 -4.84 -48.41
CA ALA G 63 21.23 -5.56 -49.65
C ALA G 63 21.40 -4.53 -50.73
N GLN G 64 20.64 -3.45 -50.61
CA GLN G 64 20.67 -2.35 -51.55
C GLN G 64 22.07 -2.18 -52.10
N ALA G 65 23.01 -2.02 -51.19
CA ALA G 65 24.41 -1.84 -51.54
C ALA G 65 24.92 -3.02 -52.34
N LEU G 66 25.05 -4.16 -51.67
CA LEU G 66 25.53 -5.37 -52.30
C LEU G 66 24.96 -5.56 -53.69
N GLY G 67 23.67 -5.28 -53.82
CA GLY G 67 22.98 -5.43 -55.10
C GLY G 67 23.56 -4.49 -56.13
N LYS G 68 23.61 -3.21 -55.79
CA LYS G 68 24.13 -2.22 -56.69
C LYS G 68 25.63 -2.42 -56.98
N SER G 69 26.35 -3.15 -56.14
CA SER G 69 27.77 -3.38 -56.42
C SER G 69 27.94 -4.25 -57.67
N GLY G 70 26.83 -4.76 -58.20
CA GLY G 70 26.87 -5.59 -59.39
C GLY G 70 27.77 -6.81 -59.29
N LYS G 71 28.30 -7.04 -58.09
CA LYS G 71 29.19 -8.15 -57.86
C LYS G 71 28.48 -9.50 -57.74
N TYR G 72 27.25 -9.50 -57.22
CA TYR G 72 26.53 -10.75 -57.05
C TYR G 72 25.35 -10.86 -57.99
N HIS G 73 24.89 -12.08 -58.22
CA HIS G 73 23.76 -12.34 -59.11
C HIS G 73 22.46 -12.41 -58.33
N ALA G 74 22.59 -12.76 -57.06
CA ALA G 74 21.45 -12.86 -56.17
C ALA G 74 21.96 -12.75 -54.74
N ILE G 75 21.23 -12.03 -53.92
CA ILE G 75 21.58 -11.88 -52.52
C ILE G 75 20.40 -12.41 -51.76
N VAL G 76 20.70 -13.21 -50.76
CA VAL G 76 19.68 -13.79 -49.95
C VAL G 76 19.78 -13.12 -48.59
N CYS G 77 18.66 -12.62 -48.10
CA CYS G 77 18.65 -11.94 -46.81
C CYS G 77 17.96 -12.81 -45.82
N LEU G 78 18.62 -13.02 -44.70
CA LEU G 78 18.11 -13.86 -43.65
C LEU G 78 17.93 -13.06 -42.41
N GLY G 79 16.89 -13.43 -41.67
CA GLY G 79 16.58 -12.78 -40.42
C GLY G 79 15.39 -13.47 -39.83
N ALA G 80 15.09 -13.13 -38.59
CA ALA G 80 13.94 -13.73 -37.93
C ALA G 80 13.42 -12.73 -36.93
N VAL G 81 12.16 -12.37 -37.06
CA VAL G 81 11.57 -11.43 -36.13
C VAL G 81 10.33 -12.12 -35.55
N VAL G 82 10.48 -12.60 -34.33
CA VAL G 82 9.41 -13.30 -33.63
C VAL G 82 8.50 -12.29 -32.98
N LYS G 83 7.20 -12.52 -33.09
CA LYS G 83 6.21 -11.63 -32.48
C LYS G 83 6.36 -11.77 -30.96
N GLY G 84 7.31 -11.01 -30.42
CA GLY G 84 7.57 -11.02 -28.99
C GLY G 84 6.48 -10.33 -28.18
N ASP G 85 6.27 -9.05 -28.43
CA ASP G 85 5.26 -8.27 -27.69
C ASP G 85 4.44 -7.26 -28.52
N THR G 86 4.96 -6.03 -28.59
CA THR G 86 4.32 -4.88 -29.28
C THR G 86 4.26 -4.86 -30.83
N SER G 87 3.59 -3.85 -31.38
CA SER G 87 3.49 -3.70 -32.84
C SER G 87 4.91 -3.51 -33.41
N HIS G 88 5.89 -3.28 -32.52
CA HIS G 88 7.29 -3.10 -32.91
C HIS G 88 7.58 -4.20 -33.91
N TYR G 89 7.04 -5.39 -33.61
CA TYR G 89 7.12 -6.56 -34.47
C TYR G 89 6.76 -6.06 -35.88
N ASP G 90 5.53 -5.59 -36.04
CA ASP G 90 5.05 -5.09 -37.32
C ASP G 90 6.05 -4.16 -37.93
N ALA G 91 6.32 -3.07 -37.21
CA ALA G 91 7.27 -2.04 -37.65
C ALA G 91 8.45 -2.68 -38.37
N VAL G 92 9.20 -3.46 -37.63
CA VAL G 92 10.37 -4.14 -38.15
C VAL G 92 9.97 -4.96 -39.34
N VAL G 93 9.09 -5.93 -39.12
CA VAL G 93 8.63 -6.81 -40.17
C VAL G 93 8.34 -6.11 -41.47
N ASN G 94 7.61 -5.02 -41.39
CA ASN G 94 7.31 -4.30 -42.59
C ASN G 94 8.58 -3.79 -43.19
N SER G 95 9.29 -2.95 -42.45
CA SER G 95 10.52 -2.38 -42.94
C SER G 95 11.41 -3.44 -43.52
N ALA G 96 11.58 -4.53 -42.80
CA ALA G 96 12.40 -5.63 -43.28
C ALA G 96 11.87 -6.02 -44.65
N SER G 97 10.65 -6.54 -44.69
CA SER G 97 10.07 -6.94 -45.95
C SER G 97 10.21 -5.88 -47.04
N SER G 98 9.66 -4.70 -46.79
CA SER G 98 9.73 -3.61 -47.74
C SER G 98 11.14 -3.37 -48.24
N GLY G 99 12.07 -3.29 -47.31
CA GLY G 99 13.45 -3.05 -47.67
C GLY G 99 13.92 -4.05 -48.72
N VAL G 100 13.87 -5.32 -48.37
CA VAL G 100 14.30 -6.38 -49.28
C VAL G 100 13.61 -6.23 -50.61
N LEU G 101 12.35 -5.87 -50.58
CA LEU G 101 11.62 -5.71 -51.81
C LEU G 101 12.33 -4.62 -52.58
N SER G 102 12.26 -3.42 -52.06
CA SER G 102 12.87 -2.26 -52.68
C SER G 102 14.25 -2.60 -53.23
N ALA G 103 15.08 -3.23 -52.41
CA ALA G 103 16.43 -3.59 -52.82
C ALA G 103 16.35 -4.31 -54.14
N GLY G 104 15.67 -5.46 -54.13
CA GLY G 104 15.52 -6.26 -55.33
C GLY G 104 15.09 -5.44 -56.53
N LEU G 105 14.05 -4.64 -56.35
CA LEU G 105 13.55 -3.82 -57.46
C LEU G 105 14.56 -2.81 -57.96
N ASN G 106 15.04 -1.98 -57.06
CA ASN G 106 16.01 -0.94 -57.40
C ASN G 106 17.29 -1.49 -57.98
N SER G 107 17.79 -2.56 -57.39
CA SER G 107 19.03 -3.16 -57.87
C SER G 107 18.82 -3.99 -59.12
N GLY G 108 17.59 -4.42 -59.34
CA GLY G 108 17.32 -5.27 -60.49
C GLY G 108 17.95 -6.62 -60.21
N VAL G 109 18.36 -6.83 -58.96
CA VAL G 109 18.98 -8.07 -58.55
C VAL G 109 18.07 -8.79 -57.57
N PRO G 110 17.85 -10.08 -57.79
CA PRO G 110 17.01 -10.86 -56.90
C PRO G 110 17.57 -10.86 -55.50
N CYS G 111 16.73 -10.40 -54.57
CA CYS G 111 17.07 -10.36 -53.16
C CYS G 111 16.02 -11.24 -52.53
N VAL G 112 16.48 -12.36 -51.99
CA VAL G 112 15.61 -13.32 -51.37
C VAL G 112 15.22 -12.96 -49.94
N PHE G 113 13.91 -12.95 -49.70
CA PHE G 113 13.34 -12.63 -48.41
C PHE G 113 13.33 -13.90 -47.58
N GLY G 114 14.46 -14.20 -46.98
CA GLY G 114 14.54 -15.38 -46.17
C GLY G 114 14.51 -14.98 -44.71
N VAL G 115 13.45 -14.27 -44.33
CA VAL G 115 13.34 -13.87 -42.95
C VAL G 115 12.06 -14.39 -42.35
N LEU G 116 12.20 -15.02 -41.20
CA LEU G 116 11.08 -15.59 -40.50
C LEU G 116 10.30 -14.52 -39.80
N THR G 117 8.99 -14.69 -39.82
CA THR G 117 8.10 -13.75 -39.18
C THR G 117 7.02 -14.53 -38.46
N CYS G 118 7.44 -15.54 -37.71
CA CYS G 118 6.50 -16.32 -36.96
C CYS G 118 6.23 -15.62 -35.64
N ASP G 119 5.26 -16.11 -34.86
CA ASP G 119 4.95 -15.47 -33.57
C ASP G 119 5.90 -15.89 -32.50
N ASN G 120 5.78 -17.14 -32.09
CA ASN G 120 6.64 -17.69 -31.05
C ASN G 120 7.93 -18.31 -31.59
N MET G 121 8.95 -18.25 -30.75
CA MET G 121 10.26 -18.78 -31.04
C MET G 121 10.20 -20.17 -31.61
N ASP G 122 9.44 -21.03 -30.94
CA ASP G 122 9.32 -22.41 -31.38
C ASP G 122 9.00 -22.58 -32.86
N GLN G 123 8.00 -21.87 -33.35
CA GLN G 123 7.60 -21.97 -34.76
C GLN G 123 8.83 -21.72 -35.60
N ALA G 124 9.58 -20.70 -35.22
CA ALA G 124 10.78 -20.32 -35.90
C ALA G 124 11.72 -21.52 -35.91
N ILE G 125 12.02 -22.04 -34.72
CA ILE G 125 12.92 -23.18 -34.62
C ILE G 125 12.59 -24.19 -35.69
N ASN G 126 11.30 -24.36 -35.96
CA ASN G 126 10.87 -25.32 -36.96
C ASN G 126 11.16 -24.94 -38.37
N ARG G 127 11.13 -23.65 -38.66
CA ARG G 127 11.43 -23.19 -39.99
C ARG G 127 12.93 -23.22 -40.21
N ALA G 128 13.67 -23.25 -39.11
CA ALA G 128 15.11 -23.27 -39.19
C ALA G 128 15.64 -24.68 -39.08
N GLY G 129 15.12 -25.58 -39.90
CA GLY G 129 15.57 -26.97 -39.88
C GLY G 129 14.76 -27.91 -38.99
N GLY G 130 13.52 -27.52 -38.72
CA GLY G 130 12.64 -28.33 -37.90
C GLY G 130 11.71 -29.07 -38.81
N LYS G 131 10.57 -29.49 -38.31
CA LYS G 131 9.64 -30.21 -39.16
C LYS G 131 9.02 -29.30 -40.20
N ALA G 132 9.41 -28.03 -40.17
CA ALA G 132 8.87 -27.07 -41.11
C ALA G 132 9.88 -26.79 -42.21
N GLY G 133 10.96 -27.56 -42.21
CA GLY G 133 11.99 -27.37 -43.21
C GLY G 133 12.99 -26.31 -42.75
N ASN G 134 13.66 -25.70 -43.71
CA ASN G 134 14.65 -24.69 -43.37
C ASN G 134 14.57 -23.54 -44.35
N LYS G 135 14.00 -22.43 -43.90
CA LYS G 135 13.87 -21.30 -44.79
C LYS G 135 15.22 -20.92 -45.36
N GLY G 136 16.25 -20.89 -44.52
CA GLY G 136 17.57 -20.51 -44.99
C GLY G 136 17.93 -21.26 -46.25
N ALA G 137 17.94 -22.58 -46.16
CA ALA G 137 18.25 -23.42 -47.32
C ALA G 137 17.36 -23.09 -48.49
N GLU G 138 16.06 -23.10 -48.25
CA GLU G 138 15.11 -22.81 -49.30
C GLU G 138 15.51 -21.51 -50.01
N SER G 139 15.78 -20.49 -49.21
CA SER G 139 16.16 -19.18 -49.73
C SER G 139 17.35 -19.29 -50.66
N ALA G 140 18.37 -20.03 -50.22
CA ALA G 140 19.57 -20.20 -51.03
C ALA G 140 19.17 -20.79 -52.38
N LEU G 141 18.50 -21.93 -52.32
CA LEU G 141 18.06 -22.61 -53.51
C LEU G 141 17.36 -21.61 -54.41
N THR G 142 16.48 -20.83 -53.83
CA THR G 142 15.75 -19.86 -54.61
C THR G 142 16.70 -18.87 -55.25
N ALA G 143 17.66 -18.39 -54.47
CA ALA G 143 18.63 -17.43 -54.98
C ALA G 143 19.19 -17.98 -56.28
N ILE G 144 19.64 -19.23 -56.21
CA ILE G 144 20.16 -19.92 -57.36
C ILE G 144 19.19 -19.81 -58.51
N GLU G 145 18.03 -20.42 -58.35
CA GLU G 145 17.05 -20.42 -59.40
C GLU G 145 16.82 -19.06 -60.01
N MET G 146 16.69 -18.06 -59.17
CA MET G 146 16.44 -16.73 -59.68
C MET G 146 17.57 -16.22 -60.54
N ALA G 147 18.78 -16.35 -60.00
CA ALA G 147 19.98 -15.91 -60.70
C ALA G 147 19.95 -16.55 -62.08
N SER G 148 19.95 -17.89 -62.06
CA SER G 148 19.91 -18.68 -63.27
C SER G 148 18.83 -18.18 -64.22
N LEU G 149 17.63 -17.99 -63.69
CA LEU G 149 16.53 -17.51 -64.50
C LEU G 149 16.92 -16.28 -65.26
N PHE G 150 17.56 -15.37 -64.55
CA PHE G 150 17.96 -14.13 -65.16
C PHE G 150 18.90 -14.28 -66.32
N GLU G 151 19.74 -15.32 -66.31
CA GLU G 151 20.68 -15.60 -67.41
C GLU G 151 20.23 -16.88 -68.13
N HIS G 152 19.15 -16.74 -68.87
CA HIS G 152 18.56 -17.84 -69.59
C HIS G 152 17.31 -17.20 -70.15
N HIS G 153 16.71 -16.37 -69.32
CA HIS G 153 15.53 -15.66 -69.76
C HIS G 153 16.07 -14.29 -70.16
N LEU G 154 16.78 -13.65 -69.22
CA LEU G 154 17.35 -12.31 -69.42
C LEU G 154 16.27 -11.29 -69.82
N LYS G 155 15.69 -11.48 -71.02
CA LYS G 155 14.64 -10.65 -71.64
C LYS G 155 13.26 -11.37 -71.71
N MET H 1 -18.17 11.96 -72.48
CA MET H 1 -18.76 10.60 -72.69
C MET H 1 -18.32 9.96 -74.01
N ASN H 2 -17.24 9.20 -73.93
CA ASN H 2 -16.68 8.45 -75.05
C ASN H 2 -16.04 7.27 -74.36
N GLU H 3 -16.80 6.19 -74.31
CA GLU H 3 -16.32 5.00 -73.62
C GLU H 3 -15.09 4.36 -74.23
N LEU H 4 -13.96 4.69 -73.65
CA LEU H 4 -12.73 4.12 -74.12
C LEU H 4 -12.56 2.79 -73.38
N GLU H 5 -13.03 1.72 -73.98
CA GLU H 5 -12.91 0.40 -73.36
C GLU H 5 -11.94 -0.42 -74.19
N GLY H 6 -11.29 -1.39 -73.55
CA GLY H 6 -10.38 -2.26 -74.29
C GLY H 6 -11.18 -3.22 -75.19
N TYR H 7 -10.47 -4.03 -75.98
CA TYR H 7 -11.12 -5.02 -76.87
C TYR H 7 -10.63 -6.40 -76.58
N VAL H 8 -11.56 -7.31 -76.33
CA VAL H 8 -11.16 -8.68 -76.03
C VAL H 8 -11.03 -9.49 -77.33
N THR H 9 -11.64 -8.97 -78.39
CA THR H 9 -11.62 -9.64 -79.67
C THR H 9 -10.31 -9.53 -80.46
N LYS H 10 -9.66 -8.37 -80.39
CA LYS H 10 -8.39 -8.16 -81.11
C LYS H 10 -7.10 -8.67 -80.41
N ALA H 11 -7.18 -9.89 -79.89
CA ALA H 11 -6.06 -10.49 -79.17
C ALA H 11 -4.80 -10.86 -80.00
N GLN H 12 -4.85 -12.04 -80.65
CA GLN H 12 -3.80 -12.64 -81.46
C GLN H 12 -2.53 -11.84 -81.76
N SER H 13 -2.72 -10.60 -82.18
CA SER H 13 -1.63 -9.71 -82.52
C SER H 13 -0.70 -9.36 -81.35
N PHE H 14 -1.18 -9.52 -80.13
CA PHE H 14 -0.39 -9.17 -78.96
C PHE H 14 0.53 -10.23 -78.39
N ARG H 15 1.45 -9.75 -77.57
CA ARG H 15 2.46 -10.58 -76.91
C ARG H 15 2.29 -10.46 -75.38
N PHE H 16 2.10 -11.60 -74.72
CA PHE H 16 1.93 -11.60 -73.27
C PHE H 16 2.91 -12.52 -72.60
N ALA H 17 2.99 -12.38 -71.28
CA ALA H 17 3.86 -13.22 -70.48
C ALA H 17 3.18 -13.50 -69.17
N ILE H 18 3.26 -14.76 -68.75
CA ILE H 18 2.67 -15.21 -67.50
C ILE H 18 3.84 -15.47 -66.60
N VAL H 19 3.70 -15.11 -65.33
CA VAL H 19 4.76 -15.35 -64.38
C VAL H 19 4.05 -16.08 -63.26
N VAL H 20 4.50 -17.28 -62.94
CA VAL H 20 3.85 -18.03 -61.88
C VAL H 20 4.80 -18.51 -60.84
N ALA H 21 4.34 -18.49 -59.58
CA ALA H 21 5.14 -18.96 -58.46
C ALA H 21 4.86 -20.45 -58.29
N ARG H 22 5.92 -21.20 -58.03
CA ARG H 22 5.80 -22.65 -57.88
C ARG H 22 5.09 -23.03 -56.59
N PHE H 23 5.21 -22.16 -55.58
CA PHE H 23 4.59 -22.39 -54.28
C PHE H 23 3.09 -22.66 -54.44
N ASN H 24 2.60 -23.69 -53.75
CA ASN H 24 1.19 -24.04 -53.84
C ASN H 24 0.87 -24.42 -55.26
N GLU H 25 1.86 -25.02 -55.87
CA GLU H 25 1.80 -25.49 -57.23
C GLU H 25 0.48 -26.14 -57.53
N PHE H 26 0.01 -26.98 -56.62
CA PHE H 26 -1.25 -27.69 -56.79
C PHE H 26 -2.32 -26.78 -57.34
N VAL H 27 -2.27 -25.53 -56.95
CA VAL H 27 -3.25 -24.57 -57.39
C VAL H 27 -2.70 -23.75 -58.52
N THR H 28 -1.53 -23.18 -58.30
CA THR H 28 -0.91 -22.34 -59.30
C THR H 28 -0.85 -22.99 -60.69
N ARG H 29 -0.42 -24.25 -60.75
CA ARG H 29 -0.34 -24.95 -62.02
C ARG H 29 -1.65 -24.74 -62.74
N ARG H 30 -2.72 -25.11 -62.06
CA ARG H 30 -4.07 -24.95 -62.58
C ARG H 30 -4.32 -23.53 -63.03
N LEU H 31 -4.09 -22.63 -62.10
CA LEU H 31 -4.28 -21.23 -62.31
C LEU H 31 -3.69 -20.84 -63.64
N MET H 32 -2.42 -21.19 -63.81
CA MET H 32 -1.68 -20.89 -65.02
C MET H 32 -2.32 -21.55 -66.23
N GLU H 33 -2.52 -22.86 -66.15
CA GLU H 33 -3.15 -23.59 -67.24
C GLU H 33 -4.39 -22.84 -67.68
N GLY H 34 -5.10 -22.30 -66.70
CA GLY H 34 -6.29 -21.56 -67.01
C GLY H 34 -6.01 -20.32 -67.84
N ALA H 35 -5.09 -19.48 -67.35
CA ALA H 35 -4.75 -18.26 -68.06
C ALA H 35 -4.34 -18.61 -69.48
N LEU H 36 -3.45 -19.58 -69.57
CA LEU H 36 -2.95 -20.05 -70.85
C LEU H 36 -4.12 -20.33 -71.76
N ASP H 37 -4.90 -21.33 -71.37
CA ASP H 37 -6.06 -21.72 -72.14
C ASP H 37 -6.83 -20.51 -72.61
N THR H 38 -7.23 -19.65 -71.69
CA THR H 38 -7.98 -18.45 -72.06
C THR H 38 -7.35 -17.68 -73.22
N PHE H 39 -6.04 -17.51 -73.18
CA PHE H 39 -5.36 -16.81 -74.24
C PHE H 39 -5.69 -17.45 -75.57
N LYS H 40 -5.37 -18.72 -75.69
CA LYS H 40 -5.64 -19.43 -76.90
C LYS H 40 -7.11 -19.30 -77.24
N LYS H 41 -7.96 -19.55 -76.24
CA LYS H 41 -9.41 -19.45 -76.40
C LYS H 41 -9.74 -18.11 -77.03
N TYR H 42 -8.96 -17.10 -76.71
CA TYR H 42 -9.21 -15.80 -77.29
C TYR H 42 -8.32 -15.52 -78.47
N SER H 43 -8.19 -16.54 -79.31
CA SER H 43 -7.43 -16.49 -80.55
C SER H 43 -6.00 -15.92 -80.53
N VAL H 44 -5.48 -15.58 -79.35
CA VAL H 44 -4.14 -15.02 -79.34
C VAL H 44 -3.06 -16.04 -79.67
N ASN H 45 -2.08 -15.59 -80.44
CA ASN H 45 -0.97 -16.44 -80.78
C ASN H 45 0.37 -15.82 -81.11
N GLU H 46 1.28 -16.03 -80.17
CA GLU H 46 2.64 -15.61 -80.21
C GLU H 46 3.23 -16.49 -79.09
N ASP H 47 2.60 -17.64 -78.92
CA ASP H 47 3.01 -18.63 -77.93
C ASP H 47 3.52 -18.13 -76.55
N ILE H 48 2.76 -17.24 -75.91
CA ILE H 48 3.07 -16.65 -74.56
C ILE H 48 4.14 -17.31 -73.68
N ASP H 49 5.05 -16.47 -73.17
CA ASP H 49 6.12 -16.93 -72.30
C ASP H 49 5.60 -17.12 -70.88
N VAL H 50 5.93 -18.25 -70.29
CA VAL H 50 5.51 -18.48 -68.93
C VAL H 50 6.79 -18.57 -68.15
N VAL H 51 6.93 -17.69 -67.17
CA VAL H 51 8.12 -17.66 -66.35
C VAL H 51 7.83 -18.19 -64.96
N TRP H 52 8.57 -19.21 -64.55
CA TRP H 52 8.40 -19.82 -63.24
C TRP H 52 9.33 -19.20 -62.22
N VAL H 53 8.77 -18.79 -61.10
CA VAL H 53 9.55 -18.25 -60.00
C VAL H 53 9.11 -19.10 -58.83
N PRO H 54 10.02 -19.38 -57.90
CA PRO H 54 9.62 -20.20 -56.76
C PRO H 54 8.50 -19.63 -55.91
N GLY H 55 8.60 -18.37 -55.52
CA GLY H 55 7.57 -17.79 -54.67
C GLY H 55 6.98 -16.49 -55.10
N ALA H 56 5.77 -16.22 -54.62
CA ALA H 56 5.05 -15.01 -54.96
C ALA H 56 5.86 -13.74 -54.75
N TYR H 57 6.72 -13.77 -53.75
CA TYR H 57 7.54 -12.62 -53.46
C TYR H 57 8.25 -12.21 -54.71
N GLU H 58 8.77 -13.22 -55.39
CA GLU H 58 9.54 -13.05 -56.61
C GLU H 58 8.83 -12.31 -57.71
N LEU H 59 7.53 -12.52 -57.81
CA LEU H 59 6.75 -11.88 -58.86
C LEU H 59 7.21 -10.47 -59.15
N GLY H 60 7.35 -9.66 -58.11
CA GLY H 60 7.77 -8.28 -58.30
C GLY H 60 8.85 -8.03 -59.34
N VAL H 61 10.09 -8.34 -59.00
CA VAL H 61 11.21 -8.11 -59.89
C VAL H 61 11.05 -8.82 -61.21
N THR H 62 10.62 -10.07 -61.15
CA THR H 62 10.48 -10.83 -62.36
C THR H 62 9.62 -10.08 -63.32
N ALA H 63 8.46 -9.64 -62.86
CA ALA H 63 7.57 -8.89 -63.72
C ALA H 63 8.34 -7.67 -64.14
N GLN H 64 8.85 -6.95 -63.16
CA GLN H 64 9.64 -5.75 -63.37
C GLN H 64 10.46 -5.88 -64.63
N ALA H 65 11.26 -6.94 -64.67
CA ALA H 65 12.12 -7.23 -65.79
C ALA H 65 11.32 -7.36 -67.07
N LEU H 66 10.56 -8.45 -67.16
CA LEU H 66 9.74 -8.72 -68.33
C LEU H 66 9.06 -7.47 -68.84
N GLY H 67 8.57 -6.67 -67.92
CA GLY H 67 7.89 -5.45 -68.30
C GLY H 67 8.82 -4.49 -69.00
N LYS H 68 9.95 -4.22 -68.36
CA LYS H 68 10.93 -3.32 -68.93
C LYS H 68 11.54 -3.84 -70.23
N SER H 69 11.45 -5.14 -70.47
CA SER H 69 11.99 -5.69 -71.72
C SER H 69 11.18 -5.19 -72.91
N GLY H 70 10.07 -4.51 -72.65
CA GLY H 70 9.23 -3.97 -73.71
C GLY H 70 8.75 -5.00 -74.71
N LYS H 71 9.03 -6.26 -74.42
CA LYS H 71 8.67 -7.34 -75.32
C LYS H 71 7.19 -7.70 -75.25
N TYR H 72 6.59 -7.55 -74.07
CA TYR H 72 5.18 -7.92 -73.89
C TYR H 72 4.29 -6.70 -73.70
N HIS H 73 3.00 -6.87 -73.96
CA HIS H 73 2.04 -5.77 -73.83
C HIS H 73 1.37 -5.81 -72.47
N ALA H 74 1.37 -6.99 -71.87
CA ALA H 74 0.79 -7.20 -70.57
C ALA H 74 1.37 -8.49 -70.02
N ILE H 75 1.67 -8.47 -68.73
CA ILE H 75 2.19 -9.63 -68.03
C ILE H 75 1.21 -9.93 -66.94
N VAL H 76 0.86 -11.19 -66.82
CA VAL H 76 -0.06 -11.61 -65.81
C VAL H 76 0.74 -12.42 -64.80
N CYS H 77 0.58 -12.08 -63.54
CA CYS H 77 1.32 -12.75 -62.49
C CYS H 77 0.37 -13.58 -61.68
N LEU H 78 0.72 -14.84 -61.55
CA LEU H 78 -0.09 -15.78 -60.84
C LEU H 78 0.64 -16.31 -59.65
N GLY H 79 -0.12 -16.57 -58.60
CA GLY H 79 0.45 -17.12 -57.40
C GLY H 79 -0.70 -17.33 -56.45
N ALA H 80 -0.43 -18.01 -55.35
CA ALA H 80 -1.44 -18.26 -54.36
C ALA H 80 -0.77 -18.36 -53.02
N VAL H 81 -1.20 -17.53 -52.10
CA VAL H 81 -0.64 -17.55 -50.77
C VAL H 81 -1.81 -17.74 -49.80
N VAL H 82 -1.95 -18.96 -49.31
CA VAL H 82 -3.00 -19.32 -48.37
C VAL H 82 -2.59 -18.98 -46.97
N LYS H 83 -3.51 -18.40 -46.22
CA LYS H 83 -3.24 -18.02 -44.84
C LYS H 83 -3.06 -19.31 -44.06
N GLY H 84 -1.83 -19.83 -44.12
CA GLY H 84 -1.48 -21.05 -43.43
C GLY H 84 -1.41 -20.89 -41.92
N ASP H 85 -0.51 -20.01 -41.45
CA ASP H 85 -0.31 -19.77 -40.00
C ASP H 85 -0.07 -18.28 -39.58
N THR H 86 1.22 -17.91 -39.53
CA THR H 86 1.70 -16.59 -39.09
C THR H 86 1.46 -15.38 -40.01
N SER H 87 1.86 -14.20 -39.52
CA SER H 87 1.71 -12.96 -40.29
C SER H 87 2.57 -13.07 -41.58
N HIS H 88 3.43 -14.11 -41.61
CA HIS H 88 4.28 -14.38 -42.77
C HIS H 88 3.40 -14.21 -44.01
N TYR H 89 2.18 -14.73 -43.88
CA TYR H 89 1.16 -14.63 -44.88
C TYR H 89 1.15 -13.17 -45.33
N ASP H 90 0.83 -12.27 -44.40
CA ASP H 90 0.79 -10.84 -44.68
C ASP H 90 2.02 -10.40 -45.40
N ALA H 91 3.16 -10.59 -44.76
CA ALA H 91 4.45 -10.22 -45.30
C ALA H 91 4.48 -10.48 -46.80
N VAL H 92 4.39 -11.76 -47.15
CA VAL H 92 4.39 -12.19 -48.53
C VAL H 92 3.31 -11.45 -49.30
N VAL H 93 2.07 -11.67 -48.90
CA VAL H 93 0.94 -11.04 -49.55
C VAL H 93 1.18 -9.59 -49.89
N ASN H 94 1.68 -8.83 -48.94
CA ASN H 94 1.93 -7.43 -49.21
C ASN H 94 2.97 -7.31 -50.29
N SER H 95 4.14 -7.86 -50.03
CA SER H 95 5.21 -7.78 -50.99
C SER H 95 4.75 -8.21 -52.36
N ALA H 96 4.07 -9.33 -52.42
CA ALA H 96 3.57 -9.83 -53.65
C ALA H 96 2.77 -8.70 -54.28
N SER H 97 1.67 -8.34 -53.65
CA SER H 97 0.82 -7.28 -54.16
C SER H 97 1.59 -6.03 -54.55
N SER H 98 2.29 -5.45 -53.60
CA SER H 98 3.08 -4.26 -53.84
C SER H 98 3.99 -4.42 -55.05
N GLY H 99 4.71 -5.55 -55.10
CA GLY H 99 5.61 -5.80 -56.20
C GLY H 99 4.91 -5.65 -57.53
N VAL H 100 3.88 -6.45 -57.75
CA VAL H 100 3.12 -6.40 -58.99
C VAL H 100 2.67 -4.99 -59.29
N LEU H 101 2.24 -4.29 -58.26
CA LEU H 101 1.80 -2.93 -58.46
C LEU H 101 2.99 -2.16 -59.04
N SER H 102 4.02 -1.99 -58.23
CA SER H 102 5.22 -1.27 -58.62
C SER H 102 5.63 -1.64 -60.03
N ALA H 103 5.69 -2.93 -60.33
CA ALA H 103 6.09 -3.38 -61.64
C ALA H 103 5.26 -2.64 -62.68
N GLY H 104 3.95 -2.86 -62.61
CA GLY H 104 3.06 -2.23 -63.55
C GLY H 104 3.32 -0.74 -63.69
N LEU H 105 3.42 -0.05 -62.57
CA LEU H 105 3.62 1.38 -62.60
C LEU H 105 4.92 1.75 -63.24
N ASN H 106 6.00 1.19 -62.73
CA ASN H 106 7.34 1.48 -63.24
C ASN H 106 7.53 1.11 -64.71
N SER H 107 7.02 -0.05 -65.08
CA SER H 107 7.16 -0.51 -66.44
C SER H 107 6.16 0.21 -67.36
N GLY H 108 5.09 0.73 -66.79
CA GLY H 108 4.09 1.36 -67.63
C GLY H 108 3.38 0.26 -68.38
N VAL H 109 3.60 -0.97 -67.96
CA VAL H 109 2.98 -2.12 -68.59
C VAL H 109 2.04 -2.81 -67.63
N PRO H 110 0.82 -3.10 -68.08
CA PRO H 110 -0.15 -3.76 -67.23
C PRO H 110 0.38 -5.09 -66.73
N CYS H 111 0.42 -5.21 -65.41
CA CYS H 111 0.84 -6.43 -64.75
C CYS H 111 -0.38 -6.84 -63.95
N VAL H 112 -0.96 -7.96 -64.33
CA VAL H 112 -2.16 -8.47 -63.69
C VAL H 112 -1.87 -9.23 -62.40
N PHE H 113 -2.54 -8.79 -61.33
CA PHE H 113 -2.39 -9.39 -60.04
C PHE H 113 -3.31 -10.60 -59.99
N GLY H 114 -2.84 -11.72 -60.49
CA GLY H 114 -3.66 -12.89 -60.48
C GLY H 114 -3.15 -13.81 -59.41
N VAL H 115 -3.12 -13.31 -58.19
CA VAL H 115 -2.65 -14.16 -57.11
C VAL H 115 -3.69 -14.27 -56.03
N LEU H 116 -3.96 -15.50 -55.65
CA LEU H 116 -4.95 -15.79 -54.64
C LEU H 116 -4.43 -15.51 -53.26
N THR H 117 -5.29 -14.96 -52.43
CA THR H 117 -4.90 -14.65 -51.08
C THR H 117 -6.00 -15.07 -50.16
N CYS H 118 -6.50 -16.28 -50.36
CA CYS H 118 -7.56 -16.78 -49.51
C CYS H 118 -6.93 -17.35 -48.24
N ASP H 119 -7.76 -17.71 -47.26
CA ASP H 119 -7.25 -18.27 -46.01
C ASP H 119 -6.89 -19.73 -46.19
N ASN H 120 -7.92 -20.55 -46.30
CA ASN H 120 -7.74 -21.99 -46.46
C ASN H 120 -7.61 -22.42 -47.90
N MET H 121 -6.91 -23.54 -48.06
CA MET H 121 -6.65 -24.15 -49.34
C MET H 121 -7.91 -24.30 -50.14
N ASP H 122 -8.94 -24.85 -49.51
CA ASP H 122 -10.20 -25.06 -50.18
C ASP H 122 -10.74 -23.84 -50.92
N GLN H 123 -10.78 -22.69 -50.26
CA GLN H 123 -11.28 -21.49 -50.91
C GLN H 123 -10.51 -21.28 -52.22
N ALA H 124 -9.20 -21.45 -52.13
CA ALA H 124 -8.33 -21.31 -53.27
C ALA H 124 -8.79 -22.26 -54.37
N ILE H 125 -8.88 -23.54 -54.04
CA ILE H 125 -9.30 -24.53 -55.01
C ILE H 125 -10.48 -24.02 -55.81
N ASN H 126 -11.38 -23.30 -55.14
CA ASN H 126 -12.53 -22.76 -55.81
C ASN H 126 -12.26 -21.63 -56.74
N ARG H 127 -11.26 -20.83 -56.43
CA ARG H 127 -10.92 -19.73 -57.30
C ARG H 127 -10.15 -20.26 -58.48
N ALA H 128 -9.60 -21.45 -58.34
CA ALA H 128 -8.84 -22.05 -59.42
C ALA H 128 -9.69 -23.01 -60.24
N GLY H 129 -10.83 -22.52 -60.71
CA GLY H 129 -11.71 -23.36 -61.52
C GLY H 129 -12.79 -24.11 -60.74
N GLY H 130 -13.12 -23.59 -59.57
CA GLY H 130 -14.14 -24.20 -58.74
C GLY H 130 -15.39 -23.37 -58.91
N LYS H 131 -16.30 -23.43 -57.95
CA LYS H 131 -17.54 -22.66 -58.08
C LYS H 131 -17.29 -21.19 -57.95
N ALA H 132 -16.02 -20.81 -57.76
CA ALA H 132 -15.67 -19.41 -57.63
C ALA H 132 -15.04 -18.92 -58.91
N GLY H 133 -15.06 -19.76 -59.93
CA GLY H 133 -14.48 -19.37 -61.19
C GLY H 133 -13.01 -19.71 -61.22
N ASN H 134 -12.26 -19.00 -62.05
CA ASN H 134 -10.85 -19.25 -62.18
C ASN H 134 -10.10 -17.94 -62.31
N LYS H 135 -9.42 -17.53 -61.24
CA LYS H 135 -8.71 -16.29 -61.29
C LYS H 135 -7.73 -16.30 -62.44
N GLY H 136 -7.02 -17.41 -62.63
CA GLY H 136 -6.06 -17.49 -63.71
C GLY H 136 -6.65 -16.98 -65.01
N ALA H 137 -7.70 -17.65 -65.45
CA ALA H 137 -8.36 -17.28 -66.68
C ALA H 137 -8.75 -15.82 -66.66
N GLU H 138 -9.43 -15.41 -65.59
CA GLU H 138 -9.87 -14.04 -65.47
C GLU H 138 -8.71 -13.09 -65.72
N SER H 139 -7.60 -13.38 -65.07
CA SER H 139 -6.41 -12.57 -65.18
C SER H 139 -5.97 -12.43 -66.63
N ALA H 140 -5.93 -13.56 -67.33
CA ALA H 140 -5.55 -13.58 -68.73
C ALA H 140 -6.44 -12.62 -69.49
N LEU H 141 -7.74 -12.87 -69.42
CA LEU H 141 -8.74 -12.04 -70.07
C LEU H 141 -8.45 -10.59 -69.80
N THR H 142 -8.20 -10.28 -68.55
CA THR H 142 -7.90 -8.93 -68.17
C THR H 142 -6.66 -8.43 -68.88
N ALA H 143 -5.63 -9.25 -68.89
CA ALA H 143 -4.38 -8.89 -69.51
C ALA H 143 -4.72 -8.39 -70.91
N ILE H 144 -5.49 -9.20 -71.62
CA ILE H 144 -5.92 -8.87 -72.96
C ILE H 144 -6.53 -7.47 -72.96
N GLU H 145 -7.67 -7.34 -72.28
CA GLU H 145 -8.35 -6.07 -72.24
C GLU H 145 -7.44 -4.89 -71.97
N MET H 146 -6.55 -5.04 -71.00
CA MET H 146 -5.67 -3.95 -70.66
C MET H 146 -4.76 -3.58 -71.79
N ALA H 147 -4.12 -4.60 -72.35
CA ALA H 147 -3.21 -4.40 -73.44
C ALA H 147 -3.95 -3.61 -74.51
N SER H 148 -5.02 -4.22 -75.00
CA SER H 148 -5.86 -3.63 -76.01
C SER H 148 -6.20 -2.18 -75.66
N LEU H 149 -6.64 -1.95 -74.42
CA LEU H 149 -6.99 -0.62 -73.99
C LEU H 149 -5.86 0.34 -74.29
N PHE H 150 -4.66 -0.08 -73.95
CA PHE H 150 -3.51 0.75 -74.17
C PHE H 150 -3.28 1.17 -75.60
N GLU H 151 -3.66 0.32 -76.56
CA GLU H 151 -3.53 0.63 -77.99
C GLU H 151 -4.92 0.79 -78.59
N HIS H 152 -5.52 1.92 -78.25
CA HIS H 152 -6.87 2.25 -78.68
C HIS H 152 -7.09 3.54 -77.92
N HIS H 153 -6.62 3.54 -76.69
CA HIS H 153 -6.76 4.73 -75.90
C HIS H 153 -5.41 5.40 -76.02
N LEU H 154 -4.35 4.64 -75.70
CA LEU H 154 -2.97 5.12 -75.73
C LEU H 154 -2.78 6.37 -74.85
N LYS H 155 -3.43 7.48 -75.26
CA LYS H 155 -3.44 8.80 -74.61
C LYS H 155 -4.80 9.17 -73.93
N MET I 1 -2.67 34.60 -44.72
CA MET I 1 -4.12 34.44 -44.90
C MET I 1 -4.60 34.95 -46.26
N ASN I 2 -4.61 34.04 -47.23
CA ASN I 2 -5.10 34.30 -48.59
C ASN I 2 -5.65 32.93 -49.00
N GLU I 3 -6.96 32.79 -48.86
CA GLU I 3 -7.57 31.51 -49.15
C GLU I 3 -7.52 31.11 -50.60
N LEU I 4 -6.54 30.26 -50.92
CA LEU I 4 -6.42 29.79 -52.27
C LEU I 4 -7.29 28.55 -52.37
N GLU I 5 -8.53 28.74 -52.80
CA GLU I 5 -9.46 27.64 -52.96
C GLU I 5 -9.75 27.44 -54.44
N GLY I 6 -10.13 26.23 -54.82
CA GLY I 6 -10.44 25.96 -56.22
C GLY I 6 -11.78 26.58 -56.56
N TYR I 7 -12.17 26.52 -57.83
CA TYR I 7 -13.44 27.07 -58.28
C TYR I 7 -14.30 26.00 -58.91
N VAL I 8 -15.52 25.86 -58.44
CA VAL I 8 -16.38 24.85 -59.02
C VAL I 8 -17.16 25.43 -60.21
N THR I 9 -17.21 26.74 -60.28
CA THR I 9 -17.95 27.41 -61.31
C THR I 9 -17.26 27.42 -62.67
N LYS I 10 -15.93 27.56 -62.69
CA LYS I 10 -15.19 27.61 -63.95
C LYS I 10 -14.83 26.24 -64.57
N ALA I 11 -15.81 25.36 -64.63
CA ALA I 11 -15.61 24.02 -65.16
C ALA I 11 -15.33 23.87 -66.67
N GLN I 12 -16.42 23.89 -67.46
CA GLN I 12 -16.44 23.75 -68.94
C GLN I 12 -15.15 23.74 -69.73
N SER I 13 -14.28 24.70 -69.43
CA SER I 13 -13.00 24.84 -70.11
C SER I 13 -12.05 23.66 -69.90
N PHE I 14 -12.25 22.90 -68.82
CA PHE I 14 -11.36 21.80 -68.50
C PHE I 14 -11.65 20.46 -69.16
N ARG I 15 -10.66 19.60 -69.09
CA ARG I 15 -10.72 18.26 -69.67
C ARG I 15 -10.47 17.24 -68.57
N PHE I 16 -11.41 16.30 -68.41
CA PHE I 16 -11.29 15.28 -67.37
C PHE I 16 -11.42 13.90 -67.95
N ALA I 17 -11.07 12.92 -67.13
CA ALA I 17 -11.17 11.52 -67.52
C ALA I 17 -11.60 10.72 -66.31
N ILE I 18 -12.53 9.81 -66.55
CA ILE I 18 -13.03 8.94 -65.52
C ILE I 18 -12.49 7.57 -65.84
N VAL I 19 -12.07 6.84 -64.82
CA VAL I 19 -11.57 5.51 -65.05
C VAL I 19 -12.39 4.68 -64.12
N VAL I 20 -13.11 3.69 -64.62
CA VAL I 20 -13.93 2.84 -63.76
C VAL I 20 -13.67 1.37 -63.92
N ALA I 21 -13.71 0.65 -62.79
CA ALA I 21 -13.49 -0.78 -62.82
C ALA I 21 -14.83 -1.45 -63.03
N ARG I 22 -14.86 -2.47 -63.87
CA ARG I 22 -16.09 -3.18 -64.18
C ARG I 22 -16.60 -4.01 -63.00
N PHE I 23 -15.67 -4.45 -62.16
CA PHE I 23 -16.01 -5.25 -61.00
C PHE I 23 -17.06 -4.56 -60.16
N ASN I 24 -18.08 -5.29 -59.72
CA ASN I 24 -19.16 -4.72 -58.91
C ASN I 24 -19.87 -3.66 -59.72
N GLU I 25 -19.90 -3.93 -61.01
CA GLU I 25 -20.54 -3.08 -61.98
C GLU I 25 -21.85 -2.49 -61.49
N PHE I 26 -22.65 -3.34 -60.85
CA PHE I 26 -23.94 -2.91 -60.34
C PHE I 26 -23.86 -1.59 -59.62
N VAL I 27 -22.74 -1.37 -58.97
CA VAL I 27 -22.56 -0.15 -58.24
C VAL I 27 -21.72 0.84 -59.05
N THR I 28 -20.58 0.38 -59.53
CA THR I 28 -19.69 1.23 -60.31
C THR I 28 -20.38 1.95 -61.44
N ARG I 29 -21.18 1.24 -62.23
CA ARG I 29 -21.91 1.86 -63.35
C ARG I 29 -22.56 3.13 -62.80
N ARG I 30 -23.37 2.95 -61.76
CA ARG I 30 -24.06 4.04 -61.09
C ARG I 30 -23.09 5.11 -60.71
N LEU I 31 -22.07 4.69 -59.99
CA LEU I 31 -21.04 5.57 -59.50
C LEU I 31 -20.59 6.49 -60.62
N MET I 32 -20.23 5.86 -61.73
CA MET I 32 -19.76 6.56 -62.90
C MET I 32 -20.81 7.50 -63.44
N GLU I 33 -21.99 6.96 -63.72
CA GLU I 33 -23.08 7.76 -64.23
C GLU I 33 -23.19 9.01 -63.37
N GLY I 34 -22.98 8.84 -62.07
CA GLY I 34 -23.07 9.95 -61.16
C GLY I 34 -22.04 10.99 -61.46
N ALA I 35 -20.77 10.57 -61.49
CA ALA I 35 -19.68 11.48 -61.77
C ALA I 35 -19.95 12.23 -63.06
N LEU I 36 -20.29 11.46 -64.07
CA LEU I 36 -20.58 11.98 -65.38
C LEU I 36 -21.59 13.09 -65.26
N ASP I 37 -22.78 12.73 -64.79
CA ASP I 37 -23.83 13.68 -64.62
C ASP I 37 -23.31 14.96 -63.97
N THR I 38 -22.69 14.83 -62.81
CA THR I 38 -22.18 15.98 -62.10
C THR I 38 -21.38 16.91 -62.99
N PHE I 39 -20.53 16.33 -63.83
CA PHE I 39 -19.71 17.11 -64.74
C PHE I 39 -20.59 18.04 -65.57
N LYS I 40 -21.51 17.41 -66.29
CA LYS I 40 -22.42 18.16 -67.12
C LYS I 40 -23.16 19.16 -66.26
N LYS I 41 -23.69 18.70 -65.14
CA LYS I 41 -24.43 19.54 -64.21
C LYS I 41 -23.59 20.77 -63.90
N TYR I 42 -22.28 20.59 -63.89
CA TYR I 42 -21.40 21.71 -63.63
C TYR I 42 -20.85 22.34 -64.90
N SER I 43 -21.75 22.47 -65.88
CA SER I 43 -21.46 23.09 -67.17
C SER I 43 -20.23 22.64 -67.95
N VAL I 44 -19.49 21.65 -67.45
CA VAL I 44 -18.31 21.25 -68.17
C VAL I 44 -18.63 20.56 -69.48
N ASN I 45 -17.82 20.86 -70.48
CA ASN I 45 -17.99 20.21 -71.76
C ASN I 45 -16.80 20.12 -72.70
N GLU I 46 -16.34 18.87 -72.81
CA GLU I 46 -15.24 18.43 -73.65
C GLU I 46 -15.47 16.93 -73.65
N ASP I 47 -16.75 16.57 -73.50
CA ASP I 47 -17.19 15.20 -73.50
C ASP I 47 -16.30 14.13 -72.82
N ILE I 48 -15.88 14.38 -71.57
CA ILE I 48 -15.05 13.47 -70.73
C ILE I 48 -14.88 12.01 -71.13
N ASP I 49 -13.63 11.59 -71.16
CA ASP I 49 -13.29 10.22 -71.51
C ASP I 49 -13.53 9.30 -70.33
N VAL I 50 -14.19 8.20 -70.58
CA VAL I 50 -14.42 7.24 -69.51
C VAL I 50 -13.67 5.98 -69.92
N VAL I 51 -12.71 5.58 -69.10
CA VAL I 51 -11.92 4.42 -69.39
C VAL I 51 -12.30 3.25 -68.50
N TRP I 52 -12.71 2.15 -69.12
CA TRP I 52 -13.10 0.97 -68.40
C TRP I 52 -11.93 0.04 -68.18
N VAL I 53 -11.74 -0.40 -66.93
CA VAL I 53 -10.71 -1.36 -66.61
C VAL I 53 -11.47 -2.42 -65.86
N PRO I 54 -11.08 -3.68 -66.00
CA PRO I 54 -11.82 -4.71 -65.29
C PRO I 54 -11.85 -4.58 -63.77
N GLY I 55 -10.68 -4.37 -63.16
CA GLY I 55 -10.67 -4.29 -61.71
C GLY I 55 -9.98 -3.09 -61.12
N ALA I 56 -10.33 -2.77 -59.88
CA ALA I 56 -9.77 -1.65 -59.19
C ALA I 56 -8.25 -1.64 -59.16
N TYR I 57 -7.66 -2.82 -59.12
CA TYR I 57 -6.22 -2.93 -59.11
C TYR I 57 -5.68 -2.11 -60.27
N GLU I 58 -6.31 -2.31 -61.41
CA GLU I 58 -5.93 -1.68 -62.65
C GLU I 58 -5.86 -0.17 -62.59
N LEU I 59 -6.77 0.43 -61.83
CA LEU I 59 -6.80 1.89 -61.72
C LEU I 59 -5.42 2.55 -61.73
N GLY I 60 -4.54 2.04 -60.90
CA GLY I 60 -3.20 2.58 -60.83
C GLY I 60 -2.57 2.97 -62.16
N VAL I 61 -2.09 1.97 -62.89
CA VAL I 61 -1.44 2.24 -64.16
C VAL I 61 -2.30 3.02 -65.13
N THR I 62 -3.55 2.62 -65.23
CA THR I 62 -4.43 3.28 -66.15
C THR I 62 -4.42 4.77 -65.91
N ALA I 63 -4.61 5.15 -64.66
CA ALA I 63 -4.62 6.56 -64.33
C ALA I 63 -3.26 7.06 -64.71
N GLN I 64 -2.24 6.39 -64.19
CA GLN I 64 -0.84 6.71 -64.45
C GLN I 64 -0.69 7.22 -65.88
N ALA I 65 -1.12 6.39 -66.81
CA ALA I 65 -1.05 6.72 -68.20
C ALA I 65 -1.79 8.01 -68.48
N LEU I 66 -3.11 7.96 -68.39
CA LEU I 66 -3.96 9.12 -68.66
C LEU I 66 -3.39 10.39 -68.09
N GLY I 67 -2.84 10.26 -66.89
CA GLY I 67 -2.26 11.41 -66.23
C GLY I 67 -1.07 11.94 -67.00
N LYS I 68 -0.13 11.04 -67.27
CA LYS I 68 1.06 11.43 -68.00
C LYS I 68 0.78 11.88 -69.42
N SER I 69 -0.38 11.52 -69.98
CA SER I 69 -0.71 11.97 -71.33
C SER I 69 -0.91 13.49 -71.36
N GLY I 70 -0.90 14.12 -70.18
CA GLY I 70 -1.07 15.56 -70.09
C GLY I 70 -2.33 16.09 -70.75
N LYS I 71 -3.17 15.18 -71.21
CA LYS I 71 -4.41 15.56 -71.87
C LYS I 71 -5.51 16.05 -70.94
N TYR I 72 -5.55 15.50 -69.72
CA TYR I 72 -6.58 15.88 -68.77
C TYR I 72 -6.02 16.69 -67.60
N HIS I 73 -6.90 17.42 -66.92
CA HIS I 73 -6.49 18.24 -65.78
C HIS I 73 -6.68 17.50 -64.48
N ALA I 74 -7.59 16.53 -64.51
CA ALA I 74 -7.90 15.71 -63.34
C ALA I 74 -8.58 14.44 -63.85
N ILE I 75 -8.21 13.33 -63.24
CA ILE I 75 -8.79 12.05 -63.58
C ILE I 75 -9.40 11.52 -62.30
N VAL I 76 -10.61 11.03 -62.43
CA VAL I 76 -11.30 10.52 -61.30
C VAL I 76 -11.39 9.02 -61.49
N CYS I 77 -11.01 8.28 -60.47
CA CYS I 77 -11.03 6.84 -60.56
C CYS I 77 -12.13 6.31 -59.69
N LEU I 78 -12.95 5.47 -60.27
CA LEU I 78 -14.06 4.91 -59.58
C LEU I 78 -13.92 3.43 -59.52
N GLY I 79 -14.40 2.87 -58.43
CA GLY I 79 -14.36 1.44 -58.25
C GLY I 79 -15.02 1.14 -56.94
N ALA I 80 -15.26 -0.13 -56.68
CA ALA I 80 -15.87 -0.51 -55.43
C ALA I 80 -15.40 -1.90 -55.08
N VAL I 81 -14.83 -2.02 -53.89
CA VAL I 81 -14.35 -3.31 -53.45
C VAL I 81 -14.99 -3.56 -52.10
N VAL I 82 -16.00 -4.42 -52.12
CA VAL I 82 -16.74 -4.81 -50.92
C VAL I 82 -16.04 -5.92 -50.21
N LYS I 83 -15.96 -5.80 -48.89
CA LYS I 83 -15.30 -6.82 -48.08
C LYS I 83 -16.15 -8.08 -48.16
N GLY I 84 -15.93 -8.84 -49.23
CA GLY I 84 -16.67 -10.07 -49.44
C GLY I 84 -16.26 -11.19 -48.48
N ASP I 85 -14.98 -11.58 -48.53
CA ASP I 85 -14.46 -12.68 -47.67
C ASP I 85 -13.04 -12.47 -47.05
N THR I 86 -12.03 -12.95 -47.78
CA THR I 86 -10.59 -12.92 -47.39
C THR I 86 -9.85 -11.56 -47.39
N SER I 87 -8.58 -11.60 -46.96
CA SER I 87 -7.75 -10.39 -46.93
C SER I 87 -7.56 -9.85 -48.37
N HIS I 88 -7.97 -10.67 -49.34
CA HIS I 88 -7.89 -10.31 -50.76
C HIS I 88 -8.42 -8.88 -50.86
N TYR I 89 -9.50 -8.65 -50.11
CA TYR I 89 -10.13 -7.36 -49.99
C TYR I 89 -8.97 -6.38 -49.78
N ASP I 90 -8.29 -6.53 -48.65
CA ASP I 90 -7.17 -5.66 -48.31
C ASP I 90 -6.23 -5.49 -49.47
N ALA I 91 -5.67 -6.61 -49.92
CA ALA I 91 -4.74 -6.63 -51.03
C ALA I 91 -5.16 -5.63 -52.09
N VAL I 92 -6.33 -5.86 -52.66
CA VAL I 92 -6.86 -5.01 -53.68
C VAL I 92 -6.94 -3.59 -53.17
N VAL I 93 -7.73 -3.40 -52.13
CA VAL I 93 -7.93 -2.10 -51.53
C VAL I 93 -6.67 -1.29 -51.41
N ASN I 94 -5.61 -1.92 -50.92
CA ASN I 94 -4.36 -1.21 -50.77
C ASN I 94 -3.84 -0.83 -52.11
N SER I 95 -3.63 -1.83 -52.96
CA SER I 95 -3.12 -1.58 -54.29
C SER I 95 -3.93 -0.50 -54.98
N ALA I 96 -5.23 -0.63 -54.93
CA ALA I 96 -6.09 0.35 -55.52
C ALA I 96 -5.70 1.70 -54.98
N SER I 97 -5.90 1.89 -53.69
CA SER I 97 -5.57 3.15 -53.05
C SER I 97 -4.17 3.65 -53.41
N SER I 98 -3.17 2.84 -53.09
CA SER I 98 -1.80 3.18 -53.38
C SER I 98 -1.61 3.61 -54.82
N GLY I 99 -2.16 2.81 -55.74
CA GLY I 99 -2.04 3.10 -57.15
C GLY I 99 -2.48 4.51 -57.45
N VAL I 100 -3.74 4.81 -57.15
CA VAL I 100 -4.29 6.13 -57.39
C VAL I 100 -3.42 7.21 -56.76
N LEU I 101 -2.89 6.92 -55.59
CA LEU I 101 -2.06 7.89 -54.94
C LEU I 101 -0.86 8.11 -55.85
N SER I 102 -0.05 7.08 -55.99
CA SER I 102 1.14 7.14 -56.82
C SER I 102 0.87 7.87 -58.13
N ALA I 103 -0.21 7.49 -58.80
CA ALA I 103 -0.57 8.11 -60.07
C ALA I 103 -0.57 9.62 -59.89
N GLY I 104 -1.45 10.08 -59.01
CA GLY I 104 -1.55 11.51 -58.75
C GLY I 104 -0.19 12.15 -58.52
N LEU I 105 0.59 11.56 -57.63
CA LEU I 105 1.89 12.11 -57.31
C LEU I 105 2.81 12.16 -58.50
N ASN I 106 3.02 11.01 -59.11
CA ASN I 106 3.91 10.90 -60.25
C ASN I 106 3.49 11.74 -61.43
N SER I 107 2.20 11.76 -61.71
CA SER I 107 1.72 12.53 -62.82
C SER I 107 1.61 14.00 -62.46
N GLY I 108 1.55 14.30 -61.18
CA GLY I 108 1.39 15.68 -60.79
C GLY I 108 -0.02 16.11 -61.18
N VAL I 109 -0.84 15.14 -61.50
CA VAL I 109 -2.20 15.42 -61.88
C VAL I 109 -3.13 14.82 -60.86
N PRO I 110 -4.10 15.61 -60.39
CA PRO I 110 -5.07 15.12 -59.40
C PRO I 110 -5.81 13.91 -59.90
N CYS I 111 -5.69 12.82 -59.15
CA CYS I 111 -6.39 11.58 -59.44
C CYS I 111 -7.25 11.36 -58.23
N VAL I 112 -8.56 11.43 -58.45
CA VAL I 112 -9.53 11.30 -57.40
C VAL I 112 -9.81 9.85 -57.05
N PHE I 113 -9.67 9.55 -55.76
CA PHE I 113 -9.92 8.22 -55.25
C PHE I 113 -11.41 8.08 -54.99
N GLY I 114 -12.17 7.76 -56.03
CA GLY I 114 -13.58 7.59 -55.86
C GLY I 114 -13.90 6.12 -55.85
N VAL I 115 -13.29 5.39 -54.94
CA VAL I 115 -13.56 3.99 -54.88
C VAL I 115 -14.06 3.62 -53.51
N LEU I 116 -15.18 2.89 -53.52
CA LEU I 116 -15.81 2.44 -52.30
C LEU I 116 -15.08 1.27 -51.69
N THR I 117 -14.97 1.29 -50.38
CA THR I 117 -14.31 0.21 -49.69
C THR I 117 -15.11 -0.15 -48.48
N CYS I 118 -16.41 -0.29 -48.68
CA CYS I 118 -17.30 -0.67 -47.60
C CYS I 118 -17.26 -2.18 -47.44
N ASP I 119 -17.87 -2.70 -46.38
CA ASP I 119 -17.88 -4.14 -46.14
C ASP I 119 -18.91 -4.84 -47.00
N ASN I 120 -20.17 -4.64 -46.63
CA ASN I 120 -21.26 -5.25 -47.35
C ASN I 120 -21.77 -4.40 -48.50
N MET I 121 -22.31 -5.09 -49.49
CA MET I 121 -22.87 -4.51 -50.69
C MET I 121 -23.80 -3.36 -50.37
N ASP I 122 -24.71 -3.60 -49.45
CA ASP I 122 -25.67 -2.57 -49.07
C ASP I 122 -25.09 -1.21 -48.75
N GLN I 123 -24.06 -1.18 -47.90
CA GLN I 123 -23.42 0.08 -47.54
C GLN I 123 -23.04 0.81 -48.82
N ALA I 124 -22.45 0.06 -49.74
CA ALA I 124 -22.02 0.57 -51.02
C ALA I 124 -23.20 1.20 -51.71
N ILE I 125 -24.26 0.42 -51.88
CA ILE I 125 -25.43 0.91 -52.56
C ILE I 125 -25.75 2.31 -52.05
N ASN I 126 -25.57 2.52 -50.76
CA ASN I 126 -25.84 3.81 -50.18
C ASN I 126 -24.88 4.90 -50.57
N ARG I 127 -23.64 4.54 -50.80
CA ARG I 127 -22.68 5.54 -51.20
C ARG I 127 -22.88 5.83 -52.67
N ALA I 128 -23.54 4.93 -53.37
CA ALA I 128 -23.78 5.13 -54.78
C ALA I 128 -25.15 5.75 -55.04
N GLY I 129 -25.43 6.86 -54.37
CA GLY I 129 -26.72 7.52 -54.57
C GLY I 129 -27.82 7.11 -53.60
N GLY I 130 -27.40 6.59 -52.44
CA GLY I 130 -28.36 6.20 -51.42
C GLY I 130 -28.39 7.28 -50.38
N LYS I 131 -28.78 6.95 -49.17
CA LYS I 131 -28.84 7.96 -48.11
C LYS I 131 -27.46 8.40 -47.68
N ALA I 132 -26.43 7.83 -48.32
CA ALA I 132 -25.05 8.17 -48.00
C ALA I 132 -24.49 9.07 -49.07
N GLY I 133 -25.36 9.48 -49.99
CA GLY I 133 -24.90 10.34 -51.06
C GLY I 133 -24.39 9.51 -52.22
N ASN I 134 -23.52 10.10 -53.03
CA ASN I 134 -22.98 9.40 -54.18
C ASN I 134 -21.52 9.73 -54.34
N LYS I 135 -20.65 8.80 -53.97
CA LYS I 135 -19.22 9.06 -54.07
C LYS I 135 -18.84 9.48 -55.48
N GLY I 136 -19.40 8.79 -56.48
CA GLY I 136 -19.12 9.13 -57.86
C GLY I 136 -19.22 10.63 -58.08
N ALA I 137 -20.41 11.15 -57.88
CA ALA I 137 -20.64 12.57 -58.04
C ALA I 137 -19.64 13.39 -57.26
N GLU I 138 -19.51 13.10 -55.97
CA GLU I 138 -18.59 13.82 -55.10
C GLU I 138 -17.21 13.88 -55.71
N SER I 139 -16.76 12.73 -56.18
CA SER I 139 -15.46 12.62 -56.79
C SER I 139 -15.34 13.58 -57.96
N ALA I 140 -16.36 13.59 -58.81
CA ALA I 140 -16.36 14.46 -59.98
C ALA I 140 -16.16 15.89 -59.52
N LEU I 141 -17.06 16.32 -58.65
CA LEU I 141 -17.02 17.66 -58.09
C LEU I 141 -15.62 17.96 -57.62
N THR I 142 -15.03 17.02 -56.90
CA THR I 142 -13.69 17.20 -56.40
C THR I 142 -12.69 17.37 -57.53
N ALA I 143 -12.80 16.53 -58.55
CA ALA I 143 -11.91 16.59 -59.71
C ALA I 143 -11.89 18.04 -60.17
N ILE I 144 -13.09 18.58 -60.36
CA ILE I 144 -13.24 19.96 -60.77
C ILE I 144 -12.44 20.86 -59.87
N GLU I 145 -12.83 20.90 -58.61
CA GLU I 145 -12.16 21.76 -57.66
C GLU I 145 -10.65 21.65 -57.70
N MET I 146 -10.15 20.43 -57.75
CA MET I 146 -8.72 20.26 -57.77
C MET I 146 -8.08 20.86 -58.99
N ALA I 147 -8.66 20.54 -60.14
CA ALA I 147 -8.16 21.02 -61.41
C ALA I 147 -8.08 22.53 -61.27
N SER I 148 -9.24 23.12 -61.06
CA SER I 148 -9.34 24.55 -60.89
C SER I 148 -8.28 25.10 -59.94
N LEU I 149 -8.14 24.47 -58.78
CA LEU I 149 -7.18 24.90 -57.80
C LEU I 149 -5.82 25.03 -58.46
N PHE I 150 -5.47 24.01 -59.23
CA PHE I 150 -4.19 24.00 -59.89
C PHE I 150 -3.92 25.17 -60.82
N GLU I 151 -4.97 25.70 -61.43
CA GLU I 151 -4.85 26.87 -62.31
C GLU I 151 -5.55 28.04 -61.65
N HIS I 152 -4.90 28.57 -60.64
CA HIS I 152 -5.42 29.68 -59.86
C HIS I 152 -4.37 29.80 -58.78
N HIS I 153 -3.92 28.63 -58.33
CA HIS I 153 -2.90 28.62 -57.33
C HIS I 153 -1.64 28.38 -58.12
N LEU I 154 -1.65 27.31 -58.92
CA LEU I 154 -0.50 26.89 -59.72
C LEU I 154 0.76 26.69 -58.86
N LYS I 155 1.27 27.78 -58.29
CA LYS I 155 2.46 27.86 -57.41
C LYS I 155 2.12 28.17 -55.90
N MET J 1 28.10 16.14 -29.24
CA MET J 1 27.12 16.90 -28.42
C MET J 1 27.09 18.41 -28.76
N ASN J 2 26.23 18.75 -29.71
CA ASN J 2 26.02 20.14 -30.13
C ASN J 2 24.53 20.11 -30.52
N GLU J 3 23.71 20.51 -29.57
CA GLU J 3 22.28 20.48 -29.81
C GLU J 3 21.78 21.38 -30.91
N LEU J 4 21.59 20.78 -32.09
CA LEU J 4 21.08 21.54 -33.21
C LEU J 4 19.57 21.50 -33.15
N GLU J 5 19.00 22.50 -32.49
CA GLU J 5 17.57 22.57 -32.35
C GLU J 5 17.05 23.74 -33.17
N GLY J 6 15.80 23.68 -33.60
CA GLY J 6 15.22 24.79 -34.35
C GLY J 6 14.94 25.96 -33.42
N TYR J 7 14.47 27.07 -33.97
CA TYR J 7 14.17 28.28 -33.20
C TYR J 7 12.73 28.69 -33.42
N VAL J 8 12.01 28.84 -32.34
CA VAL J 8 10.63 29.23 -32.48
C VAL J 8 10.52 30.77 -32.50
N THR J 9 11.56 31.43 -32.02
CA THR J 9 11.56 32.88 -31.94
C THR J 9 11.77 33.60 -33.27
N LYS J 10 12.63 33.04 -34.15
CA LYS J 10 12.92 33.69 -35.41
C LYS J 10 11.93 33.41 -36.54
N ALA J 11 10.65 33.50 -36.23
CA ALA J 11 9.60 33.22 -37.20
C ALA J 11 9.45 34.17 -38.40
N GLN J 12 8.74 35.27 -38.15
CA GLN J 12 8.42 36.35 -39.13
C GLN J 12 9.03 36.35 -40.53
N SER J 13 10.34 36.12 -40.58
CA SER J 13 11.09 36.11 -41.82
C SER J 13 10.68 34.98 -42.76
N PHE J 14 10.08 33.92 -42.21
CA PHE J 14 9.69 32.75 -43.01
C PHE J 14 8.34 32.81 -43.72
N ARG J 15 8.21 31.91 -44.69
CA ARG J 15 7.02 31.78 -45.51
C ARG J 15 6.46 30.37 -45.35
N PHE J 16 5.20 30.29 -44.95
CA PHE J 16 4.56 29.01 -44.75
C PHE J 16 3.28 28.90 -45.53
N ALA J 17 2.78 27.68 -45.61
CA ALA J 17 1.53 27.42 -46.30
C ALA J 17 0.79 26.33 -45.53
N ILE J 18 -0.51 26.53 -45.37
CA ILE J 18 -1.36 25.60 -44.68
C ILE J 18 -2.21 25.00 -45.76
N VAL J 19 -2.44 23.69 -45.67
CA VAL J 19 -3.28 23.01 -46.64
C VAL J 19 -4.33 22.32 -45.82
N VAL J 20 -5.61 22.63 -46.03
CA VAL J 20 -6.65 21.99 -45.23
C VAL J 20 -7.72 21.34 -46.05
N ALA J 21 -8.20 20.20 -45.57
CA ALA J 21 -9.25 19.49 -46.25
C ALA J 21 -10.56 20.02 -45.71
N ARG J 22 -11.52 20.21 -46.59
CA ARG J 22 -12.84 20.71 -46.20
C ARG J 22 -13.66 19.68 -45.43
N PHE J 23 -13.40 18.40 -45.67
CA PHE J 23 -14.08 17.31 -44.99
C PHE J 23 -13.98 17.47 -43.48
N ASN J 24 -15.10 17.30 -42.77
CA ASN J 24 -15.14 17.45 -41.31
C ASN J 24 -14.78 18.86 -40.95
N GLU J 25 -15.18 19.75 -41.84
CA GLU J 25 -14.96 21.17 -41.73
C GLU J 25 -15.14 21.66 -40.32
N PHE J 26 -16.20 21.17 -39.69
CA PHE J 26 -16.52 21.59 -38.33
C PHE J 26 -15.30 21.60 -37.46
N VAL J 27 -14.40 20.68 -37.72
CA VAL J 27 -13.19 20.58 -36.93
C VAL J 27 -12.04 21.22 -37.65
N THR J 28 -11.86 20.85 -38.91
CA THR J 28 -10.76 21.38 -39.68
C THR J 28 -10.68 22.90 -39.65
N ARG J 29 -11.80 23.57 -39.88
CA ARG J 29 -11.86 25.04 -39.87
C ARG J 29 -11.11 25.49 -38.62
N ARG J 30 -11.57 24.99 -37.47
CA ARG J 30 -10.98 25.29 -36.18
C ARG J 30 -9.50 25.01 -36.20
N LEU J 31 -9.20 23.79 -36.57
CA LEU J 31 -7.85 23.32 -36.66
C LEU J 31 -6.98 24.38 -37.35
N MET J 32 -7.43 24.78 -38.52
CA MET J 32 -6.74 25.75 -39.33
C MET J 32 -6.63 27.06 -38.62
N GLU J 33 -7.76 27.59 -38.20
CA GLU J 33 -7.78 28.85 -37.47
C GLU J 33 -6.70 28.80 -36.41
N GLY J 34 -6.58 27.64 -35.78
CA GLY J 34 -5.59 27.49 -34.74
C GLY J 34 -4.19 27.70 -35.25
N ALA J 35 -3.84 26.93 -36.29
CA ALA J 35 -2.52 27.02 -36.87
C ALA J 35 -2.21 28.46 -37.23
N LEU J 36 -3.16 29.06 -37.93
CA LEU J 36 -3.06 30.44 -38.37
C LEU J 36 -2.69 31.30 -37.19
N ASP J 37 -3.59 31.35 -36.22
CA ASP J 37 -3.38 32.13 -35.03
C ASP J 37 -1.97 31.93 -34.51
N THR J 38 -1.60 30.70 -34.24
CA THR J 38 -0.27 30.43 -33.74
C THR J 38 0.82 31.13 -34.53
N PHE J 39 0.71 31.10 -35.84
CA PHE J 39 1.71 31.76 -36.65
C PHE J 39 1.85 33.21 -36.24
N LYS J 40 0.73 33.91 -36.30
CA LYS J 40 0.73 35.31 -35.92
C LYS J 40 1.24 35.48 -34.51
N LYS J 41 0.70 34.67 -33.61
CA LYS J 41 1.10 34.69 -32.22
C LYS J 41 2.63 34.61 -32.16
N TYR J 42 3.23 33.89 -33.10
CA TYR J 42 4.67 33.76 -33.14
C TYR J 42 5.33 34.73 -34.08
N SER J 43 4.80 35.96 -34.05
CA SER J 43 5.29 37.09 -34.84
C SER J 43 5.53 36.91 -36.34
N VAL J 44 5.20 35.74 -36.89
CA VAL J 44 5.44 35.55 -38.30
C VAL J 44 4.51 36.39 -39.17
N ASN J 45 5.09 36.94 -40.24
CA ASN J 45 4.30 37.70 -41.17
C ASN J 45 4.78 37.82 -42.60
N GLU J 46 4.01 37.13 -43.44
CA GLU J 46 4.15 37.02 -44.89
C GLU J 46 2.77 36.47 -45.29
N ASP J 47 1.81 36.82 -44.46
CA ASP J 47 0.44 36.43 -44.67
C ASP J 47 0.16 35.00 -45.22
N ILE J 48 0.75 33.98 -44.60
CA ILE J 48 0.56 32.55 -44.97
C ILE J 48 -0.60 32.14 -45.88
N ASP J 49 -0.25 31.36 -46.90
CA ASP J 49 -1.23 30.87 -47.87
C ASP J 49 -1.97 29.68 -47.29
N VAL J 50 -3.29 29.69 -47.38
CA VAL J 50 -4.07 28.56 -46.89
C VAL J 50 -4.75 27.97 -48.12
N VAL J 51 -4.43 26.73 -48.40
CA VAL J 51 -4.98 26.04 -49.56
C VAL J 51 -6.04 25.05 -49.15
N TRP J 52 -7.24 25.22 -49.69
CA TRP J 52 -8.33 24.33 -49.40
C TRP J 52 -8.42 23.21 -50.39
N VAL J 53 -8.50 21.98 -49.90
CA VAL J 53 -8.68 20.81 -50.75
C VAL J 53 -9.88 20.12 -50.14
N PRO J 54 -10.70 19.48 -50.96
CA PRO J 54 -11.88 18.82 -50.40
C PRO J 54 -11.60 17.73 -49.37
N GLY J 55 -10.72 16.79 -49.68
CA GLY J 55 -10.45 15.73 -48.73
C GLY J 55 -9.00 15.47 -48.39
N ALA J 56 -8.77 14.85 -47.25
CA ALA J 56 -7.43 14.55 -46.77
C ALA J 56 -6.56 13.84 -47.78
N TYR J 57 -7.19 13.01 -48.60
CA TYR J 57 -6.47 12.27 -49.63
C TYR J 57 -5.64 13.27 -50.43
N GLU J 58 -6.31 14.36 -50.79
CA GLU J 58 -5.73 15.41 -51.60
C GLU J 58 -4.46 16.00 -51.05
N LEU J 59 -4.38 16.10 -49.73
CA LEU J 59 -3.20 16.67 -49.11
C LEU J 59 -1.91 16.31 -49.83
N GLY J 60 -1.71 15.02 -50.09
CA GLY J 60 -0.51 14.59 -50.76
C GLY J 60 0.01 15.47 -51.90
N VAL J 61 -0.65 15.38 -53.05
CA VAL J 61 -0.24 16.15 -54.20
C VAL J 61 -0.22 17.62 -53.95
N THR J 62 -1.25 18.11 -53.32
CA THR J 62 -1.31 19.52 -53.06
C THR J 62 -0.05 19.98 -52.36
N ALA J 63 0.32 19.29 -51.30
CA ALA J 63 1.50 19.67 -50.59
C ALA J 63 2.62 19.55 -51.58
N GLN J 64 2.71 18.37 -52.17
CA GLN J 64 3.72 18.05 -53.16
C GLN J 64 4.05 19.29 -53.98
N ALA J 65 3.01 19.85 -54.59
CA ALA J 65 3.14 21.03 -55.41
C ALA J 65 3.76 22.16 -54.60
N LEU J 66 2.99 22.67 -53.66
CA LEU J 66 3.42 23.78 -52.83
C LEU J 66 4.86 23.63 -52.40
N GLY J 67 5.22 22.40 -52.06
CA GLY J 67 6.57 22.14 -51.61
C GLY J 67 7.58 22.40 -52.72
N LYS J 68 7.34 21.77 -53.86
CA LYS J 68 8.23 21.92 -54.98
C LYS J 68 8.27 23.36 -55.51
N SER J 69 7.25 24.17 -55.21
CA SER J 69 7.27 25.55 -55.69
C SER J 69 8.40 26.33 -55.02
N GLY J 70 9.05 25.71 -54.05
CA GLY J 70 10.14 26.36 -53.34
C GLY J 70 9.79 27.69 -52.69
N LYS J 71 8.52 28.05 -52.76
CA LYS J 71 8.07 29.31 -52.20
C LYS J 71 7.97 29.31 -50.67
N TYR J 72 7.65 28.15 -50.08
CA TYR J 72 7.48 28.08 -48.63
C TYR J 72 8.61 27.28 -47.97
N HIS J 73 8.80 27.51 -46.67
CA HIS J 73 9.85 26.84 -45.92
C HIS J 73 9.30 25.61 -45.24
N ALA J 74 7.99 25.63 -45.01
CA ALA J 74 7.31 24.53 -44.37
C ALA J 74 5.85 24.68 -44.68
N ILE J 75 5.21 23.53 -44.95
CA ILE J 75 3.79 23.49 -45.24
C ILE J 75 3.19 22.56 -44.20
N VAL J 76 2.10 23.02 -43.64
CA VAL J 76 1.43 22.27 -42.63
C VAL J 76 0.13 21.81 -43.25
N CYS J 77 -0.13 20.51 -43.13
CA CYS J 77 -1.33 19.92 -43.69
C CYS J 77 -2.26 19.53 -42.59
N LEU J 78 -3.48 20.02 -42.70
CA LEU J 78 -4.49 19.78 -41.73
C LEU J 78 -5.62 19.02 -42.32
N GLY J 79 -6.19 18.15 -41.51
CA GLY J 79 -7.32 17.37 -41.93
C GLY J 79 -7.76 16.55 -40.75
N ALA J 80 -8.91 15.92 -40.87
CA ALA J 80 -9.41 15.08 -39.79
C ALA J 80 -10.24 13.98 -40.41
N VAL J 81 -9.86 12.75 -40.12
CA VAL J 81 -10.60 11.63 -40.63
C VAL J 81 -11.01 10.79 -39.46
N VAL J 82 -12.28 10.91 -39.10
CA VAL J 82 -12.84 10.17 -37.98
C VAL J 82 -13.27 8.80 -38.42
N LYS J 83 -12.96 7.81 -37.58
CA LYS J 83 -13.32 6.43 -37.87
C LYS J 83 -14.83 6.36 -37.81
N GLY J 84 -15.47 6.73 -38.92
CA GLY J 84 -16.92 6.70 -39.01
C GLY J 84 -17.49 5.28 -39.11
N ASP J 85 -17.10 4.55 -40.16
CA ASP J 85 -17.60 3.17 -40.37
C ASP J 85 -16.54 2.11 -40.87
N THR J 86 -16.47 1.98 -42.20
CA THR J 86 -15.60 1.01 -42.88
C THR J 86 -14.09 1.24 -42.88
N SER J 87 -13.35 0.29 -43.47
CA SER J 87 -11.88 0.40 -43.57
C SER J 87 -11.52 1.64 -44.44
N HIS J 88 -12.55 2.22 -45.09
CA HIS J 88 -12.40 3.42 -45.91
C HIS J 88 -11.53 4.38 -45.09
N TYR J 89 -11.84 4.41 -43.79
CA TYR J 89 -11.11 5.19 -42.81
C TYR J 89 -9.64 4.91 -43.10
N ASP J 90 -9.24 3.66 -42.92
CA ASP J 90 -7.86 3.25 -43.16
C ASP J 90 -7.35 3.77 -44.47
N ALA J 91 -8.02 3.36 -45.52
CA ALA J 91 -7.65 3.78 -46.86
C ALA J 91 -7.19 5.23 -46.87
N VAL J 92 -8.11 6.11 -46.53
CA VAL J 92 -7.85 7.52 -46.52
C VAL J 92 -6.68 7.79 -45.62
N VAL J 93 -6.83 7.46 -44.36
CA VAL J 93 -5.79 7.68 -43.37
C VAL J 93 -4.41 7.34 -43.88
N ASN J 94 -4.27 6.17 -44.49
CA ASN J 94 -2.97 5.79 -45.00
C ASN J 94 -2.55 6.75 -46.05
N SER J 95 -3.34 6.83 -47.11
CA SER J 95 -3.02 7.71 -48.20
C SER J 95 -2.68 9.09 -47.68
N ALA J 96 -3.52 9.62 -46.80
CA ALA J 96 -3.28 10.92 -46.24
C ALA J 96 -1.88 10.91 -45.68
N SER J 97 -1.68 10.09 -44.67
CA SER J 97 -0.36 10.00 -44.03
C SER J 97 0.77 9.84 -45.03
N SER J 98 0.72 8.77 -45.81
CA SER J 98 1.73 8.48 -46.80
C SER J 98 2.00 9.68 -47.67
N GLY J 99 0.94 10.29 -48.18
CA GLY J 99 1.07 11.45 -49.05
C GLY J 99 1.93 12.52 -48.42
N VAL J 100 1.50 13.01 -47.26
CA VAL J 100 2.26 14.03 -46.55
C VAL J 100 3.71 13.64 -46.37
N LEU J 101 3.91 12.36 -46.08
CA LEU J 101 5.27 11.88 -45.88
C LEU J 101 5.98 12.12 -47.19
N SER J 102 5.57 11.38 -48.22
CA SER J 102 6.16 11.49 -49.53
C SER J 102 6.43 12.93 -49.90
N ALA J 103 5.44 13.79 -49.74
CA ALA J 103 5.61 15.19 -50.07
C ALA J 103 6.86 15.74 -49.40
N GLY J 104 6.86 15.70 -48.08
CA GLY J 104 7.99 16.19 -47.33
C GLY J 104 9.30 15.64 -47.87
N LEU J 105 9.37 14.32 -48.07
CA LEU J 105 10.60 13.69 -48.56
C LEU J 105 11.01 14.18 -49.93
N ASN J 106 10.10 14.06 -50.87
CA ASN J 106 10.36 14.46 -52.23
C ASN J 106 10.67 15.91 -52.38
N SER J 107 9.93 16.75 -51.67
CA SER J 107 10.15 18.18 -51.75
C SER J 107 11.36 18.60 -50.92
N GLY J 108 11.75 17.78 -49.94
CA GLY J 108 12.85 18.14 -49.08
C GLY J 108 12.37 19.28 -48.20
N VAL J 109 11.06 19.51 -48.19
CA VAL J 109 10.46 20.57 -47.40
C VAL J 109 9.57 19.95 -46.34
N PRO J 110 9.72 20.40 -45.10
CA PRO J 110 8.92 19.88 -44.00
C PRO J 110 7.44 20.09 -44.26
N CYS J 111 6.72 18.99 -44.23
CA CYS J 111 5.29 19.00 -44.41
C CYS J 111 4.76 18.39 -43.14
N VAL J 112 4.06 19.22 -42.38
CA VAL J 112 3.52 18.82 -41.11
C VAL J 112 2.22 18.05 -41.22
N PHE J 113 2.23 16.86 -40.62
CA PHE J 113 1.08 15.99 -40.61
C PHE J 113 0.17 16.42 -39.49
N GLY J 114 -0.66 17.41 -39.77
CA GLY J 114 -1.55 17.89 -38.77
C GLY J 114 -2.93 17.40 -39.08
N VAL J 115 -3.07 16.09 -39.15
CA VAL J 115 -4.37 15.55 -39.43
C VAL J 115 -4.79 14.58 -38.35
N LEU J 116 -6.01 14.79 -37.88
CA LEU J 116 -6.58 13.97 -36.85
C LEU J 116 -7.06 12.66 -37.39
N THR J 117 -6.81 11.61 -36.62
CA THR J 117 -7.22 10.29 -37.02
C THR J 117 -7.82 9.58 -35.83
N CYS J 118 -8.68 10.29 -35.13
CA CYS J 118 -9.33 9.71 -33.96
C CYS J 118 -10.53 8.90 -34.44
N ASP J 119 -11.16 8.17 -33.54
CA ASP J 119 -12.32 7.34 -33.92
C ASP J 119 -13.58 8.17 -34.00
N ASN J 120 -14.05 8.59 -32.83
CA ASN J 120 -15.25 9.40 -32.77
C ASN J 120 -14.97 10.88 -32.85
N MET J 121 -15.99 11.57 -33.35
CA MET J 121 -15.98 13.02 -33.53
C MET J 121 -15.51 13.71 -32.27
N ASP J 122 -16.11 13.34 -31.15
CA ASP J 122 -15.76 13.95 -29.88
C ASP J 122 -14.28 14.03 -29.58
N GLN J 123 -13.55 12.92 -29.73
CA GLN J 123 -12.11 12.90 -29.46
C GLN J 123 -11.48 14.01 -30.29
N ALA J 124 -11.91 14.10 -31.53
CA ALA J 124 -11.41 15.10 -32.44
C ALA J 124 -11.64 16.48 -31.84
N ILE J 125 -12.88 16.76 -31.51
CA ILE J 125 -13.21 18.05 -30.96
C ILE J 125 -12.19 18.43 -29.92
N ASN J 126 -11.74 17.46 -29.16
CA ASN J 126 -10.78 17.71 -28.13
C ASN J 126 -9.41 18.05 -28.62
N ARG J 127 -9.01 17.45 -29.74
CA ARG J 127 -7.69 17.74 -30.29
C ARG J 127 -7.74 19.10 -30.99
N ALA J 128 -8.95 19.56 -31.32
CA ALA J 128 -9.12 20.83 -31.97
C ALA J 128 -9.43 21.93 -30.97
N GLY J 129 -8.60 22.04 -29.95
CA GLY J 129 -8.83 23.07 -28.96
C GLY J 129 -9.65 22.67 -27.75
N GLY J 130 -9.68 21.38 -27.49
CA GLY J 130 -10.41 20.87 -26.34
C GLY J 130 -9.39 20.57 -25.25
N LYS J 131 -9.72 19.68 -24.34
CA LYS J 131 -8.78 19.36 -23.27
C LYS J 131 -7.59 18.58 -23.78
N ALA J 132 -7.56 18.32 -25.08
CA ALA J 132 -6.48 17.57 -25.70
C ALA J 132 -5.55 18.53 -26.44
N GLY J 133 -5.81 19.82 -26.28
CA GLY J 133 -4.98 20.80 -26.96
C GLY J 133 -5.52 21.07 -28.34
N ASN J 134 -4.65 21.56 -29.21
CA ASN J 134 -5.05 21.89 -30.57
C ASN J 134 -3.97 21.45 -31.53
N LYS J 135 -4.22 20.35 -32.23
CA LYS J 135 -3.22 19.86 -33.16
C LYS J 135 -2.87 20.96 -34.14
N GLY J 136 -3.89 21.67 -34.67
CA GLY J 136 -3.64 22.73 -35.62
C GLY J 136 -2.51 23.62 -35.17
N ALA J 137 -2.71 24.23 -34.02
CA ALA J 137 -1.70 25.09 -33.45
C ALA J 137 -0.36 24.39 -33.33
N GLU J 138 -0.37 23.22 -32.71
CA GLU J 138 0.85 22.44 -32.53
C GLU J 138 1.58 22.28 -33.85
N SER J 139 0.83 21.92 -34.88
CA SER J 139 1.39 21.74 -36.19
C SER J 139 2.09 22.99 -36.66
N ALA J 140 1.42 24.13 -36.53
CA ALA J 140 1.99 25.40 -36.95
C ALA J 140 3.33 25.57 -36.28
N LEU J 141 3.30 25.53 -34.95
CA LEU J 141 4.50 25.68 -34.13
C LEU J 141 5.57 24.77 -34.68
N THR J 142 5.21 23.53 -34.95
CA THR J 142 6.18 22.60 -35.48
C THR J 142 6.75 23.06 -36.80
N ALA J 143 5.87 23.54 -37.66
CA ALA J 143 6.27 24.03 -38.97
C ALA J 143 7.42 24.98 -38.75
N ILE J 144 7.16 25.94 -37.88
CA ILE J 144 8.15 26.93 -37.54
C ILE J 144 9.47 26.26 -37.18
N GLU J 145 9.47 25.53 -36.08
CA GLU J 145 10.66 24.88 -35.64
C GLU J 145 11.40 24.14 -36.74
N MET J 146 10.68 23.41 -37.57
CA MET J 146 11.32 22.65 -38.62
C MET J 146 12.01 23.55 -39.61
N ALA J 147 11.26 24.56 -40.08
CA ALA J 147 11.77 25.52 -41.03
C ALA J 147 13.07 26.04 -40.47
N SER J 148 12.94 26.68 -39.31
CA SER J 148 14.09 27.23 -38.61
C SER J 148 15.23 26.23 -38.52
N LEU J 149 14.93 25.00 -38.09
CA LEU J 149 15.95 23.99 -37.98
C LEU J 149 16.73 23.89 -39.27
N PHE J 150 16.01 23.87 -40.38
CA PHE J 150 16.64 23.78 -41.66
C PHE J 150 17.63 24.88 -41.99
N GLU J 151 17.40 26.09 -41.49
CA GLU J 151 18.32 27.21 -41.72
C GLU J 151 18.97 27.56 -40.39
N HIS J 152 19.88 26.69 -40.00
CA HIS J 152 20.59 26.83 -38.75
C HIS J 152 21.40 25.57 -38.74
N HIS J 153 20.77 24.50 -39.19
CA HIS J 153 21.45 23.25 -39.24
C HIS J 153 21.86 23.13 -40.68
N LEU J 154 20.88 23.28 -41.59
CA LEU J 154 21.08 23.16 -43.04
C LEU J 154 21.72 21.81 -43.42
N LYS J 155 22.98 21.63 -42.99
CA LYS J 155 23.82 20.44 -43.22
C LYS J 155 24.06 19.59 -41.92
N MET K 1 40.43 -19.63 -27.09
CA MET K 1 39.82 -20.92 -27.50
C MET K 1 40.79 -22.09 -27.43
N ASN K 2 40.82 -22.74 -26.27
CA ASN K 2 41.64 -23.93 -26.03
C ASN K 2 40.81 -24.68 -25.01
N GLU K 3 40.04 -25.63 -25.51
CA GLU K 3 39.15 -26.37 -24.66
C GLU K 3 39.82 -27.22 -23.61
N LEU K 4 39.88 -26.68 -22.40
CA LEU K 4 40.49 -27.41 -21.30
C LEU K 4 39.39 -28.24 -20.67
N GLU K 5 39.27 -29.48 -21.13
CA GLU K 5 38.26 -30.39 -20.62
C GLU K 5 38.95 -31.51 -19.85
N GLY K 6 38.24 -32.12 -18.91
CA GLY K 6 38.81 -33.21 -18.16
C GLY K 6 38.85 -34.46 -19.02
N TYR K 7 39.42 -35.53 -18.50
CA TYR K 7 39.53 -36.79 -19.24
C TYR K 7 38.87 -37.89 -18.46
N VAL K 8 37.96 -38.59 -19.10
CA VAL K 8 37.30 -39.69 -18.43
C VAL K 8 38.09 -41.00 -18.62
N THR K 9 38.98 -41.00 -19.61
CA THR K 9 39.77 -42.18 -19.91
C THR K 9 40.95 -42.46 -18.98
N LYS K 10 41.61 -41.39 -18.52
CA LYS K 10 42.76 -41.55 -17.63
C LYS K 10 42.41 -41.70 -16.12
N ALA K 11 41.45 -42.56 -15.82
CA ALA K 11 41.01 -42.79 -14.45
C ALA K 11 42.01 -43.48 -13.51
N GLN K 12 42.03 -44.82 -13.58
CA GLN K 12 42.88 -45.74 -12.78
C GLN K 12 43.94 -45.17 -11.84
N SER K 13 44.74 -44.25 -12.35
CA SER K 13 45.82 -43.64 -11.57
C SER K 13 45.34 -42.79 -10.38
N PHE K 14 44.07 -42.37 -10.40
CA PHE K 14 43.53 -41.53 -9.33
C PHE K 14 42.98 -42.24 -8.12
N ARG K 15 42.81 -41.44 -7.07
CA ARG K 15 42.31 -41.92 -5.78
C ARG K 15 41.05 -41.11 -5.44
N PHE K 16 39.94 -41.83 -5.21
CA PHE K 16 38.66 -41.19 -4.88
C PHE K 16 38.07 -41.71 -3.60
N ALA K 17 37.08 -40.97 -3.11
CA ALA K 17 36.39 -41.37 -1.92
C ALA K 17 34.93 -41.01 -2.06
N ILE K 18 34.09 -41.94 -1.65
CA ILE K 18 32.66 -41.78 -1.69
C ILE K 18 32.22 -41.62 -0.25
N VAL K 19 31.26 -40.74 -0.02
CA VAL K 19 30.76 -40.53 1.32
C VAL K 19 29.29 -40.66 1.16
N VAL K 20 28.68 -41.59 1.87
CA VAL K 20 27.25 -41.78 1.75
C VAL K 20 26.52 -41.75 3.07
N ALA K 21 25.32 -41.17 3.04
CA ALA K 21 24.51 -41.11 4.24
C ALA K 21 23.65 -42.36 4.27
N ARG K 22 23.50 -42.93 5.45
CA ARG K 22 22.72 -44.13 5.64
C ARG K 22 21.22 -43.88 5.49
N PHE K 23 20.80 -42.66 5.80
CA PHE K 23 19.39 -42.26 5.69
C PHE K 23 18.87 -42.56 4.31
N ASN K 24 17.67 -43.16 4.24
CA ASN K 24 17.07 -43.50 2.96
C ASN K 24 17.95 -44.50 2.24
N GLU K 25 18.58 -45.32 3.06
CA GLU K 25 19.48 -46.35 2.63
C GLU K 25 18.98 -47.06 1.40
N PHE K 26 17.68 -47.35 1.39
CA PHE K 26 17.07 -48.06 0.27
C PHE K 26 17.50 -47.50 -1.07
N VAL K 27 17.74 -46.22 -1.08
CA VAL K 27 18.15 -45.56 -2.29
C VAL K 27 19.64 -45.33 -2.29
N THR K 28 20.14 -44.71 -1.22
CA THR K 28 21.54 -44.42 -1.11
C THR K 28 22.44 -45.61 -1.40
N ARG K 29 22.14 -46.78 -0.83
CA ARG K 29 22.92 -48.00 -1.07
C ARG K 29 23.11 -48.13 -2.57
N ARG K 30 21.99 -48.15 -3.27
CA ARG K 30 21.97 -48.24 -4.72
C ARG K 30 22.83 -47.18 -5.33
N LEU K 31 22.52 -45.95 -4.96
CA LEU K 31 23.23 -44.78 -5.43
C LEU K 31 24.73 -45.03 -5.39
N MET K 32 25.19 -45.43 -4.22
CA MET K 32 26.58 -45.72 -3.96
C MET K 32 27.08 -46.85 -4.86
N GLU K 33 26.38 -47.97 -4.82
CA GLU K 33 26.74 -49.10 -5.63
C GLU K 33 26.96 -48.61 -7.04
N GLY K 34 26.13 -47.68 -7.46
CA GLY K 34 26.24 -47.15 -8.80
C GLY K 34 27.54 -46.45 -9.01
N ALA K 35 27.83 -45.48 -8.16
CA ALA K 35 29.06 -44.71 -8.26
C ALA K 35 30.25 -45.67 -8.31
N LEU K 36 30.26 -46.58 -7.36
CA LEU K 36 31.29 -47.58 -7.24
C LEU K 36 31.50 -48.23 -8.58
N ASP K 37 30.47 -48.94 -9.02
CA ASP K 37 30.51 -49.64 -10.30
C ASP K 37 31.12 -48.75 -11.37
N THR K 38 30.57 -47.57 -11.57
CA THR K 38 31.08 -46.67 -12.57
C THR K 38 32.59 -46.51 -12.49
N PHE K 39 33.10 -46.37 -11.28
CA PHE K 39 34.53 -46.21 -11.11
C PHE K 39 35.26 -47.35 -11.77
N LYS K 40 34.93 -48.55 -11.32
CA LYS K 40 35.53 -49.75 -11.87
C LYS K 40 35.34 -49.78 -13.39
N LYS K 41 34.10 -49.55 -13.81
CA LYS K 41 33.75 -49.54 -15.23
C LYS K 41 34.73 -48.62 -15.97
N TYR K 42 35.17 -47.58 -15.31
CA TYR K 42 36.10 -46.65 -15.90
C TYR K 42 37.53 -46.94 -15.51
N SER K 43 37.84 -48.23 -15.50
CA SER K 43 39.17 -48.73 -15.22
C SER K 43 39.92 -48.22 -13.99
N VAL K 44 39.29 -47.39 -13.18
CA VAL K 44 40.00 -46.90 -12.00
C VAL K 44 40.24 -47.98 -10.95
N ASN K 45 41.43 -47.93 -10.37
CA ASN K 45 41.75 -48.85 -9.31
C ASN K 45 42.80 -48.45 -8.29
N GLU K 46 42.28 -48.23 -7.08
CA GLU K 46 43.00 -47.86 -5.87
C GLU K 46 41.93 -48.14 -4.81
N ASP K 47 41.06 -49.10 -5.14
CA ASP K 47 39.97 -49.54 -4.28
C ASP K 47 39.22 -48.47 -3.43
N ILE K 48 38.79 -47.38 -4.07
CA ILE K 48 38.04 -46.27 -3.45
C ILE K 48 37.40 -46.46 -2.05
N ASP K 49 37.69 -45.49 -1.18
CA ASP K 49 37.20 -45.50 0.18
C ASP K 49 35.77 -45.03 0.21
N VAL K 50 34.90 -45.79 0.88
CA VAL K 50 33.49 -45.41 1.01
C VAL K 50 33.26 -45.14 2.49
N VAL K 51 32.90 -43.89 2.80
CA VAL K 51 32.68 -43.48 4.16
C VAL K 51 31.22 -43.32 4.44
N TRP K 52 30.73 -44.06 5.42
CA TRP K 52 29.33 -44.02 5.80
C TRP K 52 29.08 -43.02 6.90
N VAL K 53 28.12 -42.14 6.69
CA VAL K 53 27.73 -41.17 7.71
C VAL K 53 26.26 -41.40 7.83
N PRO K 54 25.71 -41.21 9.03
CA PRO K 54 24.27 -41.43 9.19
C PRO K 54 23.35 -40.53 8.35
N GLY K 55 23.58 -39.22 8.36
CA GLY K 55 22.71 -38.36 7.58
C GLY K 55 23.41 -37.38 6.67
N ALA K 56 22.69 -36.91 5.66
CA ALA K 56 23.22 -35.98 4.67
C ALA K 56 23.88 -34.75 5.27
N TYR K 57 23.38 -34.34 6.43
CA TYR K 57 23.92 -33.18 7.12
C TYR K 57 25.42 -33.40 7.31
N GLU K 58 25.75 -34.60 7.75
CA GLU K 58 27.11 -35.01 8.01
C GLU K 58 28.08 -34.83 6.86
N LEU K 59 27.59 -35.05 5.65
CA LEU K 59 28.42 -34.94 4.45
C LEU K 59 29.42 -33.83 4.55
N GLY K 60 28.94 -32.63 4.89
CA GLY K 60 29.83 -31.48 4.99
C GLY K 60 31.19 -31.73 5.63
N VAL K 61 31.22 -31.86 6.94
CA VAL K 61 32.47 -32.09 7.64
C VAL K 61 33.20 -33.33 7.17
N THR K 62 32.48 -34.41 6.99
CA THR K 62 33.12 -35.63 6.57
C THR K 62 33.93 -35.39 5.32
N ALA K 63 33.30 -34.77 4.33
CA ALA K 63 34.01 -34.50 3.10
C ALA K 63 35.16 -33.62 3.48
N GLN K 64 34.83 -32.51 4.15
CA GLN K 64 35.79 -31.53 4.62
C GLN K 64 37.10 -32.24 4.99
N ALA K 65 36.97 -33.19 5.91
CA ALA K 65 38.08 -33.97 6.38
C ALA K 65 38.77 -34.65 5.21
N LEU K 66 38.12 -35.65 4.65
CA LEU K 66 38.66 -36.40 3.54
C LEU K 66 39.36 -35.51 2.52
N GLY K 67 38.76 -34.37 2.24
CA GLY K 67 39.32 -33.46 1.28
C GLY K 67 40.65 -32.93 1.75
N LYS K 68 40.67 -32.40 2.96
CA LYS K 68 41.90 -31.86 3.53
C LYS K 68 42.99 -32.92 3.75
N SER K 69 42.62 -34.20 3.84
CA SER K 69 43.62 -35.25 4.04
C SER K 69 44.52 -35.34 2.80
N GLY K 70 44.18 -34.59 1.74
CA GLY K 70 44.96 -34.59 0.51
C GLY K 70 45.17 -35.98 -0.10
N LYS K 71 44.52 -36.98 0.47
CA LYS K 71 44.69 -38.33 -0.01
C LYS K 71 43.90 -38.60 -1.29
N TYR K 72 42.77 -37.93 -1.48
CA TYR K 72 41.96 -38.17 -2.66
C TYR K 72 41.97 -36.99 -3.63
N HIS K 73 41.63 -37.24 -4.90
CA HIS K 73 41.61 -36.20 -5.93
C HIS K 73 40.23 -35.62 -6.08
N ALA K 74 39.24 -36.42 -5.69
CA ALA K 74 37.85 -36.03 -5.76
C ALA K 74 37.06 -36.94 -4.84
N ILE K 75 36.12 -36.34 -4.13
CA ILE K 75 35.27 -37.08 -3.23
C ILE K 75 33.86 -36.83 -3.72
N VAL K 76 33.10 -37.90 -3.77
CA VAL K 76 31.74 -37.81 -4.23
C VAL K 76 30.87 -38.08 -3.01
N CYS K 77 29.92 -37.20 -2.79
CA CYS K 77 29.03 -37.32 -1.65
C CYS K 77 27.65 -37.71 -2.14
N LEU K 78 27.15 -38.78 -1.56
CA LEU K 78 25.86 -39.30 -1.92
C LEU K 78 24.94 -39.26 -0.75
N GLY K 79 23.68 -39.00 -1.06
CA GLY K 79 22.66 -38.95 -0.04
C GLY K 79 21.36 -38.70 -0.76
N ALA K 80 20.26 -38.82 -0.02
CA ALA K 80 18.97 -38.58 -0.59
C ALA K 80 18.07 -38.06 0.50
N VAL K 81 17.49 -36.89 0.28
CA VAL K 81 16.58 -36.29 1.24
C VAL K 81 15.27 -36.01 0.51
N VAL K 82 14.31 -36.89 0.76
CA VAL K 82 12.98 -36.78 0.15
C VAL K 82 12.13 -35.85 0.95
N LYS K 83 11.41 -35.00 0.25
CA LYS K 83 10.52 -34.04 0.89
C LYS K 83 9.42 -34.86 1.54
N GLY K 84 9.70 -35.36 2.74
CA GLY K 84 8.73 -36.15 3.48
C GLY K 84 7.58 -35.31 4.04
N ASP K 85 7.90 -34.33 4.89
CA ASP K 85 6.87 -33.47 5.52
C ASP K 85 7.23 -31.96 5.65
N THR K 86 7.82 -31.63 6.80
CA THR K 86 8.21 -30.25 7.18
C THR K 86 9.37 -29.57 6.44
N SER K 87 9.60 -28.28 6.78
CA SER K 87 10.71 -27.51 6.20
C SER K 87 12.06 -28.20 6.58
N HIS K 88 11.98 -29.16 7.52
CA HIS K 88 13.14 -29.94 7.98
C HIS K 88 13.89 -30.34 6.70
N TYR K 89 13.11 -30.74 5.71
CA TYR K 89 13.60 -31.09 4.41
C TYR K 89 14.58 -29.97 4.04
N ASP K 90 14.06 -28.76 3.90
CA ASP K 90 14.88 -27.60 3.53
C ASP K 90 16.13 -27.56 4.36
N ALA K 91 15.94 -27.46 5.67
CA ALA K 91 17.04 -27.39 6.62
C ALA K 91 18.18 -28.27 6.20
N VAL K 92 17.90 -29.57 6.18
CA VAL K 92 18.86 -30.56 5.79
C VAL K 92 19.40 -30.24 4.42
N VAL K 93 18.52 -30.24 3.43
CA VAL K 93 18.91 -29.97 2.05
C VAL K 93 19.89 -28.83 1.92
N ASN K 94 19.62 -27.74 2.60
CA ASN K 94 20.52 -26.61 2.51
C ASN K 94 21.83 -26.99 3.11
N SER K 95 21.83 -27.36 4.37
CA SER K 95 23.04 -27.75 5.03
C SER K 95 23.82 -28.73 4.19
N ALA K 96 23.16 -29.77 3.72
CA ALA K 96 23.80 -30.77 2.90
C ALA K 96 24.50 -30.05 1.77
N SER K 97 23.70 -29.43 0.91
CA SER K 97 24.23 -28.70 -0.22
C SER K 97 25.38 -27.78 0.17
N SER K 98 25.09 -26.84 1.05
CA SER K 98 26.08 -25.90 1.51
C SER K 98 27.36 -26.59 1.98
N GLY K 99 27.19 -27.61 2.81
CA GLY K 99 28.34 -28.33 3.30
C GLY K 99 29.25 -28.77 2.19
N VAL K 100 28.70 -29.59 1.29
CA VAL K 100 29.47 -30.09 0.16
C VAL K 100 30.14 -28.97 -0.61
N LEU K 101 29.44 -27.86 -0.76
CA LEU K 101 30.01 -26.74 -1.46
C LEU K 101 31.24 -26.32 -0.68
N SER K 102 31.02 -25.80 0.52
CA SER K 102 32.10 -25.35 1.39
C SER K 102 33.27 -26.32 1.35
N ALA K 103 33.00 -27.61 1.53
CA ALA K 103 34.06 -28.61 1.52
C ALA K 103 34.91 -28.42 0.28
N GLY K 104 34.28 -28.59 -0.87
CA GLY K 104 34.99 -28.45 -2.11
C GLY K 104 35.81 -27.18 -2.15
N LEU K 105 35.20 -26.06 -1.81
CA LEU K 105 35.91 -24.79 -1.86
C LEU K 105 37.10 -24.74 -0.92
N ASN K 106 36.84 -25.03 0.35
CA ASN K 106 37.86 -25.00 1.37
C ASN K 106 38.98 -25.98 1.12
N SER K 107 38.62 -27.19 0.71
CA SER K 107 39.61 -28.22 0.45
C SER K 107 40.29 -27.99 -0.89
N GLY K 108 39.64 -27.26 -1.78
CA GLY K 108 40.21 -27.05 -3.09
C GLY K 108 40.12 -28.37 -3.84
N VAL K 109 39.35 -29.30 -3.27
CA VAL K 109 39.18 -30.60 -3.87
C VAL K 109 37.74 -30.76 -4.31
N PRO K 110 37.54 -31.22 -5.54
CA PRO K 110 36.19 -31.41 -6.05
C PRO K 110 35.41 -32.41 -5.18
N CYS K 111 34.27 -31.92 -4.69
CA CYS K 111 33.37 -32.71 -3.88
C CYS K 111 32.07 -32.69 -4.67
N VAL K 112 31.71 -33.87 -5.14
CA VAL K 112 30.53 -34.03 -5.95
C VAL K 112 29.26 -34.13 -5.15
N PHE K 113 28.32 -33.26 -5.48
CA PHE K 113 27.03 -33.21 -4.83
C PHE K 113 26.13 -34.24 -5.47
N GLY K 114 26.27 -35.47 -5.03
CA GLY K 114 25.45 -36.53 -5.58
C GLY K 114 24.36 -36.86 -4.61
N VAL K 115 23.57 -35.87 -4.24
CA VAL K 115 22.51 -36.14 -3.32
C VAL K 115 21.17 -35.74 -3.91
N LEU K 116 20.24 -36.66 -3.82
CA LEU K 116 18.92 -36.46 -4.34
C LEU K 116 18.10 -35.59 -3.45
N THR K 117 17.33 -34.71 -4.04
CA THR K 117 16.48 -33.82 -3.29
C THR K 117 15.15 -33.77 -3.95
N CYS K 118 14.62 -34.93 -4.26
CA CYS K 118 13.30 -35.01 -4.89
C CYS K 118 12.23 -34.97 -3.80
N ASP K 119 10.96 -34.84 -4.18
CA ASP K 119 9.88 -34.79 -3.19
C ASP K 119 9.53 -36.17 -2.69
N ASN K 120 8.89 -36.95 -3.55
CA ASN K 120 8.49 -38.29 -3.20
C ASN K 120 9.55 -39.33 -3.50
N MET K 121 9.50 -40.39 -2.71
CA MET K 121 10.41 -41.51 -2.79
C MET K 121 10.52 -42.00 -4.22
N ASP K 122 9.39 -42.19 -4.88
CA ASP K 122 9.38 -42.68 -6.23
C ASP K 122 10.29 -41.94 -7.19
N GLN K 123 10.25 -40.62 -7.16
CA GLN K 123 11.12 -39.82 -8.04
C GLN K 123 12.57 -40.23 -7.81
N ALA K 124 12.90 -40.36 -6.53
CA ALA K 124 14.23 -40.76 -6.14
C ALA K 124 14.56 -42.08 -6.77
N ILE K 125 13.73 -43.08 -6.54
CA ILE K 125 13.96 -44.41 -7.10
C ILE K 125 14.40 -44.28 -8.56
N ASN K 126 13.81 -43.35 -9.26
CA ASN K 126 14.15 -43.14 -10.65
C ASN K 126 15.49 -42.57 -10.88
N ARG K 127 15.94 -41.72 -9.98
CA ARG K 127 17.25 -41.13 -10.14
C ARG K 127 18.30 -42.14 -9.72
N ALA K 128 17.88 -43.16 -8.98
CA ALA K 128 18.79 -44.19 -8.53
C ALA K 128 18.78 -45.40 -9.44
N GLY K 129 18.94 -45.17 -10.73
CA GLY K 129 18.92 -46.28 -11.68
C GLY K 129 17.56 -46.58 -12.29
N GLY K 130 16.69 -45.58 -12.31
CA GLY K 130 15.37 -45.75 -12.89
C GLY K 130 15.39 -45.08 -14.26
N LYS K 131 14.23 -44.70 -14.76
CA LYS K 131 14.19 -44.07 -16.07
C LYS K 131 14.80 -42.68 -16.05
N ALA K 132 15.27 -42.28 -14.88
CA ALA K 132 15.90 -40.96 -14.73
C ALA K 132 17.41 -41.09 -14.66
N GLY K 133 17.88 -42.31 -14.86
CA GLY K 133 19.30 -42.55 -14.81
C GLY K 133 19.72 -42.88 -13.40
N ASN K 134 20.98 -42.63 -13.09
CA ASN K 134 21.50 -42.91 -11.77
C ASN K 134 22.44 -41.81 -11.34
N LYS K 135 21.98 -40.98 -10.42
CA LYS K 135 22.82 -39.89 -9.97
C LYS K 135 24.14 -40.43 -9.44
N GLY K 136 24.09 -41.50 -8.67
CA GLY K 136 25.31 -42.08 -8.12
C GLY K 136 26.39 -42.21 -9.19
N ALA K 137 26.08 -42.99 -10.20
CA ALA K 137 27.01 -43.20 -11.30
C ALA K 137 27.46 -41.88 -11.91
N GLU K 138 26.50 -41.02 -12.26
CA GLU K 138 26.81 -39.74 -12.86
C GLU K 138 27.82 -39.01 -12.00
N SER K 139 27.57 -38.99 -10.70
CA SER K 139 28.45 -38.33 -9.78
C SER K 139 29.87 -38.87 -9.88
N ALA K 140 29.99 -40.19 -9.89
CA ALA K 140 31.29 -40.84 -9.99
C ALA K 140 32.00 -40.32 -11.22
N LEU K 141 31.33 -40.49 -12.35
CA LEU K 141 31.85 -40.06 -13.63
C LEU K 141 32.35 -38.63 -13.49
N THR K 142 31.53 -37.79 -12.90
CA THR K 142 31.89 -36.42 -12.72
C THR K 142 33.15 -36.28 -11.88
N ALA K 143 33.21 -37.03 -10.79
CA ALA K 143 34.37 -37.01 -9.91
C ALA K 143 35.62 -37.18 -10.78
N ILE K 144 35.58 -38.22 -11.60
CA ILE K 144 36.65 -38.51 -12.51
C ILE K 144 37.00 -37.27 -13.30
N GLU K 145 36.09 -36.85 -14.15
CA GLU K 145 36.33 -35.69 -14.97
C GLU K 145 36.92 -34.52 -14.23
N MET K 146 36.38 -34.23 -13.06
CA MET K 146 36.88 -33.10 -12.30
C MET K 146 38.34 -33.29 -11.89
N ALA K 147 38.60 -34.45 -11.31
CA ALA K 147 39.93 -34.79 -10.87
C ALA K 147 40.85 -34.54 -12.05
N SER K 148 40.61 -35.30 -13.10
CA SER K 148 41.38 -35.20 -14.32
C SER K 148 41.57 -33.76 -14.74
N LEU K 149 40.48 -33.00 -14.77
CA LEU K 149 40.56 -31.60 -15.18
C LEU K 149 41.64 -30.89 -14.40
N PHE K 150 41.63 -31.14 -13.10
CA PHE K 150 42.58 -30.50 -12.25
C PHE K 150 44.03 -30.78 -12.58
N GLU K 151 44.32 -31.97 -13.11
CA GLU K 151 45.69 -32.33 -13.50
C GLU K 151 45.73 -32.42 -15.01
N HIS K 152 45.68 -31.27 -15.63
CA HIS K 152 45.68 -31.16 -17.08
C HIS K 152 45.50 -29.68 -17.25
N HIS K 153 44.66 -29.12 -16.39
CA HIS K 153 44.46 -27.71 -16.45
C HIS K 153 45.34 -27.18 -15.36
N LEU K 154 45.17 -27.72 -14.16
CA LEU K 154 45.92 -27.29 -12.97
C LEU K 154 45.80 -25.78 -12.74
N LYS K 155 46.38 -24.98 -13.63
CA LYS K 155 46.38 -23.52 -13.60
C LYS K 155 45.47 -22.88 -14.68
N MET L 1 32.21 13.12 -7.35
CA MET L 1 31.78 12.92 -8.76
C MET L 1 32.95 12.76 -9.76
N ASN L 2 33.40 11.52 -9.93
CA ASN L 2 34.46 11.19 -10.88
C ASN L 2 34.04 9.78 -11.28
N GLU L 3 33.36 9.71 -12.42
CA GLU L 3 32.86 8.43 -12.87
C GLU L 3 33.93 7.40 -13.23
N LEU L 4 34.19 6.51 -12.29
CA LEU L 4 35.18 5.48 -12.52
C LEU L 4 34.43 4.32 -13.17
N GLU L 5 34.42 4.31 -14.49
CA GLU L 5 33.75 3.24 -15.22
C GLU L 5 34.82 2.39 -15.92
N GLY L 6 34.50 1.13 -16.20
CA GLY L 6 35.45 0.29 -16.91
C GLY L 6 35.52 0.70 -18.39
N TYR L 7 36.40 0.07 -19.16
CA TYR L 7 36.55 0.36 -20.59
C TYR L 7 36.34 -0.89 -21.40
N VAL L 8 35.43 -0.80 -22.37
CA VAL L 8 35.15 -1.96 -23.20
C VAL L 8 36.10 -1.98 -24.41
N THR L 9 36.67 -0.81 -24.69
CA THR L 9 37.57 -0.68 -25.83
C THR L 9 38.98 -1.25 -25.64
N LYS L 10 39.52 -1.12 -24.42
CA LYS L 10 40.87 -1.65 -24.15
C LYS L 10 40.94 -3.14 -23.77
N ALA L 11 40.25 -3.99 -24.54
CA ALA L 11 40.22 -5.44 -24.31
C ALA L 11 41.53 -6.22 -24.53
N GLN L 12 41.82 -6.53 -25.80
CA GLN L 12 42.98 -7.30 -26.29
C GLN L 12 44.12 -7.68 -25.34
N SER L 13 44.58 -6.68 -24.59
CA SER L 13 45.67 -6.85 -23.64
C SER L 13 45.36 -7.80 -22.49
N PHE L 14 44.07 -8.03 -22.20
CA PHE L 14 43.66 -8.88 -21.10
C PHE L 14 43.56 -10.36 -21.37
N ARG L 15 43.52 -11.11 -20.27
CA ARG L 15 43.44 -12.56 -20.29
C ARG L 15 42.17 -12.99 -19.55
N PHE L 16 41.32 -13.76 -20.21
CA PHE L 16 40.08 -14.23 -19.63
C PHE L 16 39.93 -15.73 -19.72
N ALA L 17 38.99 -16.24 -18.95
CA ALA L 17 38.71 -17.66 -18.93
C ALA L 17 37.22 -17.83 -18.79
N ILE L 18 36.67 -18.76 -19.58
CA ILE L 18 35.27 -19.09 -19.58
C ILE L 18 35.19 -20.45 -18.95
N VAL L 19 34.19 -20.67 -18.12
CA VAL L 19 34.01 -21.95 -17.48
C VAL L 19 32.57 -22.31 -17.80
N VAL L 20 32.35 -23.42 -18.48
CA VAL L 20 30.99 -23.79 -18.82
C VAL L 20 30.63 -25.18 -18.38
N ALA L 21 29.39 -25.34 -17.96
CA ALA L 21 28.90 -26.64 -17.52
C ALA L 21 28.31 -27.30 -18.74
N ARG L 22 28.56 -28.60 -18.86
CA ARG L 22 28.08 -29.37 -19.99
C ARG L 22 26.58 -29.61 -19.94
N PHE L 23 26.03 -29.63 -18.74
CA PHE L 23 24.60 -29.85 -18.56
C PHE L 23 23.80 -28.83 -19.38
N ASN L 24 22.76 -29.30 -20.06
CA ASN L 24 21.94 -28.42 -20.90
C ASN L 24 22.79 -27.84 -21.98
N GLU L 25 23.74 -28.65 -22.40
CA GLU L 25 24.68 -28.33 -23.43
C GLU L 25 24.01 -27.59 -24.58
N PHE L 26 22.84 -28.07 -24.98
CA PHE L 26 22.11 -27.48 -26.08
C PHE L 26 22.08 -25.97 -26.00
N VAL L 27 22.07 -25.48 -24.79
CA VAL L 27 22.04 -24.06 -24.57
C VAL L 27 23.42 -23.53 -24.22
N THR L 28 24.03 -24.14 -23.23
CA THR L 28 25.35 -23.72 -22.80
C THR L 28 26.34 -23.57 -23.95
N ARG L 29 26.42 -24.55 -24.84
CA ARG L 29 27.32 -24.52 -25.98
C ARG L 29 27.15 -23.15 -26.61
N ARG L 30 25.92 -22.85 -26.97
CA ARG L 30 25.56 -21.58 -27.58
C ARG L 30 26.03 -20.42 -26.73
N LEU L 31 25.63 -20.50 -25.47
CA LEU L 31 25.95 -19.49 -24.51
C LEU L 31 27.42 -19.15 -24.60
N MET L 32 28.24 -20.19 -24.53
CA MET L 32 29.67 -20.10 -24.59
C MET L 32 30.14 -19.49 -25.90
N GLU L 33 29.72 -20.11 -26.99
CA GLU L 33 30.07 -19.62 -28.32
C GLU L 33 29.82 -18.11 -28.34
N GLY L 34 28.73 -17.70 -27.71
CA GLY L 34 28.41 -16.30 -27.69
C GLY L 34 29.48 -15.49 -26.99
N ALA L 35 29.80 -15.88 -25.76
CA ALA L 35 30.80 -15.19 -24.98
C ALA L 35 32.07 -15.08 -25.77
N LEU L 36 32.48 -16.23 -26.28
CA LEU L 36 33.69 -16.32 -27.07
C LEU L 36 33.69 -15.27 -28.15
N ASP L 37 32.73 -15.40 -29.05
CA ASP L 37 32.60 -14.46 -30.14
C ASP L 37 32.75 -13.04 -29.65
N THR L 38 31.96 -12.65 -28.66
CA THR L 38 32.02 -11.30 -28.14
C THR L 38 33.44 -10.87 -27.84
N PHE L 39 34.20 -11.75 -27.21
CA PHE L 39 35.57 -11.43 -26.88
C PHE L 39 36.31 -10.99 -28.12
N LYS L 40 36.31 -11.87 -29.11
CA LYS L 40 36.98 -11.57 -30.35
C LYS L 40 36.43 -10.29 -30.94
N LYS L 41 35.11 -10.21 -30.99
CA LYS L 41 34.41 -9.06 -31.52
C LYS L 41 34.98 -7.82 -30.83
N TYR L 42 35.37 -7.97 -29.58
CA TYR L 42 35.93 -6.84 -28.86
C TYR L 42 37.43 -6.86 -28.86
N SER L 43 37.98 -7.16 -30.03
CA SER L 43 39.41 -7.17 -30.28
C SER L 43 40.33 -7.91 -29.31
N VAL L 44 39.76 -8.58 -28.33
CA VAL L 44 40.63 -9.27 -27.39
C VAL L 44 41.34 -10.46 -27.99
N ASN L 45 42.61 -10.60 -27.63
CA ASN L 45 43.36 -11.75 -28.07
C ASN L 45 44.55 -12.25 -27.25
N GLU L 46 44.30 -13.41 -26.65
CA GLU L 46 45.20 -14.19 -25.81
C GLU L 46 44.49 -15.54 -25.77
N ASP L 47 43.76 -15.81 -26.86
CA ASP L 47 43.02 -17.05 -27.06
C ASP L 47 42.33 -17.70 -25.83
N ILE L 48 41.54 -16.91 -25.09
CA ILE L 48 40.78 -17.33 -23.89
C ILE L 48 40.58 -18.82 -23.62
N ASP L 49 40.88 -19.20 -22.40
CA ASP L 49 40.75 -20.58 -21.98
C ASP L 49 39.29 -20.89 -21.65
N VAL L 50 38.79 -22.01 -22.17
CA VAL L 50 37.41 -22.41 -21.88
C VAL L 50 37.50 -23.73 -21.11
N VAL L 51 37.02 -23.72 -19.89
CA VAL L 51 37.08 -24.90 -19.06
C VAL L 51 35.71 -25.53 -18.94
N TRP L 52 35.63 -26.78 -19.33
CA TRP L 52 34.39 -27.52 -19.26
C TRP L 52 34.25 -28.26 -17.95
N VAL L 53 33.11 -28.08 -17.31
CA VAL L 53 32.81 -28.81 -16.09
C VAL L 53 31.46 -29.43 -16.38
N PRO L 54 31.21 -30.62 -15.86
CA PRO L 54 29.92 -31.25 -16.13
C PRO L 54 28.68 -30.47 -15.67
N GLY L 55 28.67 -30.02 -14.42
CA GLY L 55 27.50 -29.31 -13.94
C GLY L 55 27.77 -27.98 -13.31
N ALA L 56 26.74 -27.14 -13.29
CA ALA L 56 26.83 -25.80 -12.72
C ALA L 56 27.38 -25.76 -11.32
N TYR L 57 27.09 -26.80 -10.56
CA TYR L 57 27.56 -26.89 -9.20
C TYR L 57 29.07 -26.69 -9.20
N GLU L 58 29.71 -27.36 -10.13
CA GLU L 58 31.14 -27.34 -10.28
C GLU L 58 31.72 -25.95 -10.44
N LEU L 59 31.00 -25.07 -11.15
CA LEU L 59 31.48 -23.71 -11.39
C LEU L 59 32.26 -23.14 -10.22
N GLY L 60 31.68 -23.23 -9.03
CA GLY L 60 32.35 -22.71 -7.85
C GLY L 60 33.85 -22.94 -7.75
N VAL L 61 34.22 -24.15 -7.39
CA VAL L 61 35.63 -24.47 -7.23
C VAL L 61 36.45 -24.22 -8.48
N THR L 62 35.92 -24.62 -9.62
CA THR L 62 36.63 -24.42 -10.85
C THR L 62 37.04 -22.98 -11.00
N ALA L 63 36.10 -22.09 -10.84
CA ALA L 63 36.39 -20.68 -10.96
C ALA L 63 37.41 -20.40 -9.89
N GLN L 64 37.05 -20.77 -8.65
CA GLN L 64 37.91 -20.59 -7.50
C GLN L 64 39.35 -20.75 -7.91
N ALA L 65 39.65 -21.91 -8.47
CA ALA L 65 40.99 -22.23 -8.93
C ALA L 65 41.48 -21.18 -9.93
N LEU L 66 40.90 -21.21 -11.11
CA LEU L 66 41.30 -20.30 -12.16
C LEU L 66 41.56 -18.92 -11.65
N GLY L 67 40.70 -18.47 -10.75
CA GLY L 67 40.83 -17.13 -10.19
C GLY L 67 42.11 -16.99 -9.40
N LYS L 68 42.32 -17.92 -8.48
CA LYS L 68 43.51 -17.90 -7.66
C LYS L 68 44.81 -18.11 -8.47
N SER L 69 44.70 -18.68 -9.66
CA SER L 69 45.90 -18.89 -10.48
C SER L 69 46.47 -17.53 -10.91
N GLY L 70 45.74 -16.46 -10.63
CA GLY L 70 46.19 -15.12 -10.99
C GLY L 70 46.50 -14.95 -12.47
N LYS L 71 46.20 -15.97 -13.26
CA LYS L 71 46.48 -15.91 -14.68
C LYS L 71 45.48 -15.07 -15.46
N TYR L 72 44.22 -15.03 -15.01
CA TYR L 72 43.17 -14.28 -15.72
C TYR L 72 42.73 -13.04 -14.96
N HIS L 73 42.17 -12.08 -15.69
CA HIS L 73 41.71 -10.83 -15.07
C HIS L 73 40.24 -10.93 -14.71
N ALA L 74 39.54 -11.82 -15.40
CA ALA L 74 38.13 -12.04 -15.18
C ALA L 74 37.79 -13.38 -15.77
N ILE L 75 36.95 -14.12 -15.05
CA ILE L 75 36.50 -15.42 -15.50
C ILE L 75 35.01 -15.32 -15.57
N VAL L 76 34.46 -15.81 -16.67
CA VAL L 76 33.04 -15.79 -16.86
C VAL L 76 32.56 -17.22 -16.74
N CYS L 77 31.54 -17.43 -15.92
CA CYS L 77 30.99 -18.77 -15.72
C CYS L 77 29.66 -18.88 -16.38
N LEU L 78 29.51 -19.89 -17.20
CA LEU L 78 28.30 -20.11 -17.93
C LEU L 78 27.70 -21.42 -17.56
N GLY L 79 26.37 -21.43 -17.58
CA GLY L 79 25.65 -22.63 -17.25
C GLY L 79 24.20 -22.30 -17.39
N ALA L 80 23.36 -23.33 -17.31
CA ALA L 80 21.93 -23.11 -17.40
C ALA L 80 21.25 -24.20 -16.63
N VAL L 81 20.42 -23.80 -15.68
CA VAL L 81 19.70 -24.77 -14.89
C VAL L 81 18.23 -24.41 -15.01
N VAL L 82 17.54 -25.21 -15.81
CA VAL L 82 16.12 -25.01 -16.05
C VAL L 82 15.33 -25.69 -14.96
N LYS L 83 14.30 -25.00 -14.48
CA LYS L 83 13.44 -25.53 -13.44
C LYS L 83 12.69 -26.69 -14.06
N GLY L 84 13.34 -27.85 -14.05
CA GLY L 84 12.75 -29.06 -14.61
C GLY L 84 11.63 -29.64 -13.73
N ASP L 85 11.98 -30.00 -12.48
CA ASP L 85 11.02 -30.60 -11.55
C ASP L 85 11.12 -30.13 -10.07
N THR L 86 11.88 -30.89 -9.28
CA THR L 86 12.08 -30.68 -7.83
C THR L 86 12.88 -29.46 -7.37
N SER L 87 12.96 -29.29 -6.04
CA SER L 87 13.72 -28.17 -5.46
C SER L 87 15.20 -28.33 -5.84
N HIS L 88 15.55 -29.51 -6.41
CA HIS L 88 16.92 -29.81 -6.86
C HIS L 88 17.39 -28.59 -7.62
N TYR L 89 16.47 -28.04 -8.39
CA TYR L 89 16.67 -26.83 -9.15
C TYR L 89 17.31 -25.86 -8.16
N ASP L 90 16.56 -25.49 -7.14
CA ASP L 90 17.03 -24.57 -6.12
C ASP L 90 18.41 -24.93 -5.66
N ALA L 91 18.54 -26.13 -5.10
CA ALA L 91 19.81 -26.63 -4.59
C ALA L 91 20.96 -26.18 -5.49
N VAL L 92 20.92 -26.65 -6.73
CA VAL L 92 21.93 -26.34 -7.71
C VAL L 92 22.04 -24.85 -7.85
N VAL L 93 20.96 -24.21 -8.27
CA VAL L 93 20.92 -22.79 -8.47
C VAL L 93 21.60 -22.02 -7.39
N ASN L 94 21.32 -22.36 -6.16
CA ASN L 94 21.94 -21.66 -5.04
C ASN L 94 23.42 -21.91 -5.07
N SER L 95 23.80 -23.17 -4.96
CA SER L 95 25.19 -23.52 -4.97
C SER L 95 25.91 -22.86 -6.11
N ALA L 96 25.35 -22.98 -7.30
CA ALA L 96 25.93 -22.37 -8.46
C ALA L 96 26.16 -20.91 -8.13
N SER L 97 25.09 -20.16 -7.94
CA SER L 97 25.20 -18.76 -7.63
C SER L 97 26.22 -18.47 -6.52
N SER L 98 25.98 -19.04 -5.36
CA SER L 98 26.86 -18.86 -4.22
C SER L 98 28.31 -19.12 -4.59
N GLY L 99 28.57 -20.24 -5.24
CA GLY L 99 29.92 -20.60 -5.63
C GLY L 99 30.59 -19.45 -6.37
N VAL L 100 29.99 -19.06 -7.49
CA VAL L 100 30.53 -17.98 -8.31
C VAL L 100 30.78 -16.74 -7.48
N LEU L 101 29.85 -16.47 -6.58
CA LEU L 101 30.02 -15.31 -5.74
C LEU L 101 31.31 -15.53 -4.96
N SER L 102 31.30 -16.51 -4.07
CA SER L 102 32.46 -16.82 -3.25
C SER L 102 33.73 -16.73 -4.03
N ALA L 103 33.76 -17.37 -5.19
CA ALA L 103 34.94 -17.37 -6.04
C ALA L 103 35.39 -15.95 -6.25
N GLY L 104 34.54 -15.16 -6.85
CA GLY L 104 34.87 -13.76 -7.11
C GLY L 104 35.42 -13.08 -5.88
N LEU L 105 34.73 -13.23 -4.76
CA LEU L 105 35.15 -12.58 -3.53
C LEU L 105 36.50 -13.06 -3.04
N ASN L 106 36.62 -14.37 -2.87
CA ASN L 106 37.86 -14.96 -2.39
C ASN L 106 39.05 -14.71 -3.29
N SER L 107 38.83 -14.81 -4.58
CA SER L 107 39.89 -14.62 -5.55
C SER L 107 40.18 -13.14 -5.76
N GLY L 108 39.19 -12.31 -5.47
CA GLY L 108 39.38 -10.89 -5.70
C GLY L 108 39.36 -10.67 -7.20
N VAL L 109 38.91 -11.68 -7.94
CA VAL L 109 38.85 -11.61 -9.38
C VAL L 109 37.41 -11.71 -9.80
N PRO L 110 36.97 -10.79 -10.68
CA PRO L 110 35.59 -10.81 -11.16
C PRO L 110 35.25 -12.11 -11.84
N CYS L 111 34.21 -12.76 -11.31
CA CYS L 111 33.71 -14.00 -11.85
C CYS L 111 32.29 -13.68 -12.24
N VAL L 112 32.04 -13.71 -13.53
CA VAL L 112 30.75 -13.38 -14.06
C VAL L 112 29.78 -14.54 -13.95
N PHE L 113 28.63 -14.25 -13.36
CA PHE L 113 27.56 -15.22 -13.21
C PHE L 113 26.73 -15.22 -14.48
N GLY L 114 27.19 -15.96 -15.47
CA GLY L 114 26.46 -16.03 -16.72
C GLY L 114 25.74 -17.36 -16.76
N VAL L 115 24.90 -17.61 -15.78
CA VAL L 115 24.17 -18.85 -15.78
C VAL L 115 22.69 -18.59 -15.74
N LEU L 116 21.99 -19.23 -16.67
CA LEU L 116 20.57 -19.09 -16.78
C LEU L 116 19.86 -19.88 -15.72
N THR L 117 18.81 -19.28 -15.19
CA THR L 117 18.01 -19.95 -14.17
C THR L 117 16.54 -19.72 -14.49
N CYS L 118 16.18 -19.94 -15.74
CA CYS L 118 14.81 -19.80 -16.16
C CYS L 118 14.07 -21.08 -15.82
N ASP L 119 12.74 -21.09 -15.96
CA ASP L 119 11.96 -22.28 -15.64
C ASP L 119 11.99 -23.29 -16.77
N ASN L 120 11.34 -22.93 -17.86
CA ASN L 120 11.30 -23.80 -19.01
C ASN L 120 12.43 -23.53 -20.00
N MET L 121 12.77 -24.61 -20.69
CA MET L 121 13.81 -24.60 -21.70
C MET L 121 13.68 -23.42 -22.65
N ASP L 122 12.48 -23.25 -23.17
CA ASP L 122 12.23 -22.20 -24.11
C ASP L 122 12.73 -20.83 -23.67
N GLN L 123 12.42 -20.43 -22.45
CA GLN L 123 12.85 -19.12 -21.95
C GLN L 123 14.37 -19.04 -22.11
N ALA L 124 15.02 -20.14 -21.74
CA ALA L 124 16.46 -20.23 -21.85
C ALA L 124 16.88 -19.97 -23.27
N ILE L 125 16.32 -20.75 -24.20
CA ILE L 125 16.65 -20.61 -25.61
C ILE L 125 16.68 -19.14 -25.97
N ASN L 126 15.77 -18.38 -25.40
CA ASN L 126 15.71 -16.96 -25.69
C ASN L 126 16.83 -16.15 -25.11
N ARG L 127 17.32 -16.56 -23.96
CA ARG L 127 18.42 -15.85 -23.35
C ARG L 127 19.71 -16.22 -24.07
N ALA L 128 19.68 -17.35 -24.77
CA ALA L 128 20.86 -17.79 -25.48
C ALA L 128 20.81 -17.37 -26.93
N GLY L 129 20.60 -16.09 -27.16
CA GLY L 129 20.55 -15.59 -28.53
C GLY L 129 19.17 -15.52 -29.16
N GLY L 130 18.16 -15.47 -28.31
CA GLY L 130 16.80 -15.40 -28.80
C GLY L 130 16.36 -13.96 -28.68
N LYS L 131 15.05 -13.72 -28.61
CA LYS L 131 14.59 -12.35 -28.50
C LYS L 131 14.94 -11.75 -27.16
N ALA L 132 15.59 -12.54 -26.30
CA ALA L 132 15.96 -12.08 -24.97
C ALA L 132 17.44 -11.73 -24.92
N GLY L 133 18.07 -11.76 -26.10
CA GLY L 133 19.48 -11.47 -26.20
C GLY L 133 20.30 -12.72 -25.95
N ASN L 134 21.53 -12.54 -25.51
CA ASN L 134 22.39 -13.67 -25.24
C ASN L 134 23.20 -13.44 -23.96
N LYS L 135 22.83 -14.14 -22.89
CA LYS L 135 23.53 -13.95 -21.64
C LYS L 135 25.02 -14.21 -21.83
N GLY L 136 25.35 -15.25 -22.56
CA GLY L 136 26.75 -15.57 -22.80
C GLY L 136 27.52 -14.34 -23.22
N ALA L 137 27.11 -13.75 -24.33
CA ALA L 137 27.75 -12.55 -24.84
C ALA L 137 27.81 -11.46 -23.79
N GLU L 138 26.66 -11.16 -23.21
CA GLU L 138 26.57 -10.12 -22.17
C GLU L 138 27.63 -10.35 -21.11
N SER L 139 27.70 -11.59 -20.64
CA SER L 139 28.65 -11.96 -19.61
C SER L 139 30.06 -11.63 -20.02
N ALA L 140 30.42 -11.97 -21.25
CA ALA L 140 31.75 -11.70 -21.76
C ALA L 140 32.00 -10.22 -21.66
N LEU L 141 31.13 -9.45 -22.29
CA LEU L 141 31.24 -8.01 -22.31
C LEU L 141 31.48 -7.53 -20.88
N THR L 142 30.69 -8.04 -19.96
CA THR L 142 30.83 -7.64 -18.58
C THR L 142 32.21 -7.99 -18.06
N ALA L 143 32.67 -9.20 -18.35
CA ALA L 143 33.97 -9.65 -17.91
C ALA L 143 34.97 -8.56 -18.27
N ILE L 144 34.91 -8.15 -19.53
CA ILE L 144 35.78 -7.11 -20.04
C ILE L 144 35.68 -5.90 -19.15
N GLU L 145 34.50 -5.29 -19.12
CA GLU L 145 34.30 -4.09 -18.32
C GLU L 145 34.86 -4.21 -16.91
N MET L 146 34.58 -5.33 -16.25
CA MET L 146 35.05 -5.50 -14.88
C MET L 146 36.55 -5.50 -14.80
N ALA L 147 37.17 -6.31 -15.65
CA ALA L 147 38.60 -6.42 -15.67
C ALA L 147 39.14 -5.01 -15.81
N SER L 148 38.78 -4.38 -16.91
CA SER L 148 39.20 -3.02 -17.21
C SER L 148 39.00 -2.11 -15.99
N LEU L 149 37.82 -2.16 -15.40
CA LEU L 149 37.53 -1.34 -14.23
C LEU L 149 38.63 -1.50 -13.20
N PHE L 150 38.97 -2.75 -12.93
CA PHE L 150 39.98 -3.03 -11.95
C PHE L 150 41.33 -2.39 -12.21
N GLU L 151 41.69 -2.19 -13.48
CA GLU L 151 42.96 -1.56 -13.83
C GLU L 151 42.65 -0.21 -14.46
N HIS L 152 42.24 0.73 -13.61
CA HIS L 152 41.86 2.06 -14.04
C HIS L 152 41.36 2.63 -12.74
N HIS L 153 40.68 1.77 -11.99
CA HIS L 153 40.20 2.21 -10.70
C HIS L 153 41.21 1.65 -9.73
N LEU L 154 41.45 0.34 -9.82
CA LEU L 154 42.37 -0.38 -8.94
C LEU L 154 42.02 -0.17 -7.47
N LYS L 155 42.22 1.06 -7.00
CA LYS L 155 41.94 1.52 -5.61
C LYS L 155 40.67 2.45 -5.50
N MET M 1 23.25 3.14 29.49
CA MET M 1 22.51 4.19 28.73
C MET M 1 23.39 5.38 28.35
N ASN M 2 23.98 5.27 27.17
CA ASN M 2 24.83 6.31 26.57
C ASN M 2 24.60 6.13 25.06
N GLU M 3 23.67 6.93 24.55
CA GLU M 3 23.30 6.80 23.17
C GLU M 3 24.42 7.12 22.20
N LEU M 4 25.09 6.08 21.74
CA LEU M 4 26.15 6.26 20.76
C LEU M 4 25.49 6.25 19.38
N GLU M 5 25.14 7.43 18.90
CA GLU M 5 24.51 7.56 17.59
C GLU M 5 25.48 8.27 16.65
N GLY M 6 25.36 8.03 15.35
CA GLY M 6 26.24 8.69 14.39
C GLY M 6 25.84 10.14 14.24
N TYR M 7 26.60 10.91 13.46
CA TYR M 7 26.30 12.33 13.24
C TYR M 7 26.13 12.60 11.78
N VAL M 8 25.02 13.22 11.44
CA VAL M 8 24.75 13.52 10.05
C VAL M 8 25.34 14.89 9.70
N THR M 9 25.63 15.68 10.72
CA THR M 9 26.15 17.02 10.52
C THR M 9 27.62 17.11 10.16
N LYS M 10 28.43 16.22 10.76
CA LYS M 10 29.87 16.23 10.49
C LYS M 10 30.31 15.47 9.24
N ALA M 11 29.64 15.72 8.13
CA ALA M 11 29.93 15.04 6.87
C ALA M 11 31.27 15.37 6.17
N GLN M 12 31.26 16.49 5.42
CA GLN M 12 32.38 17.03 4.63
C GLN M 12 33.74 16.39 4.73
N SER M 13 34.18 16.17 5.96
CA SER M 13 35.46 15.59 6.27
C SER M 13 35.67 14.16 5.76
N PHE M 14 34.57 13.46 5.52
CA PHE M 14 34.64 12.07 5.09
C PHE M 14 34.76 11.82 3.61
N ARG M 15 35.15 10.58 3.30
CA ARG M 15 35.35 10.10 1.92
C ARG M 15 34.41 8.93 1.67
N PHE M 16 33.58 9.04 0.65
CA PHE M 16 32.64 7.98 0.31
C PHE M 16 32.75 7.53 -1.12
N ALA M 17 32.14 6.39 -1.41
CA ALA M 17 32.14 5.85 -2.74
C ALA M 17 30.80 5.21 -2.99
N ILE M 18 30.25 5.48 -4.17
CA ILE M 18 28.98 4.94 -4.59
C ILE M 18 29.33 3.93 -5.65
N VAL M 19 28.63 2.80 -5.64
CA VAL M 19 28.86 1.77 -6.64
C VAL M 19 27.49 1.50 -7.20
N VAL M 20 27.30 1.71 -8.50
CA VAL M 20 25.98 1.49 -9.08
C VAL M 20 26.00 0.54 -10.25
N ALA M 21 24.96 -0.29 -10.34
CA ALA M 21 24.85 -1.22 -11.44
C ALA M 21 24.12 -0.50 -12.57
N ARG M 22 24.57 -0.72 -13.79
CA ARG M 22 23.99 -0.09 -14.96
C ARG M 22 22.62 -0.67 -15.28
N PHE M 23 22.41 -1.93 -14.91
CA PHE M 23 21.14 -2.61 -15.15
C PHE M 23 19.98 -1.81 -14.58
N ASN M 24 18.91 -1.64 -15.36
CA ASN M 24 17.75 -0.88 -14.93
C ASN M 24 18.17 0.54 -14.71
N GLU M 25 19.11 0.95 -15.53
CA GLU M 25 19.66 2.27 -15.50
C GLU M 25 18.62 3.33 -15.28
N PHE M 26 17.48 3.20 -15.97
CA PHE M 26 16.39 4.17 -15.87
C PHE M 26 16.11 4.57 -14.45
N VAL M 27 16.30 3.62 -13.55
CA VAL M 27 16.07 3.85 -12.15
C VAL M 27 17.37 4.12 -11.44
N THR M 28 18.33 3.22 -11.60
CA THR M 28 19.62 3.36 -10.95
C THR M 28 20.25 4.74 -11.12
N ARG M 29 20.27 5.26 -12.34
CA ARG M 29 20.83 6.58 -12.61
C ARG M 29 20.25 7.52 -11.56
N ARG M 30 18.92 7.58 -11.56
CA ARG M 30 18.18 8.41 -10.62
C ARG M 30 18.63 8.15 -9.21
N LEU M 31 18.57 6.89 -8.84
CA LEU M 31 18.95 6.43 -7.52
C LEU M 31 20.27 7.07 -7.15
N MET M 32 21.24 6.92 -8.03
CA MET M 32 22.56 7.43 -7.82
C MET M 32 22.54 8.92 -7.68
N GLU M 33 21.98 9.58 -8.68
CA GLU M 33 21.87 11.01 -8.66
C GLU M 33 21.38 11.44 -7.29
N GLY M 34 20.43 10.67 -6.76
CA GLY M 34 19.87 11.00 -5.47
C GLY M 34 20.91 10.96 -4.36
N ALA M 35 21.59 9.82 -4.27
CA ALA M 35 22.62 9.64 -3.25
C ALA M 35 23.61 10.79 -3.33
N LEU M 36 24.08 11.02 -4.55
CA LEU M 36 25.03 12.08 -4.83
C LEU M 36 24.55 13.37 -4.24
N ASP M 37 23.43 13.83 -4.76
CA ASP M 37 22.85 15.06 -4.28
C ASP M 37 22.87 15.11 -2.77
N THR M 38 22.27 14.11 -2.13
CA THR M 38 22.23 14.08 -0.69
C THR M 38 23.58 14.38 -0.05
N PHE M 39 24.63 13.77 -0.58
CA PHE M 39 25.95 13.99 -0.04
C PHE M 39 26.25 15.47 0.00
N LYS M 40 26.16 16.08 -1.17
CA LYS M 40 26.41 17.49 -1.27
C LYS M 40 25.49 18.25 -0.34
N LYS M 41 24.21 17.91 -0.41
CA LYS M 41 23.21 18.55 0.44
C LYS M 41 23.71 18.50 1.89
N TYR M 42 24.41 17.44 2.25
CA TYR M 42 24.92 17.33 3.59
C TYR M 42 26.34 17.78 3.71
N SER M 43 26.62 18.90 3.04
CA SER M 43 27.93 19.56 3.06
C SER M 43 29.19 18.73 2.81
N VAL M 44 29.04 17.45 2.48
CA VAL M 44 30.24 16.66 2.25
C VAL M 44 30.95 17.04 0.98
N ASN M 45 32.27 17.07 1.08
CA ASN M 45 33.07 17.34 -0.10
C ASN M 45 34.50 16.80 -0.15
N GLU M 46 34.64 15.82 -1.05
CA GLU M 46 35.88 15.11 -1.38
C GLU M 46 35.46 14.44 -2.71
N ASP M 47 34.54 15.12 -3.39
CA ASP M 47 34.03 14.69 -4.67
C ASP M 47 33.80 13.17 -4.91
N ILE M 48 33.10 12.51 -3.99
CA ILE M 48 32.77 11.06 -4.03
C ILE M 48 32.93 10.29 -5.34
N ASP M 49 33.58 9.14 -5.23
CA ASP M 49 33.84 8.30 -6.38
C ASP M 49 32.59 7.47 -6.66
N VAL M 50 32.19 7.44 -7.93
CA VAL M 50 31.04 6.63 -8.33
C VAL M 50 31.56 5.57 -9.26
N VAL M 51 31.42 4.32 -8.87
CA VAL M 51 31.90 3.21 -9.66
C VAL M 51 30.76 2.49 -10.32
N TRP M 52 30.82 2.42 -11.64
CA TRP M 52 29.81 1.76 -12.42
C TRP M 52 30.16 0.32 -12.66
N VAL M 53 29.22 -0.56 -12.39
CA VAL M 53 29.37 -1.99 -12.65
C VAL M 53 28.13 -2.33 -13.47
N PRO M 54 28.25 -3.26 -14.41
CA PRO M 54 27.08 -3.61 -15.20
C PRO M 54 25.88 -4.15 -14.41
N GLY M 55 26.10 -5.12 -13.54
CA GLY M 55 24.98 -5.67 -12.79
C GLY M 55 25.13 -5.75 -11.29
N ALA M 56 24.00 -5.82 -10.60
CA ALA M 56 23.98 -5.89 -9.15
C ALA M 56 24.84 -6.98 -8.58
N TYR M 57 24.96 -8.06 -9.31
CA TYR M 57 25.78 -9.18 -8.85
C TYR M 57 27.16 -8.65 -8.53
N GLU M 58 27.66 -7.81 -9.43
CA GLU M 58 28.97 -7.22 -9.33
C GLU M 58 29.25 -6.46 -8.06
N LEU M 59 28.22 -5.79 -7.55
CA LEU M 59 28.36 -5.02 -6.33
C LEU M 59 29.29 -5.65 -5.33
N GLY M 60 29.05 -6.92 -5.02
CA GLY M 60 29.89 -7.62 -4.06
C GLY M 60 31.38 -7.32 -4.12
N VAL M 61 32.07 -7.91 -5.08
CA VAL M 61 33.51 -7.72 -5.21
C VAL M 61 33.91 -6.28 -5.34
N THR M 62 33.18 -5.55 -6.17
CA THR M 62 33.52 -4.17 -6.36
C THR M 62 33.61 -3.46 -5.03
N ALA M 63 32.57 -3.60 -4.23
CA ALA M 63 32.55 -2.96 -2.92
C ALA M 63 33.74 -3.52 -2.20
N GLN M 64 33.79 -4.84 -2.11
CA GLN M 64 34.87 -5.57 -1.46
C GLN M 64 36.17 -4.81 -1.64
N ALA M 65 36.52 -4.58 -2.90
CA ALA M 65 37.75 -3.88 -3.26
C ALA M 65 37.77 -2.50 -2.60
N LEU M 66 36.92 -1.61 -3.09
CA LEU M 66 36.84 -0.25 -2.59
C LEU M 66 36.95 -0.20 -1.08
N GLY M 67 36.29 -1.13 -0.43
CA GLY M 67 36.31 -1.18 1.02
C GLY M 67 37.69 -1.45 1.54
N LYS M 68 38.31 -2.51 1.01
CA LYS M 68 39.66 -2.89 1.42
C LYS M 68 40.71 -1.83 1.05
N SER M 69 40.41 -0.97 0.08
CA SER M 69 41.38 0.07 -0.28
C SER M 69 41.54 1.07 0.88
N GLY M 70 40.73 0.92 1.93
CA GLY M 70 40.81 1.80 3.08
C GLY M 70 40.68 3.27 2.74
N LYS M 71 40.37 3.58 1.49
CA LYS M 71 40.27 4.96 1.06
C LYS M 71 38.97 5.64 1.48
N TYR M 72 37.88 4.87 1.55
CA TYR M 72 36.58 5.44 1.90
C TYR M 72 36.13 5.01 3.29
N HIS M 73 35.21 5.77 3.88
CA HIS M 73 34.68 5.46 5.22
C HIS M 73 33.39 4.66 5.16
N ALA M 74 32.72 4.79 4.01
CA ALA M 74 31.48 4.08 3.75
C ALA M 74 31.26 4.09 2.26
N ILE M 75 30.82 2.94 1.75
CA ILE M 75 30.51 2.78 0.33
C ILE M 75 29.05 2.40 0.28
N VAL M 76 28.36 3.08 -0.61
CA VAL M 76 26.97 2.84 -0.77
C VAL M 76 26.80 2.15 -2.12
N CYS M 77 26.08 1.04 -2.12
CA CYS M 77 25.87 0.28 -3.33
C CYS M 77 24.45 0.43 -3.76
N LEU M 78 24.29 0.82 -5.01
CA LEU M 78 23.00 1.04 -5.58
C LEU M 78 22.76 0.09 -6.72
N GLY M 79 21.50 -0.33 -6.85
CA GLY M 79 21.12 -1.22 -7.91
C GLY M 79 19.65 -1.45 -7.77
N ALA M 80 19.07 -2.07 -8.77
CA ALA M 80 17.65 -2.36 -8.72
C ALA M 80 17.40 -3.62 -9.52
N VAL M 81 16.80 -4.59 -8.88
CA VAL M 81 16.50 -5.82 -9.56
C VAL M 81 15.00 -6.04 -9.41
N VAL M 82 14.28 -5.77 -10.49
CA VAL M 82 12.83 -5.93 -10.51
C VAL M 82 12.48 -7.38 -10.84
N LYS M 83 11.50 -7.91 -10.10
CA LYS M 83 11.04 -9.27 -10.32
C LYS M 83 10.38 -9.30 -11.69
N GLY M 84 11.23 -9.46 -12.71
CA GLY M 84 10.76 -9.52 -14.08
C GLY M 84 10.04 -10.83 -14.40
N ASP M 85 10.77 -11.96 -14.27
CA ASP M 85 10.19 -13.29 -14.58
C ASP M 85 10.58 -14.44 -13.60
N THR M 86 11.66 -15.15 -13.97
CA THR M 86 12.18 -16.32 -13.25
C THR M 86 12.84 -16.13 -11.86
N SER M 87 13.21 -17.24 -11.23
CA SER M 87 13.88 -17.19 -9.93
C SER M 87 15.22 -16.45 -10.10
N HIS M 88 15.61 -16.21 -11.36
CA HIS M 88 16.84 -15.48 -11.68
C HIS M 88 16.88 -14.27 -10.75
N TYR M 89 15.70 -13.68 -10.61
CA TYR M 89 15.48 -12.55 -9.73
C TYR M 89 16.16 -12.93 -8.41
N ASP M 90 15.64 -13.98 -7.78
CA ASP M 90 16.18 -14.46 -6.50
C ASP M 90 17.68 -14.56 -6.56
N ALA M 91 18.16 -15.39 -7.48
CA ALA M 91 19.58 -15.61 -7.66
C ALA M 91 20.35 -14.32 -7.48
N VAL M 92 20.09 -13.38 -8.36
CA VAL M 92 20.73 -12.09 -8.33
C VAL M 92 20.52 -11.45 -6.98
N VAL M 93 19.27 -11.17 -6.65
CA VAL M 93 18.92 -10.56 -5.37
C VAL M 93 19.71 -11.11 -4.20
N ASN M 94 19.81 -12.43 -4.09
CA ASN M 94 20.55 -13.00 -3.01
C ASN M 94 22.00 -12.59 -3.12
N SER M 95 22.63 -12.97 -4.22
CA SER M 95 24.02 -12.64 -4.44
C SER M 95 24.29 -11.19 -4.17
N ALA M 96 23.47 -10.33 -4.73
CA ALA M 96 23.62 -8.92 -4.51
C ALA M 96 23.64 -8.69 -3.02
N SER M 97 22.54 -8.95 -2.35
CA SER M 97 22.46 -8.76 -0.93
C SER M 97 23.65 -9.38 -0.19
N SER M 98 23.82 -10.68 -0.33
CA SER M 98 24.91 -11.36 0.32
C SER M 98 26.24 -10.68 0.08
N GLY M 99 26.51 -10.36 -1.18
CA GLY M 99 27.76 -9.71 -1.52
C GLY M 99 27.99 -8.47 -0.67
N VAL M 100 27.06 -7.52 -0.76
CA VAL M 100 27.17 -6.29 -0.01
C VAL M 100 27.38 -6.58 1.47
N LEU M 101 26.69 -7.59 1.97
CA LEU M 101 26.85 -7.93 3.36
C LEU M 101 28.32 -8.31 3.55
N SER M 102 28.73 -9.40 2.94
CA SER M 102 30.10 -9.89 3.04
C SER M 102 31.10 -8.75 2.95
N ALA M 103 30.93 -7.90 1.94
CA ALA M 103 31.83 -6.77 1.73
C ALA M 103 31.97 -6.01 3.03
N GLY M 104 30.85 -5.46 3.48
CA GLY M 104 30.84 -4.70 4.72
C GLY M 104 31.54 -5.44 5.84
N LEU M 105 31.19 -6.70 6.07
CA LEU M 105 31.79 -7.47 7.14
C LEU M 105 33.29 -7.63 6.99
N ASN M 106 33.69 -8.16 5.84
CA ASN M 106 35.09 -8.41 5.55
C ASN M 106 35.93 -7.15 5.55
N SER M 107 35.40 -6.09 4.96
CA SER M 107 36.13 -4.84 4.90
C SER M 107 36.06 -4.11 6.22
N GLY M 108 35.05 -4.41 7.03
CA GLY M 108 34.92 -3.71 8.29
C GLY M 108 34.46 -2.30 7.96
N VAL M 109 34.05 -2.11 6.71
CA VAL M 109 33.59 -0.83 6.26
C VAL M 109 32.13 -0.90 5.89
N PRO M 110 31.34 0.05 6.41
CA PRO M 110 29.92 0.07 6.11
C PRO M 110 29.68 0.18 4.62
N CYS M 111 28.95 -0.82 4.10
CA CYS M 111 28.56 -0.88 2.70
C CYS M 111 27.03 -0.87 2.74
N VAL M 112 26.48 0.21 2.24
CA VAL M 112 25.06 0.40 2.26
C VAL M 112 24.35 -0.34 1.14
N PHE M 113 23.36 -1.15 1.53
CA PHE M 113 22.58 -1.92 0.59
C PHE M 113 21.48 -1.03 0.06
N GLY M 114 21.80 -0.25 -0.95
CA GLY M 114 20.80 0.63 -1.52
C GLY M 114 20.33 0.04 -2.83
N VAL M 115 19.83 -1.18 -2.78
CA VAL M 115 19.37 -1.78 -4.00
C VAL M 115 17.94 -2.18 -3.86
N LEU M 116 17.17 -1.76 -4.84
CA LEU M 116 15.76 -2.05 -4.89
C LEU M 116 15.50 -3.47 -5.29
N THR M 117 14.52 -4.08 -4.64
CA THR M 117 14.18 -5.44 -4.97
C THR M 117 12.67 -5.54 -5.03
N CYS M 118 12.04 -4.59 -5.70
CA CYS M 118 10.59 -4.61 -5.83
C CYS M 118 10.22 -5.54 -6.97
N ASP M 119 8.92 -5.81 -7.14
CA ASP M 119 8.49 -6.71 -8.20
C ASP M 119 8.43 -6.00 -9.52
N ASN M 120 7.45 -5.11 -9.64
CA ASN M 120 7.28 -4.37 -10.87
C ASN M 120 8.06 -3.08 -10.89
N MET M 121 8.38 -2.66 -12.11
CA MET M 121 9.12 -1.44 -12.38
C MET M 121 8.54 -0.26 -11.64
N ASP M 122 7.23 -0.11 -11.75
CA ASP M 122 6.55 1.00 -11.10
C ASP M 122 6.88 1.19 -9.61
N GLN M 123 6.82 0.11 -8.84
CA GLN M 123 7.13 0.21 -7.42
C GLN M 123 8.51 0.83 -7.28
N ALA M 124 9.43 0.37 -8.10
CA ALA M 124 10.79 0.88 -8.10
C ALA M 124 10.75 2.37 -8.35
N ILE M 125 10.12 2.79 -9.45
CA ILE M 125 10.05 4.19 -9.79
C ILE M 125 9.72 4.99 -8.55
N ASN M 126 8.83 4.45 -7.73
CA ASN M 126 8.45 5.14 -6.51
C ASN M 126 9.53 5.22 -5.46
N ARG M 127 10.37 4.19 -5.37
CA ARG M 127 11.44 4.20 -4.40
C ARG M 127 12.54 5.10 -4.89
N ALA M 128 12.53 5.38 -6.19
CA ALA M 128 13.55 6.24 -6.77
C ALA M 128 13.05 7.67 -6.88
N GLY M 129 12.56 8.23 -5.78
CA GLY M 129 12.07 9.60 -5.81
C GLY M 129 10.59 9.76 -6.10
N GLY M 130 9.84 8.69 -5.86
CA GLY M 130 8.41 8.72 -6.06
C GLY M 130 7.76 8.93 -4.72
N LYS M 131 6.49 8.55 -4.57
CA LYS M 131 5.81 8.73 -3.29
C LYS M 131 6.36 7.79 -2.23
N ALA M 132 7.36 7.00 -2.59
CA ALA M 132 7.95 6.07 -1.65
C ALA M 132 9.31 6.60 -1.20
N GLY M 133 9.61 7.82 -1.62
CA GLY M 133 10.87 8.44 -1.25
C GLY M 133 11.95 8.08 -2.25
N ASN M 134 13.20 8.08 -1.79
CA ASN M 134 14.31 7.77 -2.67
C ASN M 134 15.35 6.95 -1.94
N LYS M 135 15.42 5.67 -2.23
CA LYS M 135 16.37 4.81 -1.55
C LYS M 135 17.76 5.36 -1.72
N GLY M 136 18.08 5.80 -2.93
CA GLY M 136 19.41 6.32 -3.17
C GLY M 136 19.80 7.32 -2.10
N ALA M 137 19.03 8.39 -2.01
CA ALA M 137 19.31 9.43 -1.02
C ALA M 137 19.41 8.83 0.38
N GLU M 138 18.42 8.04 0.75
CA GLU M 138 18.40 7.43 2.06
C GLU M 138 19.70 6.71 2.29
N SER M 139 20.12 5.94 1.32
CA SER M 139 21.34 5.18 1.45
C SER M 139 22.51 6.11 1.72
N ALA M 140 22.60 7.21 1.00
CA ALA M 140 23.69 8.15 1.18
C ALA M 140 23.70 8.61 2.62
N LEU M 141 22.57 9.15 3.05
CA LEU M 141 22.40 9.64 4.40
C LEU M 141 22.89 8.58 5.36
N THR M 142 22.46 7.36 5.15
CA THR M 142 22.88 6.28 6.01
C THR M 142 24.39 6.11 6.00
N ALA M 143 24.98 6.16 4.81
CA ALA M 143 26.42 6.00 4.67
C ALA M 143 27.05 6.96 5.64
N ILE M 144 26.61 8.21 5.56
CA ILE M 144 27.10 9.25 6.42
C ILE M 144 27.02 8.80 7.86
N GLU M 145 25.80 8.61 8.33
CA GLU M 145 25.61 8.21 9.71
C GLU M 145 26.50 7.07 10.15
N MET M 146 26.62 6.05 9.32
CA MET M 146 27.42 4.92 9.69
C MET M 146 28.87 5.29 9.84
N ALA M 147 29.39 6.00 8.85
CA ALA M 147 30.78 6.43 8.86
C ALA M 147 31.01 7.17 10.18
N SER M 148 30.27 8.25 10.35
CA SER M 148 30.34 9.07 11.55
C SER M 148 30.30 8.20 12.81
N LEU M 149 29.33 7.28 12.88
CA LEU M 149 29.20 6.40 14.02
C LEU M 149 30.52 5.74 14.31
N PHE M 150 31.15 5.23 13.27
CA PHE M 150 32.42 4.57 13.45
C PHE M 150 33.52 5.41 14.07
N GLU M 151 33.49 6.72 13.84
CA GLU M 151 34.48 7.65 14.41
C GLU M 151 33.76 8.54 15.41
N HIS M 152 33.44 7.93 16.55
CA HIS M 152 32.73 8.61 17.62
C HIS M 152 32.51 7.45 18.57
N HIS M 153 32.19 6.31 17.99
CA HIS M 153 31.99 5.15 18.80
C HIS M 153 33.30 4.42 18.71
N LEU M 154 33.74 4.14 17.47
CA LEU M 154 34.97 3.40 17.19
C LEU M 154 34.98 2.04 17.89
N LYS M 155 35.03 2.06 19.22
CA LYS M 155 35.06 0.87 20.10
C LYS M 155 33.74 0.64 20.90
N MET N 1 26.19 -35.81 32.61
CA MET N 1 25.13 -35.01 33.27
C MET N 1 25.66 -34.02 34.31
N ASN N 2 25.96 -32.81 33.85
CA ASN N 2 26.42 -31.70 34.69
C ASN N 2 25.87 -30.48 33.97
N GLU N 3 24.70 -30.07 34.44
CA GLU N 3 24.02 -28.96 33.80
C GLU N 3 24.78 -27.64 33.83
N LEU N 4 25.47 -27.37 32.74
CA LEU N 4 26.19 -26.12 32.66
C LEU N 4 25.22 -25.07 32.13
N GLU N 5 24.56 -24.38 33.04
CA GLU N 5 23.63 -23.33 32.67
C GLU N 5 24.19 -21.97 33.06
N GLY N 6 23.78 -20.93 32.36
CA GLY N 6 24.25 -19.59 32.70
C GLY N 6 23.58 -19.11 33.99
N TYR N 7 23.94 -17.93 34.46
CA TYR N 7 23.37 -17.39 35.68
C TYR N 7 22.78 -16.04 35.39
N VAL N 8 21.53 -15.87 35.78
CA VAL N 8 20.89 -14.58 35.55
C VAL N 8 21.12 -13.63 36.75
N THR N 9 21.52 -14.22 37.88
CA THR N 9 21.74 -13.45 39.09
C THR N 9 23.07 -12.68 39.15
N LYS N 10 24.14 -13.25 38.59
CA LYS N 10 25.43 -12.58 38.61
C LYS N 10 25.66 -11.55 37.48
N ALA N 11 24.67 -10.70 37.25
CA ALA N 11 24.76 -9.69 36.20
C ALA N 11 25.79 -8.55 36.37
N GLN N 12 25.38 -7.52 37.13
CA GLN N 12 26.16 -6.31 37.44
C GLN N 12 27.61 -6.19 36.99
N SER N 13 28.39 -7.24 37.26
CA SER N 13 29.82 -7.29 36.92
C SER N 13 30.11 -7.23 35.41
N PHE N 14 29.12 -7.59 34.59
CA PHE N 14 29.31 -7.62 33.15
C PHE N 14 29.09 -6.33 32.39
N ARG N 15 29.59 -6.33 31.16
CA ARG N 15 29.49 -5.18 30.26
C ARG N 15 28.76 -5.62 29.01
N PHE N 16 27.68 -4.90 28.68
CA PHE N 16 26.87 -5.22 27.50
C PHE N 16 26.69 -4.03 26.60
N ALA N 17 26.25 -4.32 25.38
CA ALA N 17 26.00 -3.31 24.39
C ALA N 17 24.75 -3.67 23.60
N ILE N 18 23.90 -2.69 23.39
CA ILE N 18 22.68 -2.86 22.66
C ILE N 18 22.91 -2.14 21.37
N VAL N 19 22.44 -2.70 20.27
CA VAL N 19 22.58 -2.07 18.98
C VAL N 19 21.19 -2.06 18.45
N VAL N 20 20.65 -0.89 18.15
CA VAL N 20 19.29 -0.82 17.64
C VAL N 20 19.15 -0.05 16.34
N ALA N 21 18.26 -0.54 15.48
CA ALA N 21 18.01 0.12 14.21
C ALA N 21 16.91 1.14 14.40
N ARG N 22 17.09 2.30 13.80
CA ARG N 22 16.12 3.37 13.94
C ARG N 22 14.84 3.06 13.18
N PHE N 23 14.95 2.25 12.13
CA PHE N 23 13.80 1.88 11.32
C PHE N 23 12.71 1.28 12.20
N ASN N 24 11.47 1.73 11.98
CA ASN N 24 10.33 1.23 12.75
C ASN N 24 10.56 1.59 14.20
N GLU N 25 11.16 2.75 14.35
CA GLU N 25 11.48 3.31 15.63
C GLU N 25 10.35 3.13 16.64
N PHE N 26 9.12 3.39 16.18
CA PHE N 26 7.94 3.28 17.02
C PHE N 26 7.98 2.03 17.88
N VAL N 27 8.55 0.98 17.32
CA VAL N 27 8.63 -0.26 18.02
C VAL N 27 10.02 -0.45 18.62
N THR N 28 11.04 -0.28 17.79
CA THR N 28 12.40 -0.46 18.24
C THR N 28 12.71 0.33 19.52
N ARG N 29 12.34 1.61 19.57
CA ARG N 29 12.58 2.44 20.74
C ARG N 29 12.14 1.64 21.95
N ARG N 30 10.87 1.23 21.92
CA ARG N 30 10.26 0.41 22.97
C ARG N 30 11.08 -0.81 23.26
N LEU N 31 11.35 -1.54 22.20
CA LEU N 31 12.12 -2.75 22.28
C LEU N 31 13.37 -2.52 23.09
N MET N 32 14.09 -1.48 22.72
CA MET N 32 15.34 -1.10 23.38
C MET N 32 15.11 -0.74 24.82
N GLU N 33 14.20 0.20 25.05
CA GLU N 33 13.86 0.61 26.39
C GLU N 33 13.66 -0.65 27.23
N GLY N 34 13.02 -1.66 26.64
CA GLY N 34 12.76 -2.87 27.36
C GLY N 34 14.02 -3.57 27.77
N ALA N 35 14.90 -3.79 26.81
CA ALA N 35 16.15 -4.47 27.06
C ALA N 35 16.87 -3.74 28.16
N LEU N 36 16.98 -2.43 27.97
CA LEU N 36 17.65 -1.57 28.93
C LEU N 36 17.11 -1.84 30.31
N ASP N 37 15.83 -1.55 30.49
CA ASP N 37 15.18 -1.75 31.75
C ASP N 37 15.57 -3.10 32.35
N THR N 38 15.37 -4.18 31.60
CA THR N 38 15.68 -5.50 32.09
C THR N 38 17.06 -5.59 32.67
N PHE N 39 18.02 -4.96 32.00
CA PHE N 39 19.39 -4.97 32.50
C PHE N 39 19.45 -4.45 33.92
N LYS N 40 18.96 -3.23 34.09
CA LYS N 40 18.94 -2.59 35.39
C LYS N 40 18.16 -3.47 36.35
N LYS N 41 16.99 -3.90 35.93
CA LYS N 41 16.14 -4.77 36.73
C LYS N 41 16.98 -5.95 37.23
N TYR N 42 17.93 -6.39 36.41
CA TYR N 42 18.77 -7.48 36.80
C TYR N 42 20.09 -7.03 37.37
N SER N 43 19.98 -6.00 38.21
CA SER N 43 21.11 -5.40 38.94
C SER N 43 22.39 -5.05 38.16
N VAL N 44 22.39 -5.23 36.84
CA VAL N 44 23.60 -4.93 36.11
C VAL N 44 23.90 -3.43 36.07
N ASN N 45 25.19 -3.11 36.22
CA ASN N 45 25.61 -1.74 36.12
C ASN N 45 27.04 -1.43 35.70
N GLU N 46 27.10 -0.90 34.49
CA GLU N 46 28.29 -0.46 33.79
C GLU N 46 27.69 0.39 32.66
N ASP N 47 26.53 0.96 32.99
CA ASP N 47 25.78 1.81 32.09
C ASP N 47 25.76 1.47 30.57
N ILE N 48 25.47 0.20 30.23
CA ILE N 48 25.40 -0.31 28.85
C ILE N 48 25.32 0.67 27.69
N ASP N 49 26.18 0.42 26.70
CA ASP N 49 26.25 1.27 25.52
C ASP N 49 25.12 0.91 24.54
N VAL N 50 24.43 1.92 24.03
CA VAL N 50 23.39 1.65 23.06
C VAL N 50 23.84 2.32 21.78
N VAL N 51 24.01 1.52 20.75
CA VAL N 51 24.46 2.02 19.47
C VAL N 51 23.34 2.05 18.48
N TRP N 52 23.06 3.22 17.95
CA TRP N 52 22.00 3.41 16.98
C TRP N 52 22.50 3.28 15.55
N VAL N 53 21.84 2.44 14.76
CA VAL N 53 22.17 2.28 13.35
C VAL N 53 20.85 2.53 12.65
N PRO N 54 20.89 3.13 11.48
CA PRO N 54 19.62 3.38 10.80
C PRO N 54 18.76 2.15 10.48
N GLY N 55 19.36 1.11 9.89
CA GLY N 55 18.58 -0.07 9.53
C GLY N 55 19.14 -1.40 9.99
N ALA N 56 18.25 -2.38 10.09
CA ALA N 56 18.60 -3.71 10.55
C ALA N 56 19.75 -4.33 9.80
N TYR N 57 19.86 -3.97 8.53
CA TYR N 57 20.95 -4.47 7.73
C TYR N 57 22.27 -4.20 8.44
N GLU N 58 22.38 -2.97 8.93
CA GLU N 58 23.56 -2.47 9.61
C GLU N 58 23.99 -3.30 10.80
N LEU N 59 23.03 -3.84 11.53
CA LEU N 59 23.33 -4.65 12.71
C LEU N 59 24.59 -5.49 12.54
N GLY N 60 24.66 -6.23 11.46
CA GLY N 60 25.82 -7.07 11.23
C GLY N 60 27.19 -6.49 11.58
N VAL N 61 27.67 -5.59 10.74
CA VAL N 61 28.98 -4.99 10.97
C VAL N 61 29.08 -4.30 12.30
N THR N 62 28.06 -3.53 12.64
CA THR N 62 28.09 -2.82 13.87
C THR N 62 28.38 -3.75 15.00
N ALA N 63 27.64 -4.84 15.07
CA ALA N 63 27.84 -5.80 16.13
C ALA N 63 29.25 -6.29 15.96
N GLN N 64 29.55 -6.75 14.75
CA GLN N 64 30.87 -7.26 14.38
C GLN N 64 31.94 -6.46 15.12
N ALA N 65 31.92 -5.15 14.93
CA ALA N 65 32.86 -4.25 15.55
C ALA N 65 32.81 -4.41 17.07
N LEU N 66 31.71 -3.95 17.66
CA LEU N 66 31.53 -3.99 19.10
C LEU N 66 32.01 -5.29 19.69
N GLY N 67 31.71 -6.36 18.99
CA GLY N 67 32.11 -7.67 19.46
C GLY N 67 33.62 -7.79 19.51
N LYS N 68 34.25 -7.49 18.38
CA LYS N 68 35.70 -7.58 18.28
C LYS N 68 36.41 -6.61 19.21
N SER N 69 35.74 -5.55 19.64
CA SER N 69 36.37 -4.59 20.54
C SER N 69 36.66 -5.27 21.88
N GLY N 70 36.15 -6.49 22.07
CA GLY N 70 36.40 -7.23 23.32
C GLY N 70 35.95 -6.51 24.58
N LYS N 71 35.30 -5.36 24.39
CA LYS N 71 34.85 -4.55 25.51
C LYS N 71 33.59 -5.11 26.19
N TYR N 72 32.71 -5.75 25.41
CA TYR N 72 31.46 -6.29 25.96
C TYR N 72 31.46 -7.82 26.02
N HIS N 73 30.61 -8.38 26.88
CA HIS N 73 30.51 -9.81 27.06
C HIS N 73 29.41 -10.38 26.18
N ALA N 74 28.46 -9.52 25.84
CA ALA N 74 27.35 -9.90 25.00
C ALA N 74 26.75 -8.63 24.45
N ILE N 75 26.37 -8.67 23.19
CA ILE N 75 25.75 -7.53 22.54
C ILE N 75 24.42 -8.05 22.07
N VAL N 76 23.41 -7.22 22.29
CA VAL N 76 22.08 -7.57 21.91
C VAL N 76 21.70 -6.64 20.77
N CYS N 77 21.20 -7.21 19.69
CA CYS N 77 20.83 -6.42 18.54
C CYS N 77 19.34 -6.42 18.41
N LEU N 78 18.80 -5.23 18.31
CA LEU N 78 17.39 -5.04 18.21
C LEU N 78 17.02 -4.37 16.91
N GLY N 79 15.87 -4.77 16.40
CA GLY N 79 15.39 -4.19 15.17
C GLY N 79 14.06 -4.84 14.91
N ALA N 80 13.36 -4.32 13.93
CA ALA N 80 12.06 -4.85 13.58
C ALA N 80 11.83 -4.61 12.10
N VAL N 81 11.59 -5.68 11.38
CA VAL N 81 11.34 -5.55 9.96
C VAL N 81 10.01 -6.22 9.70
N VAL N 82 9.00 -5.39 9.50
CA VAL N 82 7.66 -5.85 9.24
C VAL N 82 7.50 -6.13 7.78
N LYS N 83 6.83 -7.23 7.47
CA LYS N 83 6.57 -7.60 6.09
C LYS N 83 5.60 -6.58 5.50
N GLY N 84 6.17 -5.46 5.05
CA GLY N 84 5.40 -4.39 4.46
C GLY N 84 4.84 -4.73 3.09
N ASP N 85 5.75 -5.00 2.14
CA ASP N 85 5.34 -5.30 0.75
C ASP N 85 6.15 -6.43 0.05
N THR N 86 7.21 -6.01 -0.65
CA THR N 86 8.10 -6.88 -1.46
C THR N 86 9.07 -7.86 -0.74
N SER N 87 9.77 -8.67 -1.53
CA SER N 87 10.71 -9.63 -0.97
C SER N 87 11.83 -8.85 -0.24
N HIS N 88 11.84 -7.51 -0.43
CA HIS N 88 12.81 -6.63 0.22
C HIS N 88 12.87 -7.05 1.68
N TYR N 89 11.68 -7.34 2.21
CA TYR N 89 11.50 -7.84 3.55
C TYR N 89 12.55 -8.95 3.69
N ASP N 90 12.41 -10.01 2.91
CA ASP N 90 13.32 -11.14 2.95
C ASP N 90 14.75 -10.68 2.95
N ALA N 91 15.11 -9.98 1.89
CA ALA N 91 16.46 -9.47 1.72
C ALA N 91 17.01 -9.00 3.05
N VAL N 92 16.37 -7.97 3.59
CA VAL N 92 16.79 -7.41 4.87
C VAL N 92 16.83 -8.49 5.93
N VAL N 93 15.68 -9.08 6.19
CA VAL N 93 15.56 -10.13 7.18
C VAL N 93 16.70 -11.12 7.15
N ASN N 94 17.05 -11.58 5.98
CA ASN N 94 18.14 -12.52 5.89
C ASN N 94 19.42 -11.86 6.33
N SER N 95 19.77 -10.80 5.64
CA SER N 95 20.98 -10.09 5.96
C SER N 95 21.06 -9.81 7.42
N ALA N 96 19.99 -9.27 7.96
CA ALA N 96 19.95 -8.95 9.37
C ALA N 96 20.34 -10.21 10.13
N SER N 97 19.50 -11.22 10.02
CA SER N 97 19.75 -12.47 10.70
C SER N 97 21.17 -12.96 10.50
N SER N 98 21.54 -13.19 9.24
CA SER N 98 22.86 -13.67 8.90
C SER N 98 23.94 -12.86 9.55
N GLY N 99 23.83 -11.54 9.43
CA GLY N 99 24.80 -10.66 10.01
C GLY N 99 25.04 -10.96 11.48
N VAL N 100 23.96 -10.85 12.26
CA VAL N 100 24.04 -11.12 13.69
C VAL N 100 24.65 -12.48 13.97
N LEU N 101 24.31 -13.45 13.13
CA LEU N 101 24.87 -14.76 13.32
C LEU N 101 26.37 -14.61 13.16
N SER N 102 26.79 -14.29 11.95
CA SER N 102 28.21 -14.14 11.64
C SER N 102 28.94 -13.41 12.74
N ALA N 103 28.39 -12.26 13.14
CA ALA N 103 29.01 -11.46 14.18
C ALA N 103 29.33 -12.34 15.35
N GLY N 104 28.30 -12.91 15.95
CA GLY N 104 28.48 -13.77 17.09
C GLY N 104 29.57 -14.80 16.86
N LEU N 105 29.51 -15.49 15.74
CA LEU N 105 30.48 -16.53 15.45
C LEU N 105 31.89 -16.00 15.35
N ASN N 106 32.06 -15.02 14.48
CA ASN N 106 33.37 -14.43 14.25
C ASN N 106 33.94 -13.80 15.49
N SER N 107 33.12 -13.08 16.22
CA SER N 107 33.58 -12.41 17.42
C SER N 107 33.74 -13.38 18.58
N GLY N 108 33.03 -14.49 18.51
CA GLY N 108 33.08 -15.45 19.60
C GLY N 108 32.33 -14.83 20.77
N VAL N 109 31.60 -13.77 20.48
CA VAL N 109 30.82 -13.08 21.49
C VAL N 109 29.35 -13.21 21.18
N PRO N 110 28.57 -13.60 22.18
CA PRO N 110 27.14 -13.75 21.99
C PRO N 110 26.49 -12.47 21.51
N CYS N 111 25.86 -12.56 20.35
CA CYS N 111 25.14 -11.45 19.78
C CYS N 111 23.71 -11.92 19.68
N VAL N 112 22.86 -11.28 20.47
CA VAL N 112 21.46 -11.63 20.55
C VAL N 112 20.64 -11.07 19.41
N PHE N 113 19.91 -11.96 18.76
CA PHE N 113 19.05 -11.62 17.65
C PHE N 113 17.71 -11.20 18.21
N GLY N 114 17.63 -9.95 18.60
CA GLY N 114 16.39 -9.45 19.14
C GLY N 114 15.74 -8.60 18.11
N VAL N 115 15.49 -9.18 16.94
CA VAL N 115 14.84 -8.40 15.91
C VAL N 115 13.56 -9.07 15.47
N LEU N 116 12.51 -8.27 15.43
CA LEU N 116 11.22 -8.76 15.06
C LEU N 116 11.12 -8.94 13.58
N THR N 117 10.45 -10.00 13.16
CA THR N 117 10.25 -10.26 11.75
C THR N 117 8.83 -10.71 11.54
N CYS N 118 7.90 -9.97 12.12
CA CYS N 118 6.50 -10.29 11.97
C CYS N 118 6.02 -9.69 10.65
N ASP N 119 4.79 -10.02 10.25
CA ASP N 119 4.26 -9.48 9.01
C ASP N 119 3.73 -8.07 9.21
N ASN N 120 2.62 -7.96 9.92
CA ASN N 120 2.00 -6.68 10.18
C ASN N 120 2.51 -6.03 11.45
N MET N 121 2.46 -4.69 11.42
CA MET N 121 2.88 -3.84 12.50
C MET N 121 2.30 -4.31 13.82
N ASP N 122 1.00 -4.54 13.82
CA ASP N 122 0.33 -4.98 15.02
C ASP N 122 1.00 -6.15 15.75
N GLN N 123 1.33 -7.20 15.02
CA GLN N 123 1.96 -8.36 15.64
C GLN N 123 3.19 -7.87 16.38
N ALA N 124 3.94 -7.00 15.72
CA ALA N 124 5.15 -6.44 16.30
C ALA N 124 4.80 -5.76 17.59
N ILE N 125 3.85 -4.84 17.55
CA ILE N 125 3.44 -4.10 18.75
C ILE N 125 3.30 -5.06 19.91
N ASN N 126 2.80 -6.25 19.63
CA ASN N 126 2.62 -7.23 20.68
C ASN N 126 3.87 -7.85 21.20
N ARG N 127 4.86 -7.99 20.34
CA ARG N 127 6.12 -8.53 20.78
C ARG N 127 6.90 -7.47 21.52
N ALA N 128 6.53 -6.21 21.32
CA ALA N 128 7.21 -5.11 21.98
C ALA N 128 6.46 -4.70 23.24
N GLY N 129 6.18 -5.65 24.11
CA GLY N 129 5.48 -5.34 25.35
C GLY N 129 3.97 -5.48 25.29
N GLY N 130 3.49 -6.27 24.34
CA GLY N 130 2.07 -6.50 24.19
C GLY N 130 1.77 -7.84 24.81
N LYS N 131 0.67 -8.47 24.38
CA LYS N 131 0.32 -9.77 24.95
C LYS N 131 1.27 -10.84 24.50
N ALA N 132 2.26 -10.45 23.70
CA ALA N 132 3.23 -11.41 23.22
C ALA N 132 4.52 -11.26 23.98
N GLY N 133 4.51 -10.43 25.02
CA GLY N 133 5.71 -10.21 25.80
C GLY N 133 6.54 -9.10 25.20
N ASN N 134 7.84 -9.10 25.45
CA ASN N 134 8.72 -8.07 24.93
C ASN N 134 10.02 -8.67 24.50
N LYS N 135 10.22 -8.81 23.18
CA LYS N 135 11.45 -9.41 22.70
C LYS N 135 12.65 -8.65 23.24
N GLY N 136 12.58 -7.33 23.23
CA GLY N 136 13.68 -6.53 23.73
C GLY N 136 14.16 -7.07 25.06
N ALA N 137 13.27 -7.05 26.05
CA ALA N 137 13.61 -7.54 27.37
C ALA N 137 14.16 -8.98 27.34
N GLU N 138 13.45 -9.86 26.67
CA GLU N 138 13.87 -11.24 26.58
C GLU N 138 15.30 -11.30 26.10
N SER N 139 15.58 -10.55 25.06
CA SER N 139 16.90 -10.52 24.47
C SER N 139 17.94 -10.14 25.52
N ALA N 140 17.66 -9.07 26.27
CA ALA N 140 18.57 -8.61 27.32
C ALA N 140 18.86 -9.76 28.26
N LEU N 141 17.80 -10.30 28.83
CA LEU N 141 17.89 -11.42 29.75
C LEU N 141 18.80 -12.48 29.14
N THR N 142 18.55 -12.79 27.88
CA THR N 142 19.35 -13.79 27.20
C THR N 142 20.81 -13.39 27.17
N ALA N 143 21.07 -12.14 26.83
CA ALA N 143 22.42 -11.62 26.75
C ALA N 143 23.11 -11.99 28.04
N ILE N 144 22.43 -11.66 29.13
CA ILE N 144 22.95 -11.96 30.45
C ILE N 144 23.32 -13.42 30.52
N GLU N 145 22.32 -14.28 30.42
CA GLU N 145 22.55 -15.70 30.53
C GLU N 145 23.72 -16.20 29.70
N MET N 146 23.78 -15.73 28.46
CA MET N 146 24.85 -16.17 27.59
C MET N 146 26.21 -15.78 28.10
N ALA N 147 26.31 -14.49 28.43
CA ALA N 147 27.56 -13.94 28.95
C ALA N 147 27.97 -14.83 30.10
N SER N 148 27.13 -14.85 31.12
CA SER N 148 27.37 -15.65 32.30
C SER N 148 27.79 -17.08 31.94
N LEU N 149 27.05 -17.71 31.02
CA LEU N 149 27.36 -19.07 30.60
C LEU N 149 28.84 -19.17 30.22
N PHE N 150 29.25 -18.22 29.41
CA PHE N 150 30.61 -18.21 28.95
C PHE N 150 31.67 -18.17 30.03
N GLU N 151 31.38 -17.52 31.17
CA GLU N 151 32.32 -17.46 32.32
C GLU N 151 31.75 -18.30 33.44
N HIS N 152 31.80 -19.61 33.25
CA HIS N 152 31.27 -20.55 34.21
C HIS N 152 31.49 -21.83 33.46
N HIS N 153 31.23 -21.76 32.17
CA HIS N 153 31.45 -22.93 31.36
C HIS N 153 32.80 -22.68 30.74
N LEU N 154 32.94 -21.52 30.08
CA LEU N 154 34.19 -21.15 29.39
C LEU N 154 34.61 -22.21 28.36
N LYS N 155 35.01 -23.39 28.86
CA LYS N 155 35.46 -24.56 28.06
C LYS N 155 34.45 -25.71 28.06
N MET O 1 36.75 -49.96 -2.48
CA MET O 1 35.75 -50.63 -1.62
C MET O 1 36.33 -51.12 -0.28
N ASN O 2 36.26 -50.25 0.72
CA ASN O 2 36.70 -50.53 2.08
C ASN O 2 35.75 -49.67 2.91
N GLU O 3 34.69 -50.29 3.38
CA GLU O 3 33.69 -49.56 4.12
C GLU O 3 34.18 -48.97 5.43
N LEU O 4 34.52 -47.69 5.38
CA LEU O 4 34.96 -47.02 6.58
C LEU O 4 33.70 -46.50 7.28
N GLU O 5 33.19 -47.30 8.21
CA GLU O 5 31.99 -46.92 8.94
C GLU O 5 32.38 -46.69 10.39
N GLY O 6 31.62 -45.86 11.09
CA GLY O 6 31.90 -45.61 12.49
C GLY O 6 31.48 -46.83 13.31
N TYR O 7 31.75 -46.80 14.62
CA TYR O 7 31.39 -47.89 15.52
C TYR O 7 30.51 -47.40 16.64
N VAL O 8 29.37 -48.03 16.80
CA VAL O 8 28.46 -47.63 17.85
C VAL O 8 28.80 -48.37 19.16
N THR O 9 29.58 -49.44 19.05
CA THR O 9 29.94 -50.24 20.20
C THR O 9 31.06 -49.67 21.07
N LYS O 10 32.04 -49.03 20.44
CA LYS O 10 33.17 -48.46 21.18
C LYS O 10 32.92 -47.05 21.78
N ALA O 11 31.79 -46.86 22.43
CA ALA O 11 31.42 -45.57 23.02
C ALA O 11 32.23 -45.05 24.23
N GLN O 12 31.86 -45.57 25.41
CA GLN O 12 32.43 -45.24 26.73
C GLN O 12 33.68 -44.36 26.82
N SER O 13 34.67 -44.70 26.01
CA SER O 13 35.95 -44.00 25.99
C SER O 13 35.83 -42.55 25.55
N PHE O 14 34.76 -42.21 24.82
CA PHE O 14 34.60 -40.86 24.30
C PHE O 14 33.98 -39.83 25.21
N ARG O 15 34.16 -38.58 24.83
CA ARG O 15 33.65 -37.43 25.57
C ARG O 15 32.71 -36.63 24.67
N PHE O 16 31.48 -36.43 25.12
CA PHE O 16 30.49 -35.70 24.34
C PHE O 16 29.87 -34.57 25.12
N ALA O 17 29.19 -33.71 24.39
CA ALA O 17 28.52 -32.58 24.97
C ALA O 17 27.21 -32.34 24.24
N ILE O 18 26.17 -32.10 25.00
CA ILE O 18 24.86 -31.83 24.46
C ILE O 18 24.64 -30.36 24.68
N VAL O 19 24.01 -29.69 23.74
CA VAL O 19 23.71 -28.30 23.91
C VAL O 19 22.23 -28.20 23.61
N VAL O 20 21.43 -27.74 24.57
CA VAL O 20 19.99 -27.65 24.34
C VAL O 20 19.42 -26.28 24.58
N ALA O 21 18.47 -25.89 23.75
CA ALA O 21 17.83 -24.60 23.89
C ALA O 21 16.65 -24.81 24.80
N ARG O 22 16.43 -23.86 25.70
CA ARG O 22 15.34 -23.93 26.66
C ARG O 22 13.99 -23.71 25.98
N PHE O 23 13.98 -22.96 24.89
CA PHE O 23 12.76 -22.69 24.15
C PHE O 23 12.04 -23.98 23.80
N ASN O 24 10.73 -24.00 23.98
CA ASN O 24 9.95 -25.20 23.70
C ASN O 24 10.44 -26.33 24.57
N GLU O 25 10.85 -25.95 25.75
CA GLU O 25 11.36 -26.84 26.76
C GLU O 25 10.55 -28.12 26.84
N PHE O 26 9.23 -27.98 26.80
CA PHE O 26 8.31 -29.11 26.89
C PHE O 26 8.79 -30.28 26.04
N VAL O 27 9.40 -29.93 24.92
CA VAL O 27 9.89 -30.92 23.99
C VAL O 27 11.38 -31.12 24.17
N THR O 28 12.12 -30.02 24.12
CA THR O 28 13.57 -30.08 24.24
C THR O 28 14.03 -30.90 25.45
N ARG O 29 13.44 -30.67 26.62
CA ARG O 29 13.80 -31.41 27.84
C ARG O 29 13.81 -32.88 27.46
N ARG O 30 12.68 -33.35 26.96
CA ARG O 30 12.50 -34.73 26.51
C ARG O 30 13.59 -35.13 25.54
N LEU O 31 13.73 -34.32 24.51
CA LEU O 31 14.71 -34.54 23.46
C LEU O 31 16.06 -34.85 24.08
N MET O 32 16.46 -33.96 24.99
CA MET O 32 17.72 -34.08 25.69
C MET O 32 17.77 -35.35 26.50
N GLU O 33 16.79 -35.53 27.37
CA GLU O 33 16.72 -36.72 28.19
C GLU O 33 16.96 -37.92 27.30
N GLY O 34 16.40 -37.86 26.10
CA GLY O 34 16.55 -38.96 25.18
C GLY O 34 18.00 -39.18 24.80
N ALA O 35 18.62 -38.12 24.31
CA ALA O 35 20.01 -38.19 23.89
C ALA O 35 20.83 -38.77 25.04
N LEU O 36 20.65 -38.16 26.21
CA LEU O 36 21.35 -38.58 27.40
C LEU O 36 21.23 -40.07 27.58
N ASP O 37 20.00 -40.51 27.76
CA ASP O 37 19.72 -41.92 27.95
C ASP O 37 20.50 -42.75 26.96
N THR O 38 20.30 -42.47 25.68
CA THR O 38 20.98 -43.23 24.64
C THR O 38 22.47 -43.37 24.90
N PHE O 39 23.13 -42.30 25.33
CA PHE O 39 24.54 -42.35 25.61
C PHE O 39 24.84 -43.45 26.60
N LYS O 40 24.19 -43.35 27.74
CA LYS O 40 24.37 -44.34 28.78
C LYS O 40 24.03 -45.70 28.23
N LYS O 41 22.88 -45.81 27.57
CA LYS O 41 22.42 -47.06 26.97
C LYS O 41 23.55 -47.63 26.12
N TYR O 42 24.34 -46.76 25.52
CA TYR O 42 25.45 -47.21 24.71
C TYR O 42 26.77 -47.19 25.47
N SER O 43 26.68 -47.65 26.71
CA SER O 43 27.81 -47.79 27.61
C SER O 43 28.77 -46.61 27.78
N VAL O 44 28.47 -45.48 27.17
CA VAL O 44 29.41 -44.37 27.33
C VAL O 44 29.41 -43.78 28.72
N ASN O 45 30.60 -43.44 29.18
CA ASN O 45 30.71 -42.80 30.46
C ASN O 45 31.91 -41.92 30.73
N GLU O 46 31.58 -40.64 30.80
CA GLU O 46 32.48 -39.54 31.09
C GLU O 46 31.48 -38.43 31.44
N ASP O 47 30.32 -38.89 31.95
CA ASP O 47 29.23 -38.02 32.39
C ASP O 47 28.91 -36.75 31.54
N ILE O 48 28.78 -36.92 30.22
CA ILE O 48 28.47 -35.85 29.26
C ILE O 48 27.94 -34.51 29.77
N ASP O 49 28.57 -33.46 29.28
CA ASP O 49 28.21 -32.10 29.66
C ASP O 49 26.97 -31.67 28.89
N VAL O 50 25.99 -31.10 29.58
CA VAL O 50 24.80 -30.61 28.91
C VAL O 50 24.78 -29.10 29.12
N VAL O 51 24.83 -28.37 28.03
CA VAL O 51 24.85 -26.93 28.09
C VAL O 51 23.52 -26.35 27.67
N TRP O 52 22.92 -25.56 28.56
CA TRP O 52 21.65 -24.94 28.29
C TRP O 52 21.81 -23.55 27.72
N VAL O 53 21.16 -23.30 26.60
CA VAL O 53 21.16 -21.99 25.98
C VAL O 53 19.68 -21.67 25.85
N PRO O 54 19.31 -20.39 25.98
CA PRO O 54 17.89 -20.06 25.86
C PRO O 54 17.23 -20.41 24.54
N GLY O 55 17.83 -20.03 23.42
CA GLY O 55 17.23 -20.32 22.15
C GLY O 55 18.12 -20.99 21.12
N ALA O 56 17.48 -21.62 20.16
CA ALA O 56 18.19 -22.34 19.11
C ALA O 56 19.24 -21.50 18.40
N TYR O 57 18.96 -20.22 18.27
CA TYR O 57 19.88 -19.33 17.61
C TYR O 57 21.24 -19.50 18.24
N GLU O 58 21.23 -19.53 19.58
CA GLU O 58 22.43 -19.65 20.38
C GLU O 58 23.29 -20.84 20.07
N LEU O 59 22.66 -21.95 19.70
CA LEU O 59 23.40 -23.17 19.40
C LEU O 59 24.70 -22.92 18.68
N GLY O 60 24.64 -22.13 17.61
CA GLY O 60 25.84 -21.84 16.85
C GLY O 60 27.11 -21.59 17.65
N VAL O 61 27.22 -20.41 18.23
CA VAL O 61 28.41 -20.05 19.00
C VAL O 61 28.69 -21.01 20.13
N THR O 62 27.67 -21.38 20.86
CA THR O 62 27.87 -22.26 21.96
C THR O 62 28.59 -23.51 21.51
N ALA O 63 28.09 -24.13 20.45
CA ALA O 63 28.73 -25.33 19.94
C ALA O 63 30.13 -24.91 19.56
N GLN O 64 30.21 -23.87 18.73
CA GLN O 64 31.46 -23.30 18.26
C GLN O 64 32.52 -23.41 19.35
N ALA O 65 32.20 -22.84 20.50
CA ALA O 65 33.07 -22.85 21.64
C ALA O 65 33.41 -24.28 22.03
N LEU O 66 32.42 -24.98 22.57
CA LEU O 66 32.62 -26.35 23.01
C LEU O 66 33.48 -27.15 22.04
N GLY O 67 33.22 -26.95 20.76
CA GLY O 67 33.96 -27.66 19.74
C GLY O 67 35.42 -27.29 19.77
N LYS O 68 35.69 -25.99 19.71
CA LYS O 68 37.07 -25.51 19.73
C LYS O 68 37.80 -25.83 21.04
N SER O 69 37.06 -26.11 22.12
CA SER O 69 37.72 -26.46 23.37
C SER O 69 38.44 -27.80 23.24
N GLY O 70 38.23 -28.48 22.12
CA GLY O 70 38.89 -29.76 21.89
C GLY O 70 38.63 -30.79 22.97
N LYS O 71 37.75 -30.45 23.89
CA LYS O 71 37.45 -31.35 24.98
C LYS O 71 36.54 -32.52 24.59
N TYR O 72 35.62 -32.28 23.64
CA TYR O 72 34.68 -33.32 23.24
C TYR O 72 34.97 -33.83 21.85
N HIS O 73 34.48 -35.03 21.55
CA HIS O 73 34.68 -35.66 20.24
C HIS O 73 33.54 -35.35 19.30
N ALA O 74 32.38 -35.07 19.89
CA ALA O 74 31.18 -34.75 19.16
C ALA O 74 30.24 -34.01 20.11
N ILE O 75 29.58 -32.98 19.59
CA ILE O 75 28.63 -32.23 20.35
C ILE O 75 27.33 -32.35 19.59
N VAL O 76 26.28 -32.62 20.35
CA VAL O 76 24.98 -32.76 19.77
C VAL O 76 24.17 -31.57 20.21
N CYS O 77 23.55 -30.91 19.25
CA CYS O 77 22.76 -29.73 19.55
C CYS O 77 21.30 -30.05 19.39
N LEU O 78 20.53 -29.75 20.42
CA LEU O 78 19.13 -30.03 20.42
C LEU O 78 18.37 -28.78 20.56
N GLY O 79 17.21 -28.76 19.92
CA GLY O 79 16.35 -27.60 19.96
C GLY O 79 15.13 -27.94 19.16
N ALA O 80 14.12 -27.07 19.24
CA ALA O 80 12.91 -27.30 18.49
C ALA O 80 12.30 -25.96 18.19
N VAL O 81 12.08 -25.69 16.90
CA VAL O 81 11.48 -24.45 16.50
C VAL O 81 10.25 -24.81 15.67
N VAL O 82 9.09 -24.68 16.30
CA VAL O 82 7.83 -25.00 15.65
C VAL O 82 7.38 -23.80 14.86
N LYS O 83 6.86 -24.06 13.66
CA LYS O 83 6.35 -22.99 12.80
C LYS O 83 5.10 -22.42 13.47
N GLY O 84 5.33 -21.51 14.41
CA GLY O 84 4.26 -20.87 15.15
C GLY O 84 3.45 -19.88 14.29
N ASP O 85 4.15 -18.83 13.82
CA ASP O 85 3.49 -17.79 13.01
C ASP O 85 4.28 -17.28 11.78
N THR O 86 5.03 -16.19 12.02
CA THR O 86 5.84 -15.47 11.01
C THR O 86 7.09 -16.16 10.42
N SER O 87 7.73 -15.49 9.45
CA SER O 87 8.96 -16.01 8.84
C SER O 87 10.06 -16.12 9.94
N HIS O 88 9.78 -15.52 11.11
CA HIS O 88 10.70 -15.56 12.27
C HIS O 88 11.18 -17.00 12.38
N TYR O 89 10.23 -17.91 12.18
CA TYR O 89 10.48 -19.33 12.16
C TYR O 89 11.72 -19.52 11.28
N ASP O 90 11.57 -19.16 10.00
CA ASP O 90 12.67 -19.28 9.04
C ASP O 90 13.95 -18.71 9.60
N ALA O 91 13.92 -17.41 9.91
CA ALA O 91 15.06 -16.72 10.46
C ALA O 91 15.81 -17.61 11.41
N VAL O 92 15.14 -17.97 12.50
CA VAL O 92 15.72 -18.82 13.51
C VAL O 92 16.23 -20.10 12.87
N VAL O 93 15.32 -20.85 12.30
CA VAL O 93 15.65 -22.12 11.68
C VAL O 93 16.93 -22.07 10.87
N ASN O 94 17.06 -21.05 10.04
CA ASN O 94 18.23 -20.94 9.22
C ASN O 94 19.43 -20.76 10.11
N SER O 95 19.41 -19.70 10.89
CA SER O 95 20.52 -19.41 11.77
C SER O 95 20.90 -20.63 12.55
N ALA O 96 19.90 -21.29 13.13
CA ALA O 96 20.13 -22.48 13.91
C ALA O 96 20.91 -23.44 13.04
N SER O 97 20.28 -23.89 11.98
CA SER O 97 20.93 -24.82 11.07
C SER O 97 22.33 -24.36 10.67
N SER O 98 22.40 -23.20 10.04
CA SER O 98 23.66 -22.65 9.60
C SER O 98 24.71 -22.68 10.70
N GLY O 99 24.32 -22.19 11.88
CA GLY O 99 25.23 -22.15 13.01
C GLY O 99 25.84 -23.51 13.25
N VAL O 100 25.01 -24.50 13.50
CA VAL O 100 25.47 -25.86 13.77
C VAL O 100 26.39 -26.34 12.67
N LEU O 101 26.04 -25.98 11.44
CA LEU O 101 26.87 -26.39 10.33
C LEU O 101 28.24 -25.77 10.56
N SER O 102 28.27 -24.44 10.47
CA SER O 102 29.51 -23.70 10.65
C SER O 102 30.35 -24.24 11.79
N ALA O 103 29.72 -24.44 12.93
CA ALA O 103 30.42 -24.95 14.09
C ALA O 103 31.18 -26.21 13.69
N GLY O 104 30.43 -27.22 13.28
CA GLY O 104 31.03 -28.47 12.88
C GLY O 104 32.21 -28.26 11.95
N LEU O 105 32.00 -27.48 10.91
CA LEU O 105 33.05 -27.23 9.94
C LEU O 105 34.26 -26.56 10.54
N ASN O 106 34.04 -25.42 11.15
CA ASN O 106 35.11 -24.65 11.74
C ASN O 106 35.85 -25.41 12.83
N SER O 107 35.10 -26.12 13.66
CA SER O 107 35.72 -26.86 14.75
C SER O 107 36.33 -28.14 14.24
N GLY O 108 35.84 -28.60 13.10
CA GLY O 108 36.35 -29.87 12.62
C GLY O 108 35.80 -30.95 13.55
N VAL O 109 34.82 -30.59 14.37
CA VAL O 109 34.21 -31.53 15.29
C VAL O 109 32.77 -31.74 14.91
N PRO O 110 32.33 -33.01 14.82
CA PRO O 110 30.95 -33.29 14.47
C PRO O 110 29.99 -32.64 15.44
N CYS O 111 29.11 -31.83 14.91
CA CYS O 111 28.09 -31.15 15.69
C CYS O 111 26.81 -31.65 15.09
N VAL O 112 26.06 -32.41 15.88
CA VAL O 112 24.82 -32.99 15.43
C VAL O 112 23.64 -32.03 15.48
N PHE O 113 22.96 -31.91 14.35
CA PHE O 113 21.81 -31.04 14.22
C PHE O 113 20.59 -31.80 14.69
N GLY O 114 20.39 -31.83 15.99
CA GLY O 114 19.26 -32.51 16.53
C GLY O 114 18.20 -31.51 16.91
N VAL O 115 17.78 -30.71 15.94
CA VAL O 115 16.76 -29.72 16.24
C VAL O 115 15.56 -29.89 15.33
N LEU O 116 14.41 -29.93 15.97
CA LEU O 116 13.17 -30.13 15.27
C LEU O 116 12.74 -28.88 14.60
N THR O 117 12.23 -29.03 13.38
CA THR O 117 11.75 -27.88 12.65
C THR O 117 10.43 -28.23 12.02
N CYS O 118 9.54 -28.80 12.82
CA CYS O 118 8.21 -29.17 12.35
C CYS O 118 7.31 -27.94 12.42
N ASP O 119 6.11 -28.03 11.85
CA ASP O 119 5.19 -26.87 11.88
C ASP O 119 4.50 -26.77 13.21
N ASN O 120 3.57 -27.71 13.44
CA ASN O 120 2.82 -27.73 14.68
C ASN O 120 3.49 -28.55 15.79
N MET O 121 3.19 -28.12 17.00
CA MET O 121 3.71 -28.73 18.22
C MET O 121 3.58 -30.24 18.19
N ASP O 122 2.38 -30.70 17.86
CA ASP O 122 2.11 -32.11 17.82
C ASP O 122 3.14 -32.92 17.04
N GLN O 123 3.47 -32.47 15.84
CA GLN O 123 4.45 -33.20 15.03
C GLN O 123 5.72 -33.38 15.85
N ALA O 124 6.09 -32.30 16.51
CA ALA O 124 7.27 -32.28 17.33
C ALA O 124 7.14 -33.36 18.38
N ILE O 125 6.06 -33.30 19.14
CA ILE O 125 5.84 -34.27 20.19
C ILE O 125 6.17 -35.67 19.69
N ASN O 126 5.85 -35.92 18.43
CA ASN O 126 6.10 -37.23 17.85
C ASN O 126 7.54 -37.53 17.58
N ARG O 127 8.29 -36.49 17.23
CA ARG O 127 9.72 -36.69 16.99
C ARG O 127 10.43 -36.82 18.33
N ALA O 128 9.80 -36.37 19.40
CA ALA O 128 10.39 -36.43 20.71
C ALA O 128 9.93 -37.66 21.47
N GLY O 129 10.03 -38.82 20.84
CA GLY O 129 9.60 -40.02 21.51
C GLY O 129 8.17 -40.46 21.22
N GLY O 130 7.63 -39.97 20.11
CA GLY O 130 6.29 -40.33 19.71
C GLY O 130 6.40 -41.40 18.64
N LYS O 131 5.37 -41.56 17.81
CA LYS O 131 5.41 -42.58 16.77
C LYS O 131 6.42 -42.21 15.68
N ALA O 132 7.08 -41.08 15.85
CA ALA O 132 8.07 -40.65 14.89
C ALA O 132 9.46 -40.88 15.42
N GLY O 133 9.54 -41.57 16.56
CA GLY O 133 10.82 -41.86 17.16
C GLY O 133 11.25 -40.73 18.04
N ASN O 134 12.55 -40.62 18.26
CA ASN O 134 13.08 -39.57 19.11
C ASN O 134 14.35 -38.96 18.52
N LYS O 135 14.24 -37.77 17.97
CA LYS O 135 15.40 -37.16 17.35
C LYS O 135 16.54 -37.07 18.34
N GLY O 136 16.23 -36.66 19.56
CA GLY O 136 17.28 -36.55 20.57
C GLY O 136 18.13 -37.80 20.57
N ALA O 137 17.53 -38.94 20.88
CA ALA O 137 18.24 -40.19 20.93
C ALA O 137 19.01 -40.41 19.64
N GLU O 138 18.34 -40.29 18.51
CA GLU O 138 18.96 -40.50 17.22
C GLU O 138 20.22 -39.66 17.13
N SER O 139 20.09 -38.40 17.50
CA SER O 139 21.20 -37.51 17.43
C SER O 139 22.38 -38.02 18.23
N ALA O 140 22.10 -38.49 19.44
CA ALA O 140 23.14 -39.03 20.33
C ALA O 140 23.87 -40.15 19.61
N LEU O 141 23.08 -41.14 19.21
CA LEU O 141 23.60 -42.28 18.49
C LEU O 141 24.51 -41.79 17.38
N THR O 142 24.03 -40.81 16.63
CA THR O 142 24.82 -40.29 15.55
C THR O 142 26.13 -39.70 16.03
N ALA O 143 26.05 -38.92 17.11
CA ALA O 143 27.23 -38.31 17.68
C ALA O 143 28.27 -39.39 17.85
N ILE O 144 27.86 -40.47 18.50
CA ILE O 144 28.73 -41.61 18.73
C ILE O 144 29.36 -42.03 17.42
N GLU O 145 28.55 -42.49 16.50
CA GLU O 145 29.05 -42.96 15.23
C GLU O 145 30.03 -42.00 14.59
N MET O 146 29.70 -40.71 14.58
CA MET O 146 30.58 -39.75 13.96
C MET O 146 31.93 -39.68 14.64
N ALA O 147 31.89 -39.58 15.96
CA ALA O 147 33.10 -39.52 16.76
C ALA O 147 33.94 -40.73 16.38
N SER O 148 33.39 -41.89 16.63
CA SER O 148 34.06 -43.13 16.31
C SER O 148 34.63 -43.12 14.92
N LEU O 149 33.83 -42.73 13.95
CA LEU O 149 34.28 -42.68 12.57
C LEU O 149 35.59 -41.92 12.48
N PHE O 150 35.61 -40.77 13.14
CA PHE O 150 36.78 -39.93 13.11
C PHE O 150 38.05 -40.59 13.62
N GLU O 151 37.92 -41.53 14.55
CA GLU O 151 39.07 -42.26 15.09
C GLU O 151 38.95 -43.70 14.66
N HIS O 152 39.20 -43.91 13.39
CA HIS O 152 39.11 -45.22 12.77
C HIS O 152 39.38 -44.89 11.31
N HIS O 153 38.83 -43.75 10.91
CA HIS O 153 39.04 -43.33 9.56
C HIS O 153 40.14 -42.30 9.71
N LEU O 154 39.91 -41.30 10.56
CA LEU O 154 40.83 -40.19 10.79
C LEU O 154 41.17 -39.46 9.49
N LYS O 155 41.88 -40.16 8.60
CA LYS O 155 42.33 -39.68 7.28
C LYS O 155 41.57 -40.35 6.10
N MET P 1 -31.77 18.40 48.12
CA MET P 1 -30.98 19.00 47.01
C MET P 1 -29.82 19.88 47.49
N ASN P 2 -28.67 19.25 47.66
CA ASN P 2 -27.44 19.91 48.05
C ASN P 2 -26.37 19.06 47.34
N GLU P 3 -25.95 19.55 46.18
CA GLU P 3 -25.00 18.82 45.39
C GLU P 3 -23.65 18.66 46.01
N LEU P 4 -23.45 17.51 46.64
CA LEU P 4 -22.19 17.23 47.25
C LEU P 4 -21.32 16.62 46.16
N GLU P 5 -20.55 17.48 45.48
CA GLU P 5 -19.65 17.01 44.43
C GLU P 5 -18.20 17.17 44.90
N GLY P 6 -17.30 16.35 44.37
CA GLY P 6 -15.89 16.49 44.74
C GLY P 6 -15.31 17.75 44.08
N TYR P 7 -14.05 18.05 44.37
CA TYR P 7 -13.39 19.23 43.79
C TYR P 7 -12.14 18.80 43.06
N VAL P 8 -12.04 19.21 41.81
CA VAL P 8 -10.88 18.84 41.05
C VAL P 8 -9.76 19.89 41.25
N THR P 9 -10.15 21.07 41.72
CA THR P 9 -9.20 22.18 41.93
C THR P 9 -8.30 22.06 43.17
N LYS P 10 -8.84 21.52 44.27
CA LYS P 10 -8.06 21.39 45.49
C LYS P 10 -7.19 20.13 45.60
N ALA P 11 -6.46 19.85 44.54
CA ALA P 11 -5.61 18.67 44.48
C ALA P 11 -4.38 18.64 45.41
N GLN P 12 -3.32 19.31 44.96
CA GLN P 12 -2.00 19.42 45.64
C GLN P 12 -1.82 18.88 47.05
N SER P 13 -2.75 19.24 47.93
CA SER P 13 -2.70 18.83 49.32
C SER P 13 -2.83 17.32 49.53
N PHE P 14 -3.38 16.60 48.54
CA PHE P 14 -3.58 15.16 48.67
C PHE P 14 -2.44 14.26 48.31
N ARG P 15 -2.55 13.02 48.76
CA ARG P 15 -1.55 11.97 48.54
C ARG P 15 -2.20 10.82 47.79
N PHE P 16 -1.65 10.45 46.63
CA PHE P 16 -2.18 9.36 45.82
C PHE P 16 -1.14 8.33 45.50
N ALA P 17 -1.63 7.20 45.02
CA ALA P 17 -0.77 6.12 44.64
C ALA P 17 -1.35 5.46 43.40
N ILE P 18 -0.47 5.16 42.45
CA ILE P 18 -0.84 4.50 41.21
C ILE P 18 -0.28 3.10 41.33
N VAL P 19 -1.03 2.12 40.86
CA VAL P 19 -0.55 0.74 40.90
C VAL P 19 -0.73 0.29 39.48
N VAL P 20 0.34 -0.13 38.82
CA VAL P 20 0.22 -0.56 37.44
C VAL P 20 0.79 -1.95 37.21
N ALA P 21 0.13 -2.71 36.34
CA ALA P 21 0.59 -4.05 36.00
C ALA P 21 1.52 -3.91 34.80
N ARG P 22 2.61 -4.65 34.83
CA ARG P 22 3.61 -4.61 33.79
C ARG P 22 3.09 -5.25 32.50
N PHE P 23 2.17 -6.20 32.63
CA PHE P 23 1.61 -6.88 31.48
C PHE P 23 1.04 -5.88 30.50
N ASN P 24 1.32 -6.08 29.22
CA ASN P 24 0.84 -5.18 28.17
C ASN P 24 1.41 -3.81 28.40
N GLU P 25 2.63 -3.84 28.91
CA GLU P 25 3.39 -2.66 29.22
C GLU P 25 3.27 -1.62 28.15
N PHE P 26 3.32 -2.04 26.90
CA PHE P 26 3.25 -1.11 25.79
C PHE P 26 2.13 -0.10 25.97
N VAL P 27 1.08 -0.54 26.61
CA VAL P 27 -0.07 0.30 26.84
C VAL P 27 -0.05 0.87 28.25
N THR P 28 0.07 -0.03 29.22
CA THR P 28 0.08 0.37 30.61
C THR P 28 1.06 1.53 30.87
N ARG P 29 2.29 1.42 30.39
CA ARG P 29 3.29 2.47 30.59
C ARG P 29 2.62 3.78 30.27
N ARG P 30 2.10 3.85 29.05
CA ARG P 30 1.41 5.04 28.59
C ARG P 30 0.32 5.44 29.53
N LEU P 31 -0.53 4.47 29.81
CA LEU P 31 -1.66 4.66 30.69
C LEU P 31 -1.22 5.38 31.94
N MET P 32 -0.17 4.83 32.56
CA MET P 32 0.40 5.37 33.76
C MET P 32 0.91 6.77 33.55
N GLU P 33 1.78 6.92 32.57
CA GLU P 33 2.32 8.22 32.27
C GLU P 33 1.18 9.22 32.20
N GLY P 34 0.07 8.79 31.65
CA GLY P 34 -1.05 9.67 31.53
C GLY P 34 -1.58 10.11 32.87
N ALA P 35 -1.89 9.14 33.72
CA ALA P 35 -2.40 9.41 35.05
C ALA P 35 -1.48 10.38 35.74
N LEU P 36 -0.20 10.02 35.71
CA LEU P 36 0.84 10.81 36.32
C LEU P 36 0.72 12.25 35.87
N ASP P 37 0.90 12.44 34.58
CA ASP P 37 0.82 13.76 34.02
C ASP P 37 -0.39 14.49 34.56
N THR P 38 -1.57 13.89 34.42
CA THR P 38 -2.78 14.52 34.90
C THR P 38 -2.66 15.05 36.31
N PHE P 39 -2.06 14.25 37.19
CA PHE P 39 -1.89 14.68 38.56
C PHE P 39 -1.19 16.02 38.62
N LYS P 40 0.01 16.05 38.06
CA LYS P 40 0.78 17.27 38.03
C LYS P 40 -0.01 18.38 37.36
N LYS P 41 -0.59 18.08 36.21
CA LYS P 41 -1.40 19.04 35.47
C LYS P 41 -2.43 19.65 36.42
N TYR P 42 -2.90 18.84 37.37
CA TYR P 42 -3.87 19.33 38.33
C TYR P 42 -3.23 19.77 39.63
N SER P 43 -2.10 20.46 39.47
CA SER P 43 -1.32 21.03 40.56
C SER P 43 -0.96 20.14 41.76
N VAL P 44 -1.31 18.86 41.71
CA VAL P 44 -1.00 18.03 42.86
C VAL P 44 0.50 17.78 43.03
N ASN P 45 0.94 17.81 44.29
CA ASN P 45 2.32 17.50 44.58
C ASN P 45 2.70 16.99 45.95
N GLU P 46 3.06 15.71 45.92
CA GLU P 46 3.50 14.92 47.06
C GLU P 46 4.14 13.75 46.34
N ASP P 47 4.64 14.06 45.14
CA ASP P 47 5.29 13.09 44.29
C ASP P 47 4.74 11.62 44.26
N ILE P 48 3.42 11.46 44.04
CA ILE P 48 2.72 10.15 43.96
C ILE P 48 3.54 8.88 43.77
N ASP P 49 3.24 7.89 44.59
CA ASP P 49 3.93 6.61 44.55
C ASP P 49 3.35 5.75 43.42
N VAL P 50 4.21 5.16 42.60
CA VAL P 50 3.74 4.29 41.54
C VAL P 50 4.26 2.91 41.88
N VAL P 51 3.34 1.97 42.06
CA VAL P 51 3.72 0.62 42.41
C VAL P 51 3.51 -0.31 41.25
N TRP P 52 4.59 -0.98 40.86
CA TRP P 52 4.54 -1.90 39.75
C TRP P 52 4.27 -3.30 40.21
N VAL P 53 3.28 -3.93 39.60
CA VAL P 53 2.96 -5.33 39.88
C VAL P 53 2.99 -6.00 38.50
N PRO P 54 3.43 -7.26 38.44
CA PRO P 54 3.48 -7.90 37.13
C PRO P 54 2.15 -7.98 36.39
N GLY P 55 1.11 -8.47 37.04
CA GLY P 55 -0.15 -8.61 36.35
C GLY P 55 -1.36 -8.01 37.03
N ALA P 56 -2.39 -7.75 36.25
CA ALA P 56 -3.61 -7.16 36.73
C ALA P 56 -4.21 -7.88 37.91
N TYR P 57 -4.03 -9.19 37.94
CA TYR P 57 -4.55 -9.99 39.03
C TYR P 57 -4.06 -9.39 40.34
N GLU P 58 -2.76 -9.06 40.36
CA GLU P 58 -2.09 -8.51 41.52
C GLU P 58 -2.71 -7.25 42.09
N LEU P 59 -3.23 -6.40 41.21
CA LEU P 59 -3.85 -5.15 41.63
C LEU P 59 -4.61 -5.29 42.96
N GLY P 60 -5.47 -6.29 43.05
CA GLY P 60 -6.25 -6.49 44.26
C GLY P 60 -5.51 -6.28 45.56
N VAL P 61 -4.68 -7.24 45.94
CA VAL P 61 -3.96 -7.14 47.19
C VAL P 61 -3.07 -5.92 47.29
N THR P 62 -2.37 -5.64 46.23
CA THR P 62 -1.49 -4.51 46.25
C THR P 62 -2.24 -3.26 46.67
N ALA P 63 -3.35 -3.01 46.01
CA ALA P 63 -4.15 -1.86 46.35
C ALA P 63 -4.53 -2.05 47.80
N GLN P 64 -5.14 -3.20 48.09
CA GLN P 64 -5.55 -3.57 49.44
C GLN P 64 -4.57 -3.00 50.45
N ALA P 65 -3.31 -3.36 50.29
CA ALA P 65 -2.26 -2.91 51.18
C ALA P 65 -2.21 -1.39 51.20
N LEU P 66 -1.79 -0.80 50.10
CA LEU P 66 -1.68 0.64 49.99
C LEU P 66 -2.84 1.37 50.62
N GLY P 67 -4.04 0.85 50.38
CA GLY P 67 -5.24 1.46 50.92
C GLY P 67 -5.23 1.44 52.43
N LYS P 68 -5.00 0.25 52.99
CA LYS P 68 -4.98 0.08 54.43
C LYS P 68 -3.83 0.83 55.11
N SER P 69 -2.79 1.17 54.34
CA SER P 69 -1.67 1.90 54.94
C SER P 69 -2.13 3.31 55.34
N GLY P 70 -3.37 3.67 54.96
CA GLY P 70 -3.90 4.98 55.29
C GLY P 70 -3.07 6.15 54.81
N LYS P 71 -2.01 5.84 54.06
CA LYS P 71 -1.12 6.87 53.59
C LYS P 71 -1.68 7.68 52.42
N TYR P 72 -2.49 7.05 51.59
CA TYR P 72 -3.05 7.74 50.42
C TYR P 72 -4.53 8.00 50.56
N HIS P 73 -5.04 8.99 49.81
CA HIS P 73 -6.46 9.33 49.83
C HIS P 73 -7.23 8.61 48.75
N ALA P 74 -6.50 8.20 47.71
CA ALA P 74 -7.08 7.48 46.59
C ALA P 74 -5.94 6.79 45.87
N ILE P 75 -6.20 5.55 45.45
CA ILE P 75 -5.21 4.79 44.70
C ILE P 75 -5.87 4.48 43.41
N VAL P 76 -5.13 4.67 42.34
CA VAL P 76 -5.63 4.40 41.01
C VAL P 76 -4.87 3.17 40.49
N CYS P 77 -5.64 2.19 40.02
CA CYS P 77 -5.04 0.96 39.53
C CYS P 77 -5.20 0.92 38.05
N LEU P 78 -4.07 0.71 37.39
CA LEU P 78 -4.02 0.66 35.96
C LEU P 78 -3.56 -0.68 35.50
N GLY P 79 -4.12 -1.09 34.37
CA GLY P 79 -3.75 -2.35 33.79
C GLY P 79 -4.51 -2.47 32.51
N ALA P 80 -4.20 -3.48 31.71
CA ALA P 80 -4.91 -3.68 30.48
C ALA P 80 -4.88 -5.16 30.19
N VAL P 81 -6.04 -5.74 30.01
CA VAL P 81 -6.12 -7.15 29.69
C VAL P 81 -6.94 -7.27 28.41
N VAL P 82 -6.21 -7.50 27.31
CA VAL P 82 -6.82 -7.63 25.99
C VAL P 82 -7.30 -9.04 25.80
N LYS P 83 -8.49 -9.17 25.23
CA LYS P 83 -9.07 -10.47 24.95
C LYS P 83 -8.23 -11.12 23.87
N GLY P 84 -7.13 -11.73 24.30
CA GLY P 84 -6.21 -12.40 23.40
C GLY P 84 -6.77 -13.70 22.83
N ASP P 85 -7.07 -14.67 23.73
CA ASP P 85 -7.60 -15.98 23.32
C ASP P 85 -8.73 -16.57 24.20
N THR P 86 -8.31 -17.37 25.18
CA THR P 86 -9.21 -18.10 26.09
C THR P 86 -10.01 -17.31 27.13
N SER P 87 -10.86 -18.03 27.89
CA SER P 87 -11.66 -17.40 28.95
C SER P 87 -10.69 -16.83 30.03
N HIS P 88 -9.40 -17.19 29.91
CA HIS P 88 -8.35 -16.71 30.83
C HIS P 88 -8.58 -15.21 30.97
N TYR P 89 -8.90 -14.60 29.84
CA TYR P 89 -9.23 -13.21 29.77
C TYR P 89 -10.21 -12.96 30.90
N ASP P 90 -11.36 -13.61 30.82
CA ASP P 90 -12.40 -13.47 31.83
C ASP P 90 -11.81 -13.60 33.23
N ALA P 91 -11.23 -14.77 33.50
CA ALA P 91 -10.63 -15.07 34.80
C ALA P 91 -9.95 -13.84 35.37
N VAL P 92 -8.91 -13.40 34.66
CA VAL P 92 -8.16 -12.23 35.05
C VAL P 92 -9.10 -11.04 35.24
N VAL P 93 -9.74 -10.64 34.15
CA VAL P 93 -10.64 -9.51 34.17
C VAL P 93 -11.52 -9.48 35.40
N ASN P 94 -12.11 -10.61 35.74
CA ASN P 94 -12.96 -10.64 36.90
C ASN P 94 -12.15 -10.37 38.10
N SER P 95 -11.16 -11.20 38.35
CA SER P 95 -10.31 -11.03 39.51
C SER P 95 -9.81 -9.62 39.61
N ALA P 96 -9.32 -9.10 38.51
CA ALA P 96 -8.83 -7.76 38.51
C ALA P 96 -9.95 -6.87 39.02
N SER P 97 -11.04 -6.80 38.28
CA SER P 97 -12.15 -5.97 38.69
C SER P 97 -12.56 -6.19 40.13
N SER P 98 -12.92 -7.41 40.45
CA SER P 98 -13.33 -7.75 41.79
C SER P 98 -12.34 -7.25 42.83
N GLY P 99 -11.07 -7.54 42.60
CA GLY P 99 -10.02 -7.13 43.52
C GLY P 99 -10.10 -5.65 43.84
N VAL P 100 -9.98 -4.83 42.81
CA VAL P 100 -10.05 -3.39 42.97
C VAL P 100 -11.31 -2.99 43.72
N LEU P 101 -12.41 -3.65 43.41
CA LEU P 101 -13.63 -3.33 44.10
C LEU P 101 -13.38 -3.59 45.57
N SER P 102 -13.19 -4.85 45.91
CA SER P 102 -12.94 -5.27 47.29
C SER P 102 -12.01 -4.33 47.99
N ALA P 103 -10.88 -4.02 47.36
CA ALA P 103 -9.91 -3.13 47.94
C ALA P 103 -10.62 -1.86 48.39
N GLY P 104 -11.19 -1.15 47.42
CA GLY P 104 -11.88 0.08 47.74
C GLY P 104 -12.82 -0.06 48.91
N LEU P 105 -13.66 -1.08 48.87
CA LEU P 105 -14.64 -1.31 49.92
C LEU P 105 -14.01 -1.54 51.25
N ASN P 106 -13.15 -2.54 51.31
CA ASN P 106 -12.48 -2.90 52.53
C ASN P 106 -11.62 -1.79 53.12
N SER P 107 -10.88 -1.10 52.27
CA SER P 107 -10.01 -0.03 52.72
C SER P 107 -10.82 1.22 53.01
N GLY P 108 -11.99 1.32 52.39
CA GLY P 108 -12.80 2.52 52.57
C GLY P 108 -12.09 3.63 51.82
N VAL P 109 -11.13 3.25 50.99
CA VAL P 109 -10.38 4.22 50.20
C VAL P 109 -10.69 4.01 48.74
N PRO P 110 -11.02 5.09 48.04
CA PRO P 110 -11.34 4.98 46.62
C PRO P 110 -10.17 4.38 45.85
N CYS P 111 -10.46 3.30 45.17
CA CYS P 111 -9.49 2.62 44.33
C CYS P 111 -10.08 2.67 42.94
N VAL P 112 -9.41 3.42 42.07
CA VAL P 112 -9.89 3.60 40.71
C VAL P 112 -9.56 2.44 39.80
N PHE P 113 -10.60 1.92 39.16
CA PHE P 113 -10.47 0.83 38.23
C PHE P 113 -10.08 1.39 36.89
N GLY P 114 -8.79 1.63 36.70
CA GLY P 114 -8.33 2.16 35.46
C GLY P 114 -7.67 1.07 34.66
N VAL P 115 -8.41 0.02 34.41
CA VAL P 115 -7.86 -1.08 33.65
C VAL P 115 -8.69 -1.36 32.42
N LEU P 116 -8.00 -1.42 31.30
CA LEU P 116 -8.63 -1.66 30.03
C LEU P 116 -8.99 -3.10 29.89
N THR P 117 -10.17 -3.33 29.31
CA THR P 117 -10.61 -4.69 29.09
C THR P 117 -11.19 -4.78 27.71
N CYS P 118 -10.48 -4.23 26.74
CA CYS P 118 -10.95 -4.28 25.37
C CYS P 118 -10.56 -5.64 24.76
N ASP P 119 -11.04 -5.94 23.56
CA ASP P 119 -10.72 -7.21 22.92
C ASP P 119 -9.35 -7.17 22.28
N ASN P 120 -9.25 -6.42 21.19
CA ASN P 120 -8.00 -6.30 20.49
C ASN P 120 -7.14 -5.15 20.98
N MET P 121 -5.84 -5.35 20.80
CA MET P 121 -4.82 -4.39 21.19
C MET P 121 -5.16 -2.99 20.70
N ASP P 122 -5.51 -2.89 19.44
CA ASP P 122 -5.81 -1.60 18.87
C ASP P 122 -6.82 -0.76 19.66
N GLN P 123 -7.92 -1.37 20.04
CA GLN P 123 -8.93 -0.64 20.80
C GLN P 123 -8.23 -0.02 22.00
N ALA P 124 -7.41 -0.83 22.65
CA ALA P 124 -6.67 -0.40 23.82
C ALA P 124 -5.86 0.83 23.48
N ILE P 125 -5.02 0.70 22.47
CA ILE P 125 -4.17 1.81 22.05
C ILE P 125 -5.00 3.08 22.05
N ASN P 126 -6.25 2.97 21.63
CA ASN P 126 -7.11 4.14 21.58
C ASN P 126 -7.53 4.67 22.93
N ARG P 127 -7.69 3.79 23.90
CA ARG P 127 -8.08 4.22 25.22
C ARG P 127 -6.85 4.79 25.92
N ALA P 128 -5.69 4.45 25.43
CA ALA P 128 -4.46 4.95 26.03
C ALA P 128 -3.96 6.18 25.30
N GLY P 129 -4.82 7.18 25.14
CA GLY P 129 -4.39 8.38 24.46
C GLY P 129 -4.66 8.43 22.98
N GLY P 130 -5.60 7.61 22.53
CA GLY P 130 -5.96 7.58 21.12
C GLY P 130 -7.23 8.39 20.95
N LYS P 131 -7.99 8.10 19.90
CA LYS P 131 -9.22 8.83 19.69
C LYS P 131 -10.28 8.47 20.71
N ALA P 132 -9.92 7.58 21.62
CA ALA P 132 -10.84 7.16 22.68
C ALA P 132 -10.46 7.81 24.00
N GLY P 133 -9.51 8.74 23.94
CA GLY P 133 -9.07 9.42 25.13
C GLY P 133 -7.99 8.62 25.82
N ASN P 134 -7.86 8.81 27.11
CA ASN P 134 -6.84 8.13 27.88
C ASN P 134 -7.40 7.70 29.23
N LYS P 135 -7.69 6.41 29.39
CA LYS P 135 -8.24 5.96 30.64
C LYS P 135 -7.34 6.35 31.79
N GLY P 136 -6.04 6.17 31.61
CA GLY P 136 -5.10 6.52 32.66
C GLY P 136 -5.40 7.89 33.23
N ALA P 137 -5.31 8.90 32.38
CA ALA P 137 -5.58 10.26 32.80
C ALA P 137 -6.95 10.36 33.49
N GLU P 138 -7.98 9.84 32.83
CA GLU P 138 -9.33 9.90 33.37
C GLU P 138 -9.32 9.37 34.78
N SER P 139 -8.69 8.23 34.94
CA SER P 139 -8.62 7.59 36.24
C SER P 139 -8.02 8.52 37.28
N ALA P 140 -6.91 9.16 36.93
CA ALA P 140 -6.24 10.07 37.84
C ALA P 140 -7.23 11.13 38.28
N LEU P 141 -7.79 11.80 37.29
CA LEU P 141 -8.77 12.86 37.52
C LEU P 141 -9.81 12.34 38.49
N THR P 142 -10.31 11.16 38.23
CA THR P 142 -11.32 10.59 39.09
C THR P 142 -10.79 10.41 40.50
N ALA P 143 -9.59 9.91 40.62
CA ALA P 143 -8.98 9.70 41.93
C ALA P 143 -9.13 10.99 42.72
N ILE P 144 -8.70 12.07 42.07
CA ILE P 144 -8.77 13.37 42.67
C ILE P 144 -10.16 13.61 43.16
N GLU P 145 -11.10 13.72 42.23
CA GLU P 145 -12.47 13.99 42.59
C GLU P 145 -12.97 13.12 43.76
N MET P 146 -12.68 11.84 43.74
CA MET P 146 -13.14 10.99 44.80
C MET P 146 -12.56 11.37 46.12
N ALA P 147 -11.24 11.52 46.14
CA ALA P 147 -10.53 11.90 47.36
C ALA P 147 -11.21 13.14 47.90
N SER P 148 -11.18 14.19 47.10
CA SER P 148 -11.80 15.45 47.45
C SER P 148 -13.23 15.25 47.98
N LEU P 149 -14.03 14.48 47.26
CA LEU P 149 -15.40 14.22 47.69
C LEU P 149 -15.41 13.73 49.13
N PHE P 150 -14.53 12.80 49.42
CA PHE P 150 -14.46 12.27 50.74
C PHE P 150 -14.19 13.30 51.85
N GLU P 151 -13.45 14.35 51.53
CA GLU P 151 -13.15 15.42 52.51
C GLU P 151 -13.88 16.69 52.07
N HIS P 152 -15.18 16.67 52.25
CA HIS P 152 -16.05 17.76 51.85
C HIS P 152 -17.42 17.18 52.15
N HIS P 153 -17.54 15.89 51.85
CA HIS P 153 -18.77 15.22 52.13
C HIS P 153 -18.49 14.51 53.44
N LEU P 154 -17.43 13.71 53.46
CA LEU P 154 -17.03 12.91 54.61
C LEU P 154 -18.17 11.99 55.10
N LYS P 155 -19.25 12.60 55.60
CA LYS P 155 -20.48 11.94 56.13
C LYS P 155 -21.74 12.13 55.21
N MET Q 1 -49.63 -15.24 57.79
CA MET Q 1 -50.25 -14.24 56.89
C MET Q 1 -50.51 -12.91 57.58
N ASN Q 2 -49.52 -12.02 57.48
CA ASN Q 2 -49.60 -10.67 58.04
C ASN Q 2 -48.71 -9.88 57.10
N GLU Q 3 -49.34 -9.26 56.12
CA GLU Q 3 -48.60 -8.54 55.11
C GLU Q 3 -47.82 -7.36 55.61
N LEU Q 4 -46.54 -7.60 55.85
CA LEU Q 4 -45.66 -6.54 56.29
C LEU Q 4 -45.15 -5.83 55.03
N GLU Q 5 -45.86 -4.78 54.62
CA GLU Q 5 -45.46 -4.04 53.46
C GLU Q 5 -45.00 -2.66 53.91
N GLY Q 6 -44.16 -2.00 53.12
CA GLY Q 6 -43.71 -0.65 53.46
C GLY Q 6 -44.82 0.36 53.20
N TYR Q 7 -44.58 1.61 53.57
CA TYR Q 7 -45.57 2.67 53.36
C TYR Q 7 -44.99 3.76 52.50
N VAL Q 8 -45.69 4.10 51.43
CA VAL Q 8 -45.20 5.14 50.58
C VAL Q 8 -45.71 6.50 51.07
N THR Q 9 -46.76 6.47 51.89
CA THR Q 9 -47.38 7.70 52.40
C THR Q 9 -46.63 8.41 53.52
N LYS Q 10 -46.01 7.64 54.41
CA LYS Q 10 -45.27 8.25 55.52
C LYS Q 10 -43.81 8.66 55.19
N ALA Q 11 -43.61 9.34 54.07
CA ALA Q 11 -42.28 9.77 53.63
C ALA Q 11 -41.57 10.85 54.46
N GLN Q 12 -41.94 12.10 54.21
CA GLN Q 12 -41.40 13.31 54.83
C GLN Q 12 -40.42 13.21 56.00
N SER Q 13 -40.79 12.39 56.96
CA SER Q 13 -39.99 12.18 58.15
C SER Q 13 -38.63 11.56 57.89
N PHE Q 14 -38.49 10.89 56.76
CA PHE Q 14 -37.23 10.23 56.46
C PHE Q 14 -36.16 11.05 55.80
N ARG Q 15 -34.94 10.50 55.85
CA ARG Q 15 -33.74 11.11 55.29
C ARG Q 15 -33.14 10.16 54.23
N PHE Q 16 -32.99 10.67 53.00
CA PHE Q 16 -32.44 9.86 51.91
C PHE Q 16 -31.27 10.52 51.27
N ALA Q 17 -30.55 9.74 50.47
CA ALA Q 17 -29.39 10.23 49.74
C ALA Q 17 -29.34 9.56 48.38
N ILE Q 18 -29.09 10.38 47.37
CA ILE Q 18 -29.00 9.91 46.00
C ILE Q 18 -27.54 9.98 45.65
N VAL Q 19 -27.06 9.00 44.93
CA VAL Q 19 -25.67 9.01 44.53
C VAL Q 19 -25.75 8.79 43.05
N VAL Q 20 -25.20 9.70 42.26
CA VAL Q 20 -25.27 9.55 40.81
C VAL Q 20 -23.93 9.65 40.14
N ALA Q 21 -23.73 8.83 39.13
CA ALA Q 21 -22.49 8.86 38.38
C ALA Q 21 -22.66 9.88 37.26
N ARG Q 22 -21.61 10.66 37.02
CA ARG Q 22 -21.63 11.70 35.99
C ARG Q 22 -21.62 11.11 34.57
N PHE Q 23 -21.02 9.93 34.44
CA PHE Q 23 -20.94 9.25 33.16
C PHE Q 23 -22.33 9.12 32.54
N ASN Q 24 -22.46 9.42 31.25
CA ASN Q 24 -23.73 9.33 30.53
C ASN Q 24 -24.69 10.28 31.16
N GLU Q 25 -24.11 11.38 31.62
CA GLU Q 25 -24.81 12.46 32.26
C GLU Q 25 -26.12 12.76 31.57
N PHE Q 26 -26.10 12.78 30.24
CA PHE Q 26 -27.27 13.08 29.46
C PHE Q 26 -28.49 12.33 29.99
N VAL Q 27 -28.26 11.15 30.50
CA VAL Q 27 -29.34 10.33 31.02
C VAL Q 27 -29.40 10.43 32.52
N THR Q 28 -28.26 10.18 33.16
CA THR Q 28 -28.21 10.23 34.60
C THR Q 28 -28.82 11.50 35.20
N ARG Q 29 -28.48 12.66 34.66
CA ARG Q 29 -29.02 13.93 35.16
C ARG Q 29 -30.51 13.75 35.27
N ARG Q 30 -31.12 13.38 34.16
CA ARG Q 30 -32.56 13.16 34.09
C ARG Q 30 -32.99 12.19 35.14
N LEU Q 31 -32.32 11.06 35.14
CA LEU Q 31 -32.60 9.97 36.07
C LEU Q 31 -32.71 10.54 37.46
N MET Q 32 -31.69 11.28 37.86
CA MET Q 32 -31.62 11.89 39.15
C MET Q 32 -32.77 12.85 39.38
N GLU Q 33 -32.91 13.81 38.48
CA GLU Q 33 -33.98 14.78 38.56
C GLU Q 33 -35.28 14.04 38.83
N GLY Q 34 -35.42 12.90 38.21
CA GLY Q 34 -36.62 12.11 38.38
C GLY Q 34 -36.77 11.65 39.81
N ALA Q 35 -35.74 11.00 40.33
CA ALA Q 35 -35.76 10.50 41.70
C ALA Q 35 -36.10 11.62 42.64
N LEU Q 36 -35.38 12.72 42.47
CA LEU Q 36 -35.56 13.90 43.27
C LEU Q 36 -37.01 14.29 43.28
N ASP Q 37 -37.52 14.63 42.10
CA ASP Q 37 -38.89 15.02 41.95
C ASP Q 37 -39.81 14.07 42.73
N THR Q 38 -39.71 12.77 42.45
CA THR Q 38 -40.54 11.80 43.14
C THR Q 38 -40.54 11.99 44.66
N PHE Q 39 -39.37 12.22 45.23
CA PHE Q 39 -39.27 12.41 46.66
C PHE Q 39 -40.20 13.50 47.09
N LYS Q 40 -39.99 14.66 46.52
CA LYS Q 40 -40.83 15.79 46.83
C LYS Q 40 -42.29 15.45 46.57
N LYS Q 41 -42.57 14.89 45.40
CA LYS Q 41 -43.92 14.50 45.01
C LYS Q 41 -44.52 13.65 46.13
N TYR Q 42 -43.66 12.90 46.80
CA TYR Q 42 -44.13 12.07 47.91
C TYR Q 42 -43.93 12.74 49.25
N SER Q 43 -44.24 14.03 49.29
CA SER Q 43 -44.17 14.86 50.49
C SER Q 43 -42.89 14.82 51.37
N VAL Q 44 -41.87 14.08 50.95
CA VAL Q 44 -40.66 14.01 51.76
C VAL Q 44 -39.90 15.32 51.80
N ASN Q 45 -39.43 15.66 52.99
CA ASN Q 45 -38.63 16.85 53.13
C ASN Q 45 -37.61 16.93 54.28
N GLU Q 46 -36.35 16.87 53.83
CA GLU Q 46 -35.14 16.94 54.64
C GLU Q 46 -34.07 17.21 53.56
N ASP Q 47 -34.55 17.86 52.49
CA ASP Q 47 -33.74 18.23 51.35
C ASP Q 47 -32.62 17.26 50.89
N ILE Q 48 -32.99 15.99 50.67
CA ILE Q 48 -32.07 14.91 50.21
C ILE Q 48 -30.70 15.28 49.62
N ASP Q 49 -29.68 14.61 50.11
CA ASP Q 49 -28.32 14.84 49.65
C ASP Q 49 -28.09 14.09 48.36
N VAL Q 50 -27.53 14.77 47.37
CA VAL Q 50 -27.23 14.12 46.11
C VAL Q 50 -25.71 14.13 46.00
N VAL Q 51 -25.12 12.94 45.93
CA VAL Q 51 -23.68 12.82 45.82
C VAL Q 51 -23.27 12.42 44.43
N TRP Q 52 -22.45 13.26 43.80
CA TRP Q 52 -21.97 13.00 42.46
C TRP Q 52 -20.65 12.25 42.48
N VAL Q 53 -20.59 11.16 41.71
CA VAL Q 53 -19.37 10.39 41.57
C VAL Q 53 -19.19 10.32 40.07
N PRO Q 54 -17.94 10.32 39.60
CA PRO Q 54 -17.74 10.26 38.16
C PRO Q 54 -18.32 9.03 37.46
N GLY Q 55 -18.01 7.83 37.97
CA GLY Q 55 -18.50 6.64 37.31
C GLY Q 55 -19.25 5.65 38.18
N ALA Q 56 -20.08 4.84 37.54
CA ALA Q 56 -20.88 3.84 38.24
C ALA Q 56 -20.08 2.94 39.15
N TYR Q 57 -18.83 2.70 38.79
CA TYR Q 57 -17.97 1.85 39.59
C TYR Q 57 -17.95 2.40 41.02
N GLU Q 58 -17.81 3.72 41.07
CA GLU Q 58 -17.73 4.45 42.32
C GLU Q 58 -18.89 4.23 43.27
N LEU Q 59 -20.09 4.08 42.72
CA LEU Q 59 -21.27 3.89 43.53
C LEU Q 59 -21.02 3.04 44.75
N GLY Q 60 -20.38 1.90 44.56
CA GLY Q 60 -20.10 1.02 45.67
C GLY Q 60 -19.64 1.68 46.95
N VAL Q 61 -18.37 2.10 47.00
CA VAL Q 61 -17.84 2.72 48.20
C VAL Q 61 -18.60 3.94 48.64
N THR Q 62 -18.97 4.78 47.69
CA THR Q 62 -19.69 5.98 48.03
C THR Q 62 -20.93 5.65 48.84
N ALA Q 63 -21.72 4.72 48.33
CA ALA Q 63 -22.93 4.31 49.05
C ALA Q 63 -22.45 3.77 50.37
N GLN Q 64 -21.52 2.82 50.31
CA GLN Q 64 -20.91 2.21 51.48
C GLN Q 64 -20.79 3.23 52.59
N ALA Q 65 -20.09 4.31 52.29
CA ALA Q 65 -19.89 5.39 53.23
C ALA Q 65 -21.22 5.93 53.72
N LEU Q 66 -21.93 6.61 52.84
CA LEU Q 66 -23.22 7.21 53.17
C LEU Q 66 -24.06 6.30 54.01
N GLY Q 67 -24.04 5.01 53.68
CA GLY Q 67 -24.82 4.04 54.41
C GLY Q 67 -24.35 3.91 55.85
N LYS Q 68 -23.04 3.70 55.99
CA LYS Q 68 -22.46 3.57 57.32
C LYS Q 68 -22.54 4.85 58.15
N SER Q 69 -22.76 5.99 57.51
CA SER Q 69 -22.87 7.24 58.27
C SER Q 69 -24.16 7.24 59.10
N GLY Q 70 -24.99 6.24 58.90
CA GLY Q 70 -26.23 6.12 59.64
C GLY Q 70 -27.13 7.33 59.54
N LYS Q 71 -26.75 8.28 58.68
CA LYS Q 71 -27.52 9.49 58.51
C LYS Q 71 -28.78 9.32 57.67
N TYR Q 72 -28.75 8.40 56.69
CA TYR Q 72 -29.91 8.20 55.81
C TYR Q 72 -30.58 6.86 56.07
N HIS Q 73 -31.84 6.75 55.66
CA HIS Q 73 -32.61 5.52 55.85
C HIS Q 73 -32.52 4.65 54.61
N ALA Q 74 -32.25 5.30 53.48
CA ALA Q 74 -32.13 4.58 52.23
C ALA Q 74 -31.38 5.49 51.30
N ILE Q 75 -30.47 4.90 50.53
CA ILE Q 75 -29.69 5.63 49.54
C ILE Q 75 -30.02 4.98 48.23
N VAL Q 76 -30.25 5.84 47.25
CA VAL Q 76 -30.58 5.37 45.93
C VAL Q 76 -29.40 5.70 45.05
N CYS Q 77 -28.92 4.71 44.31
CA CYS Q 77 -27.77 4.91 43.44
C CYS Q 77 -28.23 4.88 42.01
N LEU Q 78 -27.85 5.93 41.30
CA LEU Q 78 -28.22 6.07 39.93
C LEU Q 78 -27.00 6.08 39.04
N GLY Q 79 -27.17 5.51 37.87
CA GLY Q 79 -26.09 5.48 36.92
C GLY Q 79 -26.64 4.82 35.69
N ALA Q 80 -25.87 4.84 34.62
CA ALA Q 80 -26.28 4.21 33.38
C ALA Q 80 -25.04 3.79 32.65
N VAL Q 81 -24.97 2.51 32.33
CA VAL Q 81 -23.84 1.98 31.60
C VAL Q 81 -24.38 1.27 30.35
N VAL Q 82 -24.27 1.98 29.23
CA VAL Q 82 -24.75 1.47 27.96
C VAL Q 82 -23.71 0.57 27.37
N LYS Q 83 -24.16 -0.54 26.82
CA LYS Q 83 -23.26 -1.49 26.16
C LYS Q 83 -22.72 -0.82 24.90
N GLY Q 84 -21.67 -0.03 25.09
CA GLY Q 84 -21.03 0.68 24.00
C GLY Q 84 -20.23 -0.22 23.08
N ASP Q 85 -19.21 -0.89 23.64
CA ASP Q 85 -18.33 -1.78 22.84
C ASP Q 85 -17.91 -3.11 23.54
N THR Q 86 -16.76 -3.04 24.23
CA THR Q 86 -16.13 -4.19 24.91
C THR Q 86 -16.78 -4.78 26.19
N SER Q 87 -16.21 -5.88 26.69
CA SER Q 87 -16.73 -6.49 27.92
C SER Q 87 -16.59 -5.47 29.08
N HIS Q 88 -15.85 -4.38 28.82
CA HIS Q 88 -15.65 -3.32 29.82
C HIS Q 88 -17.03 -3.06 30.43
N TYR Q 89 -18.02 -3.08 29.56
CA TYR Q 89 -19.41 -2.92 29.92
C TYR Q 89 -19.62 -3.85 31.11
N ASP Q 90 -19.47 -5.15 30.87
CA ASP Q 90 -19.63 -6.15 31.91
C ASP Q 90 -18.90 -5.75 33.16
N ALA Q 91 -17.59 -5.60 33.03
CA ALA Q 91 -16.73 -5.21 34.15
C ALA Q 91 -17.43 -4.20 35.04
N VAL Q 92 -17.68 -3.04 34.47
CA VAL Q 92 -18.34 -1.97 35.19
C VAL Q 92 -19.64 -2.47 35.76
N VAL Q 93 -20.54 -2.88 34.87
CA VAL Q 93 -21.85 -3.37 35.26
C VAL Q 93 -21.81 -4.27 36.47
N ASN Q 94 -20.91 -5.23 36.46
CA ASN Q 94 -20.81 -6.13 37.59
C ASN Q 94 -20.43 -5.36 38.81
N SER Q 95 -19.27 -4.72 38.77
CA SER Q 95 -18.78 -3.97 39.88
C SER Q 95 -19.85 -3.05 40.41
N ALA Q 96 -20.49 -2.32 39.52
CA ALA Q 96 -21.53 -1.41 39.92
C ALA Q 96 -22.54 -2.21 40.72
N SER Q 97 -23.19 -3.15 40.07
CA SER Q 97 -24.19 -3.97 40.72
C SER Q 97 -23.70 -4.54 42.04
N SER Q 98 -22.61 -5.30 41.98
CA SER Q 98 -22.04 -5.91 43.16
C SER Q 98 -21.82 -4.89 44.27
N GLY Q 99 -21.22 -3.76 43.92
CA GLY Q 99 -20.96 -2.71 44.87
C GLY Q 99 -22.23 -2.33 45.62
N VAL Q 100 -23.23 -1.86 44.90
CA VAL Q 100 -24.49 -1.48 45.51
C VAL Q 100 -25.04 -2.57 46.40
N LEU Q 101 -24.90 -3.81 45.94
CA LEU Q 101 -25.38 -4.92 46.73
C LEU Q 101 -24.63 -4.89 48.03
N SER Q 102 -23.33 -5.16 47.96
CA SER Q 102 -22.47 -5.17 49.13
C SER Q 102 -22.78 -4.02 50.08
N ALA Q 103 -22.89 -2.82 49.54
CA ALA Q 103 -23.19 -1.64 50.34
C ALA Q 103 -24.41 -1.92 51.17
N GLY Q 104 -25.53 -2.13 50.48
CA GLY Q 104 -26.78 -2.41 51.17
C GLY Q 104 -26.61 -3.45 52.26
N LEU Q 105 -25.98 -4.57 51.94
CA LEU Q 105 -25.79 -5.65 52.91
C LEU Q 105 -24.95 -5.24 54.11
N ASN Q 106 -23.76 -4.73 53.83
CA ASN Q 106 -22.85 -4.31 54.87
C ASN Q 106 -23.38 -3.17 55.73
N SER Q 107 -24.02 -2.21 55.10
CA SER Q 107 -24.55 -1.08 55.83
C SER Q 107 -25.84 -1.45 56.50
N GLY Q 108 -26.51 -2.47 56.00
CA GLY Q 108 -27.79 -2.85 56.57
C GLY Q 108 -28.79 -1.77 56.18
N VAL Q 109 -28.39 -0.94 55.22
CA VAL Q 109 -29.25 0.12 54.76
C VAL Q 109 -29.60 -0.13 53.30
N PRO Q 110 -30.88 -0.03 52.97
CA PRO Q 110 -31.31 -0.24 51.60
C PRO Q 110 -30.63 0.74 50.65
N CYS Q 111 -29.95 0.16 49.65
CA CYS Q 111 -29.28 0.91 48.64
C CYS Q 111 -29.95 0.46 47.38
N VAL Q 112 -30.66 1.39 46.76
CA VAL Q 112 -31.40 1.10 45.56
C VAL Q 112 -30.51 1.10 44.31
N PHE Q 113 -30.60 0.00 43.55
CA PHE Q 113 -29.84 -0.15 42.32
C PHE Q 113 -30.62 0.52 41.21
N GLY Q 114 -30.46 1.83 41.07
CA GLY Q 114 -31.17 2.54 40.03
C GLY Q 114 -30.20 2.84 38.92
N VAL Q 115 -29.57 1.82 38.38
CA VAL Q 115 -28.63 2.05 37.29
C VAL Q 115 -29.03 1.26 36.08
N LEU Q 116 -29.10 1.97 34.97
CA LEU Q 116 -29.48 1.37 33.71
C LEU Q 116 -28.35 0.59 33.14
N THR Q 117 -28.68 -0.55 32.54
CA THR Q 117 -27.68 -1.40 31.92
C THR Q 117 -28.21 -1.87 30.60
N CYS Q 118 -28.75 -0.95 29.83
CA CYS Q 118 -29.28 -1.29 28.52
C CYS Q 118 -28.13 -1.31 27.53
N ASP Q 119 -28.38 -1.76 26.30
CA ASP Q 119 -27.31 -1.83 25.29
C ASP Q 119 -27.09 -0.48 24.65
N ASN Q 120 -28.05 -0.06 23.86
CA ASN Q 120 -27.98 1.22 23.18
C ASN Q 120 -28.57 2.37 23.98
N MET Q 121 -28.02 3.54 23.70
CA MET Q 121 -28.42 4.76 24.34
C MET Q 121 -29.91 4.93 24.32
N ASP Q 122 -30.50 4.74 23.15
CA ASP Q 122 -31.92 4.91 23.02
C ASP Q 122 -32.77 4.18 24.06
N GLN Q 123 -32.48 2.91 24.29
CA GLN Q 123 -33.23 2.13 25.27
C GLN Q 123 -33.19 2.88 26.60
N ALA Q 124 -32.00 3.35 26.93
CA ALA Q 124 -31.79 4.10 28.14
C ALA Q 124 -32.71 5.29 28.16
N ILE Q 125 -32.63 6.12 27.13
CA ILE Q 125 -33.46 7.31 27.05
C ILE Q 125 -34.88 6.97 27.48
N ASN Q 126 -35.34 5.79 27.09
CA ASN Q 126 -36.68 5.36 27.43
C ASN Q 126 -36.89 5.04 28.87
N ARG Q 127 -35.86 4.51 29.51
CA ARG Q 127 -35.96 4.19 30.92
C ARG Q 127 -35.86 5.47 31.72
N ALA Q 128 -35.32 6.50 31.10
CA ALA Q 128 -35.18 7.76 31.80
C ALA Q 128 -36.32 8.70 31.44
N GLY Q 129 -37.55 8.23 31.64
CA GLY Q 129 -38.71 9.06 31.35
C GLY Q 129 -39.28 8.95 29.95
N GLY Q 130 -38.99 7.83 29.30
CA GLY Q 130 -39.50 7.59 27.97
C GLY Q 130 -40.69 6.67 28.11
N LYS Q 131 -41.02 5.93 27.05
CA LYS Q 131 -42.17 5.03 27.14
C LYS Q 131 -41.88 3.84 28.03
N ALA Q 132 -40.69 3.80 28.61
CA ALA Q 132 -40.31 2.72 29.50
C ALA Q 132 -40.37 3.19 30.93
N GLY Q 133 -40.90 4.39 31.13
CA GLY Q 133 -40.99 4.94 32.46
C GLY Q 133 -39.72 5.65 32.84
N ASN Q 134 -39.46 5.74 34.14
CA ASN Q 134 -38.28 6.42 34.63
C ASN Q 134 -37.68 5.67 35.80
N LYS Q 135 -36.59 4.97 35.57
CA LYS Q 135 -35.97 4.19 36.64
C LYS Q 135 -35.67 5.08 37.80
N GLY Q 136 -35.14 6.27 37.53
CA GLY Q 136 -34.82 7.19 38.61
C GLY Q 136 -35.97 7.31 39.59
N ALA Q 137 -37.11 7.77 39.09
CA ALA Q 137 -38.28 7.93 39.91
C ALA Q 137 -38.63 6.63 40.63
N GLU Q 138 -38.70 5.54 39.88
CA GLU Q 138 -39.03 4.24 40.45
C GLU Q 138 -38.11 3.96 41.63
N SER Q 139 -36.82 4.16 41.42
CA SER Q 139 -35.84 3.93 42.44
C SER Q 139 -36.16 4.72 43.70
N ALA Q 140 -36.47 6.00 43.54
CA ALA Q 140 -36.80 6.86 44.68
C ALA Q 140 -37.97 6.23 45.44
N LEU Q 141 -39.07 6.03 44.74
CA LEU Q 141 -40.24 5.45 45.31
C LEU Q 141 -39.84 4.22 46.11
N THR Q 142 -39.02 3.37 45.51
CA THR Q 142 -38.58 2.16 46.18
C THR Q 142 -37.83 2.49 47.44
N ALA Q 143 -36.95 3.47 47.37
CA ALA Q 143 -36.15 3.89 48.52
C ALA Q 143 -37.12 4.12 49.66
N ILE Q 144 -38.14 4.91 49.36
CA ILE Q 144 -39.16 5.22 50.34
C ILE Q 144 -39.69 3.92 50.92
N GLU Q 145 -40.36 3.14 50.09
CA GLU Q 145 -40.93 1.90 50.55
C GLU Q 145 -39.99 1.08 51.42
N MET Q 146 -38.76 0.94 50.99
CA MET Q 146 -37.83 0.13 51.76
C MET Q 146 -37.57 0.71 53.12
N ALA Q 147 -37.28 2.01 53.15
CA ALA Q 147 -37.01 2.70 54.40
C ALA Q 147 -38.19 2.41 55.34
N SER Q 148 -39.36 2.83 54.90
CA SER Q 148 -40.58 2.64 55.65
C SER Q 148 -40.71 1.20 56.15
N LEU Q 149 -40.51 0.25 55.24
CA LEU Q 149 -40.62 -1.15 55.62
C LEU Q 149 -39.76 -1.42 56.84
N PHE Q 150 -38.55 -0.91 56.80
CA PHE Q 150 -37.65 -1.13 57.88
C PHE Q 150 -38.14 -0.63 59.23
N GLU Q 151 -38.93 0.44 59.22
CA GLU Q 151 -39.49 0.99 60.47
C GLU Q 151 -40.98 0.75 60.45
N HIS Q 152 -41.34 -0.51 60.63
CA HIS Q 152 -42.71 -0.94 60.62
C HIS Q 152 -42.57 -2.43 60.76
N HIS Q 153 -41.54 -2.93 60.09
CA HIS Q 153 -41.30 -4.33 60.20
C HIS Q 153 -40.17 -4.41 61.21
N LEU Q 154 -39.10 -3.65 60.96
CA LEU Q 154 -37.89 -3.66 61.82
C LEU Q 154 -37.31 -5.07 62.02
N LYS Q 155 -38.08 -5.92 62.72
CA LYS Q 155 -37.76 -7.33 63.07
C LYS Q 155 -38.62 -8.37 62.30
N MET R 1 -22.78 -43.77 57.48
CA MET R 1 -24.18 -43.96 56.99
C MET R 1 -25.24 -43.80 58.08
N ASN R 2 -25.73 -42.57 58.22
CA ASN R 2 -26.81 -42.20 59.15
C ASN R 2 -27.49 -41.02 58.43
N GLU R 3 -28.56 -41.35 57.72
CA GLU R 3 -29.23 -40.34 56.94
C GLU R 3 -29.86 -39.25 57.74
N LEU R 4 -29.16 -38.14 57.83
CA LEU R 4 -29.67 -37.00 58.56
C LEU R 4 -30.49 -36.19 57.57
N GLU R 5 -31.78 -36.49 57.53
CA GLU R 5 -32.70 -35.80 56.64
C GLU R 5 -33.64 -34.94 57.47
N GLY R 6 -34.14 -33.85 56.88
CA GLY R 6 -35.08 -32.98 57.57
C GLY R 6 -36.43 -33.67 57.68
N TYR R 7 -37.38 -33.06 58.39
CA TYR R 7 -38.72 -33.63 58.55
C TYR R 7 -39.76 -32.67 58.06
N VAL R 8 -40.61 -33.15 57.18
CA VAL R 8 -41.64 -32.29 56.66
C VAL R 8 -42.88 -32.34 57.55
N THR R 9 -42.95 -33.38 58.37
CA THR R 9 -44.09 -33.56 59.24
C THR R 9 -44.12 -32.69 60.50
N LYS R 10 -42.96 -32.43 61.09
CA LYS R 10 -42.92 -31.61 62.30
C LYS R 10 -42.89 -30.07 62.06
N ALA R 11 -43.77 -29.59 61.19
CA ALA R 11 -43.83 -28.18 60.86
C ALA R 11 -44.30 -27.20 61.95
N GLN R 12 -45.62 -27.11 62.10
CA GLN R 12 -46.34 -26.23 63.05
C GLN R 12 -45.55 -25.44 64.09
N SER R 13 -44.64 -26.13 64.77
CA SER R 13 -43.83 -25.53 65.81
C SER R 13 -42.90 -24.43 65.34
N PHE R 14 -42.60 -24.42 64.04
CA PHE R 14 -41.67 -23.45 63.49
C PHE R 14 -42.23 -22.11 63.05
N ARG R 15 -41.31 -21.18 62.87
CA ARG R 15 -41.62 -19.80 62.47
C ARG R 15 -40.93 -19.49 61.17
N PHE R 16 -41.68 -19.09 60.17
CA PHE R 16 -41.10 -18.78 58.87
C PHE R 16 -41.50 -17.39 58.40
N ALA R 17 -40.78 -16.92 57.38
CA ALA R 17 -41.04 -15.64 56.78
C ALA R 17 -40.85 -15.75 55.29
N ILE R 18 -41.78 -15.16 54.56
CA ILE R 18 -41.74 -15.15 53.11
C ILE R 18 -41.41 -13.73 52.77
N VAL R 19 -40.57 -13.54 51.75
CA VAL R 19 -40.20 -12.21 51.30
C VAL R 19 -40.49 -12.24 49.82
N VAL R 20 -41.39 -11.39 49.34
CA VAL R 20 -41.71 -11.38 47.92
C VAL R 20 -41.56 -10.04 47.26
N ALA R 21 -41.08 -10.06 46.02
CA ALA R 21 -40.90 -8.85 45.26
C ALA R 21 -42.19 -8.58 44.51
N ARG R 22 -42.60 -7.32 44.49
CA ARG R 22 -43.84 -6.94 43.84
C ARG R 22 -43.73 -7.04 42.33
N PHE R 23 -42.53 -6.86 41.81
CA PHE R 23 -42.29 -6.92 40.37
C PHE R 23 -42.82 -8.23 39.79
N ASN R 24 -43.52 -8.15 38.66
CA ASN R 24 -44.09 -9.32 38.01
C ASN R 24 -45.08 -9.94 38.93
N GLU R 25 -45.73 -9.07 39.67
CA GLU R 25 -46.74 -9.42 40.64
C GLU R 25 -47.66 -10.50 40.13
N PHE R 26 -48.06 -10.38 38.88
CA PHE R 26 -48.97 -11.33 38.29
C PHE R 26 -48.56 -12.75 38.60
N VAL R 27 -47.26 -12.96 38.70
CA VAL R 27 -46.75 -14.27 38.98
C VAL R 27 -46.38 -14.41 40.44
N THR R 28 -45.60 -13.47 40.93
CA THR R 28 -45.18 -13.49 42.33
C THR R 28 -46.35 -13.69 43.31
N ARG R 29 -47.43 -12.93 43.14
CA ARG R 29 -48.60 -13.05 44.02
C ARG R 29 -48.91 -14.54 44.14
N ARG R 30 -49.14 -15.17 42.98
CA ARG R 30 -49.43 -16.58 42.91
C ARG R 30 -48.38 -17.39 43.64
N LEU R 31 -47.15 -17.16 43.25
CA LEU R 31 -46.01 -17.83 43.81
C LEU R 31 -46.13 -17.84 45.33
N MET R 32 -46.34 -16.66 45.88
CA MET R 32 -46.46 -16.48 47.31
C MET R 32 -47.66 -17.23 47.85
N GLU R 33 -48.81 -16.99 47.26
CA GLU R 33 -50.00 -17.66 47.68
C GLU R 33 -49.71 -19.14 47.78
N GLY R 34 -48.92 -19.62 46.83
CA GLY R 34 -48.58 -21.03 46.85
C GLY R 34 -47.80 -21.43 48.09
N ALA R 35 -46.70 -20.72 48.32
CA ALA R 35 -45.85 -21.01 49.46
C ALA R 35 -46.69 -20.99 50.72
N LEU R 36 -47.47 -19.93 50.86
CA LEU R 36 -48.35 -19.76 52.00
C LEU R 36 -49.18 -21.00 52.18
N ASP R 37 -50.01 -21.29 51.18
CA ASP R 37 -50.86 -22.45 51.23
C ASP R 37 -50.10 -23.67 51.71
N THR R 38 -49.01 -24.00 51.04
CA THR R 38 -48.22 -25.16 51.42
C THR R 38 -47.92 -25.21 52.92
N PHE R 39 -47.56 -24.08 53.48
CA PHE R 39 -47.27 -24.03 54.89
C PHE R 39 -48.44 -24.56 55.68
N LYS R 40 -49.57 -23.93 55.48
CA LYS R 40 -50.77 -24.34 56.18
C LYS R 40 -51.02 -25.81 55.90
N LYS R 41 -50.97 -26.17 54.63
CA LYS R 41 -51.18 -27.55 54.19
C LYS R 41 -50.29 -28.46 55.02
N TYR R 42 -49.13 -27.96 55.39
CA TYR R 42 -48.24 -28.76 56.20
C TYR R 42 -48.35 -28.44 57.66
N SER R 43 -49.59 -28.26 58.10
CA SER R 43 -49.95 -28.00 59.49
C SER R 43 -49.21 -26.89 60.26
N VAL R 44 -48.33 -26.16 59.60
CA VAL R 44 -47.61 -25.12 60.32
C VAL R 44 -48.49 -23.94 60.70
N ASN R 45 -48.26 -23.45 61.91
CA ASN R 45 -49.00 -22.29 62.35
C ASN R 45 -48.38 -21.43 63.42
N GLU R 46 -48.05 -20.25 62.92
CA GLU R 46 -47.46 -19.15 63.67
C GLU R 46 -47.69 -17.99 62.69
N ASP R 47 -48.75 -18.15 61.91
CA ASP R 47 -49.16 -17.16 60.93
C ASP R 47 -48.05 -16.40 60.14
N ILE R 48 -47.09 -17.14 59.58
CA ILE R 48 -45.96 -16.61 58.79
C ILE R 48 -46.01 -15.17 58.27
N ASP R 49 -44.92 -14.46 58.50
CA ASP R 49 -44.81 -13.08 58.07
C ASP R 49 -44.44 -13.02 56.59
N VAL R 50 -45.16 -12.20 55.84
CA VAL R 50 -44.85 -12.05 54.44
C VAL R 50 -44.39 -10.61 54.27
N VAL R 51 -43.16 -10.45 53.81
CA VAL R 51 -42.58 -9.12 53.61
C VAL R 51 -42.52 -8.75 52.13
N TRP R 52 -43.15 -7.66 51.78
CA TRP R 52 -43.17 -7.21 50.41
C TRP R 52 -42.06 -6.25 50.14
N VAL R 53 -41.30 -6.52 49.08
CA VAL R 53 -40.24 -5.62 48.66
C VAL R 53 -40.57 -5.36 47.21
N PRO R 54 -40.30 -4.16 46.71
CA PRO R 54 -40.61 -3.89 45.31
C PRO R 54 -39.91 -4.80 44.29
N GLY R 55 -38.59 -4.96 44.41
CA GLY R 55 -37.90 -5.79 43.43
C GLY R 55 -37.00 -6.87 43.99
N ALA R 56 -36.73 -7.86 43.15
CA ALA R 56 -35.89 -9.00 43.54
C ALA R 56 -34.55 -8.59 44.10
N TYR R 57 -34.03 -7.47 43.62
CA TYR R 57 -32.76 -7.00 44.09
C TYR R 57 -32.81 -6.90 45.60
N GLU R 58 -33.91 -6.33 46.06
CA GLU R 58 -34.16 -6.11 47.47
C GLU R 58 -34.07 -7.33 48.38
N LEU R 59 -34.52 -8.47 47.86
CA LEU R 59 -34.50 -9.72 48.61
C LEU R 59 -33.28 -9.83 49.51
N GLY R 60 -32.10 -9.64 48.95
CA GLY R 60 -30.88 -9.74 49.72
C GLY R 60 -30.93 -9.18 51.12
N VAL R 61 -30.87 -7.85 51.23
CA VAL R 61 -30.89 -7.21 52.55
C VAL R 61 -32.10 -7.56 53.37
N THR R 62 -33.26 -7.53 52.74
CA THR R 62 -34.48 -7.84 53.44
C THR R 62 -34.35 -9.17 54.13
N ALA R 63 -33.93 -10.19 53.40
CA ALA R 63 -33.77 -11.50 54.01
C ALA R 63 -32.73 -11.32 55.09
N GLN R 64 -31.58 -10.76 54.71
CA GLN R 64 -30.47 -10.49 55.62
C GLN R 64 -31.00 -10.11 57.01
N ALA R 65 -31.82 -9.07 57.03
CA ALA R 65 -32.42 -8.57 58.24
C ALA R 65 -33.21 -9.69 58.94
N LEU R 66 -34.33 -10.05 58.33
CA LEU R 66 -35.19 -11.07 58.88
C LEU R 66 -34.41 -12.23 59.45
N GLY R 67 -33.36 -12.62 58.73
CA GLY R 67 -32.54 -13.73 59.15
C GLY R 67 -31.86 -13.42 60.44
N LYS R 68 -31.17 -12.29 60.47
CA LYS R 68 -30.45 -11.89 61.67
C LYS R 68 -31.38 -11.61 62.85
N SER R 69 -32.65 -11.36 62.60
CA SER R 69 -33.59 -11.10 63.69
C SER R 69 -33.78 -12.36 64.54
N GLY R 70 -33.24 -13.48 64.07
CA GLY R 70 -33.34 -14.74 64.79
C GLY R 70 -34.75 -15.17 65.10
N LYS R 71 -35.72 -14.43 64.57
CA LYS R 71 -37.10 -14.72 64.82
C LYS R 71 -37.62 -15.91 64.01
N TYR R 72 -37.07 -16.11 62.81
CA TYR R 72 -37.54 -17.22 61.94
C TYR R 72 -36.50 -18.32 61.83
N HIS R 73 -36.95 -19.51 61.45
CA HIS R 73 -36.08 -20.67 61.29
C HIS R 73 -35.66 -20.81 59.84
N ALA R 74 -36.47 -20.26 58.95
CA ALA R 74 -36.20 -20.29 57.53
C ALA R 74 -37.03 -19.20 56.87
N ILE R 75 -36.42 -18.51 55.91
CA ILE R 75 -37.09 -17.46 55.18
C ILE R 75 -37.03 -17.88 53.74
N VAL R 76 -38.15 -17.77 53.09
CA VAL R 76 -38.24 -18.14 51.71
C VAL R 76 -38.41 -16.85 50.94
N CYS R 77 -37.58 -16.68 49.93
CA CYS R 77 -37.63 -15.48 49.11
C CYS R 77 -38.20 -15.81 47.74
N LEU R 78 -39.22 -15.07 47.36
CA LEU R 78 -39.89 -15.27 46.10
C LEU R 78 -39.75 -14.08 45.24
N GLY R 79 -39.65 -14.34 43.95
CA GLY R 79 -39.53 -13.27 42.98
C GLY R 79 -39.52 -13.91 41.62
N ALA R 80 -39.59 -13.10 40.60
CA ALA R 80 -39.56 -13.61 39.25
C ALA R 80 -38.98 -12.56 38.38
N VAL R 81 -37.92 -12.90 37.68
CA VAL R 81 -37.28 -11.97 36.78
C VAL R 81 -37.21 -12.62 35.42
N VAL R 82 -38.11 -12.20 34.55
CA VAL R 82 -38.21 -12.72 33.19
C VAL R 82 -37.23 -12.02 32.29
N LYS R 83 -36.55 -12.80 31.45
CA LYS R 83 -35.59 -12.24 30.52
C LYS R 83 -36.40 -11.42 29.51
N GLY R 84 -36.67 -10.17 29.90
CA GLY R 84 -37.43 -9.25 29.06
C GLY R 84 -36.63 -8.74 27.87
N ASP R 85 -35.52 -8.04 28.16
CA ASP R 85 -34.66 -7.47 27.09
C ASP R 85 -33.12 -7.57 27.31
N THR R 86 -32.58 -6.51 27.93
CA THR R 86 -31.14 -6.34 28.20
C THR R 86 -30.47 -7.24 29.28
N SER R 87 -29.15 -7.09 29.41
CA SER R 87 -28.39 -7.86 30.42
C SER R 87 -28.89 -7.47 31.82
N HIS R 88 -29.70 -6.40 31.88
CA HIS R 88 -30.30 -5.92 33.12
C HIS R 88 -30.82 -7.17 33.83
N TYR R 89 -31.39 -8.05 33.03
CA TYR R 89 -31.89 -9.33 33.49
C TYR R 89 -30.78 -9.93 34.35
N ASP R 90 -29.65 -10.18 33.73
CA ASP R 90 -28.48 -10.75 34.42
C ASP R 90 -28.20 -10.01 35.70
N ALA R 91 -27.93 -8.72 35.57
CA ALA R 91 -27.65 -7.86 36.71
C ALA R 91 -28.52 -8.24 37.91
N VAL R 92 -29.81 -8.05 37.74
CA VAL R 92 -30.78 -8.36 38.77
C VAL R 92 -30.61 -9.81 39.19
N VAL R 93 -30.83 -10.73 38.26
CA VAL R 93 -30.71 -12.13 38.55
C VAL R 93 -29.52 -12.49 39.42
N ASN R 94 -28.37 -11.94 39.09
CA ASN R 94 -27.20 -12.24 39.86
C ASN R 94 -27.39 -11.72 41.25
N SER R 95 -27.57 -10.41 41.35
CA SER R 95 -27.74 -9.77 42.64
C SER R 95 -28.76 -10.51 43.46
N ALA R 96 -29.89 -10.80 42.85
CA ALA R 96 -30.94 -11.51 43.54
C ALA R 96 -30.33 -12.79 44.09
N SER R 97 -29.92 -13.67 43.20
CA SER R 97 -29.33 -14.92 43.63
C SER R 97 -28.27 -14.71 44.71
N SER R 98 -27.24 -13.95 44.37
CA SER R 98 -26.16 -13.68 45.28
C SER R 98 -26.66 -13.23 46.64
N GLY R 99 -27.57 -12.26 46.62
CA GLY R 99 -28.12 -11.74 47.85
C GLY R 99 -28.64 -12.84 48.75
N VAL R 100 -29.61 -13.59 48.23
CA VAL R 100 -30.21 -14.68 48.98
C VAL R 100 -29.15 -15.63 49.49
N LEU R 101 -28.15 -15.89 48.68
CA LEU R 101 -27.10 -16.77 49.10
C LEU R 101 -26.46 -16.15 50.33
N SER R 102 -25.82 -15.00 50.15
CA SER R 102 -25.16 -14.27 51.23
C SER R 102 -26.00 -14.25 52.49
N ALA R 103 -27.28 -13.88 52.35
CA ALA R 103 -28.19 -13.82 53.49
C ALA R 103 -28.11 -15.13 54.23
N GLY R 104 -28.47 -16.22 53.56
CA GLY R 104 -28.42 -17.53 54.17
C GLY R 104 -27.13 -17.79 54.88
N LEU R 105 -26.02 -17.57 54.20
CA LEU R 105 -24.73 -17.81 54.79
C LEU R 105 -24.47 -16.97 56.00
N ASN R 106 -24.55 -15.67 55.83
CA ASN R 106 -24.31 -14.74 56.90
C ASN R 106 -25.22 -14.93 58.09
N SER R 107 -26.50 -15.14 57.81
CA SER R 107 -27.45 -15.32 58.88
C SER R 107 -27.35 -16.71 59.47
N GLY R 108 -26.81 -17.66 58.71
CA GLY R 108 -26.76 -19.02 59.20
C GLY R 108 -28.20 -19.57 59.20
N VAL R 109 -29.10 -18.84 58.55
CA VAL R 109 -30.49 -19.24 58.46
C VAL R 109 -30.83 -19.55 57.03
N PRO R 110 -31.45 -20.71 56.79
CA PRO R 110 -31.81 -21.10 55.43
C PRO R 110 -32.71 -20.05 54.79
N CYS R 111 -32.27 -19.54 53.65
CA CYS R 111 -33.03 -18.58 52.89
C CYS R 111 -33.25 -19.27 51.56
N VAL R 112 -34.51 -19.58 51.28
CA VAL R 112 -34.88 -20.27 50.06
C VAL R 112 -34.95 -19.37 48.84
N PHE R 113 -34.21 -19.76 47.81
CA PHE R 113 -34.18 -19.04 46.56
C PHE R 113 -35.38 -19.47 45.72
N GLY R 114 -36.53 -18.89 46.00
CA GLY R 114 -37.71 -19.24 45.25
C GLY R 114 -37.98 -18.16 44.24
N VAL R 115 -37.01 -17.88 43.40
CA VAL R 115 -37.23 -16.85 42.42
C VAL R 115 -37.03 -17.40 41.03
N LEU R 116 -38.01 -17.13 40.19
CA LEU R 116 -37.99 -17.59 38.82
C LEU R 116 -37.07 -16.76 37.98
N THR R 117 -36.37 -17.44 37.09
CA THR R 117 -35.45 -16.76 36.20
C THR R 117 -35.61 -17.33 34.81
N CYS R 118 -36.85 -17.47 34.39
CA CYS R 118 -37.11 -17.99 33.06
C CYS R 118 -37.00 -16.84 32.06
N ASP R 119 -37.04 -17.14 30.77
CA ASP R 119 -36.93 -16.10 29.75
C ASP R 119 -38.25 -15.38 29.56
N ASN R 120 -39.21 -16.09 28.96
CA ASN R 120 -40.51 -15.55 28.70
C ASN R 120 -41.49 -15.77 29.83
N MET R 121 -42.44 -14.84 29.91
CA MET R 121 -43.49 -14.84 30.90
C MET R 121 -44.16 -16.19 30.99
N ASP R 122 -44.54 -16.72 29.86
CA ASP R 122 -45.21 -17.99 29.82
C ASP R 122 -44.52 -19.09 30.62
N GLN R 123 -43.23 -19.29 30.42
CA GLN R 123 -42.50 -20.32 31.16
C GLN R 123 -42.75 -20.11 32.64
N ALA R 124 -42.67 -18.85 33.06
CA ALA R 124 -42.89 -18.48 34.45
C ALA R 124 -44.26 -18.94 34.90
N ILE R 125 -45.29 -18.52 34.16
CA ILE R 125 -46.65 -18.90 34.46
C ILE R 125 -46.69 -20.39 34.81
N ASN R 126 -45.93 -21.20 34.08
CA ASN R 126 -45.90 -22.62 34.34
C ASN R 126 -45.24 -23.02 35.62
N ARG R 127 -44.24 -22.27 36.04
CA ARG R 127 -43.56 -22.58 37.28
C ARG R 127 -44.42 -22.10 38.43
N ALA R 128 -45.35 -21.20 38.15
CA ALA R 128 -46.22 -20.68 39.18
C ALA R 128 -47.55 -21.43 39.21
N GLY R 129 -47.49 -22.75 39.30
CA GLY R 129 -48.72 -23.51 39.33
C GLY R 129 -49.23 -23.99 37.97
N GLY R 130 -48.32 -24.08 36.99
CA GLY R 130 -48.67 -24.55 35.66
C GLY R 130 -48.21 -25.99 35.56
N LYS R 131 -47.98 -26.47 34.35
CA LYS R 131 -47.54 -27.84 34.19
C LYS R 131 -46.11 -28.05 34.68
N ALA R 132 -45.51 -26.98 35.17
CA ALA R 132 -44.15 -27.06 35.67
C ALA R 132 -44.15 -27.06 37.17
N GLY R 133 -45.33 -27.15 37.75
CA GLY R 133 -45.45 -27.14 39.19
C GLY R 133 -45.54 -25.73 39.74
N ASN R 134 -45.15 -25.55 40.99
CA ASN R 134 -45.21 -24.23 41.58
C ASN R 134 -43.98 -24.00 42.44
N LYS R 135 -43.05 -23.19 41.95
CA LYS R 135 -41.85 -22.96 42.71
C LYS R 135 -42.19 -22.46 44.10
N GLY R 136 -43.15 -21.55 44.18
CA GLY R 136 -43.53 -21.01 45.47
C GLY R 136 -43.72 -22.12 46.49
N ALA R 137 -44.65 -23.01 46.20
CA ALA R 137 -44.96 -24.12 47.07
C ALA R 137 -43.71 -24.92 47.38
N GLU R 138 -42.99 -25.30 46.34
CA GLU R 138 -41.77 -26.08 46.50
C GLU R 138 -40.86 -25.39 47.51
N SER R 139 -40.66 -24.10 47.31
CA SER R 139 -39.80 -23.33 48.19
C SER R 139 -40.24 -23.45 49.65
N ALA R 140 -41.53 -23.30 49.89
CA ALA R 140 -42.06 -23.39 51.23
C ALA R 140 -41.67 -24.73 51.81
N LEU R 141 -42.06 -25.79 51.11
CA LEU R 141 -41.77 -27.14 51.50
C LEU R 141 -40.30 -27.24 51.88
N THR R 142 -39.46 -26.72 51.02
CA THR R 142 -38.04 -26.75 51.28
C THR R 142 -37.68 -26.00 52.57
N ALA R 143 -38.27 -24.83 52.75
CA ALA R 143 -38.02 -24.03 53.93
C ALA R 143 -38.21 -24.94 55.14
N ILE R 144 -39.36 -25.60 55.16
CA ILE R 144 -39.69 -26.54 56.22
C ILE R 144 -38.55 -27.52 56.42
N GLU R 145 -38.32 -28.34 55.42
CA GLU R 145 -37.28 -29.34 55.50
C GLU R 145 -35.98 -28.81 56.02
N MET R 146 -35.57 -27.66 55.52
CA MET R 146 -34.31 -27.09 55.96
C MET R 146 -34.33 -26.74 57.43
N ALA R 147 -35.37 -26.05 57.83
CA ALA R 147 -35.52 -25.63 59.22
C ALA R 147 -35.37 -26.90 60.07
N SER R 148 -36.28 -27.83 59.82
CA SER R 148 -36.29 -29.10 60.53
C SER R 148 -34.91 -29.72 60.57
N LEU R 149 -34.28 -29.82 59.41
CA LEU R 149 -32.96 -30.40 59.34
C LEU R 149 -32.07 -29.77 60.37
N PHE R 150 -32.12 -28.45 60.45
CA PHE R 150 -31.29 -27.74 61.38
C PHE R 150 -31.49 -28.12 62.83
N GLU R 151 -32.71 -28.51 63.20
CA GLU R 151 -33.00 -28.94 64.56
C GLU R 151 -33.30 -30.44 64.56
N HIS R 152 -32.24 -31.21 64.38
CA HIS R 152 -32.33 -32.65 64.29
C HIS R 152 -30.90 -33.02 63.96
N HIS R 153 -30.29 -32.18 63.14
CA HIS R 153 -28.93 -32.42 62.79
C HIS R 153 -28.20 -31.46 63.68
N LEU R 154 -28.58 -30.18 63.60
CA LEU R 154 -27.93 -29.12 64.36
C LEU R 154 -26.41 -29.06 64.10
N LYS R 155 -25.69 -30.10 64.56
CA LYS R 155 -24.23 -30.30 64.42
C LYS R 155 -23.85 -31.40 63.41
N MET S 1 11.65 -27.99 47.77
CA MET S 1 11.19 -29.32 47.28
C MET S 1 11.00 -30.34 48.39
N ASN S 2 9.78 -30.38 48.92
CA ASN S 2 9.38 -31.33 49.96
C ASN S 2 7.89 -31.53 49.63
N GLU S 3 7.61 -32.60 48.91
CA GLU S 3 6.26 -32.87 48.49
C GLU S 3 5.29 -33.16 49.62
N LEU S 4 4.56 -32.12 50.01
CA LEU S 4 3.58 -32.29 51.06
C LEU S 4 2.29 -32.73 50.39
N GLU S 5 2.09 -34.03 50.32
CA GLU S 5 0.90 -34.57 49.71
C GLU S 5 0.07 -35.23 50.79
N GLY S 6 -1.24 -35.34 50.57
CA GLY S 6 -2.12 -35.98 51.54
C GLY S 6 -1.93 -37.50 51.47
N TYR S 7 -2.58 -38.23 52.37
CA TYR S 7 -2.47 -39.69 52.40
C TYR S 7 -3.83 -40.32 52.24
N VAL S 8 -3.94 -41.22 51.29
CA VAL S 8 -5.21 -41.87 51.09
C VAL S 8 -5.32 -43.13 51.95
N THR S 9 -4.17 -43.60 52.44
CA THR S 9 -4.15 -44.80 53.24
C THR S 9 -4.59 -44.63 54.69
N LYS S 10 -4.25 -43.49 55.30
CA LYS S 10 -4.60 -43.24 56.69
C LYS S 10 -6.03 -42.68 56.91
N ALA S 11 -7.01 -43.31 56.27
CA ALA S 11 -8.41 -42.88 56.38
C ALA S 11 -9.12 -43.07 57.74
N GLN S 12 -9.61 -44.29 57.95
CA GLN S 12 -10.34 -44.73 59.15
C GLN S 12 -10.48 -43.80 60.35
N SER S 13 -9.36 -43.23 60.77
CA SER S 13 -9.29 -42.34 61.91
C SER S 13 -10.10 -41.05 61.75
N PHE S 14 -10.38 -40.68 60.51
CA PHE S 14 -11.11 -39.45 60.25
C PHE S 14 -12.64 -39.52 60.25
N ARG S 15 -13.23 -38.33 60.35
CA ARG S 15 -14.66 -38.16 60.40
C ARG S 15 -15.07 -37.29 59.23
N PHE S 16 -16.00 -37.79 58.41
CA PHE S 16 -16.48 -37.05 57.23
C PHE S 16 -17.99 -36.91 57.21
N ALA S 17 -18.45 -36.03 56.34
CA ALA S 17 -19.85 -35.83 56.19
C ALA S 17 -20.14 -35.57 54.72
N ILE S 18 -21.20 -36.20 54.23
CA ILE S 18 -21.62 -36.05 52.86
C ILE S 18 -22.88 -35.23 52.93
N VAL S 19 -23.06 -34.33 51.98
CA VAL S 19 -24.27 -33.53 51.95
C VAL S 19 -24.76 -33.72 50.53
N VAL S 20 -25.98 -34.22 50.38
CA VAL S 20 -26.49 -34.41 49.04
C VAL S 20 -27.83 -33.76 48.80
N ALA S 21 -28.03 -33.23 47.60
CA ALA S 21 -29.29 -32.62 47.24
C ALA S 21 -30.18 -33.70 46.66
N ARG S 22 -31.46 -33.65 47.02
CA ARG S 22 -32.40 -34.65 46.54
C ARG S 22 -32.75 -34.48 45.08
N PHE S 23 -32.65 -33.25 44.60
CA PHE S 23 -32.94 -32.94 43.19
C PHE S 23 -32.10 -33.83 42.26
N ASN S 24 -32.75 -34.38 41.23
CA ASN S 24 -32.05 -35.28 40.28
C ASN S 24 -31.55 -36.50 41.02
N GLU S 25 -32.34 -36.85 42.02
CA GLU S 25 -32.08 -37.98 42.87
C GLU S 25 -31.57 -39.16 42.09
N PHE S 26 -32.17 -39.42 40.95
CA PHE S 26 -31.81 -40.56 40.11
C PHE S 26 -30.32 -40.67 39.98
N VAL S 27 -29.66 -39.53 39.97
CA VAL S 27 -28.23 -39.50 39.82
C VAL S 27 -27.57 -39.32 41.16
N THR S 28 -28.00 -38.29 41.88
CA THR S 28 -27.43 -38.00 43.18
C THR S 28 -27.36 -39.23 44.08
N ARG S 29 -28.45 -39.98 44.20
CA ARG S 29 -28.47 -41.17 45.04
C ARG S 29 -27.21 -41.97 44.72
N ARG S 30 -27.06 -42.29 43.45
CA ARG S 30 -25.93 -43.03 42.95
C ARG S 30 -24.65 -42.38 43.37
N LEU S 31 -24.55 -41.11 43.03
CA LEU S 31 -23.38 -40.30 43.34
C LEU S 31 -22.96 -40.53 44.78
N MET S 32 -23.92 -40.38 45.67
CA MET S 32 -23.72 -40.54 47.09
C MET S 32 -23.28 -41.94 47.41
N GLU S 33 -24.07 -42.91 46.99
CA GLU S 33 -23.75 -44.29 47.21
C GLU S 33 -22.28 -44.50 46.86
N GLY S 34 -21.87 -43.86 45.78
CA GLY S 34 -20.49 -43.97 45.33
C GLY S 34 -19.51 -43.45 46.35
N ALA S 35 -19.72 -42.22 46.77
CA ALA S 35 -18.86 -41.61 47.75
C ALA S 35 -18.78 -42.50 48.98
N LEU S 36 -19.95 -42.89 49.44
CA LEU S 36 -20.05 -43.74 50.60
C LEU S 36 -19.17 -44.92 50.44
N ASP S 37 -19.48 -45.72 49.45
CA ASP S 37 -18.71 -46.92 49.19
C ASP S 37 -17.21 -46.64 49.26
N THR S 38 -16.75 -45.67 48.49
CA THR S 38 -15.34 -45.34 48.47
C THR S 38 -14.75 -45.18 49.85
N PHE S 39 -15.48 -44.51 50.74
CA PHE S 39 -15.03 -44.31 52.10
C PHE S 39 -14.71 -45.65 52.74
N LYS S 40 -15.72 -46.50 52.76
CA LYS S 40 -15.54 -47.81 53.33
C LYS S 40 -14.41 -48.53 52.62
N LYS S 41 -14.45 -48.50 51.30
CA LYS S 41 -13.43 -49.14 50.48
C LYS S 41 -12.05 -48.67 51.00
N TYR S 42 -11.99 -47.42 51.45
CA TYR S 42 -10.73 -46.90 51.95
C TYR S 42 -10.63 -47.00 53.45
N SER S 43 -11.06 -48.14 53.94
CA SER S 43 -11.01 -48.50 55.37
C SER S 43 -11.53 -47.47 56.40
N VAL S 44 -12.09 -46.35 55.95
CA VAL S 44 -12.57 -45.38 56.92
C VAL S 44 -13.79 -45.87 57.68
N ASN S 45 -13.79 -45.58 58.98
CA ASN S 45 -14.95 -45.93 59.80
C ASN S 45 -15.23 -45.13 61.07
N GLU S 46 -16.31 -44.37 60.94
CA GLU S 46 -16.88 -43.51 61.95
C GLU S 46 -18.26 -43.26 61.36
N ASP S 47 -18.72 -44.25 60.60
CA ASP S 47 -20.02 -44.25 59.98
C ASP S 47 -20.55 -42.91 59.40
N ILE S 48 -19.72 -42.22 58.61
CA ILE S 48 -20.06 -40.92 57.95
C ILE S 48 -21.51 -40.44 57.90
N ASP S 49 -21.71 -39.19 58.29
CA ASP S 49 -23.03 -38.59 58.29
C ASP S 49 -23.40 -38.13 56.89
N VAL S 50 -24.61 -38.48 56.46
CA VAL S 50 -25.07 -38.05 55.15
C VAL S 50 -26.24 -37.12 55.39
N VAL S 51 -26.09 -35.88 54.97
CA VAL S 51 -27.13 -34.91 55.15
C VAL S 51 -27.85 -34.62 53.84
N TRP S 52 -29.16 -34.82 53.87
CA TRP S 52 -29.96 -34.58 52.71
C TRP S 52 -30.52 -33.18 52.72
N VAL S 53 -30.36 -32.49 51.59
CA VAL S 53 -30.94 -31.17 51.42
C VAL S 53 -31.71 -31.28 50.11
N PRO S 54 -32.84 -30.59 49.99
CA PRO S 54 -33.60 -30.70 48.75
C PRO S 54 -32.84 -30.29 47.48
N GLY S 55 -32.22 -29.11 47.48
CA GLY S 55 -31.52 -28.66 46.30
C GLY S 55 -30.08 -28.21 46.47
N ALA S 56 -29.34 -28.25 45.38
CA ALA S 56 -27.96 -27.87 45.39
C ALA S 56 -27.71 -26.51 46.00
N TYR S 57 -28.64 -25.60 45.83
CA TYR S 57 -28.50 -24.27 46.37
C TYR S 57 -28.18 -24.40 47.84
N GLU S 58 -28.92 -25.29 48.49
CA GLU S 58 -28.81 -25.54 49.92
C GLU S 58 -27.44 -25.92 50.39
N LEU S 59 -26.71 -26.67 49.57
CA LEU S 59 -25.38 -27.12 49.92
C LEU S 59 -24.59 -26.07 50.71
N GLY S 60 -24.56 -24.85 50.19
CA GLY S 60 -23.83 -23.81 50.88
C GLY S 60 -23.93 -23.78 52.40
N VAL S 61 -25.05 -23.29 52.89
CA VAL S 61 -25.25 -23.18 54.33
C VAL S 61 -25.10 -24.49 55.05
N THR S 62 -25.69 -25.53 54.49
CA THR S 62 -25.61 -26.80 55.13
C THR S 62 -24.18 -27.16 55.39
N ALA S 63 -23.35 -27.05 54.37
CA ALA S 63 -21.95 -27.38 54.54
C ALA S 63 -21.45 -26.44 55.60
N GLN S 64 -21.68 -25.15 55.35
CA GLN S 64 -21.27 -24.09 56.26
C GLN S 64 -21.38 -24.56 57.70
N ALA S 65 -22.58 -24.99 58.06
CA ALA S 65 -22.86 -25.48 59.38
C ALA S 65 -21.92 -26.63 59.73
N LEU S 66 -22.15 -27.77 59.10
CA LEU S 66 -21.36 -28.96 59.37
C LEU S 66 -19.89 -28.65 59.53
N GLY S 67 -19.42 -27.75 58.69
CA GLY S 67 -18.01 -27.39 58.73
C GLY S 67 -17.67 -26.74 60.04
N LYS S 68 -18.44 -25.70 60.38
CA LYS S 68 -18.22 -24.96 61.61
C LYS S 68 -18.44 -25.82 62.85
N SER S 69 -19.17 -26.93 62.72
CA SER S 69 -19.39 -27.77 63.89
C SER S 69 -18.07 -28.43 64.32
N GLY S 70 -17.03 -28.24 63.51
CA GLY S 70 -15.72 -28.80 63.82
C GLY S 70 -15.71 -30.30 64.04
N LYS S 71 -16.85 -30.94 63.81
CA LYS S 71 -16.98 -32.36 64.01
C LYS S 71 -16.32 -33.19 62.90
N TYR S 72 -16.31 -32.68 61.67
CA TYR S 72 -15.76 -33.42 60.54
C TYR S 72 -14.45 -32.79 60.04
N HIS S 73 -13.65 -33.60 59.34
CA HIS S 73 -12.38 -33.13 58.80
C HIS S 73 -12.54 -32.66 57.36
N ALA S 74 -13.57 -33.18 56.70
CA ALA S 74 -13.86 -32.82 55.34
C ALA S 74 -15.31 -33.21 55.07
N ILE S 75 -15.99 -32.34 54.35
CA ILE S 75 -17.38 -32.58 53.98
C ILE S 75 -17.40 -32.57 52.47
N VAL S 76 -18.07 -33.56 51.92
CA VAL S 76 -18.19 -33.67 50.50
C VAL S 76 -19.63 -33.34 50.15
N CYS S 77 -19.81 -32.43 49.21
CA CYS S 77 -21.14 -32.01 48.79
C CYS S 77 -21.41 -32.56 47.43
N LEU S 78 -22.56 -33.24 47.33
CA LEU S 78 -22.95 -33.86 46.10
C LEU S 78 -24.23 -33.28 45.62
N GLY S 79 -24.34 -33.18 44.30
CA GLY S 79 -25.54 -32.66 43.70
C GLY S 79 -25.35 -32.73 42.22
N ALA S 80 -26.41 -32.47 41.48
CA ALA S 80 -26.33 -32.50 40.03
C ALA S 80 -27.35 -31.54 39.48
N VAL S 81 -26.89 -30.60 38.68
CA VAL S 81 -27.78 -29.65 38.09
C VAL S 81 -27.56 -29.71 36.58
N VAL S 82 -28.50 -30.36 35.92
CA VAL S 82 -28.43 -30.52 34.48
C VAL S 82 -29.02 -29.31 33.81
N LYS S 83 -28.35 -28.85 32.76
CA LYS S 83 -28.82 -27.69 32.00
C LYS S 83 -30.12 -28.10 31.30
N GLY S 84 -31.20 -28.01 32.07
CA GLY S 84 -32.51 -28.36 31.54
C GLY S 84 -33.03 -27.34 30.53
N ASP S 85 -33.21 -26.08 30.97
CA ASP S 85 -33.75 -25.03 30.09
C ASP S 85 -33.07 -23.64 30.22
N THR S 86 -33.65 -22.80 31.10
CA THR S 86 -33.24 -21.41 31.36
C THR S 86 -31.89 -21.16 32.09
N SER S 87 -31.55 -19.87 32.24
CA SER S 87 -30.32 -19.50 32.94
C SER S 87 -30.41 -19.95 34.42
N HIS S 88 -31.62 -20.34 34.83
CA HIS S 88 -31.89 -20.83 36.19
C HIS S 88 -30.73 -21.79 36.51
N TYR S 89 -30.38 -22.58 35.49
CA TYR S 89 -29.28 -23.49 35.56
C TYR S 89 -28.13 -22.69 36.17
N ASP S 90 -27.69 -21.66 35.46
CA ASP S 90 -26.59 -20.83 35.90
C ASP S 90 -26.78 -20.41 37.33
N ALA S 91 -27.89 -19.72 37.58
CA ALA S 91 -28.22 -19.24 38.92
C ALA S 91 -27.82 -20.25 39.96
N VAL S 92 -28.45 -21.41 39.90
CA VAL S 92 -28.20 -22.49 40.81
C VAL S 92 -26.74 -22.84 40.80
N VAL S 93 -26.25 -23.26 39.65
CA VAL S 93 -24.87 -23.65 39.48
C VAL S 93 -23.90 -22.72 40.16
N ASN S 94 -24.09 -21.43 39.97
CA ASN S 94 -23.20 -20.47 40.60
C ASN S 94 -23.32 -20.56 42.10
N SER S 95 -24.53 -20.32 42.58
CA SER S 95 -24.79 -20.38 44.00
C SER S 95 -24.23 -21.65 44.59
N ALA S 96 -24.54 -22.76 43.96
CA ALA S 96 -24.05 -24.03 44.43
C ALA S 96 -22.56 -23.92 44.56
N SER S 97 -21.88 -23.73 43.45
CA SER S 97 -20.44 -23.62 43.47
C SER S 97 -19.92 -22.64 44.50
N SER S 98 -20.36 -21.40 44.39
CA SER S 98 -19.96 -20.35 45.30
C SER S 98 -20.15 -20.77 46.75
N GLY S 99 -21.32 -21.27 47.06
CA GLY S 99 -21.60 -21.70 48.40
C GLY S 99 -20.54 -22.64 48.93
N VAL S 100 -20.35 -23.76 48.26
CA VAL S 100 -19.36 -24.75 48.65
C VAL S 100 -18.01 -24.10 48.84
N LEU S 101 -17.70 -23.16 47.95
CA LEU S 101 -16.44 -22.50 48.06
C LEU S 101 -16.44 -21.80 49.40
N SER S 102 -17.28 -20.79 49.52
CA SER S 102 -17.38 -20.02 50.75
C SER S 102 -17.32 -20.90 51.97
N ALA S 103 -18.11 -21.96 51.99
CA ALA S 103 -18.13 -22.87 53.12
C ALA S 103 -16.72 -23.28 53.45
N GLY S 104 -16.07 -23.93 52.49
CA GLY S 104 -14.71 -24.37 52.71
C GLY S 104 -13.83 -23.30 53.27
N LEU S 105 -13.87 -22.12 52.65
CA LEU S 105 -13.04 -21.02 53.08
C LEU S 105 -13.34 -20.59 54.47
N ASN S 106 -14.59 -20.26 54.70
CA ASN S 106 -15.02 -19.79 56.00
C ASN S 106 -14.80 -20.81 57.11
N SER S 107 -15.12 -22.05 56.82
CA SER S 107 -14.97 -23.09 57.81
C SER S 107 -13.52 -23.51 57.93
N GLY S 108 -12.73 -23.24 56.91
CA GLY S 108 -11.35 -23.68 56.97
C GLY S 108 -11.35 -25.19 56.86
N VAL S 109 -12.48 -25.74 56.48
CA VAL S 109 -12.60 -27.18 56.33
C VAL S 109 -12.86 -27.50 54.87
N PRO S 110 -12.11 -28.46 54.34
CA PRO S 110 -12.29 -28.84 52.95
C PRO S 110 -13.70 -29.31 52.68
N CYS S 111 -14.32 -28.63 51.72
CA CYS S 111 -15.67 -28.96 51.28
C CYS S 111 -15.51 -29.30 49.82
N VAL S 112 -15.75 -30.56 49.51
CA VAL S 112 -15.60 -31.06 48.15
C VAL S 112 -16.79 -30.76 47.28
N PHE S 113 -16.52 -30.12 46.15
CA PHE S 113 -17.53 -29.77 45.18
C PHE S 113 -17.78 -30.97 44.29
N GLY S 114 -18.61 -31.88 44.76
CA GLY S 114 -18.91 -33.06 43.99
C GLY S 114 -20.27 -32.88 43.38
N VAL S 115 -20.44 -31.83 42.61
CA VAL S 115 -21.72 -31.62 41.99
C VAL S 115 -21.58 -31.51 40.49
N LEU S 116 -22.40 -32.30 39.81
CA LEU S 116 -22.39 -32.35 38.38
C LEU S 116 -23.07 -31.15 37.80
N THR S 117 -22.49 -30.63 36.72
CA THR S 117 -23.05 -29.47 36.05
C THR S 117 -23.01 -29.69 34.55
N CYS S 118 -23.42 -30.90 34.14
CA CYS S 118 -23.44 -31.25 32.74
C CYS S 118 -24.73 -30.69 32.13
N ASP S 119 -24.83 -30.75 30.81
CA ASP S 119 -26.02 -30.21 30.14
C ASP S 119 -27.15 -31.21 30.21
N ASN S 120 -27.01 -32.28 29.45
CA ASN S 120 -28.03 -33.31 29.42
C ASN S 120 -27.83 -34.40 30.48
N MET S 121 -28.96 -34.98 30.85
CA MET S 121 -29.03 -36.05 31.84
C MET S 121 -28.01 -37.12 31.55
N ASP S 122 -27.97 -37.57 30.32
CA ASP S 122 -27.06 -38.62 29.91
C ASP S 122 -25.62 -38.41 30.33
N GLN S 123 -25.08 -37.23 30.04
CA GLN S 123 -23.70 -36.94 30.41
C GLN S 123 -23.54 -37.21 31.89
N ALA S 124 -24.52 -36.76 32.67
CA ALA S 124 -24.51 -36.93 34.09
C ALA S 124 -24.42 -38.42 34.42
N ILE S 125 -25.35 -39.17 33.88
CA ILE S 125 -25.37 -40.60 34.11
C ILE S 125 -23.96 -41.14 34.01
N ASN S 126 -23.21 -40.64 33.06
CA ASN S 126 -21.85 -41.11 32.86
C ASN S 126 -20.90 -40.71 33.94
N ARG S 127 -21.11 -39.55 34.53
CA ARG S 127 -20.23 -39.12 35.59
C ARG S 127 -20.60 -39.86 36.87
N ALA S 128 -21.81 -40.42 36.89
CA ALA S 128 -22.26 -41.13 38.06
C ALA S 128 -22.04 -42.60 37.89
N GLY S 129 -20.81 -42.99 37.59
CA GLY S 129 -20.51 -44.40 37.42
C GLY S 129 -20.64 -44.94 36.02
N GLY S 130 -20.57 -44.06 35.03
CA GLY S 130 -20.67 -44.46 33.64
C GLY S 130 -19.27 -44.50 33.10
N LYS S 131 -19.11 -44.35 31.79
CA LYS S 131 -17.77 -44.38 31.20
C LYS S 131 -16.97 -43.14 31.56
N ALA S 132 -17.57 -42.25 32.32
CA ALA S 132 -16.90 -41.03 32.74
C ALA S 132 -16.46 -41.14 34.18
N GLY S 133 -16.61 -42.32 34.75
CA GLY S 133 -16.23 -42.54 36.12
C GLY S 133 -17.36 -42.21 37.05
N ASN S 134 -17.02 -41.85 38.28
CA ASN S 134 -18.02 -41.51 39.26
C ASN S 134 -17.57 -40.33 40.10
N LYS S 135 -18.13 -39.17 39.85
CA LYS S 135 -17.71 -38.01 40.61
C LYS S 135 -17.87 -38.26 42.10
N GLY S 136 -18.99 -38.86 42.49
CA GLY S 136 -19.23 -39.13 43.89
C GLY S 136 -18.01 -39.76 44.53
N ALA S 137 -17.63 -40.92 44.04
CA ALA S 137 -16.48 -41.63 44.57
C ALA S 137 -15.24 -40.72 44.57
N GLU S 138 -14.97 -40.11 43.42
CA GLU S 138 -13.81 -39.23 43.29
C GLU S 138 -13.81 -38.22 44.41
N SER S 139 -14.95 -37.59 44.60
CA SER S 139 -15.09 -36.58 45.62
C SER S 139 -14.72 -37.12 46.99
N ALA S 140 -15.20 -38.32 47.31
CA ALA S 140 -14.90 -38.96 48.59
C ALA S 140 -13.39 -39.07 48.72
N LEU S 141 -12.80 -39.76 47.77
CA LEU S 141 -11.38 -39.96 47.74
C LEU S 141 -10.70 -38.64 48.02
N THR S 142 -11.12 -37.59 47.33
CA THR S 142 -10.53 -36.29 47.50
C THR S 142 -10.69 -35.80 48.93
N ALA S 143 -11.89 -35.98 49.48
CA ALA S 143 -12.16 -35.55 50.84
C ALA S 143 -11.06 -36.13 51.72
N ILE S 144 -10.85 -37.43 51.57
CA ILE S 144 -9.84 -38.12 52.32
C ILE S 144 -8.52 -37.38 52.17
N GLU S 145 -8.00 -37.35 50.95
CA GLU S 145 -6.74 -36.71 50.69
C GLU S 145 -6.63 -35.34 51.33
N MET S 146 -7.66 -34.52 51.18
CA MET S 146 -7.61 -33.19 51.73
C MET S 146 -7.48 -33.20 53.21
N ALA S 147 -8.35 -33.97 53.85
CA ALA S 147 -8.35 -34.09 55.29
C ALA S 147 -6.92 -34.43 55.70
N SER S 148 -6.46 -35.60 55.24
CA SER S 148 -5.13 -36.07 55.52
C SER S 148 -4.08 -34.99 55.31
N LEU S 149 -4.15 -34.30 54.18
CA LEU S 149 -3.19 -33.25 53.89
C LEU S 149 -3.15 -32.28 55.04
N PHE S 150 -4.32 -31.88 55.51
CA PHE S 150 -4.39 -30.96 56.59
C PHE S 150 -3.70 -31.36 57.87
N GLU S 151 -3.64 -32.66 58.15
CA GLU S 151 -2.95 -33.18 59.33
C GLU S 151 -1.73 -33.97 58.86
N HIS S 152 -0.74 -33.22 58.44
CA HIS S 152 0.50 -33.77 57.91
C HIS S 152 1.21 -32.52 57.46
N HIS S 153 0.42 -31.62 56.89
CA HIS S 153 0.99 -30.39 56.46
C HIS S 153 0.65 -29.44 57.56
N LEU S 154 -0.65 -29.36 57.88
CA LEU S 154 -1.17 -28.46 58.92
C LEU S 154 -0.80 -26.99 58.63
N LYS S 155 0.50 -26.71 58.72
CA LYS S 155 1.13 -25.39 58.49
C LYS S 155 1.95 -25.30 57.18
N MET T 1 6.15 10.42 41.75
CA MET T 1 7.03 9.60 40.88
C MET T 1 8.21 9.00 41.65
N ASN T 2 8.00 7.80 42.20
CA ASN T 2 9.03 7.04 42.92
C ASN T 2 8.63 5.60 42.63
N GLU T 3 9.25 5.04 41.60
CA GLU T 3 8.90 3.70 41.19
C GLU T 3 9.19 2.62 42.22
N LEU T 4 8.13 2.24 42.92
CA LEU T 4 8.26 1.19 43.89
C LEU T 4 8.01 -0.12 43.17
N GLU T 5 9.10 -0.72 42.73
CA GLU T 5 9.03 -1.99 42.03
C GLU T 5 9.67 -3.07 42.90
N GLY T 6 9.25 -4.32 42.71
CA GLY T 6 9.83 -5.42 43.48
C GLY T 6 11.21 -5.71 42.95
N TYR T 7 11.91 -6.65 43.59
CA TYR T 7 13.26 -7.04 43.19
C TYR T 7 13.33 -8.51 42.90
N VAL T 8 13.81 -8.85 41.72
CA VAL T 8 13.89 -10.25 41.38
C VAL T 8 15.24 -10.82 41.84
N THR T 9 16.19 -9.93 42.10
CA THR T 9 17.51 -10.36 42.49
C THR T 9 17.65 -10.82 43.94
N LYS T 10 16.92 -10.16 44.83
CA LYS T 10 16.99 -10.50 46.27
C LYS T 10 16.11 -11.68 46.71
N ALA T 11 16.16 -12.76 45.94
CA ALA T 11 15.33 -13.93 46.24
C ALA T 11 15.68 -14.75 47.50
N GLN T 12 16.67 -15.63 47.36
CA GLN T 12 17.18 -16.55 48.39
C GLN T 12 16.66 -16.45 49.81
N SER T 13 16.65 -15.23 50.33
CA SER T 13 16.22 -14.97 51.69
C SER T 13 14.76 -15.30 51.96
N PHE T 14 13.95 -15.35 50.91
CA PHE T 14 12.52 -15.60 51.08
C PHE T 14 12.07 -17.05 51.12
N ARG T 15 10.84 -17.22 51.59
CA ARG T 15 10.20 -18.53 51.76
C ARG T 15 8.93 -18.54 50.92
N PHE T 16 8.82 -19.52 50.02
CA PHE T 16 7.66 -19.64 49.14
C PHE T 16 7.03 -21.01 49.23
N ALA T 17 5.83 -21.11 48.69
CA ALA T 17 5.12 -22.37 48.65
C ALA T 17 4.36 -22.45 47.35
N ILE T 18 4.42 -23.62 46.74
CA ILE T 18 3.73 -23.88 45.49
C ILE T 18 2.61 -24.83 45.86
N VAL T 19 1.45 -24.63 45.26
CA VAL T 19 0.31 -25.49 45.51
C VAL T 19 -0.12 -25.93 44.14
N VAL T 20 -0.12 -27.23 43.88
CA VAL T 20 -0.51 -27.70 42.56
C VAL T 20 -1.60 -28.74 42.60
N ALA T 21 -2.48 -28.66 41.63
CA ALA T 21 -3.56 -29.62 41.53
C ALA T 21 -3.07 -30.77 40.69
N ARG T 22 -3.42 -31.99 41.08
CA ARG T 22 -3.01 -33.19 40.37
C ARG T 22 -3.72 -33.35 39.03
N PHE T 23 -4.93 -32.80 38.93
CA PHE T 23 -5.72 -32.88 37.72
C PHE T 23 -4.93 -32.35 36.52
N ASN T 24 -4.97 -33.06 35.41
CA ASN T 24 -4.23 -32.64 34.22
C ASN T 24 -2.75 -32.63 34.52
N GLU T 25 -2.39 -33.55 35.39
CA GLU T 25 -1.04 -33.74 35.85
C GLU T 25 -0.05 -33.59 34.74
N PHE T 26 -0.36 -34.19 33.60
CA PHE T 26 0.53 -34.16 32.44
C PHE T 26 1.09 -32.77 32.20
N VAL T 27 0.28 -31.77 32.51
CA VAL T 27 0.69 -30.41 32.32
C VAL T 27 1.15 -29.80 33.63
N THR T 28 0.31 -29.93 34.64
CA THR T 28 0.64 -29.38 35.93
C THR T 28 2.02 -29.78 36.43
N ARG T 29 2.35 -31.06 36.35
CA ARG T 29 3.65 -31.52 36.81
C ARG T 29 4.69 -30.59 36.21
N ARG T 30 4.65 -30.47 34.88
CA ARG T 30 5.56 -29.61 34.14
C ARG T 30 5.53 -28.22 34.67
N LEU T 31 4.32 -27.69 34.74
CA LEU T 31 4.06 -26.35 35.22
C LEU T 31 4.84 -26.13 36.52
N MET T 32 4.67 -27.04 37.46
CA MET T 32 5.31 -26.99 38.75
C MET T 32 6.81 -27.06 38.63
N GLU T 33 7.28 -28.09 37.95
CA GLU T 33 8.70 -28.24 37.73
C GLU T 33 9.26 -26.91 37.27
N GLY T 34 8.50 -26.24 36.41
CA GLY T 34 8.96 -24.96 35.89
C GLY T 34 9.13 -23.94 36.97
N ALA T 35 8.08 -23.74 37.75
CA ALA T 35 8.10 -22.77 38.84
C ALA T 35 9.28 -23.06 39.73
N LEU T 36 9.37 -24.33 40.13
CA LEU T 36 10.43 -24.79 40.99
C LEU T 36 11.76 -24.34 40.41
N ASP T 37 12.06 -24.83 39.21
CA ASP T 37 13.30 -24.50 38.55
C ASP T 37 13.57 -23.01 38.65
N THR T 38 12.63 -22.20 38.19
CA THR T 38 12.81 -20.77 38.22
C THR T 38 13.29 -20.27 39.58
N PHE T 39 12.69 -20.77 40.66
CA PHE T 39 13.09 -20.36 41.98
C PHE T 39 14.58 -20.56 42.14
N LYS T 40 15.02 -21.79 41.97
CA LYS T 40 16.42 -22.09 42.11
C LYS T 40 17.23 -21.22 41.17
N LYS T 41 16.80 -21.15 39.93
CA LYS T 41 17.46 -20.33 38.93
C LYS T 41 17.64 -18.93 39.49
N TYR T 42 16.69 -18.47 40.29
CA TYR T 42 16.80 -17.14 40.87
C TYR T 42 17.37 -17.16 42.26
N SER T 43 18.40 -17.99 42.42
CA SER T 43 19.16 -18.15 43.65
C SER T 43 18.39 -18.39 44.97
N VAL T 44 17.07 -18.52 44.92
CA VAL T 44 16.34 -18.72 46.16
C VAL T 44 16.59 -20.08 46.79
N ASN T 45 16.72 -20.07 48.10
CA ASN T 45 16.90 -21.31 48.81
C ASN T 45 16.47 -21.40 50.26
N GLU T 46 15.38 -22.15 50.42
CA GLU T 46 14.73 -22.47 51.68
C GLU T 46 13.87 -23.67 51.25
N ASP T 47 14.39 -24.38 50.26
CA ASP T 47 13.73 -25.56 49.73
C ASP T 47 12.18 -25.58 49.62
N ILE T 48 11.60 -24.53 49.03
CA ILE T 48 10.14 -24.36 48.81
C ILE T 48 9.22 -25.57 48.95
N ASP T 49 8.14 -25.38 49.69
CA ASP T 49 7.17 -26.43 49.95
C ASP T 49 6.22 -26.52 48.77
N VAL T 50 5.99 -27.74 48.30
CA VAL T 50 5.06 -27.94 47.20
C VAL T 50 3.94 -28.77 47.78
N VAL T 51 2.75 -28.22 47.72
CA VAL T 51 1.56 -28.89 48.26
C VAL T 51 0.66 -29.38 47.14
N TRP T 52 0.43 -30.67 47.13
CA TRP T 52 -0.39 -31.28 46.14
C TRP T 52 -1.83 -31.35 46.57
N VAL T 53 -2.74 -30.87 45.73
CA VAL T 53 -4.16 -30.97 46.01
C VAL T 53 -4.71 -31.63 44.76
N PRO T 54 -5.74 -32.45 44.90
CA PRO T 54 -6.28 -33.13 43.72
C PRO T 54 -6.79 -32.20 42.60
N GLY T 55 -7.63 -31.23 42.93
CA GLY T 55 -8.15 -30.36 41.91
C GLY T 55 -8.02 -28.87 42.17
N ALA T 56 -8.07 -28.11 41.09
CA ALA T 56 -7.94 -26.67 41.15
C ALA T 56 -8.90 -26.01 42.13
N TYR T 57 -10.07 -26.61 42.30
CA TYR T 57 -11.04 -26.07 43.22
C TYR T 57 -10.36 -25.92 44.57
N GLU T 58 -9.61 -26.94 44.93
CA GLU T 58 -8.91 -27.00 46.20
C GLU T 58 -7.96 -25.86 46.47
N LEU T 59 -7.32 -25.37 45.44
CA LEU T 59 -6.37 -24.28 45.60
C LEU T 59 -6.80 -23.26 46.63
N GLY T 60 -8.03 -22.77 46.50
CA GLY T 60 -8.54 -21.78 47.43
C GLY T 60 -8.15 -21.97 48.89
N VAL T 61 -8.80 -22.91 49.57
CA VAL T 61 -8.52 -23.14 50.98
C VAL T 61 -7.08 -23.49 51.25
N THR T 62 -6.52 -24.35 50.41
CA THR T 62 -5.16 -24.74 50.64
C THR T 62 -4.27 -23.54 50.72
N ALA T 63 -4.40 -22.66 49.76
CA ALA T 63 -3.59 -21.46 49.78
C ALA T 63 -3.95 -20.75 51.06
N GLN T 64 -5.25 -20.50 51.22
CA GLN T 64 -5.80 -19.83 52.39
C GLN T 64 -4.98 -20.20 53.60
N ALA T 65 -4.87 -21.49 53.85
CA ALA T 65 -4.12 -22.00 54.96
C ALA T 65 -2.70 -21.53 54.92
N LEU T 66 -1.95 -22.07 53.98
CA LEU T 66 -0.57 -21.74 53.84
C LEU T 66 -0.30 -20.27 54.03
N GLY T 67 -1.19 -19.47 53.49
CA GLY T 67 -1.04 -18.03 53.59
C GLY T 67 -1.13 -17.57 55.02
N LYS T 68 -2.20 -17.98 55.69
CA LYS T 68 -2.39 -17.60 57.07
C LYS T 68 -1.33 -18.20 58.00
N SER T 69 -0.64 -19.23 57.57
CA SER T 69 0.41 -19.80 58.42
C SER T 69 1.55 -18.80 58.56
N GLY T 70 1.50 -17.69 57.82
CA GLY T 70 2.53 -16.67 57.90
C GLY T 70 3.95 -17.17 57.63
N LYS T 71 4.05 -18.44 57.25
CA LYS T 71 5.34 -19.04 57.02
C LYS T 71 5.96 -18.63 55.68
N TYR T 72 5.14 -18.38 54.67
CA TYR T 72 5.66 -18.01 53.35
C TYR T 72 5.40 -16.56 53.01
N HIS T 73 6.16 -16.02 52.08
CA HIS T 73 6.01 -14.61 51.68
C HIS T 73 5.11 -14.49 50.47
N ALA T 74 5.02 -15.60 49.72
CA ALA T 74 4.19 -15.69 48.53
C ALA T 74 3.97 -17.16 48.23
N ILE T 75 2.75 -17.47 47.81
CA ILE T 75 2.41 -18.83 47.46
C ILE T 75 1.93 -18.74 46.05
N VAL T 76 2.40 -19.67 45.24
CA VAL T 76 2.04 -19.72 43.86
C VAL T 76 1.17 -20.95 43.67
N CYS T 77 0.02 -20.76 43.05
CA CYS T 77 -0.92 -21.85 42.83
C CYS T 77 -0.97 -22.20 41.39
N LEU T 78 -0.77 -23.48 41.13
CA LEU T 78 -0.73 -23.94 39.79
C LEU T 78 -1.82 -24.92 39.58
N GLY T 79 -2.33 -24.93 38.35
CA GLY T 79 -3.36 -25.85 37.99
C GLY T 79 -3.67 -25.61 36.54
N ALA T 80 -4.48 -26.48 35.96
CA ALA T 80 -4.85 -26.31 34.57
C ALA T 80 -6.20 -26.91 34.40
N VAL T 81 -7.14 -26.13 33.90
CA VAL T 81 -8.49 -26.61 33.66
C VAL T 81 -8.81 -26.33 32.22
N VAL T 82 -8.74 -27.39 31.41
CA VAL T 82 -9.01 -27.30 29.99
C VAL T 82 -10.49 -27.40 29.73
N LYS T 83 -11.00 -26.55 28.85
CA LYS T 83 -12.41 -26.55 28.51
C LYS T 83 -12.68 -27.84 27.78
N GLY T 84 -12.91 -28.89 28.57
CA GLY T 84 -13.19 -30.21 28.01
C GLY T 84 -14.59 -30.31 27.38
N ASP T 85 -15.62 -30.08 28.19
CA ASP T 85 -17.01 -30.19 27.70
C ASP T 85 -17.99 -29.10 28.23
N THR T 86 -18.64 -29.42 29.35
CA THR T 86 -19.67 -28.59 30.02
C THR T 86 -19.24 -27.30 30.74
N SER T 87 -20.24 -26.57 31.24
CA SER T 87 -19.96 -25.33 31.97
C SER T 87 -19.16 -25.67 33.23
N HIS T 88 -19.08 -26.97 33.56
CA HIS T 88 -18.32 -27.45 34.71
C HIS T 88 -16.97 -26.70 34.68
N TYR T 89 -16.45 -26.55 33.47
CA TYR T 89 -15.24 -25.82 33.20
C TYR T 89 -15.38 -24.50 33.96
N ASP T 90 -16.37 -23.70 33.57
CA ASP T 90 -16.63 -22.42 34.22
C ASP T 90 -16.63 -22.57 35.71
N ALA T 91 -17.54 -23.40 36.21
CA ALA T 91 -17.68 -23.64 37.64
C ALA T 91 -16.31 -23.67 38.32
N VAL T 92 -15.51 -24.66 37.93
CA VAL T 92 -14.19 -24.82 38.48
C VAL T 92 -13.39 -23.55 38.29
N VAL T 93 -13.18 -23.18 37.04
CA VAL T 93 -12.42 -21.99 36.70
C VAL T 93 -12.75 -20.84 37.60
N ASN T 94 -14.02 -20.58 37.82
CA ASN T 94 -14.39 -19.47 38.66
C ASN T 94 -13.90 -19.71 40.05
N SER T 95 -14.36 -20.81 40.63
CA SER T 95 -13.99 -21.14 41.98
C SER T 95 -12.51 -21.06 42.14
N ALA T 96 -11.79 -21.67 41.22
CA ALA T 96 -10.34 -21.67 41.27
C ALA T 96 -9.89 -20.21 41.36
N SER T 97 -10.16 -19.44 40.32
CA SER T 97 -9.78 -18.05 40.32
C SER T 97 -10.18 -17.33 41.58
N SER T 98 -11.47 -17.31 41.87
CA SER T 98 -11.99 -16.64 43.05
C SER T 98 -11.24 -17.07 44.30
N GLY T 99 -11.08 -18.37 44.47
CA GLY T 99 -10.39 -18.89 45.63
C GLY T 99 -9.04 -18.22 45.80
N VAL T 100 -8.19 -18.36 44.81
CA VAL T 100 -6.87 -17.77 44.85
C VAL T 100 -6.93 -16.30 45.17
N LEU T 101 -7.92 -15.63 44.59
CA LEU T 101 -8.07 -14.22 44.85
C LEU T 101 -8.29 -14.07 46.34
N SER T 102 -9.43 -14.54 46.80
CA SER T 102 -9.80 -14.48 48.20
C SER T 102 -8.61 -14.79 49.12
N ALA T 103 -7.92 -15.88 48.83
CA ALA T 103 -6.78 -16.27 49.63
C ALA T 103 -5.83 -15.09 49.77
N GLY T 104 -5.30 -14.65 48.65
CA GLY T 104 -4.39 -13.52 48.65
C GLY T 104 -4.90 -12.37 49.46
N LEU T 105 -6.15 -11.96 49.23
CA LEU T 105 -6.73 -10.83 49.96
C LEU T 105 -6.81 -11.07 51.44
N ASN T 106 -7.46 -12.16 51.81
CA ASN T 106 -7.63 -12.52 53.21
C ASN T 106 -6.33 -12.72 53.94
N SER T 107 -5.40 -13.41 53.30
CA SER T 107 -4.13 -13.68 53.92
C SER T 107 -3.23 -12.46 53.88
N GLY T 108 -3.49 -11.55 52.95
CA GLY T 108 -2.63 -10.40 52.81
C GLY T 108 -1.30 -10.90 52.23
N VAL T 109 -1.32 -12.12 51.73
CA VAL T 109 -0.13 -12.71 51.15
C VAL T 109 -0.37 -12.95 49.68
N PRO T 110 0.57 -12.52 48.85
CA PRO T 110 0.44 -12.72 47.41
C PRO T 110 0.31 -14.20 47.06
N CYS T 111 -0.79 -14.52 46.39
CA CYS T 111 -1.06 -15.86 45.94
C CYS T 111 -1.15 -15.71 44.43
N VAL T 112 -0.20 -16.34 43.75
CA VAL T 112 -0.11 -16.27 42.32
C VAL T 112 -1.05 -17.24 41.62
N PHE T 113 -1.86 -16.68 40.73
CA PHE T 113 -2.81 -17.45 39.95
C PHE T 113 -2.09 -18.03 38.76
N GLY T 114 -1.43 -19.15 38.97
CA GLY T 114 -0.71 -19.78 37.88
C GLY T 114 -1.50 -20.98 37.40
N VAL T 115 -2.72 -20.74 37.00
CA VAL T 115 -3.51 -21.83 36.52
C VAL T 115 -4.01 -21.56 35.12
N LEU T 116 -3.79 -22.54 34.28
CA LEU T 116 -4.19 -22.45 32.89
C LEU T 116 -5.66 -22.66 32.73
N THR T 117 -6.24 -21.86 31.84
CA THR T 117 -7.66 -21.96 31.57
C THR T 117 -7.89 -21.89 30.08
N CYS T 118 -7.09 -22.66 29.35
CA CYS T 118 -7.21 -22.69 27.90
C CYS T 118 -8.32 -23.69 27.55
N ASP T 119 -8.71 -23.72 26.28
CA ASP T 119 -9.78 -24.63 25.84
C ASP T 119 -9.25 -26.03 25.64
N ASN T 120 -8.47 -26.21 24.59
CA ASN T 120 -7.91 -27.51 24.28
C ASN T 120 -6.56 -27.74 24.95
N MET T 121 -6.29 -29.01 25.18
CA MET T 121 -5.07 -29.48 25.80
C MET T 121 -3.86 -28.87 25.17
N ASP T 122 -3.82 -28.90 23.85
CA ASP T 122 -2.69 -28.38 23.13
C ASP T 122 -2.28 -26.96 23.53
N GLN T 123 -3.23 -26.05 23.60
CA GLN T 123 -2.92 -24.67 23.98
C GLN T 123 -2.18 -24.69 25.30
N ALA T 124 -2.68 -25.50 26.21
CA ALA T 124 -2.08 -25.66 27.51
C ALA T 124 -0.64 -26.09 27.34
N ILE T 125 -0.42 -27.20 26.63
CA ILE T 125 0.92 -27.70 26.41
C ILE T 125 1.86 -26.55 26.09
N ASN T 126 1.37 -25.61 25.31
CA ASN T 126 2.18 -24.48 24.94
C ASN T 126 2.46 -23.50 26.05
N ARG T 127 1.54 -23.36 26.96
CA ARG T 127 1.77 -22.46 28.07
C ARG T 127 2.68 -23.13 29.07
N ALA T 128 2.77 -24.45 29.00
CA ALA T 128 3.62 -25.19 29.91
C ALA T 128 4.98 -25.47 29.31
N GLY T 129 5.63 -24.43 28.83
CA GLY T 129 6.94 -24.61 28.23
C GLY T 129 6.95 -24.83 26.72
N GLY T 130 5.89 -24.39 26.06
CA GLY T 130 5.80 -24.51 24.63
C GLY T 130 6.14 -23.16 24.03
N LYS T 131 5.69 -22.89 22.81
CA LYS T 131 5.99 -21.60 22.21
C LYS T 131 5.25 -20.47 22.89
N ALA T 132 4.47 -20.80 23.91
CA ALA T 132 3.70 -19.80 24.64
C ALA T 132 4.36 -19.51 25.97
N GLY T 133 5.56 -20.06 26.16
CA GLY T 133 6.31 -19.86 27.38
C GLY T 133 5.90 -20.89 28.42
N ASN T 134 6.09 -20.52 29.69
CA ASN T 134 5.75 -21.42 30.77
C ASN T 134 5.10 -20.64 31.92
N LYS T 135 3.78 -20.76 32.04
CA LYS T 135 3.12 -20.05 33.09
C LYS T 135 3.74 -20.37 34.44
N GLY T 136 4.00 -21.65 34.69
CA GLY T 136 4.59 -22.04 35.96
C GLY T 136 5.74 -21.14 36.31
N ALA T 137 6.75 -21.15 35.46
CA ALA T 137 7.92 -20.33 35.69
C ALA T 137 7.52 -18.88 35.91
N GLU T 138 6.74 -18.35 35.00
CA GLU T 138 6.32 -16.97 35.10
C GLU T 138 5.74 -16.71 36.49
N SER T 139 4.88 -17.61 36.91
CA SER T 139 4.24 -17.48 38.20
C SER T 139 5.27 -17.38 39.29
N ALA T 140 6.25 -18.28 39.27
CA ALA T 140 7.31 -18.28 40.28
C ALA T 140 7.95 -16.91 40.32
N LEU T 141 8.45 -16.50 39.17
CA LEU T 141 9.10 -15.20 39.03
C LEU T 141 8.22 -14.13 39.66
N THR T 142 6.94 -14.16 39.33
CA THR T 142 6.03 -13.19 39.88
C THR T 142 5.99 -13.27 41.40
N ALA T 143 5.92 -14.48 41.93
CA ALA T 143 5.87 -14.70 43.37
C ALA T 143 7.00 -13.91 43.97
N ILE T 144 8.19 -14.12 43.43
CA ILE T 144 9.37 -13.43 43.90
C ILE T 144 9.11 -11.93 43.90
N GLU T 145 8.90 -11.36 42.74
CA GLU T 145 8.68 -9.94 42.65
C GLU T 145 7.67 -9.42 43.65
N MET T 146 6.55 -10.10 43.80
CA MET T 146 5.54 -9.64 44.72
C MET T 146 6.03 -9.64 46.15
N ALA T 147 6.62 -10.76 46.56
CA ALA T 147 7.16 -10.91 47.90
C ALA T 147 8.08 -9.72 48.12
N SER T 148 9.12 -9.63 47.30
CA SER T 148 10.09 -8.55 47.38
C SER T 148 9.40 -7.20 47.46
N LEU T 149 8.43 -6.96 46.58
CA LEU T 149 7.72 -5.70 46.58
C LEU T 149 7.23 -5.39 47.99
N PHE T 150 6.62 -6.39 48.59
CA PHE T 150 6.07 -6.23 49.92
C PHE T 150 7.05 -5.80 50.98
N GLU T 151 8.32 -6.19 50.84
CA GLU T 151 9.39 -5.80 51.78
C GLU T 151 10.35 -4.87 51.04
N HIS T 152 9.88 -3.67 50.81
CA HIS T 152 10.64 -2.66 50.11
C HIS T 152 9.61 -1.57 50.02
N HIS T 153 8.37 -1.96 49.78
CA HIS T 153 7.35 -0.97 49.71
C HIS T 153 6.70 -1.05 51.08
N LEU T 154 6.30 -2.27 51.47
CA LEU T 154 5.63 -2.53 52.76
C LEU T 154 4.38 -1.66 52.92
N LYS T 155 4.58 -0.35 53.03
CA LYS T 155 3.54 0.68 53.19
C LYS T 155 3.35 1.56 51.91
#